data_5O4I
#
_entry.id   5O4I
#
_cell.length_a   76.933
_cell.length_b   94.931
_cell.length_c   116.587
_cell.angle_alpha   90.08
_cell.angle_beta   90.20
_cell.angle_gamma   91.65
#
_symmetry.space_group_name_H-M   'P 1'
#
loop_
_entity.id
_entity.type
_entity.pdbx_description
1 polymer 'Two-domain laccase'
2 non-polymer 'COPPER (II) ION'
3 non-polymer GLYCEROL
4 non-polymer 'SULFATE ION'
5 water water
#
_entity_poly.entity_id   1
_entity_poly.type   'polypeptide(L)'
_entity_poly.pdbx_seq_one_letter_code
;MDRRGFNRRVLLGGVAATTSLSIAPEAVSAPESAGTAAAAGAAPAGGEVRRVTLYAERLAGGQLGYGLEKGKASIPGPLI
ELNEGDTLHVEFENTLDVPVSLHVHGLDYEISSDGTKQNKSHVEPGGTRTYTWRTHEPGRRADGTWRAGSAGYWHYHDHV
VGTEHGTGGIRNGLYGPVIVRRKGDVLPDATHTIVFNDMTINNRPAHTGPNFEATVGDRVEIVMITHGEYYHTFHMHGHR
WADNRTGMLTGPDDPSQVIDNKICGPADSFGFQIIAGEGVGAGAWMYHCHVQSHSDMGMVGLFLVKKPDGTIPGYDPQEH
AH
;
_entity_poly.pdbx_strand_id   A,B,C,D,E,F,G,H,I,J,K,L
#
loop_
_chem_comp.id
_chem_comp.type
_chem_comp.name
_chem_comp.formula
CU non-polymer 'COPPER (II) ION' 'Cu 2'
GOL non-polymer GLYCEROL 'C3 H8 O3'
SO4 non-polymer 'SULFATE ION' 'O4 S -2'
#
# COMPACT_ATOMS: atom_id res chain seq x y z
N ALA A 40 -31.09 16.29 60.86
CA ALA A 40 -31.23 15.31 61.99
C ALA A 40 -29.82 14.88 62.54
N GLY A 41 -29.10 15.85 63.13
CA GLY A 41 -27.77 15.59 63.71
C GLY A 41 -26.62 16.02 62.79
N ALA A 42 -25.42 15.64 63.21
CA ALA A 42 -24.24 15.89 62.43
C ALA A 42 -23.45 14.55 62.31
N ALA A 43 -22.63 14.40 61.24
CA ALA A 43 -21.89 13.13 61.07
C ALA A 43 -20.82 13.06 62.11
N PRO A 44 -20.60 11.88 62.71
CA PRO A 44 -19.45 11.81 63.60
C PRO A 44 -18.18 11.51 62.82
N ALA A 45 -17.08 11.46 63.56
CA ALA A 45 -15.86 11.03 62.98
C ALA A 45 -15.99 9.54 62.72
N GLY A 46 -15.40 9.07 61.61
CA GLY A 46 -15.44 7.65 61.32
C GLY A 46 -14.23 6.90 61.82
N GLY A 47 -14.10 5.65 61.36
CA GLY A 47 -12.98 4.72 61.65
C GLY A 47 -13.52 3.32 62.00
N GLU A 48 -14.77 3.07 61.67
CA GLU A 48 -15.40 1.78 61.93
C GLU A 48 -15.12 0.88 60.75
N VAL A 49 -15.07 -0.45 61.02
CA VAL A 49 -15.01 -1.48 60.01
C VAL A 49 -16.38 -1.97 59.82
N ARG A 50 -16.95 -1.76 58.63
CA ARG A 50 -18.28 -2.21 58.33
C ARG A 50 -18.31 -3.23 57.22
N ARG A 51 -19.47 -3.88 57.08
CA ARG A 51 -19.67 -4.97 56.16
C ARG A 51 -21.08 -4.83 55.66
N VAL A 52 -21.31 -5.18 54.40
CA VAL A 52 -22.63 -5.25 53.79
C VAL A 52 -22.54 -6.38 52.82
N THR A 53 -23.69 -6.89 52.50
CA THR A 53 -23.87 -7.86 51.47
C THR A 53 -24.53 -7.24 50.25
N LEU A 54 -24.03 -7.54 49.05
CA LEU A 54 -24.61 -6.97 47.86
C LEU A 54 -24.71 -8.03 46.77
N TYR A 55 -25.86 -8.08 46.08
CA TYR A 55 -26.12 -9.07 45.05
C TYR A 55 -26.43 -8.39 43.72
N ALA A 56 -25.84 -8.86 42.60
CA ALA A 56 -26.30 -8.51 41.25
C ALA A 56 -27.34 -9.53 40.80
N GLU A 57 -28.52 -9.06 40.39
CA GLU A 57 -29.56 -9.95 39.92
C GLU A 57 -30.36 -9.37 38.76
N ARG A 58 -31.03 -10.23 38.01
CA ARG A 58 -31.92 -9.79 36.97
C ARG A 58 -33.16 -9.17 37.60
N LEU A 59 -33.72 -8.20 36.91
CA LEU A 59 -35.02 -7.64 37.28
C LEU A 59 -35.88 -7.81 36.03
N ALA A 60 -37.12 -7.38 36.11
CA ALA A 60 -38.05 -7.38 34.95
C ALA A 60 -37.50 -6.74 33.69
N GLY A 61 -37.79 -7.39 32.57
CA GLY A 61 -37.60 -6.79 31.28
C GLY A 61 -36.17 -6.80 30.82
N GLY A 62 -35.34 -7.60 31.47
CA GLY A 62 -33.92 -7.55 31.15
C GLY A 62 -33.13 -6.40 31.77
N GLN A 63 -33.68 -5.78 32.82
CA GLN A 63 -32.91 -4.88 33.66
C GLN A 63 -32.07 -5.67 34.68
N LEU A 64 -31.06 -5.03 35.23
CA LEU A 64 -30.09 -5.65 36.11
C LEU A 64 -29.83 -4.68 37.23
N GLY A 65 -29.75 -5.17 38.45
CA GLY A 65 -29.53 -4.28 39.52
C GLY A 65 -28.82 -4.92 40.65
N TYR A 66 -28.31 -4.06 41.53
CA TYR A 66 -27.78 -4.49 42.77
C TYR A 66 -28.81 -4.38 43.91
N GLY A 67 -28.64 -5.24 44.91
CA GLY A 67 -29.60 -5.42 46.05
C GLY A 67 -28.84 -5.80 47.32
N LEU A 68 -29.39 -5.40 48.45
CA LEU A 68 -28.84 -5.77 49.76
C LEU A 68 -29.19 -7.22 50.13
N GLU A 69 -30.22 -7.76 49.50
CA GLU A 69 -30.66 -9.13 49.67
C GLU A 69 -31.22 -9.57 48.35
N LYS A 70 -31.26 -10.88 48.16
CA LYS A 70 -31.70 -11.47 46.90
C LYS A 70 -33.17 -11.21 46.80
N GLY A 71 -33.65 -10.90 45.60
CA GLY A 71 -35.05 -10.55 45.41
C GLY A 71 -35.32 -9.06 45.53
N LYS A 72 -34.37 -8.30 46.03
CA LYS A 72 -34.64 -6.90 46.43
C LYS A 72 -33.68 -5.92 45.73
N ALA A 73 -33.23 -6.30 44.56
CA ALA A 73 -32.36 -5.44 43.79
C ALA A 73 -33.19 -4.21 43.36
N SER A 74 -32.54 -3.07 43.20
CA SER A 74 -33.27 -1.85 42.79
C SER A 74 -32.32 -1.08 41.84
N ILE A 75 -32.90 -0.11 41.14
CA ILE A 75 -32.17 0.76 40.25
C ILE A 75 -32.64 2.17 40.60
N PRO A 76 -31.79 3.05 41.10
CA PRO A 76 -30.41 2.81 41.48
C PRO A 76 -30.29 1.80 42.62
N GLY A 77 -29.11 1.24 42.77
CA GLY A 77 -28.89 0.28 43.86
C GLY A 77 -28.94 0.95 45.20
N PRO A 78 -28.84 0.16 46.28
CA PRO A 78 -28.83 0.70 47.64
C PRO A 78 -27.80 1.77 47.92
N LEU A 79 -28.26 2.77 48.64
CA LEU A 79 -27.40 3.83 49.10
C LEU A 79 -26.47 3.27 50.10
N ILE A 80 -25.17 3.50 49.93
CA ILE A 80 -24.18 3.16 50.92
C ILE A 80 -23.68 4.47 51.50
N GLU A 81 -23.59 4.53 52.83
CA GLU A 81 -23.18 5.72 53.52
C GLU A 81 -22.11 5.39 54.55
N LEU A 82 -21.02 6.15 54.51
CA LEU A 82 -19.86 5.98 55.36
C LEU A 82 -19.34 7.32 55.90
N ASN A 83 -18.59 7.24 57.00
CA ASN A 83 -17.94 8.43 57.54
C ASN A 83 -16.47 8.33 57.26
N GLU A 84 -15.83 9.44 56.89
CA GLU A 84 -14.42 9.44 56.56
C GLU A 84 -13.63 8.69 57.67
N GLY A 85 -12.82 7.75 57.23
CA GLY A 85 -12.07 6.84 58.13
C GLY A 85 -12.65 5.43 58.15
N ASP A 86 -13.94 5.24 57.81
CA ASP A 86 -14.55 3.97 57.75
C ASP A 86 -13.94 3.05 56.69
N THR A 87 -13.92 1.74 56.98
CA THR A 87 -13.63 0.70 55.96
C THR A 87 -14.91 -0.07 55.72
N LEU A 88 -15.22 -0.35 54.45
CA LEU A 88 -16.34 -1.18 54.09
C LEU A 88 -15.90 -2.40 53.33
N HIS A 89 -16.30 -3.59 53.82
CA HIS A 89 -16.10 -4.85 53.12
C HIS A 89 -17.40 -5.18 52.52
N VAL A 90 -17.43 -5.17 51.19
CA VAL A 90 -18.62 -5.51 50.45
C VAL A 90 -18.55 -6.95 49.97
N GLU A 91 -19.38 -7.78 50.59
CA GLU A 91 -19.45 -9.20 50.34
C GLU A 91 -20.40 -9.37 49.19
N PHE A 92 -19.86 -9.56 47.99
CA PHE A 92 -20.62 -9.44 46.77
C PHE A 92 -20.89 -10.83 46.18
N GLU A 93 -22.12 -11.03 45.68
CA GLU A 93 -22.45 -12.24 44.91
C GLU A 93 -23.05 -11.93 43.57
N ASN A 94 -22.51 -12.56 42.54
CA ASN A 94 -23.06 -12.44 41.21
C ASN A 94 -24.04 -13.57 40.96
N THR A 95 -25.33 -13.25 40.87
CA THR A 95 -26.37 -14.25 40.62
C THR A 95 -26.70 -14.30 39.13
N LEU A 96 -25.99 -13.52 38.31
CA LEU A 96 -26.24 -13.54 36.89
C LEU A 96 -25.52 -14.68 36.20
N ASP A 97 -25.83 -14.87 34.91
CA ASP A 97 -25.21 -15.88 34.00
C ASP A 97 -24.05 -15.32 33.18
N VAL A 98 -23.66 -14.05 33.42
CA VAL A 98 -22.42 -13.49 32.83
C VAL A 98 -21.55 -12.88 33.95
N PRO A 99 -20.24 -12.74 33.73
CA PRO A 99 -19.46 -12.00 34.74
C PRO A 99 -19.97 -10.59 35.07
N VAL A 100 -19.82 -10.18 36.33
CA VAL A 100 -20.22 -8.84 36.77
C VAL A 100 -19.11 -8.36 37.65
N SER A 101 -19.07 -7.04 37.90
CA SER A 101 -18.18 -6.48 38.90
C SER A 101 -18.78 -5.36 39.70
N LEU A 102 -18.02 -4.93 40.68
CA LEU A 102 -18.35 -3.74 41.46
C LEU A 102 -17.13 -2.84 41.45
N HIS A 103 -17.30 -1.64 40.90
CA HIS A 103 -16.25 -0.59 40.87
C HIS A 103 -16.79 0.66 41.51
N VAL A 104 -15.97 1.36 42.28
CA VAL A 104 -16.45 2.56 42.98
C VAL A 104 -15.56 3.79 42.63
N HIS A 105 -16.16 4.97 42.51
CA HIS A 105 -15.47 6.26 42.39
C HIS A 105 -15.15 6.80 43.76
N GLY A 106 -14.02 7.49 43.84
CA GLY A 106 -13.69 8.33 45.01
C GLY A 106 -12.97 7.70 46.19
N LEU A 107 -13.44 6.52 46.56
CA LEU A 107 -12.96 5.82 47.73
C LEU A 107 -11.58 5.20 47.46
N ASP A 108 -10.91 4.82 48.54
CA ASP A 108 -9.65 4.17 48.45
C ASP A 108 -9.92 2.70 48.30
N TYR A 109 -9.19 2.04 47.40
CA TYR A 109 -9.24 0.58 47.29
C TYR A 109 -7.93 0.15 46.68
N GLU A 110 -7.45 -1.05 47.04
CA GLU A 110 -6.26 -1.60 46.39
C GLU A 110 -6.63 -2.15 45.03
N ILE A 111 -5.63 -2.44 44.21
CA ILE A 111 -5.87 -2.85 42.83
C ILE A 111 -6.71 -4.12 42.74
N SER A 112 -6.54 -5.06 43.68
CA SER A 112 -7.38 -6.27 43.75
C SER A 112 -8.88 -6.03 43.96
N SER A 113 -9.24 -4.81 44.39
CA SER A 113 -10.67 -4.37 44.44
C SER A 113 -11.12 -3.32 43.33
N ASP A 114 -10.36 -3.31 42.22
CA ASP A 114 -10.63 -2.45 41.05
C ASP A 114 -11.98 -2.72 40.47
N GLY A 115 -12.45 -3.95 40.60
CA GLY A 115 -13.66 -4.37 39.89
C GLY A 115 -13.61 -4.35 38.37
N THR A 116 -12.44 -4.61 37.81
CA THR A 116 -12.24 -4.76 36.37
C THR A 116 -11.69 -6.13 35.95
N LYS A 117 -12.11 -6.58 34.79
CA LYS A 117 -11.62 -7.84 34.18
C LYS A 117 -10.13 -7.73 33.94
N GLN A 118 -9.69 -6.52 33.54
CA GLN A 118 -8.35 -6.24 33.18
C GLN A 118 -7.40 -6.50 34.33
N ASN A 119 -7.81 -6.23 35.58
CA ASN A 119 -7.00 -6.54 36.73
C ASN A 119 -7.54 -7.73 37.51
N LYS A 120 -8.36 -8.56 36.87
CA LYS A 120 -8.79 -9.85 37.41
C LYS A 120 -9.59 -9.76 38.70
N SER A 121 -10.44 -8.75 38.73
CA SER A 121 -11.21 -8.33 39.92
C SER A 121 -12.70 -8.52 39.64
N HIS A 122 -13.04 -9.12 38.53
CA HIS A 122 -14.44 -9.35 38.17
C HIS A 122 -14.92 -10.64 38.87
N VAL A 123 -16.24 -10.89 38.86
CA VAL A 123 -16.84 -12.08 39.47
C VAL A 123 -17.58 -12.99 38.46
N GLU A 124 -17.09 -14.21 38.33
CA GLU A 124 -17.74 -15.20 37.50
C GLU A 124 -19.24 -15.40 37.86
N PRO A 125 -20.03 -15.88 36.90
CA PRO A 125 -21.38 -16.23 37.16
C PRO A 125 -21.51 -17.13 38.37
N GLY A 126 -22.41 -16.77 39.28
CA GLY A 126 -22.62 -17.50 40.54
C GLY A 126 -21.53 -17.31 41.62
N GLY A 127 -20.46 -16.60 41.28
CA GLY A 127 -19.28 -16.40 42.16
C GLY A 127 -19.53 -15.41 43.28
N THR A 128 -18.62 -15.37 44.22
CA THR A 128 -18.65 -14.33 45.22
C THR A 128 -17.26 -13.72 45.35
N ARG A 129 -17.19 -12.53 45.88
CA ARG A 129 -15.95 -11.92 46.14
C ARG A 129 -16.21 -10.84 47.16
N THR A 130 -15.21 -10.53 47.97
CA THR A 130 -15.27 -9.44 48.93
C THR A 130 -14.50 -8.28 48.33
N TYR A 131 -15.16 -7.16 48.11
CA TYR A 131 -14.45 -5.96 47.66
C TYR A 131 -14.30 -5.08 48.88
N THR A 132 -13.12 -4.57 49.13
CA THR A 132 -12.88 -3.73 50.28
C THR A 132 -12.69 -2.27 49.80
N TRP A 133 -13.44 -1.35 50.42
CA TRP A 133 -13.34 0.09 50.19
C TRP A 133 -12.89 0.75 51.50
N ARG A 134 -11.86 1.59 51.44
CA ARG A 134 -11.45 2.40 52.59
C ARG A 134 -11.69 3.87 52.33
N THR A 135 -11.66 4.64 53.41
CA THR A 135 -11.87 6.08 53.35
C THR A 135 -10.89 6.71 54.33
N HIS A 136 -10.48 7.94 54.07
CA HIS A 136 -9.54 8.62 54.93
C HIS A 136 -9.96 10.04 55.18
N GLU A 137 -9.43 10.59 56.25
CA GLU A 137 -9.72 11.96 56.66
C GLU A 137 -8.79 12.89 55.91
N PRO A 138 -9.13 14.17 55.83
CA PRO A 138 -8.17 15.12 55.31
C PRO A 138 -7.01 15.27 56.29
N GLY A 139 -5.85 15.67 55.86
CA GLY A 139 -4.76 15.92 56.78
C GLY A 139 -3.54 16.30 56.03
N ARG A 140 -2.52 16.73 56.75
CA ARG A 140 -1.30 17.04 56.05
C ARG A 140 -0.53 15.76 55.79
N ARG A 141 -0.14 15.57 54.54
CA ARG A 141 0.82 14.58 54.11
C ARG A 141 2.21 14.71 54.71
N ALA A 142 3.05 13.72 54.42
CA ALA A 142 4.42 13.74 54.93
C ALA A 142 5.18 14.91 54.29
N ASP A 143 4.96 15.17 53.00
CA ASP A 143 5.64 16.26 52.30
C ASP A 143 5.11 17.67 52.65
N GLY A 144 4.14 17.74 53.54
CA GLY A 144 3.68 18.98 54.04
C GLY A 144 2.48 19.57 53.36
N THR A 145 1.97 18.96 52.28
CA THR A 145 0.85 19.51 51.55
C THR A 145 -0.41 18.94 52.16
N TRP A 146 -1.57 19.41 51.74
CA TRP A 146 -2.81 19.01 52.32
C TRP A 146 -3.41 17.88 51.50
N ARG A 147 -3.68 16.74 52.14
CA ARG A 147 -4.36 15.61 51.55
C ARG A 147 -5.88 15.79 51.67
N ALA A 148 -6.52 15.75 50.52
CA ALA A 148 -7.97 15.77 50.45
C ALA A 148 -8.48 14.47 51.03
N GLY A 149 -9.54 14.55 51.82
CA GLY A 149 -10.23 13.39 52.33
C GLY A 149 -11.09 12.71 51.33
N SER A 150 -11.71 11.64 51.77
CA SER A 150 -12.56 10.83 50.91
C SER A 150 -13.95 11.40 50.78
N ALA A 151 -14.33 12.39 51.60
CA ALA A 151 -15.74 12.79 51.68
C ALA A 151 -16.22 13.23 50.28
N GLY A 152 -17.44 12.84 49.96
CA GLY A 152 -18.11 13.33 48.75
C GLY A 152 -19.32 12.53 48.41
N TYR A 153 -19.91 12.92 47.29
CA TYR A 153 -21.09 12.26 46.77
C TYR A 153 -20.52 11.41 45.62
N TRP A 154 -20.46 10.10 45.84
CA TRP A 154 -19.75 9.19 44.93
C TRP A 154 -20.72 8.16 44.42
N HIS A 155 -20.20 7.16 43.74
CA HIS A 155 -21.05 6.14 43.18
C HIS A 155 -20.26 4.84 42.83
N TYR A 156 -21.00 3.77 42.69
CA TYR A 156 -20.44 2.48 42.26
C TYR A 156 -21.19 1.94 41.06
N HIS A 157 -20.50 1.14 40.25
CA HIS A 157 -21.15 0.55 39.09
C HIS A 157 -20.41 -0.63 38.53
N ASP A 158 -21.09 -1.38 37.68
CA ASP A 158 -20.48 -2.55 37.01
C ASP A 158 -19.46 -2.10 35.96
N HIS A 159 -18.40 -2.87 35.81
CA HIS A 159 -17.33 -2.57 34.84
C HIS A 159 -17.06 -3.72 33.84
N VAL A 160 -17.93 -4.73 33.78
CA VAL A 160 -17.70 -5.92 32.92
C VAL A 160 -18.87 -6.46 32.06
N VAL A 161 -20.09 -6.05 32.34
CA VAL A 161 -21.23 -6.54 31.55
C VAL A 161 -21.29 -5.80 30.23
N GLY A 162 -21.31 -6.54 29.12
CA GLY A 162 -21.43 -6.00 27.77
C GLY A 162 -20.06 -5.67 27.21
N THR A 163 -19.31 -4.87 27.94
CA THR A 163 -17.93 -4.54 27.60
C THR A 163 -17.13 -4.55 28.86
N GLU A 164 -15.83 -4.46 28.69
CA GLU A 164 -14.90 -4.24 29.79
C GLU A 164 -14.86 -2.81 30.40
N HIS A 165 -15.81 -1.94 29.99
CA HIS A 165 -16.09 -0.69 30.73
C HIS A 165 -17.49 -0.70 31.35
N GLY A 166 -18.10 -1.87 31.36
CA GLY A 166 -19.45 -2.04 31.97
C GLY A 166 -20.63 -1.44 31.22
N THR A 167 -20.44 -1.19 29.91
CA THR A 167 -21.41 -0.41 29.16
C THR A 167 -22.80 -1.06 29.23
N GLY A 168 -22.85 -2.38 29.03
CA GLY A 168 -24.09 -3.13 29.06
C GLY A 168 -24.68 -3.19 30.50
N GLY A 169 -23.79 -3.32 31.50
CA GLY A 169 -24.21 -3.30 32.93
C GLY A 169 -24.83 -2.00 33.36
N ILE A 170 -24.09 -0.91 33.10
CA ILE A 170 -24.54 0.43 33.47
C ILE A 170 -25.87 0.69 32.74
N ARG A 171 -25.91 0.33 31.44
CA ARG A 171 -27.09 0.65 30.62
C ARG A 171 -28.35 0.06 31.25
N ASN A 172 -28.22 -1.16 31.76
CA ASN A 172 -29.35 -1.94 32.31
C ASN A 172 -29.62 -1.80 33.78
N GLY A 173 -28.79 -1.03 34.49
CA GLY A 173 -29.16 -0.59 35.83
C GLY A 173 -28.21 -0.88 36.96
N LEU A 174 -27.03 -1.33 36.62
CA LEU A 174 -26.01 -1.68 37.62
C LEU A 174 -25.18 -0.50 38.02
N TYR A 175 -25.80 0.32 38.87
CA TYR A 175 -25.19 1.55 39.41
C TYR A 175 -25.90 1.96 40.69
N GLY A 176 -25.16 2.61 41.59
CA GLY A 176 -25.75 3.17 42.78
C GLY A 176 -24.92 4.18 43.52
N PRO A 177 -25.54 4.89 44.43
CA PRO A 177 -24.88 5.98 45.16
C PRO A 177 -24.06 5.54 46.40
N VAL A 178 -22.95 6.22 46.63
CA VAL A 178 -22.21 6.16 47.88
C VAL A 178 -22.03 7.54 48.40
N ILE A 179 -22.37 7.78 49.67
CA ILE A 179 -22.06 9.05 50.32
C ILE A 179 -21.03 8.80 51.41
N VAL A 180 -19.97 9.58 51.37
CA VAL A 180 -18.98 9.55 52.42
C VAL A 180 -19.04 10.89 53.11
N ARG A 181 -19.39 10.88 54.41
CA ARG A 181 -19.50 12.11 55.20
C ARG A 181 -18.23 12.54 55.93
N ARG A 182 -18.08 13.86 56.07
CA ARG A 182 -17.00 14.43 56.86
C ARG A 182 -17.56 14.73 58.28
N LYS A 183 -16.77 14.45 59.31
CA LYS A 183 -17.14 14.79 60.67
C LYS A 183 -17.75 16.16 60.67
N GLY A 184 -18.94 16.30 61.23
CA GLY A 184 -19.50 17.61 61.38
C GLY A 184 -20.45 17.99 60.27
N ASP A 185 -20.47 17.24 59.13
CA ASP A 185 -21.48 17.45 58.08
C ASP A 185 -22.88 17.35 58.66
N VAL A 186 -23.75 18.27 58.25
CA VAL A 186 -25.13 18.26 58.70
C VAL A 186 -25.86 17.13 58.02
N LEU A 187 -26.67 16.38 58.78
CA LEU A 187 -27.38 15.27 58.23
C LEU A 187 -28.77 15.68 57.80
N PRO A 188 -29.26 15.06 56.72
CA PRO A 188 -30.53 15.47 56.14
C PRO A 188 -31.67 14.73 56.80
N ASP A 189 -32.92 15.18 56.59
CA ASP A 189 -34.14 14.38 56.89
C ASP A 189 -34.47 13.25 55.88
N ALA A 190 -34.00 13.38 54.64
CA ALA A 190 -34.19 12.36 53.63
C ALA A 190 -33.16 12.53 52.55
N THR A 191 -32.87 11.44 51.86
CA THR A 191 -31.89 11.40 50.78
C THR A 191 -32.56 10.74 49.62
N HIS A 192 -32.51 11.39 48.45
CA HIS A 192 -33.04 10.84 47.23
C HIS A 192 -31.98 10.87 46.10
N THR A 193 -31.91 9.79 45.35
CA THR A 193 -30.92 9.68 44.28
C THR A 193 -31.54 9.81 42.90
N ILE A 194 -30.97 10.66 42.08
CA ILE A 194 -31.49 10.86 40.72
C ILE A 194 -30.29 10.51 39.77
N VAL A 195 -30.50 9.56 38.85
CA VAL A 195 -29.45 9.21 37.93
C VAL A 195 -29.98 9.46 36.51
N PHE A 196 -29.24 10.30 35.75
CA PHE A 196 -29.51 10.51 34.31
C PHE A 196 -28.68 9.44 33.67
N ASN A 197 -29.34 8.35 33.29
CA ASN A 197 -28.74 7.25 32.61
C ASN A 197 -29.20 7.27 31.17
N ASP A 198 -28.29 7.75 30.28
CA ASP A 198 -28.63 8.05 28.90
C ASP A 198 -29.85 8.99 28.92
N MET A 199 -30.95 8.61 28.28
CA MET A 199 -32.14 9.44 28.22
C MET A 199 -33.21 9.08 29.26
N THR A 200 -32.85 8.38 30.31
CA THR A 200 -33.82 7.97 31.30
C THR A 200 -33.39 8.56 32.61
N ILE A 201 -34.34 8.73 33.52
CA ILE A 201 -34.03 8.93 34.93
C ILE A 201 -34.22 7.59 35.69
N ASN A 202 -33.17 7.12 36.35
CA ASN A 202 -33.22 5.85 37.09
C ASN A 202 -33.76 4.66 36.27
N ASN A 203 -33.44 4.63 34.96
CA ASN A 203 -33.95 3.65 34.03
C ASN A 203 -35.50 3.49 34.02
N ARG A 204 -36.21 4.52 34.43
CA ARG A 204 -37.64 4.50 34.29
C ARG A 204 -38.13 4.85 32.86
N PRO A 205 -39.29 4.30 32.47
CA PRO A 205 -39.95 4.73 31.22
C PRO A 205 -40.05 6.24 31.14
N ALA A 206 -40.02 6.80 29.93
CA ALA A 206 -40.16 8.24 29.74
C ALA A 206 -41.44 8.80 30.44
N HIS A 207 -41.34 10.01 30.94
CA HIS A 207 -42.47 10.70 31.57
C HIS A 207 -43.03 9.98 32.86
N THR A 208 -42.21 9.27 33.61
CA THR A 208 -42.72 8.66 34.82
C THR A 208 -42.01 9.16 36.04
N GLY A 209 -41.46 10.37 35.95
CA GLY A 209 -40.71 10.91 37.07
C GLY A 209 -39.33 10.26 37.22
N PRO A 210 -38.91 9.93 38.44
CA PRO A 210 -39.76 9.80 39.59
C PRO A 210 -40.07 11.10 40.29
N ASN A 211 -41.06 11.06 41.15
CA ASN A 211 -41.43 12.13 42.07
C ASN A 211 -40.94 11.89 43.48
N PHE A 212 -40.62 12.93 44.23
CA PHE A 212 -40.10 12.74 45.58
C PHE A 212 -40.84 13.71 46.44
N GLU A 213 -41.18 13.33 47.66
CA GLU A 213 -42.06 14.15 48.53
C GLU A 213 -41.28 14.65 49.71
N ALA A 214 -41.54 15.88 50.16
CA ALA A 214 -41.07 16.39 51.43
C ALA A 214 -42.13 17.34 51.99
N THR A 215 -41.87 17.88 53.17
CA THR A 215 -42.65 18.92 53.80
C THR A 215 -41.80 20.22 53.87
N VAL A 216 -42.43 21.36 53.66
CA VAL A 216 -41.76 22.67 53.74
C VAL A 216 -40.88 22.61 54.98
N GLY A 217 -39.65 23.08 54.91
CA GLY A 217 -38.76 23.08 56.03
C GLY A 217 -37.85 21.84 56.14
N ASP A 218 -38.24 20.72 55.58
CA ASP A 218 -37.37 19.52 55.50
C ASP A 218 -35.94 19.83 54.96
N ARG A 219 -34.95 19.16 55.53
CA ARG A 219 -33.62 19.26 54.98
C ARG A 219 -33.47 18.07 54.06
N VAL A 220 -33.47 18.33 52.75
CA VAL A 220 -33.58 17.27 51.77
C VAL A 220 -32.26 17.19 51.00
N GLU A 221 -31.71 15.97 50.95
CA GLU A 221 -30.43 15.68 50.30
C GLU A 221 -30.68 15.02 48.94
N ILE A 222 -30.05 15.60 47.91
CA ILE A 222 -30.17 15.03 46.57
C ILE A 222 -28.76 14.55 46.17
N VAL A 223 -28.75 13.30 45.70
CA VAL A 223 -27.57 12.68 45.07
C VAL A 223 -27.84 12.55 43.60
N MET A 224 -26.92 13.12 42.81
CA MET A 224 -27.13 13.27 41.39
C MET A 224 -25.96 12.64 40.62
N ILE A 225 -26.27 11.59 39.88
CA ILE A 225 -25.24 10.83 39.17
C ILE A 225 -25.65 10.78 37.71
N THR A 226 -24.67 10.71 36.81
CA THR A 226 -24.95 10.62 35.40
C THR A 226 -24.18 9.43 34.85
N HIS A 227 -24.79 8.73 33.91
CA HIS A 227 -24.15 7.62 33.18
C HIS A 227 -24.52 7.56 31.74
N GLY A 228 -23.67 6.87 31.00
CA GLY A 228 -23.96 6.48 29.64
C GLY A 228 -23.17 7.24 28.59
N GLU A 229 -23.91 7.81 27.65
CA GLU A 229 -23.40 8.47 26.42
C GLU A 229 -23.63 9.98 26.37
N TYR A 230 -24.60 10.52 27.12
CA TYR A 230 -24.99 11.94 26.95
C TYR A 230 -24.58 12.85 28.08
N TYR A 231 -24.29 14.09 27.73
CA TYR A 231 -24.19 15.20 28.69
C TYR A 231 -25.67 15.67 28.91
N HIS A 232 -25.88 16.29 30.07
CA HIS A 232 -27.18 16.76 30.57
C HIS A 232 -27.00 18.05 31.35
N THR A 233 -28.10 18.75 31.64
CA THR A 233 -28.00 19.86 32.60
C THR A 233 -29.11 19.64 33.59
N PHE A 234 -28.75 19.46 34.85
CA PHE A 234 -29.75 19.14 35.86
C PHE A 234 -30.33 20.44 36.45
N HIS A 235 -31.64 20.60 36.42
CA HIS A 235 -32.26 21.86 36.87
C HIS A 235 -33.43 21.59 37.83
N MET A 236 -33.52 22.42 38.88
CA MET A 236 -34.63 22.39 39.82
C MET A 236 -35.28 23.76 39.92
N HIS A 237 -36.56 23.80 39.63
CA HIS A 237 -37.42 24.94 39.96
C HIS A 237 -37.48 25.17 41.44
N GLY A 238 -37.43 26.45 41.79
CA GLY A 238 -37.76 26.86 43.14
C GLY A 238 -36.63 26.71 44.14
N HIS A 239 -35.52 26.05 43.77
CA HIS A 239 -34.42 25.76 44.68
C HIS A 239 -33.07 25.94 44.00
N ARG A 240 -32.05 26.22 44.78
CA ARG A 240 -30.69 26.44 44.33
C ARG A 240 -29.69 25.85 45.34
N TRP A 241 -28.44 25.62 44.96
CA TRP A 241 -27.54 24.90 45.83
C TRP A 241 -26.14 25.38 45.45
N ALA A 242 -25.15 25.07 46.27
CA ALA A 242 -23.84 25.57 46.00
C ALA A 242 -23.08 24.50 45.21
N ASP A 243 -22.29 24.94 44.25
CA ASP A 243 -21.56 23.97 43.38
C ASP A 243 -20.27 23.59 44.09
N ASN A 244 -20.41 22.98 45.26
CA ASN A 244 -19.22 22.58 46.02
C ASN A 244 -19.49 21.19 46.62
N ARG A 245 -18.75 20.73 47.62
CA ARG A 245 -18.95 19.33 48.06
C ARG A 245 -20.33 19.05 48.63
N THR A 246 -20.74 19.90 49.59
CA THR A 246 -22.01 19.68 50.32
C THR A 246 -23.25 20.33 49.67
N GLY A 247 -23.03 21.24 48.72
CA GLY A 247 -24.15 21.98 48.18
C GLY A 247 -24.53 23.21 49.05
N MET A 248 -23.84 23.40 50.19
CA MET A 248 -24.03 24.53 51.11
C MET A 248 -22.78 25.30 51.21
N LEU A 249 -22.92 26.62 51.29
CA LEU A 249 -21.76 27.46 51.50
C LEU A 249 -21.36 27.32 52.95
N THR A 250 -20.06 27.39 53.20
CA THR A 250 -19.50 27.33 54.56
C THR A 250 -19.89 28.57 55.34
N GLY A 251 -19.87 29.70 54.67
CA GLY A 251 -20.13 31.00 55.31
C GLY A 251 -19.88 32.07 54.26
N PRO A 252 -19.98 33.37 54.65
CA PRO A 252 -19.90 34.52 53.74
C PRO A 252 -18.62 34.66 53.02
N ASP A 253 -17.62 33.89 53.41
CA ASP A 253 -16.34 33.88 52.75
C ASP A 253 -16.19 32.73 51.77
N ASP A 254 -17.20 31.90 51.62
CA ASP A 254 -17.16 30.78 50.66
C ASP A 254 -17.48 31.31 49.24
N PRO A 255 -16.49 31.26 48.33
CA PRO A 255 -16.68 31.80 46.98
C PRO A 255 -17.43 30.87 46.02
N SER A 256 -17.90 29.75 46.52
CA SER A 256 -18.49 28.77 45.65
C SER A 256 -19.68 29.39 44.95
N GLN A 257 -19.85 29.03 43.68
CA GLN A 257 -20.99 29.47 42.90
C GLN A 257 -22.29 28.88 43.41
N VAL A 258 -23.33 29.68 43.34
CA VAL A 258 -24.64 29.24 43.66
C VAL A 258 -25.42 29.14 42.37
N ILE A 259 -25.98 27.94 42.12
CA ILE A 259 -26.60 27.57 40.85
C ILE A 259 -27.93 26.85 41.04
N ASP A 260 -28.72 26.76 39.97
CA ASP A 260 -29.86 25.91 39.89
C ASP A 260 -29.83 25.04 38.63
N ASN A 261 -28.66 24.99 37.97
CA ASN A 261 -28.53 24.33 36.68
C ASN A 261 -27.05 23.92 36.53
N LYS A 262 -26.85 22.61 36.42
CA LYS A 262 -25.55 21.97 36.50
C LYS A 262 -25.33 21.03 35.34
N ILE A 263 -24.34 21.34 34.52
CA ILE A 263 -23.93 20.43 33.44
C ILE A 263 -23.27 19.19 34.08
N CYS A 264 -23.54 18.04 33.46
CA CYS A 264 -23.04 16.79 33.93
C CYS A 264 -22.90 15.83 32.79
N GLY A 265 -21.90 14.95 32.93
CA GLY A 265 -21.62 13.91 31.94
C GLY A 265 -21.40 12.58 32.59
N PRO A 266 -21.21 11.54 31.76
CA PRO A 266 -21.06 10.17 32.24
C PRO A 266 -20.00 10.04 33.34
N ALA A 267 -20.51 9.54 34.46
CA ALA A 267 -19.79 9.25 35.73
C ALA A 267 -19.59 10.42 36.64
N ASP A 268 -20.14 11.56 36.28
CA ASP A 268 -20.12 12.70 37.20
C ASP A 268 -21.02 12.39 38.35
N SER A 269 -20.67 12.85 39.53
CA SER A 269 -21.54 12.70 40.74
C SER A 269 -21.41 13.93 41.61
N PHE A 270 -22.55 14.49 41.97
CA PHE A 270 -22.56 15.64 42.89
C PHE A 270 -23.78 15.42 43.78
N GLY A 271 -23.85 16.18 44.86
CA GLY A 271 -25.02 16.13 45.71
C GLY A 271 -25.22 17.45 46.41
N PHE A 272 -26.37 17.60 47.02
CA PHE A 272 -26.54 18.84 47.80
C PHE A 272 -27.68 18.65 48.78
N GLN A 273 -27.79 19.60 49.69
CA GLN A 273 -28.92 19.66 50.64
C GLN A 273 -29.59 21.01 50.45
N ILE A 274 -30.90 20.96 50.36
CA ILE A 274 -31.74 22.13 50.28
C ILE A 274 -32.79 22.02 51.38
N ILE A 275 -33.18 23.20 51.86
CA ILE A 275 -34.40 23.33 52.64
C ILE A 275 -35.61 23.44 51.71
N ALA A 276 -36.45 22.42 51.78
CA ALA A 276 -37.59 22.37 50.93
C ALA A 276 -38.55 23.57 51.08
N GLY A 277 -38.86 24.23 49.96
CA GLY A 277 -39.73 25.39 49.92
C GLY A 277 -39.19 26.64 50.57
N GLU A 278 -37.90 26.67 50.86
CA GLU A 278 -37.31 27.81 51.46
C GLU A 278 -37.40 29.08 50.60
N GLY A 279 -38.18 30.04 51.13
CA GLY A 279 -38.43 31.32 50.50
C GLY A 279 -39.36 31.28 49.34
N VAL A 280 -39.94 30.12 49.08
CA VAL A 280 -40.75 29.88 47.89
C VAL A 280 -42.07 29.18 48.13
N GLY A 281 -42.16 28.48 49.28
CA GLY A 281 -43.41 27.83 49.72
C GLY A 281 -43.60 26.45 49.15
N ALA A 282 -44.78 25.90 49.42
CA ALA A 282 -45.13 24.56 48.98
C ALA A 282 -45.60 24.50 47.51
N GLY A 283 -45.75 23.27 47.00
CA GLY A 283 -46.17 22.98 45.63
C GLY A 283 -45.40 21.86 44.89
N ALA A 284 -45.93 21.48 43.73
CA ALA A 284 -45.27 20.57 42.80
C ALA A 284 -44.15 21.32 42.07
N TRP A 285 -42.93 21.27 42.65
CA TRP A 285 -41.72 21.90 42.07
C TRP A 285 -41.01 21.02 41.04
N MET A 286 -41.01 21.44 39.79
CA MET A 286 -40.50 20.57 38.74
C MET A 286 -38.96 20.44 38.83
N TYR A 287 -38.45 19.27 38.49
CA TYR A 287 -37.01 19.14 38.24
C TYR A 287 -36.87 18.49 36.89
N HIS A 288 -35.81 18.79 36.15
CA HIS A 288 -35.70 18.20 34.77
C HIS A 288 -34.34 18.43 34.20
N CYS A 289 -33.98 17.62 33.22
CA CYS A 289 -32.87 17.93 32.39
C CYS A 289 -33.28 19.12 31.60
N HIS A 290 -32.38 20.08 31.41
CA HIS A 290 -32.76 21.32 30.71
C HIS A 290 -32.35 21.27 29.25
N VAL A 291 -31.71 20.19 28.81
CA VAL A 291 -31.48 19.99 27.38
C VAL A 291 -32.85 19.79 26.80
N GLN A 292 -33.25 20.60 25.80
CA GLN A 292 -34.68 20.74 25.51
C GLN A 292 -35.39 19.47 25.03
N SER A 293 -34.79 18.71 24.11
CA SER A 293 -35.39 17.47 23.66
C SER A 293 -35.41 16.45 24.80
N HIS A 294 -34.48 16.56 25.78
CA HIS A 294 -34.49 15.61 26.90
C HIS A 294 -35.68 15.84 27.81
N SER A 295 -35.94 17.10 28.20
CA SER A 295 -37.14 17.41 29.02
C SER A 295 -38.38 17.01 28.17
N ASP A 296 -38.40 17.36 26.88
CA ASP A 296 -39.60 17.09 26.02
C ASP A 296 -39.86 15.59 25.91
N MET A 297 -38.80 14.78 25.90
CA MET A 297 -38.93 13.35 25.77
C MET A 297 -39.06 12.59 27.12
N GLY A 298 -39.11 13.32 28.21
CA GLY A 298 -39.52 12.73 29.50
C GLY A 298 -38.53 12.63 30.64
N MET A 299 -37.41 13.33 30.55
CA MET A 299 -36.50 13.50 31.67
C MET A 299 -36.96 14.66 32.53
N VAL A 300 -38.08 14.42 33.19
N VAL A 300 -38.03 14.39 33.26
CA VAL A 300 -38.77 15.37 34.06
CA VAL A 300 -38.64 15.35 34.13
C VAL A 300 -39.32 14.58 35.28
C VAL A 300 -39.31 14.59 35.28
N GLY A 301 -39.31 15.19 36.45
CA GLY A 301 -40.11 14.72 37.61
C GLY A 301 -40.59 15.88 38.49
N LEU A 302 -41.22 15.56 39.65
CA LEU A 302 -41.69 16.53 40.58
C LEU A 302 -41.11 16.37 41.96
N PHE A 303 -40.66 17.47 42.55
CA PHE A 303 -40.29 17.54 43.96
C PHE A 303 -41.56 18.14 44.58
N LEU A 304 -42.36 17.23 45.16
CA LEU A 304 -43.67 17.53 45.80
C LEU A 304 -43.46 17.99 47.24
N VAL A 305 -43.57 19.31 47.43
CA VAL A 305 -43.31 19.91 48.72
C VAL A 305 -44.69 20.17 49.36
N LYS A 306 -44.95 19.38 50.39
CA LYS A 306 -46.19 19.45 51.18
C LYS A 306 -46.21 20.57 52.20
N LYS A 307 -47.38 21.18 52.33
CA LYS A 307 -47.67 21.95 53.53
C LYS A 307 -47.62 21.02 54.74
N PRO A 308 -47.51 21.58 55.94
CA PRO A 308 -47.61 20.70 57.10
C PRO A 308 -48.93 19.85 57.18
N ASP A 309 -50.08 20.35 56.72
CA ASP A 309 -51.29 19.51 56.68
C ASP A 309 -51.21 18.40 55.64
N GLY A 310 -50.07 18.34 54.94
CA GLY A 310 -49.83 17.26 54.01
C GLY A 310 -50.38 17.52 52.61
N THR A 311 -50.95 18.70 52.38
CA THR A 311 -51.52 18.98 51.07
C THR A 311 -50.45 19.67 50.22
N ILE A 312 -50.65 19.62 48.91
CA ILE A 312 -49.79 20.29 47.95
C ILE A 312 -50.71 21.28 47.20
N PRO A 313 -50.53 22.58 47.45
CA PRO A 313 -51.30 23.59 46.72
C PRO A 313 -51.04 23.53 45.22
N GLY A 314 -52.16 23.43 44.47
CA GLY A 314 -52.18 23.51 43.03
C GLY A 314 -51.93 22.20 42.34
N TYR A 315 -51.92 21.09 43.08
CA TYR A 315 -51.50 19.84 42.49
C TYR A 315 -52.56 18.74 42.63
N ASP A 316 -52.97 18.21 41.48
CA ASP A 316 -53.91 17.11 41.40
C ASP A 316 -53.29 15.91 40.66
N PRO A 317 -53.31 14.71 41.28
CA PRO A 317 -53.20 13.44 40.52
C PRO A 317 -54.52 13.00 39.86
N ALA B 40 9.42 17.70 46.98
CA ALA B 40 8.51 18.84 46.64
C ALA B 40 9.28 20.17 46.66
N GLY B 41 9.81 20.55 45.51
CA GLY B 41 10.37 21.89 45.24
C GLY B 41 9.26 22.93 45.15
N ALA B 42 9.67 24.16 44.90
CA ALA B 42 8.79 25.29 44.89
C ALA B 42 9.10 26.10 43.63
N ALA B 43 8.07 26.58 42.91
CA ALA B 43 8.40 27.46 41.80
C ALA B 43 8.96 28.80 42.33
N PRO B 44 9.97 29.38 41.64
CA PRO B 44 10.38 30.74 42.01
C PRO B 44 9.48 31.83 41.42
N ALA B 45 9.68 33.05 41.91
CA ALA B 45 9.12 34.25 41.33
C ALA B 45 9.67 34.34 39.93
N GLY B 46 8.85 34.73 38.96
CA GLY B 46 9.32 34.87 37.61
C GLY B 46 9.72 36.30 37.31
N GLY B 47 9.92 36.60 36.06
CA GLY B 47 10.42 37.90 35.63
C GLY B 47 11.52 37.77 34.62
N GLU B 48 11.88 36.56 34.22
CA GLU B 48 12.91 36.44 33.17
C GLU B 48 12.33 36.67 31.77
N VAL B 49 13.16 37.15 30.87
CA VAL B 49 12.81 37.20 29.43
C VAL B 49 13.44 35.94 28.88
N ARG B 50 12.64 35.08 28.24
CA ARG B 50 13.13 33.83 27.70
C ARG B 50 12.78 33.73 26.23
N ARG B 51 13.53 32.88 25.54
CA ARG B 51 13.39 32.74 24.12
C ARG B 51 13.35 31.25 23.87
N VAL B 52 12.66 30.84 22.83
CA VAL B 52 12.71 29.44 22.46
C VAL B 52 12.37 29.43 21.00
N THR B 53 12.92 28.48 20.29
CA THR B 53 12.54 28.27 18.91
C THR B 53 11.48 27.19 18.77
N LEU B 54 10.48 27.44 17.94
CA LEU B 54 9.47 26.44 17.73
C LEU B 54 9.21 26.29 16.23
N TYR B 55 9.01 25.06 15.81
CA TYR B 55 8.75 24.74 14.39
C TYR B 55 7.48 23.95 14.18
N ALA B 56 6.75 24.17 13.09
CA ALA B 56 5.66 23.30 12.67
C ALA B 56 6.14 22.46 11.49
N GLU B 57 5.99 21.14 11.61
CA GLU B 57 6.50 20.13 10.64
C GLU B 57 5.48 19.00 10.40
N ARG B 58 5.50 18.49 9.18
CA ARG B 58 4.81 17.26 8.85
C ARG B 58 5.50 16.12 9.61
N LEU B 59 4.73 15.26 10.26
CA LEU B 59 5.30 14.07 10.92
C LEU B 59 5.13 12.85 9.99
N ALA B 60 5.49 11.68 10.49
CA ALA B 60 5.12 10.41 9.85
C ALA B 60 3.61 10.29 9.85
N GLY B 61 3.12 9.50 8.91
CA GLY B 61 1.68 9.24 8.83
C GLY B 61 0.83 10.44 8.63
N GLY B 62 1.36 11.49 7.99
CA GLY B 62 0.55 12.65 7.67
C GLY B 62 0.05 13.51 8.84
N GLN B 63 0.57 13.33 10.05
CA GLN B 63 0.20 14.26 11.11
C GLN B 63 1.06 15.54 11.06
N LEU B 64 0.73 16.49 11.91
CA LEU B 64 1.39 17.80 11.94
C LEU B 64 1.71 18.07 13.40
N GLY B 65 2.92 18.56 13.66
CA GLY B 65 3.33 18.81 15.00
C GLY B 65 4.23 20.02 15.15
N TYR B 66 4.28 20.51 16.37
CA TYR B 66 5.24 21.46 16.77
C TYR B 66 6.43 20.77 17.43
N GLY B 67 7.62 21.32 17.25
CA GLY B 67 8.79 20.88 18.00
C GLY B 67 9.80 21.98 18.29
N LEU B 68 10.69 21.69 19.22
CA LEU B 68 11.74 22.61 19.63
C LEU B 68 12.96 22.61 18.68
N GLU B 69 13.04 21.64 17.78
CA GLU B 69 14.21 21.52 16.90
C GLU B 69 13.69 20.76 15.70
N LYS B 70 14.18 21.08 14.51
CA LYS B 70 13.74 20.38 13.31
C LYS B 70 13.93 18.83 13.42
N GLY B 71 12.89 18.06 13.05
CA GLY B 71 12.84 16.60 13.17
C GLY B 71 12.53 16.08 14.55
N LYS B 72 12.27 16.98 15.50
CA LYS B 72 11.84 16.54 16.81
C LYS B 72 10.43 17.04 17.20
N ALA B 73 9.56 17.24 16.21
CA ALA B 73 8.16 17.54 16.49
C ALA B 73 7.47 16.34 17.12
N SER B 74 6.45 16.62 17.92
CA SER B 74 5.71 15.68 18.70
C SER B 74 4.22 16.13 18.84
N ILE B 75 3.36 15.17 19.13
CA ILE B 75 1.98 15.41 19.49
C ILE B 75 1.79 14.72 20.82
N PRO B 76 1.46 15.43 21.91
CA PRO B 76 1.32 16.89 21.93
C PRO B 76 2.64 17.53 21.67
N GLY B 77 2.63 18.80 21.27
CA GLY B 77 3.84 19.65 21.25
C GLY B 77 4.58 19.74 22.55
N PRO B 78 5.75 20.34 22.51
CA PRO B 78 6.56 20.45 23.67
C PRO B 78 5.89 21.25 24.74
N LEU B 79 6.17 20.84 25.97
CA LEU B 79 5.71 21.51 27.13
C LEU B 79 6.47 22.79 27.38
N ILE B 80 5.77 23.91 27.47
CA ILE B 80 6.38 25.19 27.72
C ILE B 80 6.01 25.52 29.13
N GLU B 81 7.03 25.85 29.94
CA GLU B 81 6.88 26.15 31.34
C GLU B 81 7.39 27.55 31.64
N LEU B 82 6.62 28.31 32.40
CA LEU B 82 7.01 29.65 32.77
C LEU B 82 6.58 29.93 34.18
N ASN B 83 7.25 30.89 34.81
CA ASN B 83 6.81 31.49 36.06
C ASN B 83 6.19 32.87 35.83
N GLU B 84 5.12 33.14 36.58
CA GLU B 84 4.38 34.41 36.51
C GLU B 84 5.33 35.59 36.57
N GLY B 85 5.24 36.42 35.54
CA GLY B 85 6.05 37.62 35.32
C GLY B 85 7.03 37.38 34.20
N ASP B 86 7.32 36.11 33.86
CA ASP B 86 8.14 35.75 32.70
C ASP B 86 7.51 36.25 31.42
N THR B 87 8.37 36.55 30.49
CA THR B 87 8.05 36.86 29.13
C THR B 87 8.69 35.78 28.30
N LEU B 88 8.01 35.33 27.24
CA LEU B 88 8.58 34.34 26.34
C LEU B 88 8.44 34.79 24.91
N HIS B 89 9.58 34.83 24.24
CA HIS B 89 9.61 35.15 22.85
C HIS B 89 9.78 33.88 22.09
N VAL B 90 8.72 33.51 21.39
CA VAL B 90 8.67 32.28 20.60
C VAL B 90 9.00 32.55 19.16
N GLU B 91 10.19 32.14 18.77
CA GLU B 91 10.65 32.29 17.38
C GLU B 91 10.15 31.11 16.63
N PHE B 92 9.10 31.32 15.86
CA PHE B 92 8.33 30.28 15.24
C PHE B 92 8.69 30.16 13.81
N GLU B 93 8.91 28.95 13.33
CA GLU B 93 9.15 28.72 11.92
C GLU B 93 8.16 27.74 11.36
N ASN B 94 7.55 28.10 10.25
CA ASN B 94 6.58 27.27 9.58
C ASN B 94 7.18 26.53 8.39
N THR B 95 7.42 25.23 8.53
CA THR B 95 8.01 24.42 7.46
C THR B 95 7.01 23.77 6.58
N LEU B 96 5.74 24.02 6.81
CA LEU B 96 4.71 23.40 6.01
C LEU B 96 4.51 24.19 4.77
N ASP B 97 3.77 23.61 3.83
CA ASP B 97 3.35 24.25 2.59
C ASP B 97 2.04 25.06 2.66
N VAL B 98 1.47 25.28 3.84
CA VAL B 98 0.31 26.15 3.96
C VAL B 98 0.56 26.97 5.18
N PRO B 99 -0.16 28.09 5.31
CA PRO B 99 -0.07 28.96 6.49
C PRO B 99 -0.37 28.18 7.76
N VAL B 100 0.36 28.53 8.81
CA VAL B 100 0.19 27.93 10.13
C VAL B 100 0.31 29.07 11.15
N SER B 101 -0.26 28.88 12.33
CA SER B 101 -0.10 29.89 13.35
C SER B 101 0.16 29.31 14.69
N LEU B 102 0.33 30.22 15.66
CA LEU B 102 0.45 29.83 17.05
C LEU B 102 -0.41 30.73 17.89
N HIS B 103 -1.42 30.13 18.54
CA HIS B 103 -2.29 30.87 19.41
C HIS B 103 -2.26 30.27 20.77
N VAL B 104 -2.24 31.10 21.79
CA VAL B 104 -2.13 30.57 23.16
C VAL B 104 -3.33 31.02 24.00
N HIS B 105 -3.74 30.14 24.91
CA HIS B 105 -4.78 30.42 25.89
C HIS B 105 -4.14 30.98 27.17
N GLY B 106 -4.92 31.75 27.93
CA GLY B 106 -4.47 32.22 29.26
C GLY B 106 -3.45 33.36 29.39
N LEU B 107 -2.39 33.28 28.62
CA LEU B 107 -1.28 34.21 28.81
C LEU B 107 -1.62 35.54 28.15
N ASP B 108 -0.83 36.56 28.50
CA ASP B 108 -0.98 37.89 27.93
C ASP B 108 -0.29 37.95 26.59
N TYR B 109 -0.95 38.52 25.60
CA TYR B 109 -0.31 38.87 24.35
C TYR B 109 -0.98 40.03 23.69
N GLU B 110 -0.25 40.73 22.86
CA GLU B 110 -0.84 41.80 22.12
C GLU B 110 -1.47 41.24 20.88
N ILE B 111 -2.30 42.06 20.27
CA ILE B 111 -3.09 41.57 19.18
C ILE B 111 -2.23 41.01 18.03
N SER B 112 -1.01 41.54 17.91
CA SER B 112 -0.07 41.15 16.88
C SER B 112 0.51 39.74 17.07
N SER B 113 0.38 39.19 18.28
CA SER B 113 0.67 37.73 18.59
C SER B 113 -0.59 36.87 18.94
N ASP B 114 -1.70 37.33 18.40
CA ASP B 114 -2.96 36.62 18.39
C ASP B 114 -2.93 35.25 17.67
N GLY B 115 -2.14 35.14 16.63
CA GLY B 115 -1.99 33.92 15.83
C GLY B 115 -3.16 33.65 14.92
N THR B 116 -3.82 34.70 14.46
CA THR B 116 -4.99 34.56 13.63
C THR B 116 -4.81 35.23 12.31
N LYS B 117 -5.49 34.70 11.31
CA LYS B 117 -5.55 35.38 10.03
C LYS B 117 -6.21 36.75 10.18
N GLN B 118 -7.26 36.76 10.98
N GLN B 118 -7.32 36.81 10.93
CA GLN B 118 -8.12 37.89 11.08
CA GLN B 118 -8.09 38.07 11.07
C GLN B 118 -7.34 39.16 11.61
C GLN B 118 -7.12 39.21 11.39
N ASN B 119 -6.23 38.97 12.34
CA ASN B 119 -5.27 40.00 12.72
C ASN B 119 -3.87 39.84 12.13
N LYS B 120 -3.78 39.16 11.01
CA LYS B 120 -2.54 39.04 10.25
C LYS B 120 -1.38 38.59 11.03
N SER B 121 -1.58 37.56 11.85
CA SER B 121 -0.62 37.10 12.80
C SER B 121 -0.27 35.61 12.47
N HIS B 122 -0.73 35.12 11.33
CA HIS B 122 -0.34 33.80 10.80
C HIS B 122 0.95 33.83 10.03
N VAL B 123 1.60 32.68 9.86
CA VAL B 123 2.94 32.59 9.21
C VAL B 123 2.86 31.84 7.87
N GLU B 124 3.30 32.49 6.81
CA GLU B 124 3.24 31.92 5.46
C GLU B 124 4.13 30.70 5.34
N PRO B 125 3.82 29.84 4.35
CA PRO B 125 4.68 28.68 4.06
C PRO B 125 6.15 29.08 4.04
N GLY B 126 7.00 28.45 4.87
CA GLY B 126 8.44 28.71 4.92
C GLY B 126 8.88 29.87 5.80
N GLY B 127 7.93 30.62 6.32
CA GLY B 127 8.24 31.85 7.06
C GLY B 127 8.51 31.69 8.54
N THR B 128 8.95 32.79 9.14
N THR B 128 8.90 32.81 9.14
CA THR B 128 9.17 32.88 10.53
CA THR B 128 9.21 32.87 10.53
C THR B 128 8.42 34.07 11.04
C THR B 128 8.53 34.11 11.07
N ARG B 129 8.16 34.04 12.33
CA ARG B 129 7.57 35.16 13.02
C ARG B 129 7.86 34.88 14.47
N THR B 130 8.20 35.94 15.22
CA THR B 130 8.36 35.84 16.67
C THR B 130 7.07 36.24 17.34
N TYR B 131 6.53 35.32 18.10
CA TYR B 131 5.36 35.61 18.88
C TYR B 131 5.85 35.94 20.26
N THR B 132 5.22 36.91 20.90
CA THR B 132 5.57 37.25 22.24
C THR B 132 4.44 37.00 23.22
N TRP B 133 4.73 36.17 24.23
CA TRP B 133 3.81 35.93 25.31
C TRP B 133 4.34 36.55 26.60
N ARG B 134 3.44 37.19 27.34
CA ARG B 134 3.82 37.75 28.61
C ARG B 134 2.99 37.11 29.67
N THR B 135 3.45 37.19 30.90
CA THR B 135 2.69 36.74 32.03
C THR B 135 2.86 37.74 33.17
N HIS B 136 1.89 37.77 34.08
CA HIS B 136 1.88 38.77 35.18
C HIS B 136 1.49 38.05 36.47
N GLU B 137 1.96 38.59 37.59
CA GLU B 137 1.59 38.12 38.93
C GLU B 137 0.24 38.67 39.28
N PRO B 138 -0.49 38.02 40.19
CA PRO B 138 -1.67 38.74 40.63
C PRO B 138 -1.30 39.99 41.48
N GLY B 139 -2.26 40.86 41.71
CA GLY B 139 -2.00 42.09 42.46
C GLY B 139 -3.21 43.01 42.52
N ARG B 140 -3.17 43.95 43.45
CA ARG B 140 -4.30 44.79 43.77
C ARG B 140 -4.29 45.90 42.77
N ARG B 141 -5.42 46.16 42.09
CA ARG B 141 -5.51 47.30 41.20
C ARG B 141 -5.73 48.57 42.03
N ALA B 142 -5.42 49.69 41.40
CA ALA B 142 -5.81 51.02 41.91
C ALA B 142 -7.30 51.10 42.30
N ASP B 143 -8.24 50.51 41.54
CA ASP B 143 -9.63 50.50 41.96
C ASP B 143 -9.88 49.54 43.15
N GLY B 144 -8.81 48.98 43.71
CA GLY B 144 -8.91 48.11 44.88
C GLY B 144 -9.39 46.69 44.58
N THR B 145 -9.60 46.35 43.31
CA THR B 145 -10.00 44.98 42.99
C THR B 145 -8.75 44.14 42.84
N TRP B 146 -8.93 42.83 42.75
CA TRP B 146 -7.80 41.93 42.66
C TRP B 146 -7.57 41.46 41.22
N ARG B 147 -6.43 41.75 40.65
CA ARG B 147 -6.12 41.23 39.34
C ARG B 147 -5.66 39.80 39.48
N ALA B 148 -6.32 38.92 38.73
CA ALA B 148 -5.93 37.54 38.70
C ALA B 148 -4.65 37.42 37.89
N GLY B 149 -3.74 36.59 38.37
CA GLY B 149 -2.50 36.36 37.66
C GLY B 149 -2.65 35.40 36.48
N SER B 150 -1.55 35.20 35.77
CA SER B 150 -1.52 34.37 34.58
C SER B 150 -1.41 32.87 34.92
N ALA B 151 -1.19 32.50 36.19
CA ALA B 151 -0.88 31.12 36.51
C ALA B 151 -2.00 30.18 36.11
N GLY B 152 -1.61 29.07 35.52
CA GLY B 152 -2.56 27.95 35.37
C GLY B 152 -2.06 26.91 34.39
N TYR B 153 -2.99 26.04 34.00
CA TYR B 153 -2.74 24.96 33.04
C TYR B 153 -3.42 25.37 31.74
N TRP B 154 -2.60 25.72 30.76
CA TRP B 154 -3.00 26.39 29.54
C TRP B 154 -2.43 25.57 28.37
N HIS B 155 -2.61 26.09 27.17
CA HIS B 155 -2.30 25.42 25.95
C HIS B 155 -2.15 26.36 24.78
N TYR B 156 -1.47 25.88 23.74
CA TYR B 156 -1.28 26.61 22.50
C TYR B 156 -1.66 25.74 21.38
N HIS B 157 -2.17 26.31 20.33
CA HIS B 157 -2.53 25.50 19.16
C HIS B 157 -2.59 26.38 17.95
N ASP B 158 -2.61 25.75 16.78
CA ASP B 158 -2.79 26.39 15.50
C ASP B 158 -4.22 26.96 15.31
N HIS B 159 -4.29 28.07 14.59
CA HIS B 159 -5.50 28.78 14.33
C HIS B 159 -5.88 28.99 12.86
N VAL B 160 -5.10 28.44 11.94
CA VAL B 160 -5.27 28.72 10.56
C VAL B 160 -5.20 27.54 9.57
N VAL B 161 -4.85 26.35 9.99
CA VAL B 161 -4.82 25.17 9.08
C VAL B 161 -6.23 24.62 8.96
N GLY B 162 -6.63 24.52 7.71
CA GLY B 162 -7.89 23.90 7.39
C GLY B 162 -9.02 24.91 7.37
N THR B 163 -9.17 25.65 8.47
CA THR B 163 -10.14 26.73 8.56
C THR B 163 -9.48 27.84 9.36
N GLU B 164 -10.13 28.99 9.36
CA GLU B 164 -9.69 30.12 10.22
C GLU B 164 -9.86 30.00 11.74
N HIS B 165 -10.35 28.84 12.19
CA HIS B 165 -10.23 28.41 13.57
C HIS B 165 -9.27 27.26 13.85
N GLY B 166 -8.41 26.91 12.87
CA GLY B 166 -7.37 25.90 13.07
C GLY B 166 -7.92 24.48 13.16
N THR B 167 -9.08 24.27 12.61
CA THR B 167 -9.71 22.93 12.80
C THR B 167 -8.84 21.81 12.20
N GLY B 168 -8.26 22.01 11.02
CA GLY B 168 -7.47 20.98 10.37
C GLY B 168 -6.15 20.84 11.09
N GLY B 169 -5.62 21.96 11.58
CA GLY B 169 -4.37 21.97 12.34
C GLY B 169 -4.45 21.27 13.69
N ILE B 170 -5.53 21.59 14.40
CA ILE B 170 -5.82 20.90 15.66
C ILE B 170 -6.08 19.39 15.41
N ARG B 171 -6.91 19.08 14.43
CA ARG B 171 -7.22 17.67 14.11
C ARG B 171 -5.97 16.87 13.89
N ASN B 172 -5.00 17.47 13.22
CA ASN B 172 -3.80 16.78 12.84
C ASN B 172 -2.61 16.83 13.76
N GLY B 173 -2.75 17.56 14.87
CA GLY B 173 -1.78 17.47 15.92
C GLY B 173 -1.13 18.74 16.41
N LEU B 174 -1.53 19.89 15.86
CA LEU B 174 -0.89 21.16 16.23
C LEU B 174 -1.50 21.75 17.49
N TYR B 175 -1.10 21.15 18.61
CA TYR B 175 -1.48 21.57 19.97
C TYR B 175 -0.39 21.17 20.97
N GLY B 176 -0.28 21.95 22.03
CA GLY B 176 0.59 21.58 23.10
C GLY B 176 0.24 22.26 24.41
N PRO B 177 0.90 21.84 25.51
CA PRO B 177 0.65 22.38 26.82
C PRO B 177 1.53 23.53 27.21
N VAL B 178 0.96 24.45 27.95
CA VAL B 178 1.72 25.47 28.66
C VAL B 178 1.33 25.46 30.10
N ILE B 179 2.33 25.43 31.01
CA ILE B 179 2.12 25.63 32.44
C ILE B 179 2.75 26.97 32.85
N VAL B 180 1.98 27.77 33.58
CA VAL B 180 2.50 28.99 34.15
C VAL B 180 2.34 28.79 35.64
N ARG B 181 3.48 28.78 36.33
CA ARG B 181 3.53 28.60 37.76
C ARG B 181 3.55 29.89 38.54
N ARG B 182 2.98 29.78 39.72
CA ARG B 182 2.86 30.85 40.70
C ARG B 182 3.98 30.58 41.73
N LYS B 183 4.62 31.66 42.17
CA LYS B 183 5.66 31.57 43.19
C LYS B 183 5.25 30.65 44.35
N GLY B 184 6.11 29.70 44.68
CA GLY B 184 5.76 28.80 45.78
C GLY B 184 4.93 27.61 45.40
N ASP B 185 4.45 27.52 44.15
CA ASP B 185 3.77 26.28 43.74
C ASP B 185 4.69 25.07 43.92
N VAL B 186 4.05 23.96 44.29
CA VAL B 186 4.67 22.69 44.35
C VAL B 186 5.10 22.15 43.01
N LEU B 187 6.36 21.74 42.90
CA LEU B 187 6.87 21.20 41.68
C LEU B 187 6.82 19.69 41.74
N PRO B 188 6.48 19.05 40.58
CA PRO B 188 6.31 17.58 40.60
C PRO B 188 7.59 16.79 40.26
N ASP B 189 7.56 15.48 40.49
CA ASP B 189 8.61 14.61 39.96
C ASP B 189 8.54 14.38 38.46
N ALA B 190 7.31 14.40 37.91
CA ALA B 190 7.09 14.12 36.46
C ALA B 190 5.81 14.86 36.03
N THR B 191 5.79 15.24 34.79
CA THR B 191 4.60 15.84 34.13
C THR B 191 4.21 15.10 32.87
N HIS B 192 2.96 14.71 32.77
CA HIS B 192 2.45 14.02 31.56
C HIS B 192 1.24 14.77 31.04
N THR B 193 1.15 14.85 29.73
CA THR B 193 0.07 15.55 29.12
C THR B 193 -0.87 14.59 28.42
N ILE B 194 -2.16 14.72 28.67
CA ILE B 194 -3.19 13.84 28.10
C ILE B 194 -4.18 14.72 27.35
N VAL B 195 -4.24 14.62 26.01
CA VAL B 195 -5.12 15.47 25.22
C VAL B 195 -6.24 14.62 24.64
N PHE B 196 -7.48 14.91 24.98
CA PHE B 196 -8.56 14.18 24.32
C PHE B 196 -8.85 15.01 23.06
N ASN B 197 -8.39 14.54 21.89
CA ASN B 197 -8.60 15.23 20.68
C ASN B 197 -9.57 14.41 19.83
N ASP B 198 -10.82 14.92 19.72
CA ASP B 198 -11.92 14.17 19.15
C ASP B 198 -12.02 12.84 19.86
N MET B 199 -11.96 11.71 19.13
CA MET B 199 -12.03 10.39 19.75
C MET B 199 -10.66 9.73 20.00
N THR B 200 -9.58 10.51 20.06
CA THR B 200 -8.25 9.95 20.23
C THR B 200 -7.68 10.52 21.49
N ILE B 201 -6.64 9.82 22.03
CA ILE B 201 -5.80 10.41 23.08
C ILE B 201 -4.47 10.76 22.42
N ASN B 202 -4.12 12.05 22.39
CA ASN B 202 -2.89 12.45 21.77
C ASN B 202 -2.76 11.99 20.36
N ASN B 203 -3.87 11.92 19.63
CA ASN B 203 -3.85 11.49 18.23
C ASN B 203 -3.28 10.10 18.01
N ARG B 204 -3.26 9.29 19.05
CA ARG B 204 -2.90 7.90 18.92
C ARG B 204 -4.04 7.04 18.44
N PRO B 205 -3.68 5.94 17.77
CA PRO B 205 -4.74 4.99 17.36
C PRO B 205 -5.45 4.36 18.57
N ALA B 206 -6.72 3.97 18.36
CA ALA B 206 -7.59 3.36 19.41
C ALA B 206 -6.84 2.36 20.31
N HIS B 207 -7.00 2.50 21.61
CA HIS B 207 -6.55 1.50 22.52
C HIS B 207 -5.03 1.38 22.41
N THR B 208 -4.30 2.47 22.22
CA THR B 208 -2.82 2.43 22.30
C THR B 208 -2.29 3.40 23.35
N GLY B 209 -3.02 3.58 24.44
CA GLY B 209 -2.51 4.41 25.50
C GLY B 209 -2.72 5.88 25.17
N PRO B 210 -1.80 6.72 25.56
CA PRO B 210 -0.52 6.29 26.12
C PRO B 210 -0.63 5.77 27.54
N ASN B 211 0.37 5.04 27.97
CA ASN B 211 0.57 4.71 29.35
C ASN B 211 1.73 5.47 29.92
N PHE B 212 1.67 5.73 31.21
CA PHE B 212 2.66 6.44 31.94
C PHE B 212 3.03 5.67 33.21
N GLU B 213 4.29 5.71 33.61
CA GLU B 213 4.82 4.91 34.72
C GLU B 213 5.19 5.81 35.84
N ALA B 214 4.91 5.42 37.06
CA ALA B 214 5.45 6.12 38.22
C ALA B 214 5.81 5.08 39.30
N THR B 215 6.54 5.51 40.31
CA THR B 215 6.72 4.68 41.54
C THR B 215 5.78 5.20 42.64
N VAL B 216 5.24 4.32 43.48
CA VAL B 216 4.43 4.71 44.66
C VAL B 216 5.14 5.84 45.39
N GLY B 217 4.39 6.87 45.77
CA GLY B 217 4.98 8.06 46.37
C GLY B 217 5.42 9.15 45.43
N ASP B 218 5.56 8.90 44.13
CA ASP B 218 5.94 9.94 43.18
C ASP B 218 4.91 11.04 43.13
N ARG B 219 5.35 12.29 43.00
CA ARG B 219 4.40 13.38 42.79
C ARG B 219 4.26 13.62 41.31
N VAL B 220 3.11 13.21 40.79
CA VAL B 220 2.88 13.15 39.34
C VAL B 220 1.88 14.25 38.93
N GLU B 221 2.29 15.06 37.98
CA GLU B 221 1.45 16.14 37.44
C GLU B 221 0.83 15.70 36.15
N ILE B 222 -0.48 15.86 36.05
CA ILE B 222 -1.18 15.67 34.78
C ILE B 222 -1.66 17.01 34.22
N VAL B 223 -1.40 17.25 32.94
CA VAL B 223 -2.04 18.31 32.22
C VAL B 223 -3.07 17.68 31.27
N MET B 224 -4.30 18.16 31.37
CA MET B 224 -5.36 17.58 30.60
C MET B 224 -6.01 18.62 29.72
N ILE B 225 -5.96 18.41 28.42
CA ILE B 225 -6.51 19.34 27.43
C ILE B 225 -7.46 18.59 26.52
N THR B 226 -8.52 19.28 26.08
CA THR B 226 -9.51 18.71 25.22
C THR B 226 -9.57 19.53 23.91
N HIS B 227 -9.85 18.85 22.78
CA HIS B 227 -9.92 19.54 21.51
C HIS B 227 -10.89 18.86 20.64
N GLY B 228 -11.39 19.62 19.69
CA GLY B 228 -12.22 19.09 18.61
C GLY B 228 -13.69 19.36 18.74
N GLU B 229 -14.45 18.30 18.57
CA GLU B 229 -15.90 18.41 18.45
C GLU B 229 -16.66 17.94 19.67
N TYR B 230 -16.07 17.03 20.44
CA TYR B 230 -16.85 16.25 21.44
C TYR B 230 -16.60 16.69 22.86
N TYR B 231 -17.63 16.60 23.68
CA TYR B 231 -17.42 16.63 25.13
C TYR B 231 -16.95 15.20 25.63
N HIS B 232 -16.27 15.21 26.75
CA HIS B 232 -15.73 14.00 27.38
C HIS B 232 -15.82 14.09 28.88
N THR B 233 -15.60 12.95 29.56
CA THR B 233 -15.37 13.01 31.01
C THR B 233 -14.10 12.25 31.31
N PHE B 234 -13.13 12.92 31.92
CA PHE B 234 -11.81 12.30 32.21
C PHE B 234 -11.86 11.71 33.62
N HIS B 235 -11.54 10.42 33.72
CA HIS B 235 -11.59 9.66 35.00
C HIS B 235 -10.29 8.89 35.18
N MET B 236 -9.87 8.78 36.45
CA MET B 236 -8.70 7.97 36.85
C MET B 236 -9.18 7.05 37.95
N HIS B 237 -8.93 5.76 37.80
CA HIS B 237 -9.08 4.79 38.86
C HIS B 237 -8.04 5.08 39.95
N GLY B 238 -8.49 4.84 41.16
CA GLY B 238 -7.65 4.90 42.39
C GLY B 238 -7.05 6.23 42.83
N HIS B 239 -7.43 7.34 42.15
CA HIS B 239 -6.84 8.68 42.40
C HIS B 239 -7.92 9.75 42.25
N ARG B 240 -7.72 10.87 42.96
CA ARG B 240 -8.63 11.98 42.93
C ARG B 240 -7.84 13.25 43.09
N TRP B 241 -8.51 14.34 42.81
CA TRP B 241 -7.88 15.63 42.79
C TRP B 241 -8.95 16.72 43.08
N ALA B 242 -8.47 17.92 43.34
CA ALA B 242 -9.29 19.11 43.56
C ALA B 242 -9.53 19.81 42.24
N ASP B 243 -10.76 20.28 42.04
CA ASP B 243 -11.14 20.99 40.82
C ASP B 243 -10.88 22.49 41.02
N ASN B 244 -9.61 22.86 41.19
CA ASN B 244 -9.17 24.22 41.33
C ASN B 244 -7.90 24.33 40.50
N ARG B 245 -7.16 25.44 40.66
CA ARG B 245 -6.03 25.69 39.76
C ARG B 245 -4.95 24.62 39.82
N THR B 246 -4.51 24.27 41.05
CA THR B 246 -3.36 23.41 41.17
C THR B 246 -3.78 21.91 41.26
N GLY B 247 -5.06 21.67 41.43
CA GLY B 247 -5.57 20.30 41.63
C GLY B 247 -5.33 19.74 43.01
N MET B 248 -4.85 20.60 43.91
CA MET B 248 -4.61 20.25 45.31
C MET B 248 -5.31 21.28 46.20
N LEU B 249 -5.92 20.82 47.26
CA LEU B 249 -6.45 21.76 48.24
C LEU B 249 -5.24 22.49 48.89
N THR B 250 -5.42 23.80 49.12
CA THR B 250 -4.41 24.61 49.79
C THR B 250 -4.41 24.35 51.29
N GLY B 251 -5.46 23.74 51.81
CA GLY B 251 -5.54 23.49 53.25
C GLY B 251 -6.96 23.21 53.65
N PRO B 252 -7.22 23.08 54.97
CA PRO B 252 -8.59 22.70 55.42
C PRO B 252 -9.71 23.71 55.13
N ASP B 253 -9.37 24.96 54.83
CA ASP B 253 -10.41 25.97 54.55
C ASP B 253 -10.64 26.16 53.07
N ASP B 254 -10.00 25.34 52.24
CA ASP B 254 -10.23 25.34 50.77
C ASP B 254 -11.54 24.59 50.55
N PRO B 255 -12.56 25.30 50.00
CA PRO B 255 -13.82 24.72 49.66
C PRO B 255 -13.81 23.99 48.28
N SER B 256 -12.71 24.03 47.54
CA SER B 256 -12.74 23.34 46.21
C SER B 256 -13.21 21.85 46.34
N GLN B 257 -13.92 21.40 45.31
CA GLN B 257 -14.42 20.06 45.21
C GLN B 257 -13.31 19.06 44.94
N VAL B 258 -13.52 17.86 45.43
CA VAL B 258 -12.60 16.76 45.19
C VAL B 258 -13.35 15.75 44.36
N ILE B 259 -12.74 15.40 43.22
CA ILE B 259 -13.39 14.66 42.20
C ILE B 259 -12.45 13.58 41.61
N ASP B 260 -13.01 12.60 40.91
CA ASP B 260 -12.19 11.71 40.09
C ASP B 260 -12.70 11.64 38.67
N ASN B 261 -13.63 12.56 38.33
CA ASN B 261 -14.32 12.52 37.04
C ASN B 261 -14.67 13.92 36.66
N LYS B 262 -14.12 14.41 35.54
CA LYS B 262 -14.23 15.83 35.15
C LYS B 262 -14.74 15.98 33.71
N ILE B 263 -15.85 16.69 33.55
CA ILE B 263 -16.39 16.96 32.20
C ILE B 263 -15.47 17.98 31.57
N CYS B 264 -15.28 17.85 30.23
CA CYS B 264 -14.42 18.75 29.57
C CYS B 264 -14.84 18.81 28.10
N GLY B 265 -14.64 19.96 27.49
CA GLY B 265 -15.02 20.11 26.08
C GLY B 265 -13.91 20.86 25.39
N PRO B 266 -14.04 21.04 24.09
CA PRO B 266 -12.99 21.62 23.24
C PRO B 266 -12.41 22.93 23.83
N ALA B 267 -11.11 22.86 24.07
CA ALA B 267 -10.25 23.90 24.50
C ALA B 267 -10.22 24.10 25.99
N ASP B 268 -10.87 23.21 26.72
CA ASP B 268 -10.70 23.17 28.16
C ASP B 268 -9.29 22.67 28.48
N SER B 269 -8.68 23.26 29.50
CA SER B 269 -7.41 22.84 30.00
C SER B 269 -7.46 22.90 31.52
N PHE B 270 -7.14 21.77 32.13
CA PHE B 270 -6.91 21.73 33.58
C PHE B 270 -5.71 20.88 33.93
N GLY B 271 -5.31 20.95 35.17
CA GLY B 271 -4.29 20.05 35.66
C GLY B 271 -4.36 19.77 37.13
N PHE B 272 -3.46 18.87 37.52
CA PHE B 272 -3.41 18.45 38.93
C PHE B 272 -2.14 17.71 39.20
N GLN B 273 -1.85 17.55 40.50
CA GLN B 273 -0.77 16.71 40.96
C GLN B 273 -1.34 15.71 41.94
N ILE B 274 -0.95 14.46 41.78
CA ILE B 274 -1.42 13.37 42.65
C ILE B 274 -0.16 12.67 43.18
N ILE B 275 -0.31 11.97 44.30
CA ILE B 275 0.73 11.16 44.86
C ILE B 275 0.43 9.76 44.35
N ALA B 276 1.30 9.25 43.52
CA ALA B 276 1.08 7.98 42.91
C ALA B 276 0.81 6.86 43.92
N GLY B 277 -0.24 6.10 43.69
CA GLY B 277 -0.67 5.04 44.63
C GLY B 277 -1.05 5.46 46.04
N GLU B 278 -1.22 6.75 46.31
CA GLU B 278 -1.54 7.17 47.73
C GLU B 278 -2.78 6.54 48.24
N GLY B 279 -2.62 5.68 49.28
CA GLY B 279 -3.73 5.10 50.03
C GLY B 279 -4.23 3.90 49.30
N VAL B 280 -3.62 3.57 48.14
CA VAL B 280 -4.20 2.53 47.28
C VAL B 280 -3.18 1.49 46.77
N GLY B 281 -1.91 1.92 46.61
CA GLY B 281 -0.77 1.05 46.38
C GLY B 281 -0.49 0.89 44.88
N ALA B 282 0.38 -0.04 44.57
CA ALA B 282 0.81 -0.29 43.20
C ALA B 282 -0.25 -1.02 42.39
N GLY B 283 -0.12 -0.85 41.09
CA GLY B 283 -0.97 -1.52 40.11
C GLY B 283 -1.06 -0.73 38.82
N ALA B 284 -1.83 -1.33 37.91
CA ALA B 284 -2.04 -0.82 36.58
C ALA B 284 -3.36 -0.06 36.69
N TRP B 285 -3.25 1.23 37.00
CA TRP B 285 -4.44 2.08 37.23
C TRP B 285 -4.91 2.73 35.96
N MET B 286 -6.08 2.34 35.55
CA MET B 286 -6.70 2.85 34.34
C MET B 286 -7.06 4.29 34.48
N TYR B 287 -6.87 5.02 33.40
CA TYR B 287 -7.53 6.28 33.21
C TYR B 287 -8.27 6.16 31.90
N HIS B 288 -9.47 6.77 31.81
CA HIS B 288 -10.23 6.72 30.57
C HIS B 288 -11.24 7.86 30.47
N CYS B 289 -11.70 8.16 29.24
CA CYS B 289 -12.94 8.89 29.09
C CYS B 289 -14.06 7.92 29.59
N HIS B 290 -15.00 8.48 30.35
CA HIS B 290 -16.04 7.70 30.95
C HIS B 290 -17.33 7.76 30.16
N VAL B 291 -17.38 8.52 29.07
CA VAL B 291 -18.48 8.31 28.08
C VAL B 291 -18.31 6.94 27.60
N GLN B 292 -19.35 6.11 27.76
CA GLN B 292 -19.14 4.68 27.67
C GLN B 292 -18.58 4.16 26.31
N SER B 293 -19.18 4.61 25.18
CA SER B 293 -18.70 4.23 23.85
C SER B 293 -17.32 4.74 23.59
N HIS B 294 -16.95 5.88 24.20
CA HIS B 294 -15.61 6.39 23.99
C HIS B 294 -14.51 5.48 24.58
N SER B 295 -14.73 5.04 25.83
CA SER B 295 -13.86 4.04 26.49
C SER B 295 -13.90 2.76 25.68
N ASP B 296 -15.06 2.34 25.23
CA ASP B 296 -15.14 1.11 24.43
C ASP B 296 -14.36 1.25 23.09
N MET B 297 -14.36 2.44 22.50
CA MET B 297 -13.63 2.71 21.27
C MET B 297 -12.23 3.27 21.36
N GLY B 298 -11.60 3.16 22.51
CA GLY B 298 -10.12 3.30 22.58
C GLY B 298 -9.61 4.36 23.49
N MET B 299 -10.49 5.15 24.09
CA MET B 299 -10.06 6.32 24.91
C MET B 299 -9.71 5.89 26.35
N VAL B 300 -8.64 5.10 26.42
N VAL B 300 -8.69 5.03 26.44
CA VAL B 300 -8.21 4.42 27.63
CA VAL B 300 -8.28 4.45 27.72
C VAL B 300 -6.70 4.43 27.66
C VAL B 300 -6.77 4.32 27.69
N GLY B 301 -6.13 4.49 28.86
CA GLY B 301 -4.71 4.23 29.04
C GLY B 301 -4.48 3.80 30.46
N LEU B 302 -3.19 3.66 30.82
CA LEU B 302 -2.78 3.13 32.11
C LEU B 302 -1.76 4.00 32.74
N PHE B 303 -1.99 4.22 34.03
CA PHE B 303 -1.08 4.79 34.98
C PHE B 303 -0.50 3.63 35.78
N LEU B 304 0.72 3.27 35.40
CA LEU B 304 1.33 2.06 35.86
C LEU B 304 2.19 2.48 37.04
N VAL B 305 1.67 2.25 38.23
CA VAL B 305 2.34 2.65 39.44
C VAL B 305 3.05 1.41 40.00
N LYS B 306 4.34 1.56 40.15
CA LYS B 306 5.26 0.47 40.49
C LYS B 306 5.61 0.53 41.96
N LYS B 307 5.83 -0.65 42.55
CA LYS B 307 6.50 -0.69 43.86
C LYS B 307 7.93 -0.17 43.74
N PRO B 308 8.55 0.19 44.88
CA PRO B 308 9.98 0.56 44.86
C PRO B 308 10.88 -0.49 44.22
N ASP B 309 10.56 -1.79 44.31
CA ASP B 309 11.35 -2.78 43.55
C ASP B 309 11.06 -2.85 42.03
N GLY B 310 10.20 -1.98 41.53
CA GLY B 310 9.91 -1.94 40.09
C GLY B 310 8.75 -2.79 39.63
N THR B 311 8.11 -3.52 40.54
CA THR B 311 7.08 -4.44 40.16
C THR B 311 5.65 -3.88 40.31
N ILE B 312 4.75 -4.48 39.56
CA ILE B 312 3.34 -4.14 39.49
C ILE B 312 2.59 -5.49 39.63
N PRO B 313 2.26 -5.88 40.86
CA PRO B 313 1.72 -7.26 40.97
C PRO B 313 0.37 -7.41 40.26
N GLY B 314 0.24 -8.53 39.58
CA GLY B 314 -0.95 -8.88 38.82
C GLY B 314 -0.96 -8.37 37.38
N TYR B 315 -0.13 -7.37 37.09
CA TYR B 315 -0.19 -6.73 35.80
C TYR B 315 0.18 -7.69 34.68
N ASP B 316 -0.79 -7.93 33.81
CA ASP B 316 -0.67 -8.74 32.62
C ASP B 316 -1.21 -7.96 31.44
N PRO B 317 -0.32 -7.46 30.58
CA PRO B 317 -0.85 -6.59 29.50
C PRO B 317 -1.79 -7.31 28.57
N GLN B 318 -1.66 -8.63 28.50
CA GLN B 318 -2.58 -9.39 27.65
C GLN B 318 -4.03 -9.29 28.16
N GLU B 319 -4.23 -9.08 29.46
CA GLU B 319 -5.58 -8.91 30.00
C GLU B 319 -6.16 -7.50 29.78
N HIS B 320 -5.33 -6.52 29.37
CA HIS B 320 -5.78 -5.13 29.09
C HIS B 320 -6.16 -4.84 27.62
N GLY C 41 -19.73 52.84 40.93
CA GLY C 41 -18.95 52.33 42.10
C GLY C 41 -19.32 50.93 42.58
N ALA C 42 -20.17 50.84 43.62
CA ALA C 42 -20.57 49.55 44.21
C ALA C 42 -22.08 49.44 44.45
N ALA C 43 -22.61 48.23 44.35
CA ALA C 43 -23.99 47.95 44.51
C ALA C 43 -24.43 48.27 45.95
N PRO C 44 -25.60 48.90 46.12
CA PRO C 44 -26.09 49.06 47.48
C PRO C 44 -26.86 47.84 47.96
N ALA C 45 -27.19 47.82 49.26
CA ALA C 45 -28.09 46.79 49.78
C ALA C 45 -29.40 47.03 49.10
N GLY C 46 -30.18 45.95 48.96
CA GLY C 46 -31.39 46.02 48.20
C GLY C 46 -32.54 46.06 49.16
N GLY C 47 -33.72 45.83 48.63
CA GLY C 47 -34.91 45.89 49.40
C GLY C 47 -35.94 46.83 48.84
N GLU C 48 -35.82 47.27 47.58
CA GLU C 48 -36.87 48.02 46.89
C GLU C 48 -37.86 47.08 46.27
N VAL C 49 -39.14 47.49 46.24
CA VAL C 49 -40.13 46.78 45.47
C VAL C 49 -40.25 47.49 44.12
N ARG C 50 -39.97 46.75 43.05
CA ARG C 50 -39.88 47.34 41.71
C ARG C 50 -40.98 46.75 40.89
N ARG C 51 -41.42 47.47 39.86
CA ARG C 51 -42.49 47.01 39.01
C ARG C 51 -42.05 47.30 37.59
N VAL C 52 -42.33 46.39 36.66
CA VAL C 52 -41.98 46.62 35.26
C VAL C 52 -43.07 45.93 34.39
N THR C 53 -43.37 46.51 33.24
CA THR C 53 -44.24 45.89 32.25
C THR C 53 -43.34 45.16 31.25
N LEU C 54 -43.71 43.95 30.89
CA LEU C 54 -43.01 43.18 29.89
C LEU C 54 -44.01 42.64 28.93
N TYR C 55 -43.61 42.59 27.66
CA TYR C 55 -44.47 42.09 26.61
C TYR C 55 -43.79 41.04 25.76
N ALA C 56 -44.52 39.99 25.38
CA ALA C 56 -44.09 39.10 24.30
C ALA C 56 -44.72 39.52 22.95
N GLU C 57 -43.89 39.73 21.95
CA GLU C 57 -44.34 40.09 20.59
C GLU C 57 -43.54 39.38 19.50
N ARG C 58 -44.14 39.37 18.31
CA ARG C 58 -43.57 38.77 17.11
C ARG C 58 -42.56 39.79 16.56
N LEU C 59 -41.38 39.31 16.15
CA LEU C 59 -40.34 40.15 15.57
C LEU C 59 -40.22 39.71 14.13
N ALA C 60 -39.39 40.41 13.38
CA ALA C 60 -39.11 40.08 11.98
C ALA C 60 -38.63 38.62 11.75
N GLY C 61 -39.09 38.01 10.68
CA GLY C 61 -38.65 36.69 10.34
C GLY C 61 -39.14 35.60 11.29
N GLY C 62 -40.27 35.87 11.98
CA GLY C 62 -40.93 34.85 12.79
C GLY C 62 -40.31 34.62 14.17
N GLN C 63 -39.34 35.42 14.54
CA GLN C 63 -38.81 35.39 15.90
C GLN C 63 -39.80 35.94 16.90
N LEU C 64 -39.55 35.64 18.16
CA LEU C 64 -40.45 36.04 19.22
C LEU C 64 -39.58 36.61 20.29
N GLY C 65 -40.00 37.72 20.88
CA GLY C 65 -39.12 38.36 21.83
C GLY C 65 -39.88 39.06 22.93
N TYR C 66 -39.18 39.21 24.06
CA TYR C 66 -39.60 40.08 25.16
C TYR C 66 -39.16 41.56 24.99
N GLY C 67 -40.03 42.47 25.42
CA GLY C 67 -39.74 43.89 25.43
C GLY C 67 -40.35 44.67 26.59
N LEU C 68 -39.78 45.83 26.87
CA LEU C 68 -40.29 46.70 27.95
C LEU C 68 -41.51 47.52 27.54
N GLU C 69 -41.66 47.71 26.24
CA GLU C 69 -42.73 48.49 25.67
C GLU C 69 -43.11 47.77 24.40
N LYS C 70 -44.38 47.86 24.02
CA LYS C 70 -44.83 47.35 22.73
C LYS C 70 -44.02 47.96 21.58
N GLY C 71 -43.58 47.13 20.64
CA GLY C 71 -42.68 47.58 19.55
C GLY C 71 -41.20 47.63 19.90
N LYS C 72 -40.82 47.28 21.13
CA LYS C 72 -39.43 47.35 21.51
C LYS C 72 -38.87 45.99 22.00
N ALA C 73 -39.46 44.89 21.57
CA ALA C 73 -38.98 43.56 21.95
C ALA C 73 -37.61 43.38 21.32
N SER C 74 -36.77 42.61 21.97
CA SER C 74 -35.41 42.39 21.55
C SER C 74 -35.05 40.92 21.85
N ILE C 75 -34.02 40.44 21.20
CA ILE C 75 -33.43 39.12 21.49
C ILE C 75 -31.95 39.30 21.66
N PRO C 76 -31.38 38.99 22.81
CA PRO C 76 -32.08 38.70 24.06
C PRO C 76 -33.00 39.80 24.55
N GLY C 77 -33.91 39.40 25.42
CA GLY C 77 -34.83 40.30 26.04
C GLY C 77 -34.12 41.33 26.88
N PRO C 78 -34.87 42.32 27.37
CA PRO C 78 -34.24 43.32 28.22
C PRO C 78 -33.55 42.77 29.49
N LEU C 79 -32.45 43.40 29.83
CA LEU C 79 -31.74 43.06 31.01
C LEU C 79 -32.42 43.59 32.27
N ILE C 80 -32.76 42.68 33.15
CA ILE C 80 -33.29 42.99 34.46
C ILE C 80 -32.17 42.89 35.49
N GLU C 81 -32.06 43.96 36.28
CA GLU C 81 -31.04 44.11 37.31
C GLU C 81 -31.64 44.43 38.69
N LEU C 82 -31.26 43.67 39.68
CA LEU C 82 -31.79 43.83 41.04
C LEU C 82 -30.66 43.69 42.05
N ASN C 83 -30.91 44.19 43.25
CA ASN C 83 -29.98 44.05 44.37
C ASN C 83 -30.63 43.10 45.31
N GLU C 84 -29.90 42.15 45.90
CA GLU C 84 -30.46 41.18 46.83
C GLU C 84 -31.37 41.89 47.88
N GLY C 85 -32.56 41.35 48.16
CA GLY C 85 -33.59 42.06 48.98
C GLY C 85 -34.72 42.61 48.14
N ASP C 86 -34.38 43.03 46.91
CA ASP C 86 -35.41 43.57 46.01
C ASP C 86 -36.48 42.59 45.60
N THR C 87 -37.66 43.14 45.31
CA THR C 87 -38.79 42.39 44.79
C THR C 87 -39.11 42.98 43.46
N LEU C 88 -39.57 42.16 42.51
CA LEU C 88 -39.94 42.67 41.17
C LEU C 88 -41.20 41.99 40.77
N HIS C 89 -42.20 42.81 40.45
CA HIS C 89 -43.49 42.34 40.01
C HIS C 89 -43.42 42.68 38.53
N VAL C 90 -43.53 41.65 37.70
CA VAL C 90 -43.50 41.79 36.25
C VAL C 90 -44.88 41.70 35.71
N GLU C 91 -45.35 42.82 35.19
CA GLU C 91 -46.67 42.85 34.62
C GLU C 91 -46.52 42.45 33.17
N PHE C 92 -46.89 41.23 32.87
CA PHE C 92 -46.57 40.59 31.62
C PHE C 92 -47.81 40.54 30.75
N GLU C 93 -47.67 40.99 29.51
CA GLU C 93 -48.78 40.86 28.55
C GLU C 93 -48.33 39.97 27.40
N ASN C 94 -49.15 39.01 27.05
CA ASN C 94 -48.92 38.18 25.86
C ASN C 94 -49.69 38.67 24.61
N THR C 95 -49.00 39.23 23.63
CA THR C 95 -49.64 39.63 22.32
C THR C 95 -49.61 38.57 21.18
N LEU C 96 -49.14 37.34 21.47
CA LEU C 96 -49.07 36.25 20.47
C LEU C 96 -50.38 35.54 20.37
N ASP C 97 -50.50 34.73 19.32
CA ASP C 97 -51.64 33.82 19.12
C ASP C 97 -51.46 32.49 19.82
N VAL C 98 -50.42 32.35 20.64
CA VAL C 98 -50.28 31.15 21.43
C VAL C 98 -50.01 31.53 22.90
N PRO C 99 -50.30 30.62 23.83
CA PRO C 99 -49.88 30.82 25.23
C PRO C 99 -48.36 31.02 25.30
N VAL C 100 -47.95 31.85 26.23
CA VAL C 100 -46.55 32.10 26.50
CA VAL C 100 -46.55 32.19 26.49
C VAL C 100 -46.45 32.27 28.00
N SER C 101 -45.25 32.11 28.54
CA SER C 101 -45.05 32.29 29.97
C SER C 101 -43.72 32.96 30.25
N LEU C 102 -43.46 33.20 31.53
CA LEU C 102 -42.20 33.72 31.98
C LEU C 102 -41.73 32.86 33.15
N HIS C 103 -40.54 32.25 33.00
CA HIS C 103 -39.92 31.44 34.04
C HIS C 103 -38.51 31.98 34.29
N VAL C 104 -38.14 32.04 35.58
CA VAL C 104 -36.90 32.58 35.96
C VAL C 104 -36.06 31.54 36.76
N HIS C 105 -34.77 31.49 36.40
CA HIS C 105 -33.78 30.80 37.18
C HIS C 105 -33.31 31.62 38.36
N GLY C 106 -33.03 30.93 39.46
CA GLY C 106 -32.22 31.49 40.54
C GLY C 106 -33.01 32.25 41.60
N LEU C 107 -33.94 33.07 41.15
CA LEU C 107 -34.64 33.93 42.11
C LEU C 107 -35.76 33.19 42.84
N ASP C 108 -36.24 33.81 43.91
CA ASP C 108 -37.31 33.19 44.69
C ASP C 108 -38.64 33.54 44.03
N TYR C 109 -39.54 32.58 43.95
CA TYR C 109 -40.87 32.85 43.49
C TYR C 109 -41.73 31.75 44.06
N GLU C 110 -43.01 32.06 44.26
CA GLU C 110 -43.96 31.07 44.61
C GLU C 110 -44.45 30.34 43.38
N ILE C 111 -45.11 29.24 43.67
CA ILE C 111 -45.59 28.35 42.66
C ILE C 111 -46.47 29.01 41.60
N SER C 112 -47.27 29.99 42.01
CA SER C 112 -48.19 30.65 41.09
C SER C 112 -47.40 31.58 40.15
N SER C 113 -46.11 31.79 40.41
CA SER C 113 -45.24 32.41 39.42
C SER C 113 -44.13 31.46 38.82
N ASP C 114 -44.31 30.14 38.75
CA ASP C 114 -43.22 29.32 38.13
C ASP C 114 -43.26 29.31 36.60
N GLY C 115 -44.29 29.93 36.03
CA GLY C 115 -44.42 30.08 34.57
C GLY C 115 -44.69 28.82 33.76
N THR C 116 -45.30 27.82 34.40
CA THR C 116 -45.55 26.52 33.80
C THR C 116 -47.04 26.32 33.69
N LYS C 117 -47.44 25.53 32.70
CA LYS C 117 -48.76 24.88 32.60
C LYS C 117 -49.10 24.08 33.83
N GLN C 118 -48.12 23.35 34.36
CA GLN C 118 -48.28 22.47 35.54
C GLN C 118 -48.92 23.26 36.66
N ASN C 119 -48.43 24.47 36.90
CA ASN C 119 -48.96 25.31 37.99
C ASN C 119 -49.78 26.50 37.50
N LYS C 120 -50.36 26.30 36.32
CA LYS C 120 -51.28 27.24 35.70
C LYS C 120 -50.80 28.65 35.72
N SER C 121 -49.54 28.89 35.38
CA SER C 121 -49.02 30.25 35.39
C SER C 121 -48.48 30.64 34.02
N HIS C 122 -49.13 30.09 32.99
CA HIS C 122 -48.95 30.51 31.57
C HIS C 122 -50.00 31.55 31.22
N VAL C 123 -49.75 32.40 30.23
CA VAL C 123 -50.67 33.47 29.86
C VAL C 123 -51.26 33.17 28.50
N GLU C 124 -52.61 33.07 28.47
CA GLU C 124 -53.37 32.81 27.25
C GLU C 124 -53.10 33.93 26.26
N PRO C 125 -53.33 33.68 24.96
CA PRO C 125 -53.17 34.72 23.96
C PRO C 125 -54.02 35.95 24.29
N GLY C 126 -53.39 37.12 24.22
CA GLY C 126 -54.01 38.40 24.53
C GLY C 126 -53.99 38.74 25.99
N GLY C 127 -53.65 37.78 26.84
CA GLY C 127 -53.83 37.94 28.28
C GLY C 127 -52.73 38.66 28.98
N THR C 128 -52.98 38.88 30.26
N THR C 128 -53.00 38.99 30.23
CA THR C 128 -52.09 39.61 31.14
CA THR C 128 -51.99 39.57 31.11
C THR C 128 -51.93 38.78 32.42
C THR C 128 -51.89 38.75 32.37
N ARG C 129 -50.80 38.95 33.10
CA ARG C 129 -50.55 38.28 34.37
C ARG C 129 -49.40 38.99 35.01
N THR C 130 -49.47 39.16 36.31
CA THR C 130 -48.33 39.66 37.13
C THR C 130 -47.57 38.52 37.73
N TYR C 131 -46.28 38.49 37.39
CA TYR C 131 -45.35 37.54 38.00
C TYR C 131 -44.59 38.24 39.06
N THR C 132 -44.40 37.57 40.17
CA THR C 132 -43.63 38.12 41.26
C THR C 132 -42.32 37.41 41.49
N TRP C 133 -41.22 38.15 41.43
CA TRP C 133 -39.92 37.59 41.71
C TRP C 133 -39.38 38.24 42.97
N ARG C 134 -38.88 37.43 43.88
CA ARG C 134 -38.24 37.98 45.09
C ARG C 134 -36.80 37.51 45.19
N THR C 135 -36.03 38.19 46.03
CA THR C 135 -34.63 37.87 46.22
C THR C 135 -34.26 38.15 47.66
N HIS C 136 -33.25 37.44 48.15
CA HIS C 136 -32.91 37.49 49.55
C HIS C 136 -31.42 37.55 49.68
N GLU C 137 -30.98 38.12 50.80
CA GLU C 137 -29.58 38.20 51.19
C GLU C 137 -29.14 36.90 51.81
N PRO C 138 -27.83 36.62 51.84
CA PRO C 138 -27.39 35.45 52.61
C PRO C 138 -27.39 35.74 54.12
N GLY C 139 -27.36 34.72 54.92
CA GLY C 139 -27.21 34.85 56.36
C GLY C 139 -27.17 33.47 57.02
N ARG C 140 -26.79 33.46 58.30
CA ARG C 140 -26.68 32.21 59.00
C ARG C 140 -28.06 31.75 59.44
N ARG C 141 -28.36 30.47 59.26
CA ARG C 141 -29.57 29.93 59.85
C ARG C 141 -29.26 29.47 61.30
N ALA C 142 -30.31 29.19 62.06
CA ALA C 142 -30.19 28.76 63.45
C ALA C 142 -29.38 27.47 63.63
N ASP C 143 -29.48 26.54 62.68
CA ASP C 143 -28.70 25.31 62.72
C ASP C 143 -27.19 25.54 62.49
N GLY C 144 -26.75 26.79 62.29
CA GLY C 144 -25.32 27.09 62.06
C GLY C 144 -24.96 27.16 60.59
N THR C 145 -25.80 26.58 59.73
CA THR C 145 -25.57 26.61 58.27
C THR C 145 -25.94 27.97 57.58
N TRP C 146 -25.28 28.24 56.45
CA TRP C 146 -25.33 29.53 55.81
C TRP C 146 -26.27 29.39 54.63
N ARG C 147 -27.30 30.23 54.59
CA ARG C 147 -28.27 30.26 53.48
C ARG C 147 -27.67 31.15 52.42
N ALA C 148 -27.53 30.61 51.21
CA ALA C 148 -26.95 31.39 50.14
C ALA C 148 -27.96 32.40 49.71
N GLY C 149 -27.49 33.56 49.32
CA GLY C 149 -28.35 34.62 48.82
C GLY C 149 -28.73 34.34 47.40
N SER C 150 -29.50 35.25 46.83
CA SER C 150 -29.99 35.16 45.47
C SER C 150 -29.03 35.61 44.44
N ALA C 151 -27.94 36.21 44.84
CA ALA C 151 -27.13 36.92 43.92
C ALA C 151 -26.58 35.97 42.89
N GLY C 152 -26.41 36.49 41.66
CA GLY C 152 -25.84 35.68 40.56
C GLY C 152 -26.25 36.22 39.20
N TYR C 153 -25.73 35.53 38.19
CA TYR C 153 -26.05 35.78 36.81
C TYR C 153 -27.04 34.71 36.38
N TRP C 154 -28.28 35.17 36.23
CA TRP C 154 -29.41 34.35 35.97
C TRP C 154 -30.12 34.76 34.66
N HIS C 155 -31.31 34.23 34.43
CA HIS C 155 -31.93 34.41 33.17
C HIS C 155 -33.38 34.02 33.31
N TYR C 156 -34.17 34.55 32.42
CA TYR C 156 -35.58 34.16 32.27
C TYR C 156 -35.91 33.71 30.86
N HIS C 157 -36.92 32.86 30.74
CA HIS C 157 -37.40 32.45 29.45
C HIS C 157 -38.81 31.90 29.47
N ASP C 158 -39.34 31.67 28.26
CA ASP C 158 -40.64 31.04 28.07
C ASP C 158 -40.59 29.56 28.41
N HIS C 159 -41.72 29.06 28.90
CA HIS C 159 -41.87 27.65 29.26
C HIS C 159 -43.05 26.93 28.57
N VAL C 160 -43.72 27.54 27.61
CA VAL C 160 -44.89 26.88 27.00
C VAL C 160 -45.01 27.00 25.48
N VAL C 161 -44.16 27.72 24.78
CA VAL C 161 -44.35 27.82 23.34
C VAL C 161 -43.70 26.60 22.71
N GLY C 162 -44.42 25.94 21.78
CA GLY C 162 -43.96 24.68 21.17
C GLY C 162 -44.16 23.43 22.01
N THR C 163 -43.57 23.40 23.21
CA THR C 163 -43.74 22.31 24.20
C THR C 163 -43.94 22.91 25.56
N GLU C 164 -44.22 22.05 26.53
CA GLU C 164 -44.35 22.42 27.92
C GLU C 164 -43.04 22.66 28.67
N HIS C 165 -41.92 22.63 27.94
CA HIS C 165 -40.64 23.14 28.44
C HIS C 165 -40.11 24.35 27.67
N GLY C 166 -40.98 24.96 26.86
CA GLY C 166 -40.69 26.20 26.20
C GLY C 166 -39.74 25.98 25.01
N THR C 167 -39.66 24.78 24.50
CA THR C 167 -38.66 24.56 23.43
C THR C 167 -38.75 25.51 22.24
N GLY C 168 -39.95 25.71 21.75
CA GLY C 168 -40.15 26.61 20.62
C GLY C 168 -40.04 28.05 20.97
N GLY C 169 -40.49 28.40 22.17
CA GLY C 169 -40.24 29.77 22.70
C GLY C 169 -38.79 30.18 22.78
N ILE C 170 -38.02 29.29 23.40
CA ILE C 170 -36.65 29.52 23.62
C ILE C 170 -35.95 29.62 22.22
N ARG C 171 -36.26 28.65 21.35
CA ARG C 171 -35.66 28.67 20.03
C ARG C 171 -35.92 29.97 19.27
N ASN C 172 -37.14 30.50 19.40
CA ASN C 172 -37.56 31.70 18.68
C ASN C 172 -37.09 32.99 19.26
N GLY C 173 -36.51 32.98 20.47
CA GLY C 173 -35.94 34.21 21.05
C GLY C 173 -36.45 34.71 22.40
N LEU C 174 -37.37 33.96 23.02
CA LEU C 174 -37.99 34.29 24.30
C LEU C 174 -37.07 33.94 25.48
N TYR C 175 -36.02 34.73 25.64
CA TYR C 175 -35.06 34.53 26.73
C TYR C 175 -34.40 35.85 26.95
N GLY C 176 -33.98 36.06 28.17
CA GLY C 176 -33.19 37.24 28.50
C GLY C 176 -32.50 37.13 29.85
N PRO C 177 -31.60 38.06 30.14
CA PRO C 177 -30.76 37.98 31.35
C PRO C 177 -31.32 38.71 32.57
N VAL C 178 -30.93 38.23 33.77
CA VAL C 178 -31.31 38.85 35.04
C VAL C 178 -30.07 38.80 35.87
N ILE C 179 -29.64 39.92 36.39
CA ILE C 179 -28.50 39.98 37.27
C ILE C 179 -29.03 40.40 38.66
N VAL C 180 -28.66 39.65 39.67
CA VAL C 180 -28.94 40.00 41.07
C VAL C 180 -27.60 40.28 41.74
N ARG C 181 -27.40 41.52 42.15
CA ARG C 181 -26.18 41.94 42.82
C ARG C 181 -26.26 41.84 44.35
N ARG C 182 -25.10 41.59 44.91
CA ARG C 182 -24.90 41.57 46.34
C ARG C 182 -24.33 42.90 46.75
N LYS C 183 -24.68 43.35 47.96
CA LYS C 183 -24.11 44.60 48.45
C LYS C 183 -22.61 44.63 48.35
N GLY C 184 -22.07 45.70 47.81
CA GLY C 184 -20.62 45.80 47.66
C GLY C 184 -20.03 45.28 46.33
N ASP C 185 -20.85 44.66 45.45
CA ASP C 185 -20.36 44.16 44.15
C ASP C 185 -19.98 45.36 43.30
N VAL C 186 -18.85 45.24 42.61
CA VAL C 186 -18.38 46.27 41.72
C VAL C 186 -19.31 46.40 40.54
N LEU C 187 -19.57 47.64 40.13
CA LEU C 187 -20.46 47.92 39.05
C LEU C 187 -19.64 48.14 37.79
N PRO C 188 -20.12 47.67 36.64
CA PRO C 188 -19.35 47.82 35.40
C PRO C 188 -19.70 49.09 34.63
N ASP C 189 -18.83 49.44 33.70
CA ASP C 189 -19.07 50.53 32.77
C ASP C 189 -20.07 50.12 31.75
N ALA C 190 -20.12 48.83 31.39
CA ALA C 190 -21.19 48.32 30.46
C ALA C 190 -21.43 46.84 30.68
N THR C 191 -22.63 46.38 30.32
CA THR C 191 -23.00 44.98 30.36
C THR C 191 -23.38 44.50 28.99
N HIS C 192 -22.80 43.36 28.56
CA HIS C 192 -23.21 42.73 27.28
C HIS C 192 -23.65 41.27 27.51
N THR C 193 -24.74 40.86 26.84
CA THR C 193 -25.34 39.56 26.96
C THR C 193 -25.06 38.74 25.73
N ILE C 194 -24.46 37.58 25.96
CA ILE C 194 -24.10 36.64 24.90
C ILE C 194 -24.83 35.33 25.18
N VAL C 195 -25.75 34.95 24.30
CA VAL C 195 -26.46 33.72 24.42
C VAL C 195 -26.15 32.78 23.24
N PHE C 196 -25.70 31.60 23.57
CA PHE C 196 -25.48 30.55 22.62
C PHE C 196 -26.77 29.75 22.64
N ASN C 197 -27.62 29.98 21.65
CA ASN C 197 -28.90 29.34 21.49
C ASN C 197 -28.81 28.40 20.31
N ASP C 198 -28.71 27.11 20.58
CA ASP C 198 -28.43 26.04 19.58
C ASP C 198 -27.19 26.46 18.86
N MET C 199 -27.20 26.63 17.55
CA MET C 199 -25.97 26.97 16.82
C MET C 199 -25.92 28.44 16.48
N THR C 200 -26.65 29.27 17.20
CA THR C 200 -26.63 30.73 16.95
C THR C 200 -26.09 31.48 18.16
N ILE C 201 -25.62 32.70 17.93
CA ILE C 201 -25.42 33.63 19.03
C ILE C 201 -26.54 34.66 18.97
N ASN C 202 -27.39 34.70 19.99
CA ASN C 202 -28.47 35.65 20.09
C ASN C 202 -29.41 35.56 18.90
N ASN C 203 -29.60 34.35 18.41
CA ASN C 203 -30.48 34.08 17.29
C ASN C 203 -30.03 34.73 16.01
N ARG C 204 -28.80 35.17 15.93
CA ARG C 204 -28.32 35.84 14.72
C ARG C 204 -27.84 34.87 13.63
N PRO C 205 -27.82 35.35 12.39
CA PRO C 205 -27.30 34.49 11.32
C PRO C 205 -25.85 34.15 11.53
N ALA C 206 -25.42 33.05 10.95
CA ALA C 206 -24.03 32.69 11.09
C ALA C 206 -23.06 33.83 10.68
N HIS C 207 -21.98 33.96 11.43
CA HIS C 207 -20.90 34.94 11.17
C HIS C 207 -21.36 36.37 11.14
N THR C 208 -22.31 36.72 12.00
CA THR C 208 -22.75 38.13 12.14
C THR C 208 -22.59 38.60 13.56
N GLY C 209 -21.63 38.08 14.27
CA GLY C 209 -21.41 38.54 15.65
C GLY C 209 -22.49 38.05 16.59
N PRO C 210 -22.97 38.87 17.52
CA PRO C 210 -22.67 40.29 17.65
C PRO C 210 -21.24 40.73 18.01
N ASN C 211 -20.92 41.96 17.67
CA ASN C 211 -19.70 42.59 18.11
C ASN C 211 -20.05 43.57 19.24
N PHE C 212 -19.13 43.80 20.17
CA PHE C 212 -19.42 44.68 21.33
C PHE C 212 -18.19 45.54 21.41
N GLU C 213 -18.36 46.84 21.55
CA GLU C 213 -17.24 47.78 21.59
C GLU C 213 -16.91 48.21 23.03
N ALA C 214 -15.64 48.42 23.36
CA ALA C 214 -15.26 49.04 24.66
C ALA C 214 -14.00 49.82 24.46
N THR C 215 -13.62 50.62 25.42
CA THR C 215 -12.34 51.30 25.29
C THR C 215 -11.35 50.64 26.26
N VAL C 216 -10.07 50.61 25.93
CA VAL C 216 -9.09 50.04 26.83
C VAL C 216 -9.30 50.60 28.24
N GLY C 217 -9.21 49.76 29.27
CA GLY C 217 -9.48 50.13 30.69
C GLY C 217 -10.93 50.07 31.11
N ASP C 218 -11.88 50.09 30.16
CA ASP C 218 -13.26 49.93 30.59
C ASP C 218 -13.47 48.67 31.42
N ARG C 219 -14.36 48.77 32.42
CA ARG C 219 -14.85 47.61 33.20
C ARG C 219 -16.10 47.04 32.52
N VAL C 220 -15.94 45.85 31.93
CA VAL C 220 -16.95 45.29 31.03
C VAL C 220 -17.52 44.00 31.60
N GLU C 221 -18.82 43.93 31.64
CA GLU C 221 -19.48 42.79 32.22
C GLU C 221 -20.07 42.04 31.06
N ILE C 222 -19.88 40.71 31.09
CA ILE C 222 -20.50 39.78 30.18
C ILE C 222 -21.43 38.87 30.92
N VAL C 223 -22.64 38.75 30.41
CA VAL C 223 -23.57 37.75 30.88
C VAL C 223 -23.62 36.69 29.76
N MET C 224 -23.38 35.45 30.13
CA MET C 224 -23.28 34.35 29.19
C MET C 224 -24.27 33.25 29.54
N ILE C 225 -25.21 33.07 28.63
CA ILE C 225 -26.28 32.12 28.86
C ILE C 225 -26.25 31.12 27.66
N THR C 226 -26.66 29.91 27.94
CA THR C 226 -26.78 28.86 26.95
C THR C 226 -28.18 28.31 26.95
N HIS C 227 -28.67 27.98 25.75
CA HIS C 227 -29.98 27.40 25.51
C HIS C 227 -29.99 26.36 24.40
N GLY C 228 -30.95 25.47 24.52
CA GLY C 228 -31.36 24.60 23.43
C GLY C 228 -30.91 23.16 23.65
N GLU C 229 -30.26 22.59 22.64
CA GLU C 229 -29.97 21.17 22.56
C GLU C 229 -28.50 20.84 22.80
N TYR C 230 -27.59 21.78 22.53
CA TYR C 230 -26.18 21.44 22.44
C TYR C 230 -25.27 21.98 23.54
N TYR C 231 -24.19 21.26 23.89
CA TYR C 231 -23.09 21.83 24.69
C TYR C 231 -22.20 22.75 23.82
N HIS C 232 -21.53 23.69 24.48
CA HIS C 232 -20.67 24.63 23.82
C HIS C 232 -19.46 24.92 24.74
N THR C 233 -18.45 25.63 24.25
CA THR C 233 -17.41 26.09 25.15
C THR C 233 -17.18 27.53 24.79
N PHE C 234 -17.40 28.43 25.73
CA PHE C 234 -17.26 29.87 25.48
C PHE C 234 -15.80 30.26 25.68
N HIS C 235 -15.14 30.88 24.68
CA HIS C 235 -13.80 31.32 24.77
C HIS C 235 -13.65 32.80 24.38
N MET C 236 -12.80 33.58 25.07
CA MET C 236 -12.41 34.93 24.58
C MET C 236 -10.94 35.05 24.40
N HIS C 237 -10.49 35.57 23.28
CA HIS C 237 -9.06 35.87 23.14
C HIS C 237 -8.66 37.06 24.02
N GLY C 238 -7.43 37.03 24.52
CA GLY C 238 -6.83 38.16 25.21
C GLY C 238 -7.34 38.47 26.63
N HIS C 239 -8.28 37.70 27.14
CA HIS C 239 -8.96 38.02 28.37
C HIS C 239 -9.26 36.71 29.12
N ARG C 240 -9.31 36.80 30.45
CA ARG C 240 -9.61 35.69 31.29
C ARG C 240 -10.38 36.15 32.52
N TRP C 241 -11.09 35.21 33.17
CA TRP C 241 -11.90 35.55 34.28
C TRP C 241 -11.92 34.41 35.27
N ALA C 242 -12.48 34.65 36.42
CA ALA C 242 -12.53 33.64 37.45
C ALA C 242 -13.84 32.93 37.38
N ASP C 243 -13.81 31.61 37.51
CA ASP C 243 -14.99 30.74 37.38
C ASP C 243 -15.69 30.70 38.72
N ASN C 244 -16.16 31.86 39.14
CA ASN C 244 -16.97 31.97 40.36
C ASN C 244 -18.12 32.94 40.10
N ARG C 245 -18.75 33.46 41.17
CA ARG C 245 -20.04 34.16 40.97
C ARG C 245 -19.84 35.40 40.14
N THR C 246 -18.88 36.24 40.57
CA THR C 246 -18.68 37.54 39.99
C THR C 246 -17.70 37.54 38.83
N GLY C 247 -16.96 36.44 38.68
CA GLY C 247 -15.93 36.40 37.69
C GLY C 247 -14.65 37.08 38.07
N MET C 248 -14.58 37.58 39.31
N MET C 248 -14.62 37.58 39.32
CA MET C 248 -13.37 38.19 39.83
CA MET C 248 -13.51 38.33 39.89
C MET C 248 -12.99 37.49 41.11
C MET C 248 -13.05 37.56 41.12
N LEU C 249 -11.68 37.38 41.31
N LEU C 249 -11.74 37.44 41.26
CA LEU C 249 -11.13 36.82 42.51
CA LEU C 249 -11.17 36.88 42.48
C LEU C 249 -11.34 37.83 43.64
C LEU C 249 -11.45 37.85 43.60
N THR C 250 -11.75 37.32 44.79
CA THR C 250 -12.04 38.13 45.91
C THR C 250 -10.73 38.61 46.53
N GLY C 251 -9.64 37.95 46.23
CA GLY C 251 -8.33 38.37 46.72
C GLY C 251 -7.35 37.21 46.63
N PRO C 252 -6.20 37.32 47.29
CA PRO C 252 -5.14 36.32 47.17
C PRO C 252 -5.43 34.96 47.81
N ASP C 253 -6.47 34.84 48.63
CA ASP C 253 -6.84 33.55 49.18
C ASP C 253 -8.02 32.96 48.43
N ASP C 254 -8.45 33.59 47.33
CA ASP C 254 -9.58 33.05 46.57
C ASP C 254 -9.04 31.91 45.73
N PRO C 255 -9.52 30.69 45.98
CA PRO C 255 -9.00 29.57 45.19
C PRO C 255 -9.79 29.30 43.87
N SER C 256 -10.75 30.15 43.54
CA SER C 256 -11.49 30.07 42.26
C SER C 256 -10.49 29.99 41.10
N GLN C 257 -10.76 29.11 40.16
CA GLN C 257 -9.92 28.98 38.98
C GLN C 257 -10.03 30.13 38.03
N VAL C 258 -8.93 30.38 37.34
CA VAL C 258 -8.91 31.45 36.35
C VAL C 258 -8.84 30.78 34.99
N ILE C 259 -9.83 31.11 34.15
CA ILE C 259 -10.04 30.40 32.90
C ILE C 259 -10.25 31.40 31.78
N ASP C 260 -10.10 30.90 30.54
CA ASP C 260 -10.56 31.61 29.37
C ASP C 260 -11.53 30.81 28.48
N ASN C 261 -12.03 29.67 28.99
CA ASN C 261 -12.72 28.74 28.13
C ASN C 261 -13.59 28.00 29.08
N LYS C 262 -14.91 28.07 28.88
CA LYS C 262 -15.87 27.55 29.85
C LYS C 262 -16.92 26.67 29.14
N ILE C 263 -17.05 25.41 29.56
CA ILE C 263 -18.01 24.51 29.02
C ILE C 263 -19.42 24.95 29.53
N CYS C 264 -20.41 24.85 28.67
CA CYS C 264 -21.75 25.25 29.07
C CYS C 264 -22.77 24.46 28.29
N GLY C 265 -23.88 24.21 28.95
CA GLY C 265 -24.99 23.57 28.37
C GLY C 265 -26.30 24.31 28.55
N PRO C 266 -27.38 23.78 28.01
CA PRO C 266 -28.65 24.46 28.04
C PRO C 266 -29.11 24.85 29.45
N ALA C 267 -29.43 26.13 29.55
CA ALA C 267 -29.82 26.90 30.74
C ALA C 267 -28.75 27.19 31.72
N ASP C 268 -27.49 26.91 31.38
CA ASP C 268 -26.38 27.41 32.16
C ASP C 268 -26.32 28.91 32.00
N SER C 269 -25.98 29.62 33.06
CA SER C 269 -25.76 31.09 33.00
C SER C 269 -24.57 31.45 33.90
N PHE C 270 -23.63 32.25 33.42
CA PHE C 270 -22.55 32.74 34.22
C PHE C 270 -22.25 34.14 33.71
N GLY C 271 -21.43 34.84 34.49
CA GLY C 271 -20.96 36.16 34.09
C GLY C 271 -19.66 36.49 34.72
N PHE C 272 -19.10 37.60 34.29
CA PHE C 272 -17.84 38.08 34.76
C PHE C 272 -17.66 39.56 34.29
N GLN C 273 -16.73 40.25 34.95
CA GLN C 273 -16.19 41.52 34.50
C GLN C 273 -14.72 41.38 34.27
N ILE C 274 -14.25 42.02 33.23
CA ILE C 274 -12.88 42.04 32.82
C ILE C 274 -12.54 43.52 32.53
N ILE C 275 -11.28 43.85 32.74
CA ILE C 275 -10.83 45.18 32.27
C ILE C 275 -10.46 45.03 30.77
N ALA C 276 -11.17 45.75 29.89
CA ALA C 276 -10.90 45.64 28.46
C ALA C 276 -9.43 45.92 28.14
N GLY C 277 -8.76 44.94 27.52
CA GLY C 277 -7.43 45.16 26.97
C GLY C 277 -6.36 45.17 28.04
N GLU C 278 -6.68 44.74 29.25
CA GLU C 278 -5.73 44.78 30.38
C GLU C 278 -4.56 43.84 30.10
N GLY C 279 -3.37 44.42 30.04
CA GLY C 279 -2.16 43.66 29.77
C GLY C 279 -1.95 43.16 28.40
N VAL C 280 -2.84 43.56 27.49
CA VAL C 280 -2.87 43.08 26.09
C VAL C 280 -3.12 44.18 25.05
N GLY C 281 -3.70 45.31 25.46
CA GLY C 281 -4.02 46.40 24.58
C GLY C 281 -5.24 46.34 23.70
N ALA C 282 -5.35 47.37 22.87
CA ALA C 282 -6.50 47.55 22.01
C ALA C 282 -6.43 46.50 20.87
N GLY C 283 -7.56 46.27 20.20
CA GLY C 283 -7.60 45.40 19.06
C GLY C 283 -8.97 44.75 18.93
N ALA C 284 -9.20 44.06 17.82
CA ALA C 284 -10.37 43.23 17.65
C ALA C 284 -10.14 41.82 18.27
N TRP C 285 -10.61 41.65 19.46
CA TRP C 285 -10.40 40.41 20.20
C TRP C 285 -11.56 39.48 19.90
N MET C 286 -11.29 38.36 19.22
CA MET C 286 -12.36 37.37 18.96
C MET C 286 -12.89 36.76 20.24
N TYR C 287 -14.16 36.46 20.25
CA TYR C 287 -14.68 35.49 21.20
C TYR C 287 -15.42 34.50 20.33
N HIS C 288 -15.54 33.28 20.81
CA HIS C 288 -16.15 32.25 19.99
C HIS C 288 -16.46 31.04 20.81
N CYS C 289 -17.42 30.23 20.33
CA CYS C 289 -17.51 28.87 20.88
C CYS C 289 -16.25 28.15 20.41
N HIS C 290 -15.67 27.32 21.25
CA HIS C 290 -14.45 26.62 20.86
C HIS C 290 -14.63 25.20 20.34
N VAL C 291 -15.89 24.77 20.23
CA VAL C 291 -16.19 23.50 19.54
C VAL C 291 -15.91 23.86 18.09
N GLN C 292 -15.09 23.02 17.44
CA GLN C 292 -14.49 23.45 16.19
C GLN C 292 -15.51 23.73 15.08
N SER C 293 -16.43 22.82 14.85
CA SER C 293 -17.37 23.03 13.76
C SER C 293 -18.28 24.20 14.14
N HIS C 294 -18.51 24.47 15.43
CA HIS C 294 -19.36 25.60 15.77
C HIS C 294 -18.69 26.94 15.40
N SER C 295 -17.42 27.08 15.69
CA SER C 295 -16.71 28.29 15.34
C SER C 295 -16.66 28.41 13.80
N ASP C 296 -16.41 27.28 13.15
CA ASP C 296 -16.41 27.24 11.71
C ASP C 296 -17.73 27.63 11.09
N MET C 297 -18.83 27.28 11.73
CA MET C 297 -20.17 27.52 11.23
C MET C 297 -20.76 28.86 11.68
N GLY C 298 -20.00 29.60 12.45
CA GLY C 298 -20.27 31.01 12.69
C GLY C 298 -20.57 31.48 14.08
N MET C 299 -20.36 30.65 15.10
CA MET C 299 -20.47 31.07 16.50
C MET C 299 -19.21 31.82 16.95
N VAL C 300 -19.05 33.03 16.38
CA VAL C 300 -17.86 33.87 16.49
C VAL C 300 -18.33 35.33 16.48
N GLY C 301 -17.68 36.13 17.29
CA GLY C 301 -17.89 37.60 17.35
C GLY C 301 -16.59 38.29 17.77
N LEU C 302 -16.66 39.63 17.83
CA LEU C 302 -15.54 40.45 18.18
C LEU C 302 -15.88 41.33 19.36
N PHE C 303 -14.95 41.33 20.30
CA PHE C 303 -14.88 42.27 21.38
C PHE C 303 -13.89 43.37 20.88
N LEU C 304 -14.43 44.47 20.39
CA LEU C 304 -13.66 45.55 19.78
C LEU C 304 -13.22 46.49 20.88
N VAL C 305 -11.96 46.35 21.28
CA VAL C 305 -11.34 47.17 22.31
C VAL C 305 -10.54 48.30 21.66
N LYS C 306 -11.04 49.50 21.90
CA LYS C 306 -10.52 50.70 21.25
C LYS C 306 -9.44 51.34 22.07
N LYS C 307 -8.51 51.98 21.36
CA LYS C 307 -7.63 52.95 21.99
C LYS C 307 -8.44 54.18 22.44
N PRO C 308 -7.81 55.02 23.29
CA PRO C 308 -8.58 56.16 23.79
C PRO C 308 -9.10 57.07 22.73
N ASP C 309 -8.40 57.16 21.60
CA ASP C 309 -8.79 57.97 20.45
C ASP C 309 -9.85 57.28 19.61
N GLY C 310 -10.36 56.13 20.08
CA GLY C 310 -11.41 55.42 19.40
C GLY C 310 -11.03 54.51 18.24
N THR C 311 -9.76 54.37 17.93
CA THR C 311 -9.39 53.56 16.78
C THR C 311 -9.07 52.15 17.27
N ILE C 312 -8.98 51.22 16.34
CA ILE C 312 -8.70 49.82 16.68
C ILE C 312 -7.58 49.40 15.80
N PRO C 313 -6.39 49.24 16.37
CA PRO C 313 -5.25 48.87 15.55
C PRO C 313 -5.43 47.50 14.88
N GLY C 314 -5.04 47.41 13.61
CA GLY C 314 -5.05 46.15 12.92
C GLY C 314 -6.44 45.78 12.53
N TYR C 315 -7.44 46.52 12.97
CA TYR C 315 -8.78 46.14 12.60
C TYR C 315 -9.18 46.65 11.20
N ASP C 316 -8.92 45.77 10.22
CA ASP C 316 -9.52 45.82 8.89
C ASP C 316 -10.85 45.04 8.97
N PRO C 317 -12.01 45.76 8.95
CA PRO C 317 -13.31 45.08 9.17
C PRO C 317 -13.39 43.58 8.80
N ALA D 40 9.74 5.06 20.38
CA ALA D 40 10.54 6.31 20.30
C ALA D 40 10.72 6.94 18.89
N GLY D 41 10.24 6.27 17.82
CA GLY D 41 10.15 6.89 16.47
C GLY D 41 11.25 6.54 15.46
N ALA D 42 11.56 7.53 14.61
CA ALA D 42 12.58 7.44 13.59
C ALA D 42 13.51 8.67 13.56
N ALA D 43 14.74 8.45 13.16
CA ALA D 43 15.71 9.47 13.17
C ALA D 43 15.36 10.42 11.99
N PRO D 44 15.54 11.72 12.20
CA PRO D 44 15.22 12.69 11.17
C PRO D 44 16.47 13.00 10.35
N ALA D 45 16.35 13.72 9.22
CA ALA D 45 17.53 14.16 8.51
C ALA D 45 18.28 15.11 9.43
N GLY D 46 19.60 15.06 9.38
CA GLY D 46 20.48 15.89 10.17
C GLY D 46 20.79 17.19 9.44
N GLY D 47 21.77 17.90 9.93
CA GLY D 47 22.05 19.25 9.49
C GLY D 47 22.28 20.26 10.62
N GLU D 48 22.12 19.88 11.87
CA GLU D 48 22.21 20.81 12.94
C GLU D 48 23.62 20.98 13.31
N VAL D 49 23.94 22.17 13.77
CA VAL D 49 25.23 22.44 14.27
C VAL D 49 25.11 22.36 15.76
N ARG D 50 25.71 21.33 16.37
CA ARG D 50 25.65 21.15 17.81
C ARG D 50 26.96 21.47 18.52
N ARG D 51 26.89 21.74 19.81
CA ARG D 51 28.06 22.08 20.61
C ARG D 51 27.96 21.30 21.91
N VAL D 52 29.08 20.83 22.44
CA VAL D 52 29.05 20.16 23.74
C VAL D 52 30.37 20.42 24.40
N THR D 53 30.34 20.45 25.73
CA THR D 53 31.56 20.53 26.53
CA THR D 53 31.53 20.53 26.53
C THR D 53 31.95 19.12 26.99
N LEU D 54 33.22 18.78 26.80
CA LEU D 54 33.74 17.50 27.26
C LEU D 54 34.96 17.74 28.12
N TYR D 55 35.10 16.93 29.17
CA TYR D 55 36.24 17.00 30.08
C TYR D 55 36.90 15.67 30.27
N ALA D 56 38.23 15.66 30.36
CA ALA D 56 39.00 14.48 30.80
C ALA D 56 39.41 14.69 32.24
N GLU D 57 39.04 13.77 33.11
CA GLU D 57 39.33 13.84 34.56
C GLU D 57 39.81 12.51 35.11
N ARG D 58 40.51 12.57 36.25
CA ARG D 58 40.82 11.39 37.08
C ARG D 58 39.56 10.97 37.81
N LEU D 59 39.25 9.67 37.79
CA LEU D 59 38.14 9.12 38.56
C LEU D 59 38.72 8.44 39.79
N ALA D 60 37.90 7.72 40.54
CA ALA D 60 38.41 6.81 41.60
C ALA D 60 39.21 5.60 41.07
N GLY D 61 40.09 5.11 41.93
CA GLY D 61 40.85 3.92 41.67
C GLY D 61 41.83 4.12 40.57
N GLY D 62 42.18 5.39 40.35
CA GLY D 62 43.16 5.78 39.34
C GLY D 62 42.71 5.63 37.89
N GLN D 63 41.41 5.59 37.66
CA GLN D 63 40.94 5.48 36.29
C GLN D 63 40.87 6.87 35.70
N LEU D 64 40.65 6.90 34.40
CA LEU D 64 40.59 8.15 33.66
C LEU D 64 39.32 8.09 32.83
N GLY D 65 38.54 9.17 32.83
CA GLY D 65 37.38 9.26 31.99
C GLY D 65 37.09 10.62 31.43
N TYR D 66 36.21 10.57 30.44
CA TYR D 66 35.58 11.72 29.84
C TYR D 66 34.24 11.95 30.51
N GLY D 67 33.90 13.23 30.70
CA GLY D 67 32.57 13.61 31.20
C GLY D 67 31.98 14.88 30.56
N LEU D 68 30.65 15.01 30.60
CA LEU D 68 29.99 16.19 30.08
C LEU D 68 30.17 17.43 30.98
N GLU D 69 30.46 17.19 32.25
CA GLU D 69 30.58 18.23 33.27
C GLU D 69 31.67 17.74 34.18
N LYS D 70 32.38 18.69 34.78
CA LYS D 70 33.38 18.34 35.80
C LYS D 70 32.80 17.60 36.97
N GLY D 71 33.56 16.61 37.44
CA GLY D 71 33.05 15.66 38.41
C GLY D 71 32.11 14.59 37.89
N LYS D 72 31.77 14.57 36.58
CA LYS D 72 30.77 13.60 36.09
C LYS D 72 31.33 12.66 35.00
N ALA D 73 32.64 12.53 34.96
CA ALA D 73 33.30 11.59 34.06
C ALA D 73 32.77 10.19 34.30
N SER D 74 32.68 9.38 33.22
CA SER D 74 32.27 8.00 33.31
C SER D 74 33.14 7.21 32.35
N ILE D 75 33.20 5.91 32.60
CA ILE D 75 33.76 4.89 31.69
C ILE D 75 32.63 3.88 31.42
N PRO D 76 32.17 3.68 30.16
CA PRO D 76 32.54 4.44 28.99
C PRO D 76 32.10 5.88 29.14
N GLY D 77 32.71 6.74 28.36
CA GLY D 77 32.38 8.17 28.36
C GLY D 77 30.97 8.36 27.84
N PRO D 78 30.51 9.61 27.86
CA PRO D 78 29.15 9.89 27.45
C PRO D 78 28.86 9.50 26.02
N LEU D 79 27.68 9.01 25.83
CA LEU D 79 27.20 8.68 24.52
C LEU D 79 26.91 9.97 23.75
N ILE D 80 27.53 10.10 22.59
CA ILE D 80 27.31 11.21 21.70
C ILE D 80 26.44 10.64 20.58
N GLU D 81 25.35 11.34 20.31
CA GLU D 81 24.48 10.98 19.23
C GLU D 81 24.28 12.16 18.23
N LEU D 82 24.50 11.87 16.96
CA LEU D 82 24.21 12.75 15.84
C LEU D 82 23.36 12.11 14.75
N ASN D 83 22.78 12.94 13.91
CA ASN D 83 22.13 12.52 12.67
C ASN D 83 22.98 12.93 11.51
N GLU D 84 23.09 12.05 10.50
CA GLU D 84 23.94 12.39 9.34
C GLU D 84 23.71 13.82 8.80
N GLY D 85 24.77 14.58 8.54
CA GLY D 85 24.66 16.05 8.22
C GLY D 85 24.99 16.95 9.40
N ASP D 86 24.76 16.48 10.64
CA ASP D 86 25.13 17.29 11.84
C ASP D 86 26.60 17.48 11.94
N THR D 87 26.98 18.61 12.49
CA THR D 87 28.32 18.96 12.95
C THR D 87 28.28 19.07 14.47
N LEU D 88 29.37 18.70 15.12
CA LEU D 88 29.50 18.77 16.53
C LEU D 88 30.80 19.38 16.85
N HIS D 89 30.78 20.50 17.55
CA HIS D 89 31.95 21.12 18.05
C HIS D 89 32.10 20.70 19.50
N VAL D 90 33.16 19.96 19.78
CA VAL D 90 33.40 19.46 21.11
C VAL D 90 34.39 20.35 21.73
N GLU D 91 33.94 21.13 22.68
CA GLU D 91 34.82 21.95 23.46
C GLU D 91 35.44 21.16 24.62
N PHE D 92 36.71 20.78 24.46
CA PHE D 92 37.32 19.80 25.30
C PHE D 92 38.30 20.41 26.28
N GLU D 93 38.18 20.11 27.56
CA GLU D 93 39.18 20.54 28.52
C GLU D 93 39.89 19.41 29.24
N ASN D 94 41.21 19.45 29.18
CA ASN D 94 42.05 18.50 29.85
C ASN D 94 42.40 18.92 31.32
N THR D 95 41.81 18.26 32.30
CA THR D 95 42.10 18.57 33.70
C THR D 95 43.20 17.69 34.28
N LEU D 96 43.89 16.93 33.42
CA LEU D 96 44.97 16.07 33.88
C LEU D 96 46.27 16.83 33.83
N ASP D 97 47.28 16.22 34.43
CA ASP D 97 48.64 16.76 34.49
C ASP D 97 49.54 16.16 33.39
N VAL D 98 48.97 15.45 32.41
CA VAL D 98 49.71 15.04 31.18
C VAL D 98 48.88 15.35 29.97
N PRO D 99 49.51 15.42 28.80
CA PRO D 99 48.63 15.71 27.69
C PRO D 99 47.64 14.60 27.47
N VAL D 100 46.48 14.99 26.93
CA VAL D 100 45.40 14.08 26.52
C VAL D 100 44.80 14.55 25.19
N SER D 101 44.07 13.67 24.47
CA SER D 101 43.46 14.07 23.23
C SER D 101 42.14 13.43 23.07
N LEU D 102 41.51 13.78 21.95
CA LEU D 102 40.27 13.22 21.55
C LEU D 102 40.36 12.92 20.07
N HIS D 103 40.14 11.65 19.75
CA HIS D 103 40.20 11.15 18.36
C HIS D 103 38.95 10.31 18.11
N VAL D 104 38.41 10.45 16.93
CA VAL D 104 37.14 9.83 16.65
C VAL D 104 37.27 8.94 15.39
N HIS D 105 36.62 7.78 15.49
CA HIS D 105 36.45 6.91 14.34
C HIS D 105 35.25 7.34 13.54
N GLY D 106 35.32 7.12 12.23
CA GLY D 106 34.14 7.15 11.45
C GLY D 106 33.73 8.51 10.86
N LEU D 107 33.70 9.49 11.71
CA LEU D 107 33.20 10.85 11.35
C LEU D 107 34.21 11.62 10.53
N ASP D 108 33.76 12.68 9.85
CA ASP D 108 34.68 13.56 9.14
C ASP D 108 35.33 14.59 10.08
N TYR D 109 36.62 14.80 9.96
CA TYR D 109 37.29 15.84 10.71
C TYR D 109 38.49 16.20 9.91
N GLU D 110 38.93 17.45 10.07
CA GLU D 110 40.13 17.90 9.44
C GLU D 110 41.30 17.45 10.25
N ILE D 111 42.49 17.61 9.68
CA ILE D 111 43.72 17.16 10.30
C ILE D 111 43.99 17.85 11.66
N SER D 112 43.56 19.10 11.81
CA SER D 112 43.65 19.83 13.08
C SER D 112 42.77 19.27 14.22
N SER D 113 41.78 18.42 13.88
CA SER D 113 41.00 17.70 14.88
C SER D 113 41.28 16.17 14.93
N ASP D 114 42.45 15.79 14.46
CA ASP D 114 42.92 14.43 14.44
C ASP D 114 43.07 13.85 15.87
N GLY D 115 43.44 14.68 16.83
CA GLY D 115 43.73 14.23 18.19
C GLY D 115 45.10 13.62 18.41
N THR D 116 46.03 13.85 17.51
CA THR D 116 47.34 13.25 17.62
C THR D 116 48.45 14.25 17.86
N LYS D 117 49.48 13.78 18.58
CA LYS D 117 50.65 14.58 18.85
C LYS D 117 51.32 14.95 17.52
N GLN D 118 51.37 13.96 16.66
CA GLN D 118 51.89 14.07 15.31
C GLN D 118 51.34 15.29 14.54
N ASN D 119 50.05 15.56 14.61
CA ASN D 119 49.42 16.72 13.96
C ASN D 119 49.04 17.84 14.93
N LYS D 120 49.73 17.83 16.05
CA LYS D 120 49.65 18.88 17.04
C LYS D 120 48.20 19.20 17.38
N SER D 121 47.50 18.16 17.76
CA SER D 121 46.05 18.23 17.92
C SER D 121 45.70 17.72 19.40
N HIS D 122 46.73 17.48 20.20
CA HIS D 122 46.62 17.03 21.62
C HIS D 122 46.42 18.28 22.50
N VAL D 123 46.06 18.08 23.76
CA VAL D 123 45.77 19.21 24.67
C VAL D 123 46.69 19.13 25.90
N GLU D 124 47.43 20.22 26.09
CA GLU D 124 48.39 20.31 27.16
C GLU D 124 47.67 20.23 28.48
N PRO D 125 48.38 19.86 29.53
CA PRO D 125 47.71 19.82 30.82
C PRO D 125 46.99 21.15 31.20
N GLY D 126 45.77 21.08 31.72
CA GLY D 126 45.03 22.30 32.04
C GLY D 126 44.43 23.01 30.85
N GLY D 127 44.68 22.53 29.62
CA GLY D 127 44.33 23.26 28.40
C GLY D 127 42.93 22.97 27.87
N THR D 128 42.56 23.67 26.81
CA THR D 128 41.23 23.56 26.19
C THR D 128 41.49 23.60 24.68
N ARG D 129 40.61 22.94 23.93
CA ARG D 129 40.68 22.90 22.46
C ARG D 129 39.31 22.47 22.02
N THR D 130 38.88 23.03 20.92
CA THR D 130 37.62 22.68 20.32
C THR D 130 37.91 21.77 19.10
N TYR D 131 37.41 20.54 19.18
CA TYR D 131 37.52 19.58 18.08
C TYR D 131 36.24 19.71 17.33
N THR D 132 36.31 19.58 16.01
CA THR D 132 35.12 19.68 15.20
C THR D 132 34.98 18.39 14.42
N TRP D 133 33.83 17.73 14.59
CA TRP D 133 33.44 16.54 13.84
C TRP D 133 32.35 16.93 12.96
N ARG D 134 32.42 16.47 11.71
CA ARG D 134 31.31 16.60 10.82
C ARG D 134 30.76 15.28 10.33
N THR D 135 29.59 15.31 9.72
CA THR D 135 29.00 14.09 9.19
C THR D 135 28.29 14.44 7.89
N HIS D 136 28.16 13.49 6.98
CA HIS D 136 27.48 13.71 5.69
C HIS D 136 26.58 12.56 5.38
N GLU D 137 25.59 12.84 4.55
CA GLU D 137 24.62 11.83 4.10
C GLU D 137 25.24 11.07 2.96
N PRO D 138 24.81 9.84 2.67
CA PRO D 138 25.26 9.27 1.39
C PRO D 138 24.70 10.04 0.15
N GLY D 139 25.35 9.91 -1.00
CA GLY D 139 24.94 10.65 -2.21
C GLY D 139 25.75 10.25 -3.43
N ARG D 140 25.22 10.56 -4.61
CA ARG D 140 25.93 10.25 -5.84
C ARG D 140 27.01 11.29 -6.14
N ARG D 141 28.23 10.87 -6.44
CA ARG D 141 29.27 11.84 -6.77
C ARG D 141 29.19 12.14 -8.27
N ALA D 142 29.91 13.19 -8.70
CA ALA D 142 29.98 13.56 -10.12
C ALA D 142 30.39 12.35 -10.99
N ASP D 143 31.34 11.52 -10.52
CA ASP D 143 31.77 10.34 -11.27
C ASP D 143 30.74 9.19 -11.37
N GLY D 144 29.52 9.37 -10.85
CA GLY D 144 28.53 8.27 -10.84
C GLY D 144 28.58 7.30 -9.66
N THR D 145 29.67 7.32 -8.89
CA THR D 145 29.86 6.40 -7.75
C THR D 145 29.05 6.85 -6.53
N TRP D 146 28.82 5.93 -5.59
CA TRP D 146 28.00 6.21 -4.41
C TRP D 146 28.85 6.53 -3.23
N ARG D 147 28.67 7.71 -2.65
CA ARG D 147 29.47 8.14 -1.51
C ARG D 147 28.76 7.64 -0.29
N ALA D 148 29.44 6.82 0.51
CA ALA D 148 28.85 6.25 1.66
C ALA D 148 28.67 7.35 2.66
N GLY D 149 27.55 7.33 3.34
CA GLY D 149 27.38 8.23 4.48
C GLY D 149 28.27 7.94 5.67
N SER D 150 28.11 8.82 6.64
CA SER D 150 28.76 8.77 7.94
C SER D 150 28.08 7.84 8.99
N ALA D 151 26.83 7.45 8.73
CA ALA D 151 26.05 6.78 9.72
C ALA D 151 26.78 5.51 10.17
N GLY D 152 26.56 5.18 11.44
CA GLY D 152 27.16 3.98 12.02
C GLY D 152 27.34 4.06 13.51
N TYR D 153 27.89 2.94 14.03
CA TYR D 153 28.18 2.78 15.46
C TYR D 153 29.67 2.99 15.54
N TRP D 154 30.04 4.18 16.04
CA TRP D 154 31.45 4.58 16.12
C TRP D 154 31.90 4.81 17.57
N HIS D 155 33.07 5.40 17.71
CA HIS D 155 33.62 5.64 19.03
C HIS D 155 34.67 6.69 19.00
N TYR D 156 34.96 7.22 20.18
CA TYR D 156 36.07 8.14 20.41
C TYR D 156 36.99 7.68 21.52
N HIS D 157 38.23 8.17 21.49
CA HIS D 157 39.18 7.86 22.52
C HIS D 157 40.39 8.70 22.47
N ASP D 158 41.15 8.63 23.56
CA ASP D 158 42.46 9.27 23.65
C ASP D 158 43.55 8.66 22.73
N HIS D 159 44.45 9.52 22.23
CA HIS D 159 45.53 9.12 21.33
C HIS D 159 46.92 9.48 21.82
N VAL D 160 46.98 9.96 23.07
CA VAL D 160 48.25 10.48 23.55
C VAL D 160 48.68 10.12 25.01
N VAL D 161 47.81 9.63 25.86
CA VAL D 161 48.30 9.22 27.21
C VAL D 161 49.07 7.88 27.17
N GLY D 162 50.28 7.84 27.73
CA GLY D 162 51.09 6.60 27.81
C GLY D 162 52.04 6.50 26.64
N THR D 163 51.46 6.57 25.43
CA THR D 163 52.19 6.50 24.19
C THR D 163 51.44 7.41 23.23
N GLU D 164 52.02 7.55 22.07
CA GLU D 164 51.43 8.31 20.98
C GLU D 164 50.26 7.60 20.19
N HIS D 165 49.86 6.40 20.66
CA HIS D 165 48.63 5.76 20.28
C HIS D 165 47.61 5.66 21.37
N GLY D 166 47.84 6.35 22.48
CA GLY D 166 46.78 6.43 23.50
C GLY D 166 46.66 5.20 24.36
N THR D 167 47.69 4.33 24.38
CA THR D 167 47.61 3.01 25.01
C THR D 167 47.27 3.16 26.48
N GLY D 168 47.91 4.15 27.13
CA GLY D 168 47.69 4.34 28.56
C GLY D 168 46.32 4.94 28.83
N GLY D 169 45.92 5.85 27.95
CA GLY D 169 44.63 6.48 28.06
C GLY D 169 43.50 5.50 27.92
N ILE D 170 43.60 4.72 26.86
CA ILE D 170 42.59 3.71 26.58
C ILE D 170 42.51 2.68 27.68
N ARG D 171 43.68 2.23 28.14
CA ARG D 171 43.72 1.25 29.24
C ARG D 171 42.93 1.72 30.43
N ASN D 172 43.11 2.98 30.80
CA ASN D 172 42.53 3.52 32.03
C ASN D 172 41.17 4.13 31.95
N GLY D 173 40.60 4.16 30.73
CA GLY D 173 39.19 4.37 30.50
C GLY D 173 38.77 5.52 29.61
N LEU D 174 39.72 6.12 28.92
CA LEU D 174 39.38 7.22 28.06
C LEU D 174 38.84 6.81 26.68
N TYR D 175 37.58 6.40 26.66
CA TYR D 175 36.92 5.96 25.46
C TYR D 175 35.44 6.12 25.65
N GLY D 176 34.72 6.24 24.57
CA GLY D 176 33.26 6.32 24.65
C GLY D 176 32.66 6.18 23.28
N PRO D 177 31.34 5.99 23.23
CA PRO D 177 30.62 5.71 22.02
C PRO D 177 30.01 6.93 21.31
N VAL D 178 29.93 6.84 19.99
CA VAL D 178 29.27 7.85 19.17
C VAL D 178 28.41 7.13 18.21
N ILE D 179 27.12 7.48 18.15
CA ILE D 179 26.20 6.91 17.18
C ILE D 179 25.80 8.02 16.16
N VAL D 180 25.96 7.72 14.85
CA VAL D 180 25.47 8.57 13.80
C VAL D 180 24.33 7.86 13.13
N ARG D 181 23.15 8.45 13.25
CA ARG D 181 21.98 7.89 12.64
C ARG D 181 21.73 8.40 11.27
N ARG D 182 21.11 7.54 10.46
CA ARG D 182 20.67 7.88 9.13
C ARG D 182 19.20 8.20 9.20
N LYS D 183 18.74 9.10 8.33
CA LYS D 183 17.33 9.43 8.33
C LYS D 183 16.47 8.20 8.06
N GLY D 184 15.48 7.99 8.93
CA GLY D 184 14.60 6.85 8.82
C GLY D 184 14.95 5.69 9.73
N ASP D 185 16.13 5.75 10.34
CA ASP D 185 16.58 4.68 11.24
C ASP D 185 15.61 4.62 12.42
N VAL D 186 15.27 3.41 12.84
CA VAL D 186 14.38 3.18 13.97
C VAL D 186 15.18 3.58 15.21
N LEU D 187 14.50 4.21 16.16
CA LEU D 187 15.10 4.64 17.39
C LEU D 187 14.71 3.71 18.49
N PRO D 188 15.63 3.47 19.44
CA PRO D 188 15.33 2.42 20.42
C PRO D 188 14.67 3.02 21.64
N ASP D 189 14.17 2.14 22.49
CA ASP D 189 13.79 2.51 23.87
C ASP D 189 14.94 2.85 24.84
N ALA D 190 16.10 2.24 24.64
CA ALA D 190 17.26 2.43 25.50
C ALA D 190 18.52 2.01 24.75
N THR D 191 19.66 2.55 25.15
CA THR D 191 20.94 2.23 24.54
C THR D 191 21.94 1.93 25.63
N HIS D 192 22.68 0.81 25.48
CA HIS D 192 23.68 0.36 26.46
C HIS D 192 24.96 0.09 25.72
N THR D 193 26.05 0.49 26.33
CA THR D 193 27.34 0.42 25.68
C THR D 193 28.14 -0.58 26.43
N ILE D 194 28.66 -1.53 25.69
CA ILE D 194 29.48 -2.58 26.22
C ILE D 194 30.85 -2.53 25.55
N VAL D 195 31.91 -2.29 26.35
CA VAL D 195 33.27 -2.20 25.80
C VAL D 195 34.11 -3.33 26.40
N PHE D 196 34.59 -4.21 25.53
CA PHE D 196 35.58 -5.16 25.88
C PHE D 196 36.93 -4.48 25.78
N ASN D 197 37.44 -4.06 26.94
CA ASN D 197 38.71 -3.38 27.04
C ASN D 197 39.75 -4.27 27.69
N ASP D 198 40.64 -4.82 26.89
CA ASP D 198 41.50 -5.93 27.30
C ASP D 198 40.69 -7.04 27.94
N MET D 199 40.93 -7.45 29.17
CA MET D 199 40.14 -8.50 29.78
C MET D 199 38.99 -8.01 30.68
N THR D 200 38.57 -6.75 30.56
CA THR D 200 37.48 -6.17 31.32
C THR D 200 36.30 -5.84 30.37
N ILE D 201 35.15 -5.60 31.00
CA ILE D 201 34.04 -5.04 30.38
C ILE D 201 33.84 -3.68 31.09
N ASN D 202 34.01 -2.63 30.29
CA ASN D 202 33.88 -1.25 30.77
C ASN D 202 34.80 -0.96 31.94
N ASN D 203 36.00 -1.54 31.92
CA ASN D 203 37.01 -1.40 33.00
C ASN D 203 36.49 -1.81 34.36
N ARG D 204 35.54 -2.69 34.41
CA ARG D 204 34.98 -3.06 35.72
C ARG D 204 35.76 -4.24 36.21
N PRO D 205 35.67 -4.54 37.50
CA PRO D 205 36.23 -5.79 38.09
C PRO D 205 35.62 -7.05 37.49
N ALA D 206 36.38 -8.15 37.49
CA ALA D 206 35.90 -9.42 36.99
C ALA D 206 34.59 -9.84 37.69
N HIS D 207 33.68 -10.35 36.86
CA HIS D 207 32.38 -10.86 37.22
C HIS D 207 31.56 -9.80 37.92
N THR D 208 31.60 -8.56 37.42
CA THR D 208 30.71 -7.51 37.94
C THR D 208 29.80 -6.94 36.84
N GLY D 209 29.50 -7.73 35.83
CA GLY D 209 28.66 -7.24 34.78
C GLY D 209 29.44 -6.26 33.91
N PRO D 210 28.83 -5.19 33.48
CA PRO D 210 27.53 -4.70 33.99
C PRO D 210 26.36 -5.51 33.55
N ASN D 211 25.32 -5.42 34.33
CA ASN D 211 24.00 -5.94 33.98
C ASN D 211 23.17 -4.82 33.43
N PHE D 212 22.27 -5.12 32.50
CA PHE D 212 21.39 -4.13 31.92
C PHE D 212 20.01 -4.65 32.03
N GLU D 213 19.01 -3.81 32.37
CA GLU D 213 17.61 -4.29 32.47
C GLU D 213 16.76 -3.80 31.30
N ALA D 214 15.79 -4.61 30.93
CA ALA D 214 14.74 -4.24 29.99
C ALA D 214 13.48 -4.98 30.34
N THR D 215 12.39 -4.59 29.71
CA THR D 215 11.13 -5.32 29.76
C THR D 215 10.89 -6.01 28.39
N VAL D 216 10.31 -7.21 28.44
CA VAL D 216 9.99 -7.97 27.24
C VAL D 216 9.31 -6.99 26.24
N GLY D 217 9.69 -7.00 24.97
CA GLY D 217 9.05 -6.14 23.96
C GLY D 217 9.81 -4.85 23.79
N ASP D 218 10.60 -4.42 24.79
CA ASP D 218 11.45 -3.20 24.57
C ASP D 218 12.40 -3.37 23.39
N ARG D 219 12.62 -2.31 22.63
CA ARG D 219 13.60 -2.23 21.57
C ARG D 219 14.91 -1.71 22.18
N VAL D 220 15.88 -2.62 22.34
CA VAL D 220 17.07 -2.33 23.08
C VAL D 220 18.22 -2.23 22.11
N GLU D 221 18.98 -1.15 22.22
CA GLU D 221 20.14 -0.90 21.39
C GLU D 221 21.40 -1.19 22.18
N ILE D 222 22.29 -1.96 21.57
CA ILE D 222 23.59 -2.27 22.18
C ILE D 222 24.60 -1.67 21.27
N VAL D 223 25.54 -0.96 21.87
CA VAL D 223 26.70 -0.50 21.17
C VAL D 223 27.89 -1.27 21.75
N MET D 224 28.63 -1.92 20.85
CA MET D 224 29.69 -2.87 21.22
C MET D 224 31.04 -2.43 20.66
N ILE D 225 31.94 -2.05 21.56
CA ILE D 225 33.25 -1.53 21.17
C ILE D 225 34.33 -2.42 21.82
N THR D 226 35.46 -2.56 21.15
CA THR D 226 36.59 -3.31 21.71
C THR D 226 37.80 -2.42 21.71
N HIS D 227 38.64 -2.63 22.72
CA HIS D 227 39.93 -1.96 22.84
C HIS D 227 40.97 -2.81 23.45
N GLY D 228 42.20 -2.45 23.14
CA GLY D 228 43.36 -2.95 23.83
C GLY D 228 44.22 -3.92 23.03
N GLU D 229 44.48 -5.08 23.62
CA GLU D 229 45.46 -6.05 23.07
C GLU D 229 44.84 -7.30 22.43
N TYR D 230 43.63 -7.63 22.90
CA TYR D 230 43.07 -8.99 22.69
C TYR D 230 41.89 -8.95 21.73
N TYR D 231 41.76 -10.05 20.97
CA TYR D 231 40.57 -10.33 20.21
C TYR D 231 39.53 -11.00 21.19
N HIS D 232 38.24 -10.92 20.86
CA HIS D 232 37.15 -11.41 21.68
C HIS D 232 36.05 -11.94 20.79
N THR D 233 35.03 -12.60 21.40
CA THR D 233 33.83 -12.92 20.65
C THR D 233 32.68 -12.59 21.53
N PHE D 234 31.92 -11.62 21.10
CA PHE D 234 30.77 -11.17 21.86
C PHE D 234 29.56 -12.06 21.60
N HIS D 235 29.03 -12.72 22.62
CA HIS D 235 27.84 -13.56 22.49
C HIS D 235 26.69 -13.18 23.44
N MET D 236 25.43 -13.28 23.02
CA MET D 236 24.28 -13.08 23.92
C MET D 236 23.39 -14.31 23.87
N HIS D 237 23.02 -14.79 25.03
CA HIS D 237 22.06 -15.87 25.10
C HIS D 237 20.67 -15.31 24.71
N GLY D 238 19.86 -16.19 24.10
CA GLY D 238 18.46 -15.89 23.78
C GLY D 238 18.14 -14.88 22.69
N HIS D 239 19.17 -14.27 22.06
CA HIS D 239 18.99 -13.13 21.18
C HIS D 239 20.00 -13.16 20.01
N ARG D 240 19.59 -12.62 18.88
CA ARG D 240 20.42 -12.64 17.71
C ARG D 240 20.16 -11.35 16.95
N TRP D 241 21.10 -11.02 16.07
CA TRP D 241 21.13 -9.76 15.39
C TRP D 241 21.79 -9.95 14.06
N ALA D 242 21.65 -8.91 13.24
CA ALA D 242 22.15 -8.94 11.87
C ALA D 242 23.48 -8.22 11.88
N ASP D 243 24.44 -8.77 11.14
CA ASP D 243 25.80 -8.26 11.09
C ASP D 243 25.92 -7.24 9.94
N ASN D 244 25.13 -6.18 10.06
CA ASN D 244 25.19 -5.11 9.14
C ASN D 244 25.19 -3.81 9.97
N ARG D 245 24.94 -2.68 9.32
CA ARG D 245 25.02 -1.41 10.05
C ARG D 245 24.09 -1.35 11.25
N THR D 246 22.81 -1.63 11.07
CA THR D 246 21.83 -1.33 12.10
C THR D 246 21.57 -2.53 13.00
N GLY D 247 22.11 -3.68 12.65
CA GLY D 247 21.79 -4.88 13.38
C GLY D 247 20.44 -5.48 13.10
N MET D 248 19.68 -4.87 12.20
CA MET D 248 18.38 -5.37 11.80
C MET D 248 18.40 -5.56 10.29
N LEU D 249 17.71 -6.60 9.83
CA LEU D 249 17.61 -6.77 8.39
C LEU D 249 16.60 -5.71 7.87
N THR D 250 16.86 -5.18 6.67
CA THR D 250 15.94 -4.23 6.03
C THR D 250 14.71 -4.92 5.51
N GLY D 251 14.76 -6.24 5.32
CA GLY D 251 13.63 -6.95 4.77
C GLY D 251 14.06 -8.30 4.19
N PRO D 252 13.13 -9.05 3.59
CA PRO D 252 13.38 -10.39 3.06
C PRO D 252 14.46 -10.48 1.96
N ASP D 253 14.87 -9.34 1.39
CA ASP D 253 15.90 -9.36 0.37
C ASP D 253 17.26 -8.89 0.93
N ASP D 254 17.36 -8.68 2.25
CA ASP D 254 18.62 -8.25 2.86
C ASP D 254 19.44 -9.50 3.11
N PRO D 255 20.59 -9.62 2.45
CA PRO D 255 21.39 -10.81 2.59
C PRO D 255 22.33 -10.82 3.81
N SER D 256 22.22 -9.82 4.69
CA SER D 256 23.15 -9.66 5.86
C SER D 256 23.02 -10.89 6.71
N GLN D 257 24.11 -11.35 7.32
CA GLN D 257 24.02 -12.62 8.11
C GLN D 257 23.37 -12.41 9.45
N VAL D 258 22.68 -13.42 9.94
CA VAL D 258 22.08 -13.35 11.25
C VAL D 258 22.93 -14.19 12.19
N ILE D 259 23.46 -13.53 13.22
CA ILE D 259 24.43 -14.18 14.14
C ILE D 259 24.07 -13.96 15.61
N ASP D 260 24.77 -14.67 16.52
CA ASP D 260 24.70 -14.40 17.93
C ASP D 260 26.08 -14.39 18.60
N ASN D 261 27.10 -14.35 17.77
CA ASN D 261 28.49 -14.47 18.23
C ASN D 261 29.33 -13.73 17.22
N LYS D 262 29.94 -12.65 17.66
CA LYS D 262 30.71 -11.78 16.74
C LYS D 262 32.14 -11.62 17.23
N ILE D 263 33.11 -11.95 16.36
CA ILE D 263 34.52 -11.74 16.65
C ILE D 263 34.83 -10.24 16.48
N CYS D 264 35.63 -9.72 17.40
CA CYS D 264 36.00 -8.31 17.44
C CYS D 264 37.41 -8.15 17.98
N GLY D 265 38.05 -7.08 17.53
CA GLY D 265 39.37 -6.75 17.97
C GLY D 265 39.49 -5.27 18.23
N PRO D 266 40.64 -4.83 18.69
CA PRO D 266 40.88 -3.44 19.12
C PRO D 266 40.46 -2.43 18.09
N ALA D 267 39.61 -1.53 18.57
CA ALA D 267 38.95 -0.46 17.85
C ALA D 267 37.80 -0.84 16.92
N ASP D 268 37.33 -2.08 16.90
CA ASP D 268 36.15 -2.44 16.22
C ASP D 268 34.99 -1.89 16.96
N SER D 269 33.97 -1.47 16.22
CA SER D 269 32.73 -1.01 16.81
C SER D 269 31.60 -1.46 15.92
N PHE D 270 30.55 -1.98 16.56
CA PHE D 270 29.34 -2.36 15.90
C PHE D 270 28.21 -2.15 16.86
N GLY D 271 27.00 -2.24 16.33
CA GLY D 271 25.88 -2.17 17.22
C GLY D 271 24.68 -2.85 16.66
N PHE D 272 23.61 -2.85 17.42
CA PHE D 272 22.38 -3.51 16.92
C PHE D 272 21.20 -3.15 17.81
N GLN D 273 19.98 -3.45 17.35
CA GLN D 273 18.76 -3.42 18.19
C GLN D 273 18.14 -4.80 18.16
N ILE D 274 17.77 -5.29 19.33
CA ILE D 274 16.99 -6.47 19.53
C ILE D 274 15.69 -6.11 20.22
N ILE D 275 14.71 -6.99 20.06
CA ILE D 275 13.48 -6.91 20.84
C ILE D 275 13.72 -7.81 22.03
N ALA D 276 13.75 -7.21 23.23
CA ALA D 276 13.94 -7.98 24.44
C ALA D 276 12.99 -9.12 24.61
N GLY D 277 13.57 -10.29 24.80
CA GLY D 277 12.77 -11.49 25.04
C GLY D 277 12.01 -11.98 23.83
N GLU D 278 12.29 -11.46 22.65
CA GLU D 278 11.52 -11.89 21.48
C GLU D 278 11.62 -13.39 21.17
N GLY D 279 10.46 -14.07 21.21
CA GLY D 279 10.39 -15.51 20.95
C GLY D 279 10.96 -16.40 22.05
N VAL D 280 11.41 -15.80 23.13
CA VAL D 280 12.15 -16.49 24.17
C VAL D 280 11.65 -16.21 25.60
N GLY D 281 11.13 -15.02 25.83
CA GLY D 281 10.54 -14.70 27.10
C GLY D 281 11.51 -14.00 28.04
N ALA D 282 10.99 -13.69 29.21
CA ALA D 282 11.74 -12.99 30.25
C ALA D 282 12.76 -13.91 30.96
N GLY D 283 13.69 -13.33 31.72
CA GLY D 283 14.74 -14.09 32.37
C GLY D 283 16.03 -13.30 32.41
N ALA D 284 16.94 -13.78 33.25
CA ALA D 284 18.30 -13.36 33.27
C ALA D 284 19.12 -14.01 32.10
N TRP D 285 19.35 -13.25 31.04
CA TRP D 285 19.89 -13.79 29.81
C TRP D 285 21.32 -13.42 29.83
N MET D 286 22.17 -14.42 29.92
CA MET D 286 23.61 -14.14 29.92
C MET D 286 24.13 -13.49 28.61
N TYR D 287 25.09 -12.57 28.74
CA TYR D 287 25.94 -12.25 27.61
C TYR D 287 27.41 -12.44 28.09
N HIS D 288 28.31 -12.68 27.17
CA HIS D 288 29.70 -12.88 27.54
C HIS D 288 30.62 -12.89 26.40
N CYS D 289 31.90 -12.68 26.69
CA CYS D 289 32.91 -13.08 25.70
C CYS D 289 32.87 -14.63 25.63
N HIS D 290 32.95 -15.18 24.43
CA HIS D 290 32.93 -16.63 24.28
C HIS D 290 34.32 -17.32 24.26
N VAL D 291 35.40 -16.53 24.27
CA VAL D 291 36.74 -17.11 24.50
C VAL D 291 36.66 -17.71 25.89
N GLN D 292 36.91 -19.01 25.99
CA GLN D 292 36.51 -19.70 27.22
C GLN D 292 37.18 -19.15 28.51
N SER D 293 38.49 -18.96 28.49
CA SER D 293 39.16 -18.45 29.65
C SER D 293 38.69 -16.99 29.98
N HIS D 294 38.25 -16.26 28.97
CA HIS D 294 37.81 -14.89 29.21
C HIS D 294 36.47 -14.89 29.95
N SER D 295 35.55 -15.74 29.54
CA SER D 295 34.32 -15.88 30.30
C SER D 295 34.57 -16.45 31.73
N ASP D 296 35.43 -17.47 31.84
CA ASP D 296 35.81 -17.91 33.18
C ASP D 296 36.46 -16.87 34.11
N MET D 297 37.23 -15.94 33.55
CA MET D 297 37.89 -14.91 34.29
C MET D 297 37.16 -13.58 34.34
N GLY D 298 35.87 -13.54 34.02
CA GLY D 298 35.11 -12.36 34.37
C GLY D 298 34.37 -11.60 33.29
N MET D 299 34.54 -11.99 32.01
CA MET D 299 33.91 -11.25 30.91
C MET D 299 32.48 -11.73 30.65
N VAL D 300 31.62 -11.49 31.63
N VAL D 300 31.62 -11.57 31.65
CA VAL D 300 30.30 -12.04 31.69
CA VAL D 300 30.24 -12.03 31.61
C VAL D 300 29.35 -10.98 32.31
C VAL D 300 29.35 -11.00 32.28
N GLY D 301 28.12 -10.86 31.80
CA GLY D 301 27.11 -10.07 32.51
C GLY D 301 25.73 -10.59 32.15
N LEU D 302 24.70 -9.93 32.67
CA LEU D 302 23.36 -10.35 32.41
C LEU D 302 22.51 -9.20 31.82
N PHE D 303 21.71 -9.60 30.83
CA PHE D 303 20.63 -8.82 30.21
C PHE D 303 19.36 -9.31 30.91
N LEU D 304 18.96 -8.55 31.91
CA LEU D 304 17.84 -8.88 32.76
C LEU D 304 16.56 -8.43 32.08
N VAL D 305 15.83 -9.37 31.50
CA VAL D 305 14.60 -9.10 30.74
C VAL D 305 13.41 -9.44 31.63
N LYS D 306 12.64 -8.39 31.98
CA LYS D 306 11.54 -8.51 32.95
C LYS D 306 10.24 -8.74 32.24
N LYS D 307 9.32 -9.41 32.90
CA LYS D 307 7.97 -9.45 32.42
C LYS D 307 7.33 -8.06 32.65
N PRO D 308 6.16 -7.79 32.02
CA PRO D 308 5.45 -6.53 32.20
C PRO D 308 5.24 -6.18 33.68
N ASP D 309 5.03 -7.16 34.55
CA ASP D 309 4.91 -6.89 36.00
C ASP D 309 6.16 -6.60 36.68
N GLY D 310 7.28 -6.58 35.96
CA GLY D 310 8.55 -6.16 36.56
C GLY D 310 9.35 -7.26 37.20
N THR D 311 8.84 -8.50 37.22
CA THR D 311 9.56 -9.60 37.81
C THR D 311 10.43 -10.33 36.76
N ILE D 312 11.41 -11.08 37.25
CA ILE D 312 12.32 -11.79 36.36
C ILE D 312 12.28 -13.22 36.80
N PRO D 313 11.61 -14.07 36.03
CA PRO D 313 11.45 -15.43 36.47
C PRO D 313 12.82 -16.08 36.67
N GLY D 314 12.93 -16.81 37.78
CA GLY D 314 14.09 -17.67 37.97
C GLY D 314 15.30 -16.94 38.48
N TYR D 315 15.17 -15.66 38.83
CA TYR D 315 16.31 -14.85 39.13
C TYR D 315 16.32 -14.19 40.51
N ASP D 316 17.33 -14.63 41.29
CA ASP D 316 17.74 -14.10 42.61
C ASP D 316 19.16 -13.54 42.56
N PRO D 317 19.33 -12.20 42.70
CA PRO D 317 20.70 -11.65 42.77
C PRO D 317 21.53 -12.24 43.92
N ALA E 40 35.46 7.80 -13.92
CA ALA E 40 36.86 7.35 -14.23
C ALA E 40 36.83 6.16 -15.22
N GLY E 41 38.01 5.63 -15.57
CA GLY E 41 38.12 4.37 -16.33
C GLY E 41 37.35 3.23 -15.66
N ALA E 42 36.93 2.25 -16.47
CA ALA E 42 36.25 1.04 -15.97
C ALA E 42 36.86 -0.25 -16.52
N ALA E 43 36.75 -1.33 -15.75
CA ALA E 43 37.41 -2.55 -16.16
C ALA E 43 36.65 -3.10 -17.37
N PRO E 44 37.38 -3.61 -18.36
CA PRO E 44 36.74 -4.27 -19.48
C PRO E 44 36.35 -5.71 -19.18
N ALA E 45 35.49 -6.29 -20.01
CA ALA E 45 35.31 -7.76 -20.01
C ALA E 45 36.68 -8.45 -20.22
N GLY E 46 36.96 -9.49 -19.46
CA GLY E 46 38.24 -10.17 -19.64
C GLY E 46 38.08 -11.32 -20.63
N GLY E 47 39.09 -12.18 -20.69
CA GLY E 47 39.17 -13.27 -21.67
C GLY E 47 40.50 -13.31 -22.41
N GLU E 48 41.49 -12.52 -22.03
CA GLU E 48 42.76 -12.56 -22.69
C GLU E 48 43.61 -13.67 -22.04
N VAL E 49 44.44 -14.30 -22.85
CA VAL E 49 45.46 -15.21 -22.33
C VAL E 49 46.70 -14.39 -22.16
N ARG E 50 47.20 -14.27 -20.92
CA ARG E 50 48.38 -13.48 -20.63
C ARG E 50 49.51 -14.33 -20.06
N ARG E 51 50.70 -13.75 -20.07
CA ARG E 51 51.94 -14.35 -19.61
C ARG E 51 52.75 -13.31 -18.87
N VAL E 52 53.44 -13.77 -17.84
CA VAL E 52 54.41 -12.96 -17.17
C VAL E 52 55.48 -13.91 -16.68
N THR E 53 56.71 -13.40 -16.58
CA THR E 53 57.75 -14.13 -15.90
C THR E 53 57.90 -13.62 -14.47
N LEU E 54 58.08 -14.56 -13.54
CA LEU E 54 58.27 -14.18 -12.13
C LEU E 54 59.48 -14.92 -11.58
N TYR E 55 60.31 -14.24 -10.80
CA TYR E 55 61.49 -14.84 -10.20
C TYR E 55 61.43 -14.76 -8.66
N ALA E 56 61.93 -15.79 -7.97
CA ALA E 56 62.26 -15.67 -6.54
C ALA E 56 63.74 -15.48 -6.36
N GLU E 57 64.15 -14.49 -5.58
CA GLU E 57 65.54 -14.16 -5.41
C GLU E 57 65.79 -13.69 -4.00
N ARG E 58 67.04 -13.78 -3.59
CA ARG E 58 67.47 -13.31 -2.29
C ARG E 58 67.65 -11.80 -2.41
N LEU E 59 67.11 -11.08 -1.43
CA LEU E 59 67.23 -9.61 -1.35
C LEU E 59 68.21 -9.27 -0.23
N ALA E 60 68.38 -7.97 0.00
CA ALA E 60 69.16 -7.44 1.11
C ALA E 60 68.67 -8.01 2.44
N GLY E 61 69.63 -8.35 3.30
CA GLY E 61 69.39 -8.80 4.66
C GLY E 61 68.76 -10.17 4.78
N GLY E 62 69.03 -11.07 3.82
CA GLY E 62 68.48 -12.40 3.87
C GLY E 62 66.97 -12.48 3.65
N GLN E 63 66.32 -11.39 3.28
CA GLN E 63 64.91 -11.48 2.81
C GLN E 63 64.81 -12.16 1.40
N LEU E 64 63.63 -12.66 1.08
CA LEU E 64 63.34 -13.39 -0.14
C LEU E 64 62.16 -12.68 -0.78
N GLY E 65 62.23 -12.40 -2.08
CA GLY E 65 61.06 -11.92 -2.75
C GLY E 65 60.91 -12.36 -4.17
N TYR E 66 59.76 -12.01 -4.71
CA TYR E 66 59.46 -12.19 -6.08
C TYR E 66 59.70 -10.89 -6.86
N GLY E 67 60.23 -11.03 -8.09
CA GLY E 67 60.22 -9.93 -9.02
C GLY E 67 59.79 -10.32 -10.42
N LEU E 68 59.43 -9.30 -11.18
CA LEU E 68 59.13 -9.47 -12.62
C LEU E 68 60.42 -9.77 -13.46
N GLU E 69 61.58 -9.34 -12.96
CA GLU E 69 62.85 -9.48 -13.64
C GLU E 69 63.93 -9.74 -12.58
N LYS E 70 65.01 -10.42 -12.95
CA LYS E 70 66.10 -10.64 -12.00
C LYS E 70 66.62 -9.32 -11.52
N GLY E 71 66.92 -9.21 -10.23
CA GLY E 71 67.43 -7.99 -9.64
C GLY E 71 66.34 -6.99 -9.31
N LYS E 72 65.09 -7.28 -9.67
CA LYS E 72 64.02 -6.36 -9.31
C LYS E 72 62.98 -6.96 -8.33
N ALA E 73 63.39 -7.91 -7.49
CA ALA E 73 62.42 -8.50 -6.58
C ALA E 73 62.05 -7.38 -5.59
N SER E 74 60.83 -7.45 -5.07
CA SER E 74 60.32 -6.51 -4.15
C SER E 74 59.45 -7.28 -3.12
N ILE E 75 59.27 -6.64 -1.98
CA ILE E 75 58.37 -7.11 -0.94
C ILE E 75 57.46 -5.93 -0.59
N PRO E 76 56.16 -6.07 -0.77
CA PRO E 76 55.51 -7.14 -1.42
C PRO E 76 55.92 -7.32 -2.89
N GLY E 77 55.56 -8.47 -3.42
CA GLY E 77 55.92 -8.79 -4.80
C GLY E 77 55.08 -7.98 -5.76
N PRO E 78 55.36 -8.14 -7.07
CA PRO E 78 54.63 -7.34 -8.05
C PRO E 78 53.15 -7.54 -8.05
N LEU E 79 52.42 -6.46 -8.33
CA LEU E 79 50.97 -6.54 -8.33
C LEU E 79 50.56 -7.21 -9.61
N ILE E 80 49.67 -8.19 -9.53
CA ILE E 80 49.18 -8.86 -10.71
C ILE E 80 47.72 -8.45 -10.81
N GLU E 81 47.32 -7.91 -11.94
CA GLU E 81 45.95 -7.54 -12.14
C GLU E 81 45.40 -8.26 -13.37
N LEU E 82 44.15 -8.71 -13.27
CA LEU E 82 43.52 -9.47 -14.32
C LEU E 82 42.05 -9.09 -14.35
N ASN E 83 41.41 -9.26 -15.51
CA ASN E 83 39.96 -9.12 -15.67
C ASN E 83 39.32 -10.47 -15.64
N GLU E 84 38.21 -10.64 -14.96
CA GLU E 84 37.52 -11.92 -15.00
C GLU E 84 37.39 -12.55 -16.39
N GLY E 85 37.89 -13.77 -16.54
CA GLY E 85 37.91 -14.47 -17.81
C GLY E 85 39.33 -14.68 -18.24
N ASP E 86 40.22 -13.81 -17.78
CA ASP E 86 41.59 -13.91 -18.14
C ASP E 86 42.24 -15.16 -17.62
N THR E 87 43.22 -15.64 -18.38
CA THR E 87 44.09 -16.75 -17.98
C THR E 87 45.47 -16.13 -17.86
N LEU E 88 46.28 -16.54 -16.88
CA LEU E 88 47.65 -16.07 -16.73
C LEU E 88 48.63 -17.23 -16.54
N HIS E 89 49.66 -17.26 -17.39
CA HIS E 89 50.67 -18.30 -17.34
C HIS E 89 51.85 -17.63 -16.75
N VAL E 90 52.20 -18.08 -15.54
CA VAL E 90 53.27 -17.51 -14.78
C VAL E 90 54.47 -18.42 -15.01
N GLU E 91 55.47 -17.88 -15.70
CA GLU E 91 56.68 -18.56 -16.02
C GLU E 91 57.59 -18.24 -14.91
N PHE E 92 57.65 -19.18 -13.97
CA PHE E 92 58.35 -18.98 -12.72
C PHE E 92 59.73 -19.59 -12.75
N GLU E 93 60.69 -18.85 -12.21
CA GLU E 93 62.03 -19.36 -11.99
C GLU E 93 62.50 -19.17 -10.53
N ASN E 94 62.92 -20.26 -9.93
CA ASN E 94 63.51 -20.22 -8.60
C ASN E 94 65.02 -20.06 -8.62
N THR E 95 65.52 -18.87 -8.24
CA THR E 95 66.98 -18.64 -8.17
C THR E 95 67.58 -18.97 -6.78
N LEU E 96 66.78 -19.49 -5.84
CA LEU E 96 67.31 -19.73 -4.48
C LEU E 96 68.02 -21.07 -4.40
N ASP E 97 68.57 -21.34 -3.22
CA ASP E 97 69.20 -22.60 -2.89
C ASP E 97 68.29 -23.57 -2.16
N VAL E 98 66.99 -23.25 -2.07
CA VAL E 98 65.96 -24.14 -1.55
C VAL E 98 64.78 -24.17 -2.51
N PRO E 99 63.98 -25.21 -2.44
CA PRO E 99 62.74 -25.21 -3.20
C PRO E 99 61.84 -24.08 -2.78
N VAL E 100 61.08 -23.57 -3.73
CA VAL E 100 60.12 -22.47 -3.50
C VAL E 100 58.93 -22.82 -4.35
N SER E 101 57.81 -22.21 -4.04
CA SER E 101 56.62 -22.40 -4.86
C SER E 101 55.82 -21.12 -4.98
N LEU E 102 54.69 -21.26 -5.66
CA LEU E 102 53.78 -20.13 -5.89
C LEU E 102 52.37 -20.68 -5.77
N HIS E 103 51.62 -20.15 -4.77
CA HIS E 103 50.28 -20.58 -4.42
C HIS E 103 49.42 -19.32 -4.46
N VAL E 104 48.24 -19.42 -5.03
CA VAL E 104 47.39 -18.26 -5.15
C VAL E 104 46.08 -18.53 -4.47
N HIS E 105 45.56 -17.49 -3.81
CA HIS E 105 44.20 -17.53 -3.22
C HIS E 105 43.25 -17.06 -4.28
N GLY E 106 42.07 -17.59 -4.16
CA GLY E 106 40.88 -17.18 -4.91
C GLY E 106 40.74 -17.60 -6.36
N LEU E 107 41.82 -17.54 -7.12
CA LEU E 107 41.81 -17.78 -8.57
C LEU E 107 41.62 -19.29 -8.81
N ASP E 108 41.24 -19.66 -10.04
CA ASP E 108 41.04 -21.08 -10.39
C ASP E 108 42.41 -21.60 -10.81
N TYR E 109 42.74 -22.83 -10.41
CA TYR E 109 43.96 -23.48 -10.86
C TYR E 109 43.74 -24.98 -10.68
N GLU E 110 44.27 -25.77 -11.59
CA GLU E 110 44.33 -27.20 -11.40
C GLU E 110 45.30 -27.62 -10.28
N ILE E 111 45.12 -28.81 -9.78
CA ILE E 111 45.94 -29.29 -8.66
C ILE E 111 47.45 -29.19 -8.95
N SER E 112 47.83 -29.28 -10.22
CA SER E 112 49.23 -29.23 -10.63
C SER E 112 49.84 -27.84 -10.49
N SER E 113 49.00 -26.83 -10.28
CA SER E 113 49.45 -25.46 -9.97
C SER E 113 49.08 -25.00 -8.55
N ASP E 114 48.94 -25.98 -7.64
CA ASP E 114 48.62 -25.77 -6.25
CA ASP E 114 48.59 -25.65 -6.26
C ASP E 114 49.77 -25.15 -5.45
N GLY E 115 50.99 -25.27 -6.00
CA GLY E 115 52.17 -24.79 -5.34
C GLY E 115 52.56 -25.47 -4.04
N THR E 116 52.07 -26.69 -3.81
CA THR E 116 52.43 -27.48 -2.64
C THR E 116 53.38 -28.60 -2.98
N LYS E 117 54.12 -29.00 -1.97
CA LYS E 117 54.97 -30.21 -2.04
C LYS E 117 54.17 -31.48 -2.22
N GLN E 118 53.06 -31.60 -1.52
N GLN E 118 53.04 -31.60 -1.52
CA GLN E 118 52.27 -32.81 -1.59
CA GLN E 118 52.24 -32.84 -1.58
C GLN E 118 51.83 -33.09 -3.04
C GLN E 118 51.62 -33.09 -2.95
N ASN E 119 51.44 -32.06 -3.78
CA ASN E 119 51.05 -32.29 -5.16
C ASN E 119 52.17 -32.01 -6.14
N LYS E 120 53.39 -32.09 -5.65
CA LYS E 120 54.61 -31.89 -6.43
C LYS E 120 54.54 -30.71 -7.39
N SER E 121 54.29 -29.53 -6.81
CA SER E 121 53.99 -28.31 -7.55
C SER E 121 54.96 -27.20 -7.15
N HIS E 122 56.01 -27.61 -6.48
CA HIS E 122 57.06 -26.73 -6.05
C HIS E 122 58.23 -26.82 -7.02
N VAL E 123 59.19 -25.89 -6.88
CA VAL E 123 60.24 -25.73 -7.82
C VAL E 123 61.57 -25.88 -7.12
N GLU E 124 62.30 -26.95 -7.52
CA GLU E 124 63.66 -27.22 -7.01
C GLU E 124 64.57 -26.03 -7.19
N PRO E 125 65.69 -25.97 -6.44
CA PRO E 125 66.58 -24.86 -6.61
C PRO E 125 67.09 -24.70 -8.02
N GLY E 126 67.06 -23.49 -8.53
CA GLY E 126 67.51 -23.20 -9.89
C GLY E 126 66.53 -23.58 -10.98
N GLY E 127 65.37 -24.13 -10.65
CA GLY E 127 64.46 -24.71 -11.63
C GLY E 127 63.43 -23.73 -12.14
N THR E 128 62.56 -24.20 -13.04
CA THR E 128 61.50 -23.37 -13.61
C THR E 128 60.26 -24.16 -13.71
N ARG E 129 59.13 -23.47 -13.83
CA ARG E 129 57.88 -24.14 -14.02
C ARG E 129 56.87 -23.05 -14.42
N THR E 130 55.87 -23.47 -15.18
CA THR E 130 54.79 -22.55 -15.49
C THR E 130 53.60 -22.90 -14.65
N TYR E 131 53.15 -21.97 -13.82
CA TYR E 131 51.89 -22.15 -13.11
C TYR E 131 50.85 -21.47 -13.97
N THR E 132 49.67 -22.07 -14.07
CA THR E 132 48.61 -21.45 -14.78
C THR E 132 47.47 -21.03 -13.84
N TRP E 133 47.11 -19.76 -13.89
CA TRP E 133 45.92 -19.32 -13.14
C TRP E 133 44.84 -18.91 -14.14
N ARG E 134 43.60 -19.30 -13.84
CA ARG E 134 42.43 -18.99 -14.63
C ARG E 134 41.45 -18.20 -13.76
N THR E 135 40.57 -17.48 -14.43
CA THR E 135 39.52 -16.79 -13.75
C THR E 135 38.26 -16.91 -14.56
N HIS E 136 37.13 -16.81 -13.90
CA HIS E 136 35.87 -16.92 -14.52
C HIS E 136 34.98 -15.74 -14.06
N GLU E 137 34.12 -15.32 -14.98
CA GLU E 137 32.98 -14.45 -14.71
C GLU E 137 31.92 -15.14 -13.88
N PRO E 138 31.06 -14.37 -13.22
CA PRO E 138 29.97 -14.95 -12.53
C PRO E 138 28.90 -15.30 -13.51
N GLY E 139 28.02 -16.17 -13.12
CA GLY E 139 26.95 -16.48 -14.02
C GLY E 139 26.09 -17.58 -13.52
N ARG E 140 25.15 -17.89 -14.37
CA ARG E 140 24.11 -18.83 -14.06
C ARG E 140 24.49 -20.20 -14.64
N ARG E 141 24.66 -21.18 -13.76
CA ARG E 141 24.92 -22.56 -14.14
C ARG E 141 23.70 -23.15 -14.88
N ALA E 142 23.85 -24.36 -15.45
CA ALA E 142 22.76 -25.10 -16.15
C ALA E 142 21.53 -25.29 -15.26
N ASP E 143 21.79 -25.72 -14.02
CA ASP E 143 20.74 -25.97 -13.06
C ASP E 143 20.07 -24.70 -12.52
N GLY E 144 20.60 -23.53 -12.88
CA GLY E 144 19.97 -22.24 -12.50
C GLY E 144 20.57 -21.53 -11.26
N THR E 145 21.46 -22.22 -10.53
CA THR E 145 22.18 -21.64 -9.36
C THR E 145 23.22 -20.64 -9.80
N TRP E 146 23.61 -19.76 -8.88
CA TRP E 146 24.51 -18.67 -9.23
C TRP E 146 25.96 -19.08 -8.89
N ARG E 147 26.83 -19.01 -9.90
CA ARG E 147 28.23 -19.30 -9.71
C ARG E 147 28.94 -17.98 -9.50
N ALA E 148 29.57 -17.81 -8.33
CA ALA E 148 30.25 -16.55 -8.01
C ALA E 148 31.45 -16.43 -8.92
N GLY E 149 31.79 -15.24 -9.35
CA GLY E 149 33.05 -15.09 -10.14
C GLY E 149 34.35 -15.06 -9.37
N SER E 150 35.45 -14.93 -10.09
CA SER E 150 36.77 -14.89 -9.47
C SER E 150 37.11 -13.50 -8.87
N ALA E 151 36.31 -12.46 -9.16
CA ALA E 151 36.74 -11.09 -8.81
C ALA E 151 37.03 -10.97 -7.32
N GLY E 152 38.07 -10.23 -7.02
CA GLY E 152 38.39 -9.98 -5.61
C GLY E 152 39.75 -9.41 -5.46
N TYR E 153 40.06 -9.05 -4.21
CA TYR E 153 41.36 -8.69 -3.81
C TYR E 153 41.97 -9.98 -3.21
N TRP E 154 42.93 -10.58 -3.94
CA TRP E 154 43.53 -11.84 -3.59
C TRP E 154 45.04 -11.72 -3.46
N HIS E 155 45.73 -12.83 -3.33
CA HIS E 155 47.15 -12.76 -3.08
C HIS E 155 47.83 -14.08 -3.43
N TYR E 156 49.13 -14.03 -3.61
CA TYR E 156 49.90 -15.21 -3.84
C TYR E 156 51.06 -15.29 -2.88
N HIS E 157 51.52 -16.51 -2.57
CA HIS E 157 52.72 -16.65 -1.73
C HIS E 157 53.35 -18.00 -1.80
N ASP E 158 54.58 -18.10 -1.29
CA ASP E 158 55.29 -19.36 -1.19
C ASP E 158 54.62 -20.35 -0.22
N HIS E 159 54.69 -21.64 -0.57
CA HIS E 159 54.09 -22.67 0.23
C HIS E 159 55.07 -23.75 0.69
N VAL E 160 56.35 -23.56 0.44
CA VAL E 160 57.33 -24.61 0.81
C VAL E 160 58.62 -24.19 1.51
N VAL E 161 58.89 -22.92 1.60
CA VAL E 161 60.10 -22.48 2.27
C VAL E 161 59.88 -22.50 3.78
N GLY E 162 60.87 -23.07 4.48
CA GLY E 162 60.83 -23.24 5.92
C GLY E 162 59.96 -24.44 6.36
N THR E 163 58.68 -24.43 5.96
CA THR E 163 57.79 -25.56 6.20
C THR E 163 57.00 -25.79 4.95
N GLU E 164 56.26 -26.91 4.95
CA GLU E 164 55.31 -27.27 3.93
C GLU E 164 54.09 -26.36 3.84
N HIS E 165 54.02 -25.31 4.70
CA HIS E 165 53.02 -24.33 4.56
C HIS E 165 53.58 -22.96 4.26
N GLY E 166 54.88 -22.91 3.92
CA GLY E 166 55.54 -21.72 3.47
C GLY E 166 55.85 -20.72 4.56
N THR E 167 55.93 -21.20 5.79
CA THR E 167 56.04 -20.29 6.97
C THR E 167 57.24 -19.43 6.85
N GLY E 168 58.38 -20.04 6.47
CA GLY E 168 59.57 -19.23 6.26
C GLY E 168 59.53 -18.38 5.00
N GLY E 169 59.02 -18.91 3.88
CA GLY E 169 58.95 -18.06 2.66
C GLY E 169 58.18 -16.73 2.90
N ILE E 170 57.02 -16.89 3.52
CA ILE E 170 56.09 -15.81 3.86
C ILE E 170 56.74 -14.86 4.77
N ARG E 171 57.29 -15.40 5.86
CA ARG E 171 58.04 -14.57 6.81
C ARG E 171 59.15 -13.77 6.15
N ASN E 172 59.91 -14.41 5.23
CA ASN E 172 61.00 -13.73 4.52
C ASN E 172 60.63 -12.75 3.43
N GLY E 173 59.35 -12.73 3.03
CA GLY E 173 58.87 -11.80 2.06
C GLY E 173 58.28 -12.29 0.75
N LEU E 174 58.04 -13.61 0.60
CA LEU E 174 57.49 -14.20 -0.60
C LEU E 174 55.97 -14.19 -0.57
N TYR E 175 55.47 -13.00 -0.80
CA TYR E 175 54.03 -12.73 -0.89
C TYR E 175 53.79 -11.51 -1.80
N GLY E 176 52.65 -11.48 -2.47
CA GLY E 176 52.28 -10.35 -3.27
C GLY E 176 50.81 -10.32 -3.51
N PRO E 177 50.31 -9.19 -4.03
CA PRO E 177 48.90 -8.95 -4.33
C PRO E 177 48.47 -9.40 -5.71
N VAL E 178 47.24 -9.89 -5.83
CA VAL E 178 46.56 -10.13 -7.11
C VAL E 178 45.17 -9.52 -7.08
N ILE E 179 44.83 -8.69 -8.05
CA ILE E 179 43.50 -8.12 -8.15
C ILE E 179 42.88 -8.68 -9.40
N VAL E 180 41.73 -9.30 -9.23
CA VAL E 180 40.85 -9.67 -10.28
C VAL E 180 39.63 -8.72 -10.32
N ARG E 181 39.55 -7.98 -11.44
CA ARG E 181 38.48 -7.00 -11.68
C ARG E 181 37.29 -7.59 -12.36
N ARG E 182 36.09 -7.14 -11.95
CA ARG E 182 34.86 -7.45 -12.66
C ARG E 182 34.58 -6.35 -13.70
N LYS E 183 34.10 -6.76 -14.87
CA LYS E 183 33.66 -5.82 -15.91
C LYS E 183 32.84 -4.70 -15.25
N GLY E 184 33.21 -3.48 -15.57
CA GLY E 184 32.56 -2.31 -15.03
C GLY E 184 33.10 -1.81 -13.72
N ASP E 185 33.97 -2.56 -13.02
CA ASP E 185 34.63 -1.98 -11.83
C ASP E 185 35.29 -0.65 -12.15
N VAL E 186 35.18 0.30 -11.22
CA VAL E 186 35.86 1.57 -11.35
C VAL E 186 37.35 1.35 -11.13
N LEU E 187 38.18 1.98 -11.96
CA LEU E 187 39.65 1.88 -11.92
C LEU E 187 40.27 3.05 -11.14
N PRO E 188 41.33 2.78 -10.39
CA PRO E 188 41.87 3.81 -9.56
C PRO E 188 42.95 4.66 -10.26
N ASP E 189 43.28 5.82 -9.70
CA ASP E 189 44.52 6.55 -10.05
C ASP E 189 45.81 5.93 -9.55
N ALA E 190 45.76 5.14 -8.48
CA ALA E 190 46.89 4.46 -7.95
C ALA E 190 46.48 3.29 -7.05
N THR E 191 47.36 2.29 -6.92
CA THR E 191 47.08 1.11 -6.04
C THR E 191 48.25 0.98 -5.11
N HIS E 192 48.00 0.88 -3.81
CA HIS E 192 49.08 0.67 -2.86
C HIS E 192 48.76 -0.58 -2.06
N THR E 193 49.78 -1.35 -1.77
CA THR E 193 49.57 -2.68 -1.10
C THR E 193 50.17 -2.61 0.28
N ILE E 194 49.37 -2.96 1.28
CA ILE E 194 49.81 -2.93 2.69
C ILE E 194 49.65 -4.35 3.25
N VAL E 195 50.77 -4.95 3.62
CA VAL E 195 50.79 -6.28 4.21
C VAL E 195 51.22 -6.24 5.68
N PHE E 196 50.34 -6.69 6.54
CA PHE E 196 50.69 -6.95 7.92
C PHE E 196 51.29 -8.31 8.01
N ASN E 197 52.59 -8.37 8.05
CA ASN E 197 53.27 -9.67 8.11
C ASN E 197 53.93 -9.88 9.50
N ASP E 198 53.30 -10.73 10.32
CA ASP E 198 53.61 -10.81 11.77
C ASP E 198 53.59 -9.37 12.34
N MET E 199 54.70 -8.87 12.88
CA MET E 199 54.70 -7.57 13.55
C MET E 199 55.25 -6.48 12.61
N THR E 200 55.34 -6.75 11.33
CA THR E 200 55.85 -5.77 10.38
C THR E 200 54.79 -5.37 9.36
N ILE E 201 55.01 -4.19 8.78
CA ILE E 201 54.33 -3.82 7.57
C ILE E 201 55.31 -4.04 6.40
N ASN E 202 54.96 -4.90 5.44
CA ASN E 202 55.82 -5.10 4.21
C ASN E 202 57.27 -5.44 4.54
N ASN E 203 57.44 -6.13 5.66
CA ASN E 203 58.74 -6.59 6.16
C ASN E 203 59.68 -5.49 6.56
N ARG E 204 59.16 -4.30 6.79
CA ARG E 204 60.01 -3.15 7.05
C ARG E 204 60.37 -3.07 8.52
N PRO E 205 61.52 -2.47 8.85
CA PRO E 205 61.79 -2.17 10.27
C PRO E 205 60.64 -1.38 10.91
N ALA E 206 60.54 -1.50 12.24
CA ALA E 206 59.50 -0.80 12.98
C ALA E 206 59.52 0.71 12.77
N HIS E 207 58.33 1.26 12.62
CA HIS E 207 58.08 2.69 12.44
C HIS E 207 58.74 3.23 11.20
N THR E 208 58.74 2.46 10.11
CA THR E 208 59.30 2.99 8.85
C THR E 208 58.22 3.01 7.81
N GLY E 209 56.98 3.02 8.23
CA GLY E 209 55.96 3.17 7.28
C GLY E 209 55.76 1.79 6.74
N PRO E 210 55.57 1.67 5.44
CA PRO E 210 55.70 2.75 4.45
C PRO E 210 54.61 3.83 4.42
N ASN E 211 54.97 4.99 3.86
CA ASN E 211 54.03 6.02 3.53
C ASN E 211 53.66 5.98 2.05
N PHE E 212 52.46 6.42 1.73
CA PHE E 212 51.97 6.52 0.37
C PHE E 212 51.40 7.90 0.15
N GLU E 213 51.70 8.51 -1.00
CA GLU E 213 51.24 9.89 -1.31
C GLU E 213 50.14 9.90 -2.26
N ALA E 214 49.28 10.90 -2.09
CA ALA E 214 48.24 11.10 -3.02
C ALA E 214 47.85 12.58 -3.03
N THR E 215 47.06 12.99 -3.99
CA THR E 215 46.52 14.34 -4.02
C THR E 215 45.06 14.29 -3.71
N VAL E 216 44.61 15.31 -2.98
CA VAL E 216 43.20 15.44 -2.61
C VAL E 216 42.35 15.20 -3.85
N GLY E 217 41.33 14.35 -3.77
CA GLY E 217 40.48 14.00 -4.93
C GLY E 217 40.88 12.73 -5.65
N ASP E 218 42.14 12.29 -5.51
CA ASP E 218 42.58 11.05 -6.18
C ASP E 218 41.71 9.83 -5.77
N ARG E 219 41.54 8.89 -6.71
CA ARG E 219 40.88 7.61 -6.43
C ARG E 219 42.02 6.62 -6.12
N VAL E 220 42.17 6.36 -4.83
CA VAL E 220 43.29 5.58 -4.34
C VAL E 220 42.81 4.19 -3.92
N GLU E 221 43.44 3.15 -4.49
CA GLU E 221 43.08 1.77 -4.20
C GLU E 221 44.07 1.18 -3.17
N ILE E 222 43.55 0.51 -2.14
CA ILE E 222 44.37 -0.14 -1.09
C ILE E 222 44.04 -1.63 -1.14
N VAL E 223 45.09 -2.42 -1.30
CA VAL E 223 45.07 -3.86 -1.19
C VAL E 223 45.74 -4.17 0.16
N MET E 224 45.00 -4.84 1.01
CA MET E 224 45.40 -5.10 2.41
C MET E 224 45.43 -6.63 2.66
N ILE E 225 46.60 -7.13 2.96
CA ILE E 225 46.83 -8.57 3.13
C ILE E 225 47.45 -8.81 4.49
N THR E 226 47.09 -9.90 5.16
CA THR E 226 47.70 -10.21 6.48
C THR E 226 48.34 -11.60 6.39
N HIS E 227 49.44 -11.80 7.09
CA HIS E 227 50.20 -13.03 7.04
C HIS E 227 50.84 -13.32 8.38
N GLY E 228 50.98 -14.61 8.65
CA GLY E 228 51.80 -15.14 9.70
C GLY E 228 51.05 -15.75 10.84
N GLU E 229 51.33 -15.22 12.03
CA GLU E 229 50.93 -15.82 13.29
C GLU E 229 49.85 -15.04 14.07
N TYR E 230 49.77 -13.73 13.80
CA TYR E 230 48.99 -12.76 14.66
C TYR E 230 47.77 -12.17 13.96
N TYR E 231 46.72 -11.95 14.73
CA TYR E 231 45.57 -11.21 14.23
C TYR E 231 45.93 -9.74 14.40
N HIS E 232 45.30 -8.91 13.60
CA HIS E 232 45.49 -7.46 13.61
C HIS E 232 44.15 -6.72 13.42
N THR E 233 44.16 -5.38 13.58
CA THR E 233 43.10 -4.56 13.12
C THR E 233 43.63 -3.41 12.27
N PHE E 234 43.09 -3.28 11.06
CA PHE E 234 43.59 -2.30 10.16
C PHE E 234 42.71 -1.05 10.30
N HIS E 235 43.34 0.07 10.69
CA HIS E 235 42.66 1.36 10.82
C HIS E 235 43.32 2.47 9.97
N MET E 236 42.46 3.27 9.33
CA MET E 236 42.88 4.56 8.66
C MET E 236 42.19 5.81 9.23
N HIS E 237 42.98 6.78 9.63
CA HIS E 237 42.42 8.08 10.05
C HIS E 237 41.88 8.80 8.84
N GLY E 238 40.72 9.43 9.00
CA GLY E 238 40.18 10.38 8.01
C GLY E 238 39.41 9.76 6.88
N HIS E 239 39.42 8.41 6.81
CA HIS E 239 38.90 7.68 5.66
C HIS E 239 38.16 6.41 6.10
N ARG E 240 37.14 6.01 5.34
CA ARG E 240 36.36 4.86 5.63
C ARG E 240 36.00 4.18 4.32
N TRP E 241 35.51 2.93 4.41
CA TRP E 241 35.28 2.13 3.21
C TRP E 241 34.24 1.10 3.54
N ALA E 242 33.65 0.53 2.49
CA ALA E 242 32.64 -0.54 2.69
C ALA E 242 33.34 -1.91 2.84
N ASP E 243 32.83 -2.74 3.74
CA ASP E 243 33.41 -4.06 3.97
C ASP E 243 32.74 -5.07 3.02
N ASN E 244 33.01 -4.87 1.75
CA ASN E 244 32.49 -5.74 0.70
C ASN E 244 33.60 -5.93 -0.34
N ARG E 245 33.26 -6.49 -1.48
CA ARG E 245 34.29 -6.75 -2.51
C ARG E 245 35.12 -5.56 -2.84
N THR E 246 34.44 -4.48 -3.27
CA THR E 246 35.08 -3.37 -3.92
C THR E 246 35.53 -2.34 -2.93
N GLY E 247 34.94 -2.39 -1.74
CA GLY E 247 35.16 -1.33 -0.76
C GLY E 247 34.27 -0.14 -0.99
N MET E 248 33.31 -0.27 -1.91
CA MET E 248 32.44 0.84 -2.29
C MET E 248 31.03 0.32 -2.35
N LEU E 249 30.11 1.14 -1.88
CA LEU E 249 28.71 0.82 -1.91
C LEU E 249 28.24 0.93 -3.33
N THR E 250 27.38 0.04 -3.76
CA THR E 250 26.84 0.11 -5.13
C THR E 250 25.81 1.24 -5.27
N GLY E 251 25.19 1.64 -4.16
CA GLY E 251 24.10 2.58 -4.19
C GLY E 251 23.39 2.53 -2.87
N PRO E 252 22.33 3.32 -2.71
CA PRO E 252 21.60 3.43 -1.45
C PRO E 252 20.96 2.16 -0.92
N ASP E 253 20.81 1.14 -1.74
CA ASP E 253 20.22 -0.13 -1.28
C ASP E 253 21.26 -1.17 -0.86
N ASP E 254 22.53 -0.82 -0.96
CA ASP E 254 23.63 -1.75 -0.55
C ASP E 254 23.78 -1.77 0.96
N PRO E 255 23.48 -2.91 1.58
CA PRO E 255 23.50 -3.05 3.00
C PRO E 255 24.92 -3.36 3.56
N SER E 256 25.94 -3.27 2.71
CA SER E 256 27.30 -3.56 3.20
C SER E 256 27.65 -2.50 4.23
N GLN E 257 28.42 -2.92 5.24
CA GLN E 257 28.89 -2.02 6.29
C GLN E 257 29.99 -1.09 5.90
N VAL E 258 29.90 0.14 6.43
CA VAL E 258 30.93 1.16 6.30
C VAL E 258 31.76 1.22 7.58
N ILE E 259 33.06 1.02 7.47
CA ILE E 259 33.94 0.80 8.63
C ILE E 259 35.18 1.59 8.40
N ASP E 260 35.96 1.80 9.46
CA ASP E 260 37.30 2.33 9.33
C ASP E 260 38.33 1.47 10.06
N ASN E 261 37.91 0.27 10.49
CA ASN E 261 38.70 -0.57 11.33
C ASN E 261 38.26 -1.99 11.07
N LYS E 262 39.19 -2.79 10.59
CA LYS E 262 38.90 -4.10 10.03
C LYS E 262 39.81 -5.20 10.67
N ILE E 263 39.17 -6.14 11.39
CA ILE E 263 39.92 -7.23 11.97
C ILE E 263 40.42 -8.14 10.82
N CYS E 264 41.64 -8.62 10.91
CA CYS E 264 42.22 -9.49 9.88
C CYS E 264 43.24 -10.45 10.48
N GLY E 265 43.28 -11.66 9.91
CA GLY E 265 44.18 -12.68 10.34
C GLY E 265 45.03 -13.25 9.19
N PRO E 266 45.92 -14.21 9.48
CA PRO E 266 46.77 -14.78 8.42
C PRO E 266 45.99 -15.25 7.18
N ALA E 267 46.43 -14.70 6.04
CA ALA E 267 45.92 -14.92 4.67
C ALA E 267 44.65 -14.25 4.33
N ASP E 268 44.16 -13.35 5.20
CA ASP E 268 42.99 -12.58 4.85
C ASP E 268 43.44 -11.55 3.82
N SER E 269 42.58 -11.29 2.84
CA SER E 269 42.86 -10.22 1.85
C SER E 269 41.57 -9.47 1.55
N PHE E 270 41.65 -8.16 1.61
CA PHE E 270 40.58 -7.26 1.25
C PHE E 270 41.21 -5.99 0.63
N GLY E 271 40.33 -5.21 0.04
CA GLY E 271 40.74 -3.98 -0.59
C GLY E 271 39.59 -3.01 -0.70
N PHE E 272 39.92 -1.77 -1.05
CA PHE E 272 38.96 -0.73 -1.20
C PHE E 272 39.54 0.44 -2.02
N GLN E 273 38.67 1.35 -2.42
CA GLN E 273 39.06 2.58 -3.07
C GLN E 273 38.48 3.72 -2.26
N ILE E 274 39.29 4.73 -1.99
CA ILE E 274 38.85 5.91 -1.28
C ILE E 274 39.22 7.09 -2.16
N ILE E 275 38.44 8.16 -2.03
CA ILE E 275 38.79 9.48 -2.55
C ILE E 275 39.61 10.15 -1.50
N ALA E 276 40.88 10.37 -1.81
CA ALA E 276 41.81 10.91 -0.83
C ALA E 276 41.35 12.28 -0.34
N GLY E 277 41.38 12.47 0.96
CA GLY E 277 40.95 13.72 1.59
C GLY E 277 39.47 14.03 1.52
N GLU E 278 38.67 13.13 1.05
CA GLU E 278 37.25 13.43 0.84
C GLU E 278 36.52 13.82 2.15
N GLY E 279 36.05 15.06 2.19
CA GLY E 279 35.30 15.56 3.36
C GLY E 279 36.21 15.86 4.51
N VAL E 280 37.49 15.67 4.36
CA VAL E 280 38.43 15.82 5.46
C VAL E 280 39.65 16.67 5.14
N GLY E 281 40.00 16.76 3.83
CA GLY E 281 41.06 17.65 3.37
C GLY E 281 42.43 17.02 3.40
N ALA E 282 43.44 17.82 3.09
CA ALA E 282 44.80 17.37 3.02
C ALA E 282 45.40 17.18 4.37
N GLY E 283 46.52 16.46 4.36
CA GLY E 283 47.24 16.11 5.57
C GLY E 283 48.02 14.82 5.56
N ALA E 284 48.78 14.62 6.61
CA ALA E 284 49.45 13.35 6.87
C ALA E 284 48.49 12.42 7.64
N TRP E 285 47.74 11.58 6.94
CA TRP E 285 46.69 10.75 7.59
C TRP E 285 47.26 9.38 8.04
N MET E 286 47.33 9.19 9.33
CA MET E 286 47.94 7.98 9.86
C MET E 286 47.15 6.75 9.46
N TYR E 287 47.83 5.66 9.13
CA TYR E 287 47.15 4.38 9.12
C TYR E 287 47.96 3.48 10.06
N HIS E 288 47.30 2.54 10.73
CA HIS E 288 48.02 1.68 11.64
C HIS E 288 47.25 0.43 12.00
N CYS E 289 47.99 -0.56 12.50
CA CYS E 289 47.31 -1.60 13.27
C CYS E 289 46.77 -0.97 14.57
N HIS E 290 45.53 -1.31 14.95
CA HIS E 290 44.93 -0.69 16.16
C HIS E 290 45.03 -1.55 17.43
N VAL E 291 45.59 -2.75 17.29
CA VAL E 291 46.04 -3.50 18.45
C VAL E 291 47.13 -2.68 19.11
N GLN E 292 46.97 -2.36 20.40
CA GLN E 292 47.70 -1.18 20.92
C GLN E 292 49.20 -1.39 20.96
N SER E 293 49.64 -2.54 21.37
CA SER E 293 51.06 -2.75 21.41
C SER E 293 51.66 -2.80 19.99
N HIS E 294 50.83 -3.19 18.99
CA HIS E 294 51.29 -3.30 17.60
C HIS E 294 51.56 -1.89 17.01
N SER E 295 50.65 -0.96 17.24
CA SER E 295 50.91 0.45 16.93
C SER E 295 52.07 1.00 17.71
N ASP E 296 52.15 0.74 19.02
CA ASP E 296 53.27 1.20 19.81
C ASP E 296 54.61 0.66 19.28
N MET E 297 54.65 -0.61 18.87
CA MET E 297 55.91 -1.20 18.38
C MET E 297 56.20 -0.94 16.90
N GLY E 298 55.37 -0.21 16.20
CA GLY E 298 55.82 0.25 14.88
C GLY E 298 54.98 -0.09 13.66
N MET E 299 53.80 -0.67 13.87
CA MET E 299 52.87 -0.96 12.80
C MET E 299 52.02 0.26 12.50
N VAL E 300 52.71 1.23 11.93
CA VAL E 300 52.14 2.56 11.66
C VAL E 300 52.78 3.09 10.39
N GLY E 301 51.99 3.80 9.59
CA GLY E 301 52.46 4.55 8.43
C GLY E 301 51.60 5.78 8.16
N LEU E 302 51.97 6.55 7.12
CA LEU E 302 51.24 7.77 6.76
C LEU E 302 50.71 7.66 5.34
N PHE E 303 49.45 8.04 5.17
CA PHE E 303 48.82 8.27 3.91
C PHE E 303 48.86 9.80 3.70
N LEU E 304 49.88 10.23 3.00
CA LEU E 304 50.24 11.65 2.82
C LEU E 304 49.37 12.26 1.75
N VAL E 305 48.32 12.97 2.14
CA VAL E 305 47.44 13.54 1.18
C VAL E 305 47.83 15.01 0.95
N LYS E 306 48.20 15.26 -0.30
CA LYS E 306 48.74 16.54 -0.74
C LYS E 306 47.65 17.45 -1.26
N LYS E 307 47.79 18.75 -0.98
CA LYS E 307 47.02 19.76 -1.66
C LYS E 307 47.41 19.76 -3.15
N PRO E 308 46.54 20.31 -3.99
CA PRO E 308 46.93 20.33 -5.39
C PRO E 308 48.30 20.95 -5.58
N ASP E 309 48.71 21.89 -4.73
CA ASP E 309 50.03 22.53 -4.91
C ASP E 309 51.20 21.72 -4.39
N GLY E 310 50.94 20.50 -3.87
CA GLY E 310 52.00 19.58 -3.49
C GLY E 310 52.38 19.62 -2.02
N THR E 311 51.80 20.56 -1.28
CA THR E 311 52.18 20.70 0.10
C THR E 311 51.23 19.92 1.01
N ILE E 312 51.75 19.57 2.19
CA ILE E 312 50.99 18.83 3.20
C ILE E 312 50.82 19.72 4.43
N PRO E 313 49.60 20.22 4.67
CA PRO E 313 49.29 21.01 5.87
C PRO E 313 49.82 20.33 7.11
N GLY E 314 50.55 21.07 7.94
CA GLY E 314 51.03 20.58 9.21
C GLY E 314 51.99 19.41 9.24
N TYR E 315 52.75 19.20 8.16
CA TYR E 315 53.63 18.03 8.07
C TYR E 315 55.07 18.30 7.63
N ASP E 316 56.00 17.73 8.42
CA ASP E 316 57.51 17.82 8.32
C ASP E 316 58.22 16.85 7.32
N PRO E 317 58.45 17.27 6.03
CA PRO E 317 58.92 16.40 4.95
C PRO E 317 59.82 15.22 5.35
N GLY F 41 16.94 -31.79 -3.46
CA GLY F 41 15.98 -30.74 -3.92
C GLY F 41 16.22 -29.44 -3.17
N ALA F 42 15.16 -28.92 -2.60
CA ALA F 42 15.14 -27.64 -1.87
C ALA F 42 14.51 -27.89 -0.52
N ALA F 43 14.96 -27.18 0.52
CA ALA F 43 14.32 -27.39 1.82
C ALA F 43 12.84 -26.94 1.77
N PRO F 44 11.98 -27.63 2.51
CA PRO F 44 10.56 -27.27 2.63
C PRO F 44 10.27 -26.25 3.73
N ALA F 45 9.03 -25.75 3.77
CA ALA F 45 8.57 -24.96 4.90
C ALA F 45 8.60 -25.86 6.08
N GLY F 46 9.10 -25.36 7.20
CA GLY F 46 9.04 -26.14 8.41
C GLY F 46 7.76 -25.87 9.14
N GLY F 47 7.72 -26.34 10.38
CA GLY F 47 6.55 -26.23 11.22
C GLY F 47 6.24 -27.59 11.84
N GLU F 48 7.12 -28.59 11.76
CA GLU F 48 6.88 -29.88 12.46
C GLU F 48 7.36 -29.85 13.91
N VAL F 49 6.73 -30.65 14.76
CA VAL F 49 7.23 -30.89 16.09
C VAL F 49 8.08 -32.16 15.97
N ARG F 50 9.34 -32.07 16.40
CA ARG F 50 10.28 -33.22 16.30
C ARG F 50 10.82 -33.54 17.65
N ARG F 51 11.32 -34.77 17.79
CA ARG F 51 11.84 -35.28 19.06
C ARG F 51 13.08 -36.07 18.76
N VAL F 52 14.05 -36.02 19.66
CA VAL F 52 15.23 -36.81 19.51
C VAL F 52 15.76 -37.06 20.88
N THR F 53 16.42 -38.20 21.05
CA THR F 53 17.13 -38.53 22.27
C THR F 53 18.61 -38.22 22.03
N LEU F 54 19.20 -37.64 23.07
CA LEU F 54 20.62 -37.33 23.10
C LEU F 54 21.24 -37.77 24.41
N TYR F 55 22.48 -38.27 24.33
CA TYR F 55 23.23 -38.78 25.48
C TYR F 55 24.61 -38.15 25.55
N ALA F 56 25.06 -37.77 26.74
CA ALA F 56 26.43 -37.42 26.99
C ALA F 56 27.14 -38.63 27.61
N GLU F 57 28.23 -39.06 26.99
CA GLU F 57 28.97 -40.26 27.45
C GLU F 57 30.44 -40.07 27.32
N ARG F 58 31.16 -40.81 28.17
CA ARG F 58 32.62 -40.88 28.13
C ARG F 58 33.01 -41.64 26.90
N LEU F 59 34.06 -41.14 26.25
CA LEU F 59 34.77 -41.80 25.17
C LEU F 59 36.17 -42.09 25.65
N ALA F 60 36.91 -42.82 24.82
CA ALA F 60 38.28 -43.21 25.15
C ALA F 60 39.16 -41.97 25.26
N GLY F 61 40.09 -42.03 26.20
CA GLY F 61 41.15 -41.03 26.32
C GLY F 61 40.70 -39.79 27.04
N GLY F 62 39.78 -39.97 28.00
CA GLY F 62 39.18 -38.86 28.75
C GLY F 62 38.18 -37.99 27.97
N GLN F 63 37.78 -38.43 26.78
CA GLN F 63 37.01 -37.55 25.91
C GLN F 63 35.56 -37.66 26.31
N LEU F 64 34.81 -36.66 25.89
CA LEU F 64 33.40 -36.60 26.20
C LEU F 64 32.63 -36.24 24.93
N GLY F 65 31.54 -36.97 24.66
CA GLY F 65 30.83 -36.78 23.40
C GLY F 65 29.34 -36.86 23.55
N TYR F 66 28.62 -36.24 22.61
CA TYR F 66 27.20 -36.45 22.48
C TYR F 66 26.93 -37.54 21.45
N GLY F 67 25.85 -38.28 21.64
CA GLY F 67 25.42 -39.36 20.70
C GLY F 67 23.90 -39.49 20.64
N LEU F 68 23.40 -39.96 19.48
CA LEU F 68 21.95 -40.23 19.30
C LEU F 68 21.48 -41.48 20.04
N GLU F 69 22.44 -42.40 20.30
CA GLU F 69 22.22 -43.61 21.09
C GLU F 69 23.45 -43.88 21.94
N LYS F 70 23.24 -44.65 23.00
CA LYS F 70 24.32 -45.04 23.88
C LYS F 70 25.30 -45.83 23.08
N GLY F 71 26.57 -45.67 23.42
CA GLY F 71 27.65 -46.28 22.68
C GLY F 71 27.86 -45.71 21.30
N LYS F 72 27.11 -44.69 20.91
CA LYS F 72 27.30 -44.07 19.56
C LYS F 72 27.69 -42.57 19.60
N ALA F 73 28.18 -42.11 20.74
CA ALA F 73 28.65 -40.72 20.87
C ALA F 73 29.83 -40.45 19.95
N SER F 74 29.92 -39.21 19.45
CA SER F 74 30.97 -38.83 18.51
C SER F 74 31.41 -37.40 18.83
N ILE F 75 32.56 -37.03 18.29
CA ILE F 75 33.06 -35.66 18.29
C ILE F 75 33.37 -35.29 16.86
N PRO F 76 32.70 -34.31 16.26
CA PRO F 76 31.63 -33.52 16.86
C PRO F 76 30.45 -34.39 17.07
N GLY F 77 29.54 -33.96 17.93
CA GLY F 77 28.25 -34.64 18.14
C GLY F 77 27.37 -34.72 16.91
N PRO F 78 26.24 -35.46 17.00
CA PRO F 78 25.35 -35.62 15.82
C PRO F 78 24.86 -34.26 15.24
N LEU F 79 24.74 -34.22 13.93
CA LEU F 79 24.22 -33.09 13.22
C LEU F 79 22.72 -33.05 13.38
N ILE F 80 22.21 -31.96 13.92
CA ILE F 80 20.77 -31.72 14.00
C ILE F 80 20.35 -30.81 12.84
N GLU F 81 19.29 -31.20 12.14
CA GLU F 81 18.80 -30.46 11.01
C GLU F 81 17.34 -30.17 11.20
N LEU F 82 16.98 -28.90 11.02
CA LEU F 82 15.58 -28.46 11.19
C LEU F 82 15.27 -27.52 10.08
N ASN F 83 13.98 -27.35 9.78
CA ASN F 83 13.50 -26.31 8.89
C ASN F 83 12.85 -25.17 9.70
N GLU F 84 13.00 -23.94 9.27
CA GLU F 84 12.37 -22.79 10.00
C GLU F 84 10.88 -23.05 10.33
N GLY F 85 10.54 -23.02 11.62
CA GLY F 85 9.22 -23.29 12.14
C GLY F 85 9.17 -24.53 12.99
N ASP F 86 10.10 -25.44 12.78
CA ASP F 86 10.14 -26.66 13.53
C ASP F 86 10.44 -26.38 14.96
N THR F 87 9.91 -27.25 15.81
CA THR F 87 10.23 -27.34 17.19
C THR F 87 10.94 -28.67 17.39
N LEU F 88 11.99 -28.68 18.20
CA LEU F 88 12.67 -29.90 18.56
C LEU F 88 12.63 -30.03 20.06
N HIS F 89 12.09 -31.15 20.54
CA HIS F 89 12.24 -31.55 21.94
C HIS F 89 13.40 -32.56 22.10
N VAL F 90 14.42 -32.16 22.84
CA VAL F 90 15.66 -32.94 22.92
C VAL F 90 15.59 -33.67 24.25
N GLU F 91 15.37 -34.97 24.20
CA GLU F 91 15.39 -35.74 25.42
C GLU F 91 16.85 -36.11 25.75
N PHE F 92 17.40 -35.43 26.75
CA PHE F 92 18.81 -35.51 27.06
C PHE F 92 19.13 -36.31 28.31
N GLU F 93 20.07 -37.25 28.20
CA GLU F 93 20.46 -38.02 29.35
C GLU F 93 21.96 -37.92 29.56
N ASN F 94 22.27 -37.63 30.79
CA ASN F 94 23.64 -37.44 31.27
C ASN F 94 24.12 -38.70 31.95
N THR F 95 24.99 -39.43 31.22
CA THR F 95 25.59 -40.68 31.72
C THR F 95 26.89 -40.45 32.48
N LEU F 96 27.36 -39.21 32.50
CA LEU F 96 28.55 -38.87 33.25
C LEU F 96 28.39 -38.76 34.77
N ASP F 97 29.53 -38.73 35.44
CA ASP F 97 29.70 -38.48 36.87
C ASP F 97 29.59 -37.05 37.31
N VAL F 98 29.55 -36.13 36.36
CA VAL F 98 29.47 -34.71 36.69
C VAL F 98 28.24 -34.16 35.99
N PRO F 99 27.72 -33.04 36.47
CA PRO F 99 26.61 -32.41 35.73
C PRO F 99 27.05 -32.03 34.32
N VAL F 100 26.15 -32.11 33.36
CA VAL F 100 26.38 -31.65 31.97
C VAL F 100 25.12 -30.91 31.50
N SER F 101 25.26 -30.14 30.42
CA SER F 101 24.11 -29.39 29.90
C SER F 101 24.15 -29.37 28.40
N LEU F 102 23.05 -28.91 27.80
CA LEU F 102 22.95 -28.62 26.40
C LEU F 102 22.57 -27.14 26.25
N HIS F 103 23.39 -26.38 25.54
CA HIS F 103 23.13 -24.97 25.20
C HIS F 103 23.27 -24.80 23.74
N VAL F 104 22.35 -24.06 23.16
CA VAL F 104 22.29 -23.92 21.74
C VAL F 104 22.41 -22.46 21.31
N HIS F 105 23.10 -22.24 20.23
CA HIS F 105 23.17 -20.91 19.63
C HIS F 105 22.10 -20.74 18.59
N GLY F 106 21.65 -19.50 18.40
CA GLY F 106 20.79 -19.18 17.24
C GLY F 106 19.28 -19.42 17.41
N LEU F 107 18.96 -20.59 17.95
CA LEU F 107 17.54 -21.00 18.08
C LEU F 107 16.84 -20.30 19.24
N ASP F 108 15.51 -20.35 19.20
CA ASP F 108 14.71 -19.81 20.29
C ASP F 108 14.60 -20.83 21.37
N TYR F 109 14.75 -20.43 22.61
CA TYR F 109 14.51 -21.30 23.73
C TYR F 109 14.10 -20.41 24.87
N GLU F 110 13.33 -20.97 25.80
CA GLU F 110 13.07 -20.31 27.02
C GLU F 110 14.19 -20.46 28.01
N ILE F 111 14.12 -19.69 29.06
CA ILE F 111 15.17 -19.66 30.01
C ILE F 111 15.39 -21.07 30.65
N SER F 112 14.32 -21.86 30.74
CA SER F 112 14.40 -23.21 31.30
C SER F 112 15.17 -24.20 30.40
N SER F 113 15.46 -23.83 29.16
CA SER F 113 16.27 -24.63 28.24
C SER F 113 17.56 -23.91 27.82
N ASP F 114 17.98 -23.04 28.72
N ASP F 114 18.02 -23.00 28.66
CA ASP F 114 19.18 -22.23 28.60
CA ASP F 114 19.26 -22.29 28.29
C ASP F 114 20.45 -23.07 28.72
C ASP F 114 20.51 -23.08 28.70
N GLY F 115 20.36 -24.17 29.46
CA GLY F 115 21.49 -25.09 29.66
C GLY F 115 22.56 -24.57 30.62
N THR F 116 22.17 -23.69 31.52
CA THR F 116 23.11 -23.09 32.45
C THR F 116 22.76 -23.39 33.86
N LYS F 117 23.76 -23.31 34.71
CA LYS F 117 23.62 -23.50 36.15
C LYS F 117 22.85 -22.28 36.71
N GLN F 118 23.10 -21.10 36.14
CA GLN F 118 22.37 -19.84 36.44
C GLN F 118 20.88 -19.99 36.34
N ASN F 119 20.36 -20.64 35.29
CA ASN F 119 18.91 -20.87 35.15
C ASN F 119 18.52 -22.32 35.42
N LYS F 120 19.30 -22.96 36.32
CA LYS F 120 19.03 -24.30 36.81
C LYS F 120 18.59 -25.25 35.68
N SER F 121 19.23 -25.19 34.53
CA SER F 121 18.85 -26.10 33.43
C SER F 121 19.97 -27.04 32.98
N HIS F 122 20.83 -27.37 33.93
CA HIS F 122 21.85 -28.41 33.72
C HIS F 122 21.30 -29.68 34.25
N VAL F 123 22.00 -30.79 34.02
CA VAL F 123 21.44 -32.12 34.31
C VAL F 123 22.42 -32.80 35.25
N GLU F 124 21.94 -33.20 36.43
CA GLU F 124 22.73 -33.97 37.35
C GLU F 124 23.27 -35.30 36.80
N PRO F 125 24.38 -35.81 37.39
CA PRO F 125 24.85 -37.10 36.92
C PRO F 125 23.72 -38.11 36.90
N GLY F 126 23.53 -38.81 35.81
CA GLY F 126 22.50 -39.80 35.75
C GLY F 126 21.13 -39.30 35.35
N GLY F 127 20.91 -37.99 35.39
CA GLY F 127 19.57 -37.42 35.22
C GLY F 127 19.22 -37.30 33.75
N THR F 128 17.96 -36.92 33.51
N THR F 128 17.95 -36.99 33.48
CA THR F 128 17.42 -36.74 32.18
CA THR F 128 17.49 -36.69 32.15
C THR F 128 16.61 -35.46 32.15
C THR F 128 16.75 -35.39 32.19
N ARG F 129 16.60 -34.79 31.02
CA ARG F 129 15.87 -33.52 30.88
C ARG F 129 15.49 -33.33 29.45
N THR F 130 14.35 -32.69 29.25
CA THR F 130 13.93 -32.40 27.91
C THR F 130 14.18 -30.93 27.67
N TYR F 131 15.03 -30.63 26.69
CA TYR F 131 15.31 -29.27 26.26
C TYR F 131 14.42 -29.01 25.08
N THR F 132 13.79 -27.84 25.04
CA THR F 132 12.99 -27.47 23.88
C THR F 132 13.64 -26.33 23.13
N TRP F 133 13.81 -26.53 21.82
CA TRP F 133 14.31 -25.54 20.91
C TRP F 133 13.28 -25.26 19.83
N ARG F 134 13.05 -23.99 19.55
CA ARG F 134 12.02 -23.57 18.61
C ARG F 134 12.74 -22.81 17.59
N THR F 135 12.09 -22.66 16.45
CA THR F 135 12.63 -21.85 15.36
C THR F 135 11.48 -21.11 14.67
N HIS F 136 11.77 -20.02 14.00
CA HIS F 136 10.70 -19.26 13.37
C HIS F 136 11.16 -18.76 12.04
N GLU F 137 10.18 -18.44 11.20
CA GLU F 137 10.42 -17.94 9.88
C GLU F 137 10.63 -16.46 10.00
N PRO F 138 11.30 -15.85 9.03
CA PRO F 138 11.33 -14.40 9.02
C PRO F 138 9.97 -13.84 8.68
N GLY F 139 9.71 -12.59 9.04
CA GLY F 139 8.38 -12.01 8.78
C GLY F 139 8.26 -10.63 9.36
N ARG F 140 7.19 -9.93 9.00
CA ARG F 140 7.02 -8.55 9.47
C ARG F 140 6.39 -8.56 10.86
N ARG F 141 6.83 -7.69 11.75
CA ARG F 141 6.26 -7.63 13.11
C ARG F 141 4.96 -6.79 13.12
N ALA F 142 4.34 -6.66 14.30
CA ALA F 142 3.15 -5.80 14.45
C ALA F 142 3.54 -4.36 14.07
N ASP F 143 4.77 -3.96 14.37
CA ASP F 143 5.26 -2.64 14.09
C ASP F 143 5.70 -2.46 12.65
N GLY F 144 5.59 -3.51 11.82
CA GLY F 144 6.03 -3.44 10.42
C GLY F 144 7.53 -3.55 10.16
N THR F 145 8.34 -3.73 11.22
CA THR F 145 9.77 -4.00 10.98
C THR F 145 9.93 -5.49 10.61
N TRP F 146 11.14 -5.83 10.15
CA TRP F 146 11.43 -7.17 9.65
C TRP F 146 12.11 -8.06 10.70
N ARG F 147 11.45 -9.10 11.11
CA ARG F 147 12.02 -9.99 12.13
C ARG F 147 12.85 -11.07 11.44
N ALA F 148 14.13 -11.16 11.77
CA ALA F 148 14.97 -12.22 11.20
C ALA F 148 14.55 -13.57 11.63
N GLY F 149 14.64 -14.50 10.71
CA GLY F 149 14.32 -15.87 11.01
C GLY F 149 15.47 -16.59 11.72
N SER F 150 15.23 -17.84 12.08
CA SER F 150 16.18 -18.65 12.79
C SER F 150 17.21 -19.28 11.88
N ALA F 151 17.05 -19.22 10.56
CA ALA F 151 17.87 -20.06 9.73
C ALA F 151 19.33 -19.71 9.87
N GLY F 152 20.16 -20.74 9.89
CA GLY F 152 21.60 -20.52 9.73
C GLY F 152 22.38 -21.78 10.10
N TYR F 153 23.70 -21.61 10.18
CA TYR F 153 24.60 -22.62 10.65
C TYR F 153 24.98 -22.27 12.08
N TRP F 154 24.43 -23.07 12.98
CA TRP F 154 24.45 -22.88 14.41
C TRP F 154 25.17 -24.10 15.01
N HIS F 155 25.14 -24.23 16.33
CA HIS F 155 25.86 -25.25 17.09
C HIS F 155 25.33 -25.37 18.51
N TYR F 156 25.57 -26.53 19.14
CA TYR F 156 25.21 -26.78 20.54
C TYR F 156 26.42 -27.23 21.26
N HIS F 157 26.42 -27.00 22.58
CA HIS F 157 27.51 -27.45 23.39
C HIS F 157 27.20 -27.40 24.86
N ASP F 158 28.07 -28.03 25.65
CA ASP F 158 27.95 -28.03 27.08
C ASP F 158 28.29 -26.65 27.68
N HIS F 159 27.69 -26.37 28.81
CA HIS F 159 27.82 -25.09 29.50
C HIS F 159 28.12 -25.24 30.95
N VAL F 160 28.31 -26.47 31.45
CA VAL F 160 28.62 -26.64 32.88
C VAL F 160 29.80 -27.58 33.21
N VAL F 161 30.46 -28.24 32.28
CA VAL F 161 31.50 -29.16 32.67
C VAL F 161 32.78 -28.36 32.84
N GLY F 162 33.43 -28.49 33.99
CA GLY F 162 34.72 -27.77 34.27
C GLY F 162 34.48 -26.43 34.91
N THR F 163 33.69 -25.58 34.22
CA THR F 163 33.26 -24.28 34.69
C THR F 163 31.81 -24.04 34.25
N GLU F 164 31.23 -22.96 34.76
CA GLU F 164 29.85 -22.53 34.38
C GLU F 164 29.76 -21.92 32.98
N HIS F 165 30.88 -21.94 32.24
CA HIS F 165 30.83 -21.72 30.76
C HIS F 165 31.15 -22.94 29.89
N GLY F 166 31.29 -24.09 30.54
CA GLY F 166 31.47 -25.36 29.86
C GLY F 166 32.86 -25.57 29.31
N THR F 167 33.83 -24.88 29.90
CA THR F 167 35.19 -24.87 29.38
C THR F 167 35.77 -26.32 29.30
N GLY F 168 35.51 -27.15 30.31
CA GLY F 168 36.01 -28.51 30.27
C GLY F 168 35.26 -29.40 29.32
N GLY F 169 33.94 -29.21 29.28
CA GLY F 169 33.03 -29.88 28.36
C GLY F 169 33.31 -29.68 26.91
N ILE F 170 33.46 -28.43 26.54
CA ILE F 170 33.85 -28.06 25.16
C ILE F 170 35.26 -28.60 24.86
N ARG F 171 36.17 -28.48 25.81
CA ARG F 171 37.57 -28.90 25.57
C ARG F 171 37.60 -30.38 25.23
N ASN F 172 36.79 -31.15 25.95
CA ASN F 172 36.79 -32.63 25.81
C ASN F 172 35.89 -33.22 24.80
N GLY F 173 35.11 -32.38 24.11
CA GLY F 173 34.36 -32.84 22.90
C GLY F 173 32.84 -32.67 22.91
N LEU F 174 32.28 -32.03 23.94
CA LEU F 174 30.85 -31.79 24.00
C LEU F 174 30.42 -30.61 23.12
N TYR F 175 30.40 -30.81 21.80
CA TYR F 175 29.87 -29.86 20.89
C TYR F 175 29.41 -30.54 19.63
N GLY F 176 28.48 -29.91 18.92
CA GLY F 176 28.06 -30.42 17.62
C GLY F 176 27.24 -29.39 16.86
N PRO F 177 26.95 -29.66 15.58
CA PRO F 177 26.40 -28.74 14.60
C PRO F 177 24.88 -28.81 14.47
N VAL F 178 24.27 -27.64 14.25
CA VAL F 178 22.80 -27.51 14.08
C VAL F 178 22.65 -26.69 12.83
N ILE F 179 21.86 -27.19 11.87
CA ILE F 179 21.56 -26.43 10.71
C ILE F 179 20.06 -26.16 10.73
N VAL F 180 19.70 -24.90 10.54
CA VAL F 180 18.30 -24.48 10.40
C VAL F 180 18.16 -23.95 8.98
N ARG F 181 17.35 -24.67 8.19
CA ARG F 181 17.13 -24.33 6.80
C ARG F 181 15.91 -23.46 6.59
N ARG F 182 16.05 -22.56 5.61
CA ARG F 182 14.97 -21.71 5.15
C ARG F 182 14.26 -22.44 3.97
N LYS F 183 12.96 -22.26 3.89
CA LYS F 183 12.20 -22.86 2.79
C LYS F 183 12.86 -22.44 1.50
N GLY F 184 13.11 -23.38 0.60
CA GLY F 184 13.75 -23.03 -0.66
C GLY F 184 15.29 -23.18 -0.68
N ASP F 185 15.93 -23.39 0.47
CA ASP F 185 17.42 -23.48 0.45
C ASP F 185 17.81 -24.74 -0.31
N VAL F 186 18.80 -24.62 -1.19
CA VAL F 186 19.36 -25.77 -1.96
C VAL F 186 19.91 -26.77 -0.97
N LEU F 187 19.59 -28.07 -1.14
CA LEU F 187 20.15 -29.11 -0.28
C LEU F 187 21.43 -29.74 -0.93
N PRO F 188 22.36 -30.26 -0.09
CA PRO F 188 23.64 -30.73 -0.61
C PRO F 188 23.62 -32.22 -0.82
N ASP F 189 24.60 -32.73 -1.53
CA ASP F 189 24.85 -34.17 -1.60
C ASP F 189 25.47 -34.70 -0.33
N ALA F 190 26.22 -33.88 0.39
CA ALA F 190 26.78 -34.38 1.63
C ALA F 190 27.07 -33.19 2.54
N THR F 191 27.10 -33.45 3.83
CA THR F 191 27.49 -32.41 4.77
C THR F 191 28.65 -32.87 5.62
N HIS F 192 29.67 -32.05 5.78
CA HIS F 192 30.81 -32.35 6.72
C HIS F 192 31.02 -31.23 7.73
N THR F 193 31.36 -31.60 8.95
CA THR F 193 31.52 -30.67 10.04
C THR F 193 32.98 -30.61 10.43
N ILE F 194 33.55 -29.38 10.38
CA ILE F 194 34.92 -29.11 10.77
C ILE F 194 34.93 -28.14 11.94
N VAL F 195 35.39 -28.60 13.10
CA VAL F 195 35.43 -27.81 14.32
C VAL F 195 36.90 -27.54 14.64
N PHE F 196 37.29 -26.27 14.65
CA PHE F 196 38.56 -25.92 15.19
C PHE F 196 38.38 -25.72 16.71
N ASN F 197 38.81 -26.74 17.46
CA ASN F 197 38.74 -26.70 18.91
C ASN F 197 40.13 -26.52 19.45
N ASP F 198 40.42 -25.31 19.94
CA ASP F 198 41.78 -24.99 20.29
C ASP F 198 42.68 -25.23 19.08
N MET F 199 43.73 -25.99 19.24
CA MET F 199 44.65 -26.32 18.16
C MET F 199 44.36 -27.68 17.50
N THR F 200 43.14 -28.22 17.65
CA THR F 200 42.77 -29.47 17.04
C THR F 200 41.63 -29.27 16.02
N ILE F 201 41.43 -30.24 15.14
CA ILE F 201 40.25 -30.33 14.31
C ILE F 201 39.50 -31.51 14.88
N ASN F 202 38.30 -31.22 15.38
CA ASN F 202 37.40 -32.23 15.93
C ASN F 202 38.04 -33.09 17.00
N ASN F 203 38.89 -32.47 17.80
CA ASN F 203 39.62 -33.09 18.91
C ASN F 203 40.52 -34.23 18.45
N ARG F 204 40.88 -34.23 17.19
CA ARG F 204 41.79 -35.26 16.69
C ARG F 204 43.24 -34.92 16.98
N PRO F 205 44.07 -35.97 17.06
CA PRO F 205 45.56 -35.72 17.11
C PRO F 205 46.03 -34.87 15.90
N ALA F 206 47.11 -34.14 16.10
CA ALA F 206 47.77 -33.36 15.07
C ALA F 206 47.97 -34.18 13.78
N HIS F 207 47.81 -33.55 12.62
CA HIS F 207 48.20 -34.15 11.39
C HIS F 207 47.40 -35.41 11.12
N THR F 208 46.15 -35.44 11.57
CA THR F 208 45.24 -36.58 11.25
C THR F 208 43.94 -36.12 10.57
N GLY F 209 44.00 -35.06 9.81
CA GLY F 209 42.83 -34.64 9.06
C GLY F 209 41.80 -34.02 10.00
N PRO F 210 40.51 -34.29 9.84
CA PRO F 210 39.97 -35.37 8.98
C PRO F 210 39.98 -35.04 7.51
N ASN F 211 39.91 -36.10 6.71
CA ASN F 211 39.74 -35.95 5.26
C ASN F 211 38.34 -36.27 4.87
N PHE F 212 37.86 -35.67 3.79
CA PHE F 212 36.51 -35.92 3.30
C PHE F 212 36.63 -36.15 1.80
N GLU F 213 35.81 -37.03 1.26
CA GLU F 213 35.85 -37.41 -0.15
C GLU F 213 34.65 -36.86 -0.88
N ALA F 214 34.83 -36.45 -2.11
CA ALA F 214 33.73 -36.17 -2.95
C ALA F 214 34.06 -36.53 -4.35
N THR F 215 33.04 -36.50 -5.22
CA THR F 215 33.28 -36.54 -6.68
C THR F 215 33.15 -35.18 -7.33
N VAL F 216 33.96 -34.91 -8.34
CA VAL F 216 33.80 -33.68 -9.09
C VAL F 216 32.32 -33.39 -9.44
N GLY F 217 31.85 -32.16 -9.24
CA GLY F 217 30.42 -31.88 -9.40
C GLY F 217 29.50 -32.10 -8.23
N ASP F 218 29.92 -32.77 -7.17
CA ASP F 218 29.05 -32.91 -6.01
C ASP F 218 28.83 -31.53 -5.35
N ARG F 219 27.66 -31.34 -4.78
CA ARG F 219 27.34 -30.14 -3.95
C ARG F 219 27.64 -30.51 -2.51
N VAL F 220 28.73 -29.97 -2.02
CA VAL F 220 29.26 -30.36 -0.71
C VAL F 220 29.07 -29.21 0.25
N GLU F 221 28.42 -29.55 1.36
CA GLU F 221 28.19 -28.63 2.47
C GLU F 221 29.26 -28.80 3.55
N ILE F 222 29.80 -27.68 3.99
CA ILE F 222 30.69 -27.58 5.16
C ILE F 222 30.05 -26.73 6.24
N VAL F 223 29.99 -27.32 7.44
CA VAL F 223 29.67 -26.61 8.64
C VAL F 223 30.97 -26.40 9.43
N MET F 224 31.30 -25.13 9.68
CA MET F 224 32.55 -24.77 10.28
C MET F 224 32.32 -24.03 11.62
N ILE F 225 32.74 -24.65 12.73
CA ILE F 225 32.55 -24.13 14.07
C ILE F 225 33.90 -24.03 14.76
N THR F 226 34.03 -23.01 15.60
CA THR F 226 35.24 -22.82 16.34
C THR F 226 34.92 -22.79 17.79
N HIS F 227 35.86 -23.26 18.58
CA HIS F 227 35.74 -23.34 20.04
C HIS F 227 37.09 -23.17 20.74
N GLY F 228 36.98 -22.78 21.98
CA GLY F 228 38.09 -22.71 22.94
C GLY F 228 38.73 -21.33 23.18
N GLU F 229 40.02 -21.26 22.93
CA GLU F 229 40.85 -20.10 23.33
C GLU F 229 41.38 -19.27 22.18
N TYR F 230 41.45 -19.84 20.96
CA TYR F 230 42.26 -19.23 19.86
C TYR F 230 41.39 -18.71 18.71
N TYR F 231 41.89 -17.67 18.04
CA TYR F 231 41.37 -17.26 16.74
C TYR F 231 42.10 -18.13 15.67
N HIS F 232 41.40 -18.32 14.56
CA HIS F 232 41.84 -19.14 13.49
C HIS F 232 41.46 -18.42 12.19
N THR F 233 42.06 -18.87 11.11
CA THR F 233 41.54 -18.55 9.78
C THR F 233 41.38 -19.81 8.92
N PHE F 234 40.15 -20.11 8.52
CA PHE F 234 39.84 -21.33 7.81
C PHE F 234 40.06 -21.07 6.31
N HIS F 235 40.97 -21.84 5.69
CA HIS F 235 41.26 -21.76 4.26
C HIS F 235 41.06 -23.12 3.54
N MET F 236 40.50 -23.11 2.34
CA MET F 236 40.46 -24.26 1.40
C MET F 236 41.14 -23.95 0.12
N HIS F 237 41.98 -24.87 -0.36
CA HIS F 237 42.61 -24.66 -1.63
C HIS F 237 41.61 -24.97 -2.70
N GLY F 238 41.71 -24.26 -3.82
CA GLY F 238 40.90 -24.59 -5.00
C GLY F 238 39.42 -24.31 -5.04
N HIS F 239 38.84 -23.78 -3.95
CA HIS F 239 37.44 -23.53 -3.79
C HIS F 239 37.24 -22.23 -2.99
N ARG F 240 36.10 -21.59 -3.21
CA ARG F 240 35.79 -20.30 -2.60
C ARG F 240 34.30 -20.31 -2.27
N TRP F 241 33.86 -19.41 -1.39
CA TRP F 241 32.46 -19.38 -1.03
C TRP F 241 32.09 -17.97 -0.59
N ALA F 242 30.80 -17.74 -0.39
CA ALA F 242 30.33 -16.37 -0.06
C ALA F 242 30.27 -16.25 1.45
N ASP F 243 30.74 -15.12 1.99
CA ASP F 243 30.64 -14.89 3.43
C ASP F 243 29.22 -14.40 3.81
N ASN F 244 28.21 -15.25 3.60
CA ASN F 244 26.81 -14.89 3.91
C ASN F 244 26.19 -16.08 4.57
N ARG F 245 24.87 -16.15 4.74
CA ARG F 245 24.21 -17.27 5.45
C ARG F 245 24.46 -18.64 4.83
N THR F 246 24.21 -18.75 3.53
CA THR F 246 24.28 -19.99 2.81
C THR F 246 25.65 -20.31 2.23
N GLY F 247 26.50 -19.33 2.09
CA GLY F 247 27.79 -19.51 1.42
C GLY F 247 27.76 -19.47 -0.10
N MET F 248 26.61 -19.08 -0.63
CA MET F 248 26.35 -18.93 -2.07
C MET F 248 25.67 -17.60 -2.30
N LEU F 249 26.07 -16.92 -3.35
CA LEU F 249 25.38 -15.69 -3.75
C LEU F 249 23.96 -16.02 -4.29
N THR F 250 22.97 -15.19 -3.98
CA THR F 250 21.60 -15.43 -4.52
C THR F 250 21.54 -15.04 -5.98
N GLY F 251 22.37 -14.10 -6.38
CA GLY F 251 22.38 -13.67 -7.76
C GLY F 251 23.38 -12.55 -7.93
N PRO F 252 23.31 -11.86 -9.08
CA PRO F 252 24.27 -10.82 -9.42
C PRO F 252 24.04 -9.55 -8.61
N ASP F 253 22.92 -9.44 -7.90
CA ASP F 253 22.78 -8.28 -7.04
C ASP F 253 23.23 -8.53 -5.61
N ASP F 254 23.72 -9.73 -5.31
CA ASP F 254 24.13 -10.06 -3.93
C ASP F 254 25.52 -9.47 -3.71
N PRO F 255 25.67 -8.52 -2.79
CA PRO F 255 26.95 -7.92 -2.65
C PRO F 255 27.84 -8.66 -1.62
N SER F 256 27.37 -9.78 -1.10
CA SER F 256 28.20 -10.57 -0.15
C SER F 256 29.58 -10.80 -0.79
N GLN F 257 30.57 -10.79 0.06
CA GLN F 257 31.94 -11.09 -0.32
C GLN F 257 32.20 -12.55 -0.68
N VAL F 258 33.13 -12.75 -1.60
CA VAL F 258 33.53 -14.10 -2.07
C VAL F 258 34.94 -14.26 -1.57
N ILE F 259 35.14 -15.25 -0.71
CA ILE F 259 36.40 -15.44 -0.02
C ILE F 259 36.87 -16.90 -0.03
N ASP F 260 38.13 -17.13 0.31
CA ASP F 260 38.59 -18.49 0.56
C ASP F 260 39.34 -18.62 1.89
N ASN F 261 39.19 -17.60 2.76
CA ASN F 261 39.94 -17.52 3.98
C ASN F 261 39.08 -16.75 4.95
N LYS F 262 38.65 -17.38 6.02
CA LYS F 262 37.71 -16.77 6.95
C LYS F 262 38.22 -16.80 8.38
N ILE F 263 38.38 -15.62 8.98
CA ILE F 263 38.79 -15.49 10.37
C ILE F 263 37.63 -15.95 11.25
N CYS F 264 37.94 -16.68 12.32
CA CYS F 264 36.92 -17.14 13.24
C CYS F 264 37.55 -17.25 14.66
N GLY F 265 36.67 -17.18 15.65
CA GLY F 265 37.00 -17.21 17.04
C GLY F 265 36.02 -18.11 17.73
N PRO F 266 36.23 -18.32 19.00
CA PRO F 266 35.39 -19.22 19.80
C PRO F 266 33.91 -18.93 19.71
N ALA F 267 33.19 -19.99 19.36
CA ALA F 267 31.72 -20.03 19.19
C ALA F 267 31.22 -19.42 17.89
N ASP F 268 32.11 -19.01 16.99
CA ASP F 268 31.69 -18.66 15.63
C ASP F 268 31.23 -19.92 14.92
N SER F 269 30.12 -19.82 14.13
CA SER F 269 29.74 -20.84 13.22
C SER F 269 29.33 -20.24 11.92
N PHE F 270 29.74 -20.88 10.86
CA PHE F 270 29.37 -20.45 9.52
C PHE F 270 29.32 -21.70 8.69
N GLY F 271 28.76 -21.59 7.53
CA GLY F 271 28.78 -22.69 6.61
C GLY F 271 28.68 -22.24 5.22
N PHE F 272 28.77 -23.22 4.34
CA PHE F 272 28.66 -22.99 2.91
C PHE F 272 28.45 -24.27 2.12
N GLN F 273 28.07 -24.08 0.86
CA GLN F 273 28.11 -25.17 -0.18
C GLN F 273 29.01 -24.80 -1.31
N ILE F 274 29.80 -25.75 -1.76
CA ILE F 274 30.66 -25.62 -2.91
C ILE F 274 30.40 -26.81 -3.86
N ILE F 275 30.70 -26.59 -5.13
CA ILE F 275 30.66 -27.65 -6.10
C ILE F 275 32.06 -28.20 -6.16
N ALA F 276 32.21 -29.44 -5.75
CA ALA F 276 33.53 -30.05 -5.68
C ALA F 276 34.24 -30.04 -7.01
N GLY F 277 35.42 -29.43 -7.05
CA GLY F 277 36.28 -29.38 -8.22
C GLY F 277 35.84 -28.40 -9.28
N GLU F 278 34.89 -27.54 -8.97
CA GLU F 278 34.42 -26.60 -9.99
C GLU F 278 35.50 -25.67 -10.51
N GLY F 279 35.68 -25.69 -11.84
CA GLY F 279 36.71 -24.87 -12.52
C GLY F 279 38.14 -25.25 -12.20
N VAL F 280 38.33 -26.31 -11.40
CA VAL F 280 39.67 -26.67 -10.91
C VAL F 280 40.01 -28.17 -11.05
N GLY F 281 39.01 -29.04 -11.01
CA GLY F 281 39.23 -30.44 -11.29
C GLY F 281 39.55 -31.25 -10.06
N ALA F 282 39.76 -32.51 -10.33
CA ALA F 282 39.97 -33.48 -9.31
C ALA F 282 41.33 -33.30 -8.62
N GLY F 283 41.45 -33.84 -7.41
CA GLY F 283 42.75 -33.87 -6.68
C GLY F 283 42.57 -33.78 -5.16
N ALA F 284 43.69 -33.82 -4.45
CA ALA F 284 43.74 -33.87 -2.99
C ALA F 284 43.93 -32.41 -2.60
N TRP F 285 42.81 -31.74 -2.38
CA TRP F 285 42.72 -30.31 -2.08
C TRP F 285 42.84 -30.05 -0.58
N MET F 286 43.92 -29.41 -0.23
CA MET F 286 44.16 -29.08 1.16
C MET F 286 43.16 -28.07 1.73
N TYR F 287 42.64 -28.33 2.92
CA TYR F 287 42.07 -27.24 3.74
C TYR F 287 42.93 -27.13 5.00
N HIS F 288 43.07 -25.91 5.56
CA HIS F 288 43.83 -25.77 6.80
C HIS F 288 43.56 -24.43 7.42
N CYS F 289 43.89 -24.32 8.69
CA CYS F 289 44.00 -23.04 9.33
C CYS F 289 45.19 -22.36 8.72
N HIS F 290 45.07 -21.06 8.44
CA HIS F 290 46.18 -20.39 7.75
C HIS F 290 47.12 -19.68 8.72
N VAL F 291 46.74 -19.63 9.99
CA VAL F 291 47.68 -19.19 11.03
C VAL F 291 48.86 -20.12 10.92
N GLN F 292 50.06 -19.58 10.73
CA GLN F 292 51.13 -20.43 10.22
C GLN F 292 51.57 -21.56 11.14
N SER F 293 51.75 -21.29 12.41
CA SER F 293 52.11 -22.36 13.37
C SER F 293 51.00 -23.38 13.49
N HIS F 294 49.78 -22.99 13.22
CA HIS F 294 48.63 -23.90 13.40
C HIS F 294 48.62 -24.96 12.30
N SER F 295 48.76 -24.49 11.04
CA SER F 295 48.99 -25.42 9.89
C SER F 295 50.24 -26.27 10.11
N ASP F 296 51.34 -25.65 10.53
CA ASP F 296 52.57 -26.40 10.76
C ASP F 296 52.45 -27.48 11.86
N MET F 297 51.64 -27.25 12.89
CA MET F 297 51.41 -28.20 14.00
C MET F 297 50.23 -29.09 13.81
N GLY F 298 49.57 -29.00 12.67
CA GLY F 298 48.68 -30.09 12.20
C GLY F 298 47.22 -29.84 12.03
N MET F 299 46.83 -28.56 12.03
CA MET F 299 45.47 -28.15 11.66
C MET F 299 45.34 -28.10 10.14
N VAL F 300 45.33 -29.31 9.56
CA VAL F 300 45.37 -29.50 8.13
C VAL F 300 44.57 -30.74 7.83
N GLY F 301 43.90 -30.74 6.70
CA GLY F 301 43.13 -31.90 6.26
C GLY F 301 43.03 -31.84 4.78
N LEU F 302 42.39 -32.86 4.20
CA LEU F 302 42.24 -33.01 2.75
C LEU F 302 40.82 -33.14 2.29
N PHE F 303 40.50 -32.38 1.25
CA PHE F 303 39.21 -32.48 0.54
C PHE F 303 39.55 -33.28 -0.71
N LEU F 304 39.29 -34.57 -0.65
CA LEU F 304 39.75 -35.48 -1.70
C LEU F 304 38.66 -35.55 -2.78
N VAL F 305 38.88 -34.86 -3.88
CA VAL F 305 37.88 -34.75 -4.93
C VAL F 305 38.26 -35.73 -6.02
N LYS F 306 37.39 -36.71 -6.26
CA LYS F 306 37.63 -37.77 -7.28
C LYS F 306 37.04 -37.48 -8.66
N LYS F 307 37.72 -37.91 -9.71
CA LYS F 307 37.10 -37.99 -11.03
C LYS F 307 35.90 -38.91 -10.99
N PRO F 308 35.04 -38.88 -12.05
CA PRO F 308 34.00 -39.90 -12.12
C PRO F 308 34.51 -41.34 -12.08
N ASP F 309 35.72 -41.61 -12.56
CA ASP F 309 36.25 -42.96 -12.44
C ASP F 309 36.85 -43.34 -11.05
N GLY F 310 36.69 -42.46 -10.05
CA GLY F 310 37.21 -42.76 -8.69
C GLY F 310 38.67 -42.33 -8.43
N THR F 311 39.40 -41.86 -9.42
CA THR F 311 40.77 -41.54 -9.25
C THR F 311 40.94 -40.08 -8.76
N ILE F 312 42.03 -39.88 -8.03
CA ILE F 312 42.47 -38.58 -7.51
C ILE F 312 43.89 -38.39 -8.00
N PRO F 313 44.08 -37.65 -9.11
CA PRO F 313 45.43 -37.57 -9.68
C PRO F 313 46.45 -36.97 -8.71
N GLY F 314 47.57 -37.68 -8.55
CA GLY F 314 48.71 -37.21 -7.73
C GLY F 314 48.62 -37.51 -6.26
N TYR F 315 47.49 -37.99 -5.76
CA TYR F 315 47.37 -38.18 -4.35
C TYR F 315 48.28 -39.35 -3.96
N ASP F 316 49.25 -39.11 -3.08
CA ASP F 316 50.22 -40.12 -2.69
C ASP F 316 50.59 -39.99 -1.21
N PRO F 317 49.65 -40.29 -0.31
CA PRO F 317 49.97 -40.11 1.09
C PRO F 317 51.01 -41.13 1.55
N ALA G 40 -42.01 28.46 -25.21
CA ALA G 40 -42.26 28.85 -26.63
C ALA G 40 -41.08 28.39 -27.52
N GLY G 41 -41.13 27.15 -28.01
CA GLY G 41 -40.10 26.60 -28.92
C GLY G 41 -39.43 25.31 -28.44
N ALA G 42 -38.57 24.75 -29.30
CA ALA G 42 -37.77 23.56 -28.94
C ALA G 42 -36.33 23.82 -29.30
N ALA G 43 -35.43 23.26 -28.50
CA ALA G 43 -34.01 23.50 -28.64
C ALA G 43 -33.48 22.92 -29.96
N PRO G 44 -32.71 23.71 -30.70
CA PRO G 44 -32.19 23.13 -31.94
C PRO G 44 -31.01 22.23 -31.66
N ALA G 45 -30.54 21.56 -32.71
CA ALA G 45 -29.26 20.90 -32.67
C ALA G 45 -28.19 21.98 -32.46
N GLY G 46 -27.18 21.71 -31.62
CA GLY G 46 -26.05 22.66 -31.42
C GLY G 46 -24.89 22.41 -32.37
N GLY G 47 -23.77 23.05 -32.13
CA GLY G 47 -22.62 22.98 -33.01
C GLY G 47 -22.07 24.34 -33.40
N GLU G 48 -22.44 25.41 -32.71
CA GLU G 48 -21.92 26.71 -33.04
C GLU G 48 -20.76 26.97 -32.12
N VAL G 49 -19.84 27.83 -32.59
CA VAL G 49 -18.75 28.35 -31.81
C VAL G 49 -19.20 29.69 -31.25
N ARG G 50 -19.15 29.84 -29.92
CA ARG G 50 -19.70 31.04 -29.30
C ARG G 50 -18.70 31.65 -28.42
N ARG G 51 -18.90 32.93 -28.16
CA ARG G 51 -17.93 33.73 -27.46
C ARG G 51 -18.66 34.61 -26.47
N VAL G 52 -18.07 34.84 -25.29
CA VAL G 52 -18.61 35.83 -24.35
C VAL G 52 -17.53 36.30 -23.43
N THR G 53 -17.64 37.54 -23.03
CA THR G 53 -16.79 38.10 -22.05
C THR G 53 -17.49 37.94 -20.67
N LEU G 54 -16.66 37.65 -19.70
CA LEU G 54 -17.08 37.51 -18.30
C LEU G 54 -16.07 38.25 -17.45
N TYR G 55 -16.51 38.91 -16.39
CA TYR G 55 -15.66 39.68 -15.44
C TYR G 55 -15.93 39.25 -14.01
N ALA G 56 -14.90 39.13 -13.20
CA ALA G 56 -15.07 39.10 -11.73
C ALA G 56 -14.81 40.44 -11.12
N GLU G 57 -15.77 40.91 -10.33
CA GLU G 57 -15.76 42.24 -9.75
C GLU G 57 -16.25 42.17 -8.35
N ARG G 58 -15.82 43.14 -7.53
CA ARG G 58 -16.32 43.31 -6.15
C ARG G 58 -17.69 43.96 -6.21
N LEU G 59 -18.53 43.56 -5.28
CA LEU G 59 -19.86 44.13 -5.12
C LEU G 59 -19.92 44.72 -3.70
N ALA G 60 -21.03 45.41 -3.44
CA ALA G 60 -21.34 45.96 -2.13
C ALA G 60 -21.08 44.95 -0.98
N GLY G 61 -20.41 45.44 0.05
CA GLY G 61 -20.26 44.71 1.31
C GLY G 61 -19.36 43.49 1.28
N GLY G 62 -18.33 43.53 0.46
CA GLY G 62 -17.36 42.45 0.43
C GLY G 62 -17.76 41.25 -0.41
N GLN G 63 -18.89 41.34 -1.12
CA GLN G 63 -19.31 40.25 -1.99
C GLN G 63 -18.57 40.31 -3.32
N LEU G 64 -18.63 39.20 -4.05
CA LEU G 64 -17.93 39.07 -5.30
C LEU G 64 -18.82 38.35 -6.29
N GLY G 65 -18.81 38.83 -7.54
CA GLY G 65 -19.74 38.29 -8.52
C GLY G 65 -19.14 38.31 -9.89
N TYR G 66 -19.67 37.42 -10.73
CA TYR G 66 -19.40 37.43 -12.15
C TYR G 66 -20.45 38.25 -12.91
N GLY G 67 -20.02 38.90 -14.00
CA GLY G 67 -20.90 39.67 -14.85
C GLY G 67 -20.52 39.62 -16.33
N LEU G 68 -21.52 39.81 -17.19
CA LEU G 68 -21.26 39.84 -18.65
C LEU G 68 -20.54 41.13 -19.09
N GLU G 69 -20.70 42.21 -18.31
CA GLU G 69 -20.11 43.53 -18.57
C GLU G 69 -19.74 44.11 -17.22
N LYS G 70 -18.76 45.03 -17.22
CA LYS G 70 -18.27 45.65 -15.98
C LYS G 70 -19.35 46.52 -15.48
N GLY G 71 -19.42 46.61 -14.16
CA GLY G 71 -20.58 47.09 -13.43
C GLY G 71 -21.90 46.34 -13.48
N LYS G 72 -21.94 45.18 -14.15
CA LYS G 72 -23.18 44.40 -14.25
C LYS G 72 -23.05 43.02 -13.56
N ALA G 73 -22.17 42.87 -12.56
CA ALA G 73 -22.00 41.58 -11.86
C ALA G 73 -23.17 41.29 -10.97
N SER G 74 -23.51 40.02 -10.80
CA SER G 74 -24.68 39.59 -10.09
C SER G 74 -24.36 38.32 -9.36
N ILE G 75 -25.18 38.03 -8.36
CA ILE G 75 -25.17 36.73 -7.71
C ILE G 75 -26.61 36.21 -7.78
N PRO G 76 -26.84 35.08 -8.41
CA PRO G 76 -25.79 34.26 -9.01
C PRO G 76 -25.30 34.94 -10.27
N GLY G 77 -24.20 34.45 -10.82
CA GLY G 77 -23.71 35.03 -12.09
C GLY G 77 -24.68 34.86 -13.23
N PRO G 78 -24.38 35.46 -14.41
CA PRO G 78 -25.24 35.30 -15.59
C PRO G 78 -25.44 33.84 -15.97
N LEU G 79 -26.61 33.58 -16.53
CA LEU G 79 -26.98 32.27 -17.03
C LEU G 79 -26.36 32.04 -18.39
N ILE G 80 -25.52 31.04 -18.49
CA ILE G 80 -24.96 30.62 -19.73
C ILE G 80 -25.81 29.47 -20.27
N GLU G 81 -26.22 29.60 -21.52
CA GLU G 81 -27.06 28.61 -22.15
C GLU G 81 -26.45 28.11 -23.44
N LEU G 82 -26.43 26.79 -23.60
CA LEU G 82 -25.88 26.14 -24.81
C LEU G 82 -26.72 24.99 -25.28
N ASN G 83 -26.53 24.66 -26.55
CA ASN G 83 -27.06 23.40 -27.10
C ASN G 83 -25.92 22.40 -27.28
N GLU G 84 -26.15 21.13 -27.00
CA GLU G 84 -25.10 20.09 -27.16
C GLU G 84 -24.39 20.21 -28.50
N GLY G 85 -23.06 20.28 -28.46
CA GLY G 85 -22.30 20.46 -29.69
C GLY G 85 -21.64 21.80 -29.75
N ASP G 86 -22.25 22.78 -29.08
CA ASP G 86 -21.69 24.07 -29.01
C ASP G 86 -20.34 24.06 -28.34
N THR G 87 -19.55 25.05 -28.70
CA THR G 87 -18.32 25.38 -28.04
C THR G 87 -18.47 26.80 -27.57
N LEU G 88 -17.93 27.11 -26.38
CA LEU G 88 -17.95 28.47 -25.88
C LEU G 88 -16.57 28.87 -25.46
N HIS G 89 -16.13 30.04 -25.93
CA HIS G 89 -14.88 30.65 -25.47
C HIS G 89 -15.28 31.80 -24.52
N VAL G 90 -14.92 31.65 -23.24
CA VAL G 90 -15.28 32.65 -22.22
C VAL G 90 -14.05 33.49 -22.03
N GLU G 91 -14.11 34.71 -22.52
CA GLU G 91 -13.04 35.65 -22.32
C GLU G 91 -13.21 36.28 -20.94
N PHE G 92 -12.37 35.87 -19.99
CA PHE G 92 -12.62 36.13 -18.61
C PHE G 92 -11.60 37.17 -18.09
N GLU G 93 -12.08 38.25 -17.44
CA GLU G 93 -11.17 39.24 -16.82
C GLU G 93 -11.34 39.31 -15.30
N ASN G 94 -10.22 39.28 -14.60
CA ASN G 94 -10.25 39.33 -13.16
C ASN G 94 -9.94 40.76 -12.71
N THR G 95 -10.95 41.48 -12.23
CA THR G 95 -10.77 42.86 -11.76
C THR G 95 -10.43 42.90 -10.26
N LEU G 96 -10.49 41.76 -9.57
CA LEU G 96 -10.12 41.72 -8.15
C LEU G 96 -8.64 41.89 -7.83
N ASP G 97 -8.31 42.19 -6.56
CA ASP G 97 -6.90 42.24 -6.10
C ASP G 97 -6.30 40.91 -5.67
N VAL G 98 -6.98 39.80 -5.97
CA VAL G 98 -6.40 38.46 -5.74
C VAL G 98 -6.70 37.50 -6.89
N PRO G 99 -5.95 36.37 -7.00
CA PRO G 99 -6.27 35.47 -8.11
C PRO G 99 -7.74 34.95 -8.04
N VAL G 100 -8.32 34.76 -9.21
CA VAL G 100 -9.68 34.23 -9.35
C VAL G 100 -9.62 33.21 -10.48
N SER G 101 -10.60 32.30 -10.50
CA SER G 101 -10.73 31.34 -11.63
C SER G 101 -12.18 31.11 -12.04
N LEU G 102 -12.32 30.36 -13.12
CA LEU G 102 -13.57 29.84 -13.66
C LEU G 102 -13.47 28.34 -13.83
N HIS G 103 -14.22 27.62 -13.01
CA HIS G 103 -14.26 26.19 -13.11
C HIS G 103 -15.68 25.79 -13.45
N VAL G 104 -15.84 24.78 -14.31
CA VAL G 104 -17.21 24.41 -14.70
C VAL G 104 -17.52 22.93 -14.52
N HIS G 105 -18.73 22.66 -14.07
CA HIS G 105 -19.21 21.30 -13.95
C HIS G 105 -19.80 20.82 -15.24
N GLY G 106 -19.62 19.54 -15.55
CA GLY G 106 -20.45 18.87 -16.56
C GLY G 106 -19.92 18.98 -17.99
N LEU G 107 -19.37 20.12 -18.33
CA LEU G 107 -18.96 20.40 -19.73
C LEU G 107 -17.55 19.88 -20.04
N ASP G 108 -17.22 19.77 -21.32
CA ASP G 108 -15.93 19.16 -21.71
C ASP G 108 -14.98 20.28 -21.65
N TYR G 109 -13.80 20.07 -21.10
CA TYR G 109 -12.77 21.07 -21.20
C TYR G 109 -11.43 20.37 -21.04
N GLU G 110 -10.37 21.01 -21.53
CA GLU G 110 -9.06 20.47 -21.35
C GLU G 110 -8.43 21.00 -20.04
N ILE G 111 -7.34 20.38 -19.65
CA ILE G 111 -6.71 20.63 -18.35
C ILE G 111 -6.35 22.12 -18.19
N SER G 112 -6.05 22.79 -19.30
CA SER G 112 -5.76 24.22 -19.26
C SER G 112 -6.98 25.15 -19.05
N SER G 113 -8.21 24.62 -19.11
CA SER G 113 -9.44 25.35 -18.71
C SER G 113 -10.10 24.77 -17.44
N ASP G 114 -9.25 24.09 -16.68
CA ASP G 114 -9.62 23.44 -15.44
C ASP G 114 -10.09 24.48 -14.39
N GLY G 115 -9.47 25.65 -14.47
CA GLY G 115 -9.67 26.72 -13.52
C GLY G 115 -9.03 26.51 -12.15
N THR G 116 -8.01 25.68 -12.07
CA THR G 116 -7.33 25.37 -10.82
C THR G 116 -5.95 25.96 -10.80
N LYS G 117 -5.48 26.21 -9.59
CA LYS G 117 -4.10 26.58 -9.36
C LYS G 117 -3.16 25.42 -9.74
N GLN G 118 -3.55 24.19 -9.41
CA GLN G 118 -2.75 23.01 -9.71
C GLN G 118 -2.48 22.78 -11.21
N ASN G 119 -3.41 23.09 -12.09
CA ASN G 119 -3.11 23.15 -13.52
C ASN G 119 -2.90 24.58 -14.11
N LYS G 120 -2.50 25.51 -13.25
CA LYS G 120 -2.11 26.85 -13.67
C LYS G 120 -3.13 27.53 -14.57
N SER G 121 -4.35 27.52 -14.12
CA SER G 121 -5.50 27.85 -14.94
C SER G 121 -6.33 28.96 -14.22
N HIS G 122 -5.72 29.55 -13.22
CA HIS G 122 -6.25 30.68 -12.51
C HIS G 122 -5.72 31.95 -13.17
N VAL G 123 -6.32 33.06 -12.81
CA VAL G 123 -6.14 34.33 -13.49
C VAL G 123 -5.68 35.30 -12.41
N GLU G 124 -4.52 35.89 -12.64
CA GLU G 124 -3.94 36.78 -11.69
C GLU G 124 -4.73 38.11 -11.64
N PRO G 125 -4.50 38.90 -10.59
CA PRO G 125 -5.23 40.16 -10.47
C PRO G 125 -4.92 41.05 -11.66
N GLY G 126 -5.97 41.55 -12.32
CA GLY G 126 -5.87 42.32 -13.52
C GLY G 126 -5.95 41.51 -14.81
N GLY G 127 -5.56 40.25 -14.76
CA GLY G 127 -5.37 39.46 -15.96
C GLY G 127 -6.64 39.08 -16.68
N THR G 128 -6.44 38.56 -17.90
CA THR G 128 -7.47 38.09 -18.78
C THR G 128 -7.02 36.67 -19.12
N ARG G 129 -7.97 35.81 -19.44
CA ARG G 129 -7.67 34.46 -19.90
C ARG G 129 -8.91 33.95 -20.62
N THR G 130 -8.72 33.19 -21.69
CA THR G 130 -9.84 32.64 -22.39
C THR G 130 -9.93 31.19 -21.94
N TYR G 131 -11.07 30.83 -21.32
CA TYR G 131 -11.44 29.45 -21.03
C TYR G 131 -12.34 28.91 -22.16
N THR G 132 -12.03 27.70 -22.61
CA THR G 132 -12.79 27.05 -23.59
C THR G 132 -13.58 25.87 -22.97
N TRP G 133 -14.90 25.89 -23.20
CA TRP G 133 -15.83 24.86 -22.80
C TRP G 133 -16.46 24.33 -24.04
N ARG G 134 -16.49 23.01 -24.13
CA ARG G 134 -17.06 22.31 -25.24
C ARG G 134 -18.12 21.40 -24.74
N THR G 135 -18.99 21.03 -25.67
CA THR G 135 -20.07 20.11 -25.41
C THR G 135 -20.20 19.16 -26.55
N HIS G 136 -20.77 17.99 -26.28
CA HIS G 136 -20.94 16.95 -27.31
C HIS G 136 -22.31 16.35 -27.18
N GLU G 137 -22.82 15.80 -28.29
CA GLU G 137 -24.06 15.08 -28.28
C GLU G 137 -23.85 13.65 -27.81
N PRO G 138 -24.92 12.98 -27.43
CA PRO G 138 -24.78 11.56 -27.15
C PRO G 138 -24.58 10.84 -28.46
N GLY G 139 -23.95 9.66 -28.40
CA GLY G 139 -23.64 8.86 -29.62
C GLY G 139 -23.13 7.49 -29.22
N ARG G 140 -23.18 6.50 -30.12
CA ARG G 140 -22.54 5.20 -29.90
C ARG G 140 -21.05 5.36 -30.02
N ARG G 141 -20.30 4.61 -29.22
CA ARG G 141 -18.84 4.69 -29.19
C ARG G 141 -18.16 3.64 -30.10
N ALA G 142 -16.92 3.91 -30.48
CA ALA G 142 -16.01 2.87 -31.00
C ALA G 142 -16.34 1.47 -30.39
N ASP G 143 -16.21 1.30 -29.07
CA ASP G 143 -16.50 0.01 -28.44
C ASP G 143 -17.98 -0.40 -28.45
N GLY G 144 -18.81 0.30 -29.22
CA GLY G 144 -20.27 0.07 -29.20
C GLY G 144 -21.13 0.38 -27.97
N THR G 145 -20.56 1.01 -26.91
CA THR G 145 -21.39 1.52 -25.81
C THR G 145 -21.89 2.93 -26.12
N TRP G 146 -22.78 3.41 -25.26
CA TRP G 146 -23.47 4.67 -25.45
C TRP G 146 -22.74 5.79 -24.72
N ARG G 147 -22.25 6.78 -25.44
CA ARG G 147 -21.62 7.89 -24.80
C ARG G 147 -22.70 8.94 -24.37
N ALA G 148 -22.73 9.29 -23.09
CA ALA G 148 -23.71 10.30 -22.65
C ALA G 148 -23.33 11.64 -23.19
N GLY G 149 -24.34 12.41 -23.49
CA GLY G 149 -24.16 13.76 -23.90
C GLY G 149 -23.82 14.70 -22.73
N SER G 150 -23.52 15.93 -23.09
CA SER G 150 -23.21 16.96 -22.14
C SER G 150 -24.45 17.60 -21.57
N ALA G 151 -25.62 17.36 -22.14
CA ALA G 151 -26.79 18.12 -21.72
C ALA G 151 -27.04 17.99 -20.21
N GLY G 152 -27.41 19.12 -19.61
CA GLY G 152 -28.02 19.13 -18.24
C GLY G 152 -28.08 20.50 -17.61
N TYR G 153 -28.34 20.46 -16.29
CA TYR G 153 -28.30 21.62 -15.45
C TYR G 153 -26.99 21.60 -14.70
N TRP G 154 -26.10 22.46 -15.13
CA TRP G 154 -24.74 22.53 -14.64
C TRP G 154 -24.51 23.90 -14.03
N HIS G 155 -23.25 24.21 -13.70
CA HIS G 155 -22.88 25.47 -13.03
C HIS G 155 -21.38 25.70 -13.14
N TYR G 156 -21.01 26.96 -12.95
CA TYR G 156 -19.61 27.37 -12.92
C TYR G 156 -19.30 28.10 -11.64
N HIS G 157 -18.04 28.11 -11.22
CA HIS G 157 -17.68 28.87 -10.01
C HIS G 157 -16.21 29.04 -9.87
N ASP G 158 -15.79 29.92 -8.96
CA ASP G 158 -14.41 30.09 -8.64
C ASP G 158 -13.77 28.91 -7.92
N HIS G 159 -12.49 28.66 -8.23
CA HIS G 159 -11.71 27.57 -7.63
C HIS G 159 -10.47 27.97 -6.84
N VAL G 160 -10.20 29.27 -6.71
CA VAL G 160 -9.00 29.74 -6.08
C VAL G 160 -9.08 30.90 -5.08
N VAL G 161 -10.25 31.49 -4.85
CA VAL G 161 -10.37 32.51 -3.84
C VAL G 161 -10.55 31.88 -2.42
N GLY G 162 -9.72 32.30 -1.48
CA GLY G 162 -9.82 31.84 -0.12
C GLY G 162 -9.00 30.60 0.01
N THR G 163 -9.30 29.57 -0.81
CA THR G 163 -8.54 28.34 -0.83
C THR G 163 -8.41 27.84 -2.25
N GLU G 164 -7.56 26.84 -2.44
CA GLU G 164 -7.44 26.15 -3.75
C GLU G 164 -8.63 25.32 -4.13
N HIS G 165 -9.68 25.38 -3.31
CA HIS G 165 -11.01 24.89 -3.71
C HIS G 165 -12.07 25.93 -3.89
N GLY G 166 -11.64 27.18 -3.94
CA GLY G 166 -12.54 28.31 -4.11
C GLY G 166 -13.48 28.61 -2.94
N THR G 167 -13.15 28.15 -1.74
CA THR G 167 -14.07 28.26 -0.64
C THR G 167 -14.51 29.72 -0.38
N GLY G 168 -13.57 30.67 -0.41
CA GLY G 168 -13.86 32.10 -0.16
C GLY G 168 -14.61 32.73 -1.31
N GLY G 169 -14.25 32.34 -2.55
CA GLY G 169 -14.97 32.76 -3.74
C GLY G 169 -16.42 32.35 -3.81
N ILE G 170 -16.68 31.06 -3.58
CA ILE G 170 -18.04 30.54 -3.57
C ILE G 170 -18.85 31.23 -2.44
N ARG G 171 -18.25 31.31 -1.24
CA ARG G 171 -18.94 31.88 -0.11
C ARG G 171 -19.38 33.27 -0.48
N ASN G 172 -18.50 34.02 -1.12
CA ASN G 172 -18.79 35.39 -1.44
C ASN G 172 -19.56 35.70 -2.68
N GLY G 173 -19.87 34.70 -3.52
CA GLY G 173 -20.84 34.90 -4.61
C GLY G 173 -20.41 34.51 -6.02
N LEU G 174 -19.21 33.96 -6.16
CA LEU G 174 -18.69 33.54 -7.44
C LEU G 174 -19.16 32.19 -7.93
N TYR G 175 -20.40 32.20 -8.38
CA TYR G 175 -21.04 31.04 -8.93
C TYR G 175 -22.11 31.50 -9.84
N GLY G 176 -22.43 30.66 -10.81
CA GLY G 176 -23.55 30.92 -11.69
C GLY G 176 -23.96 29.67 -12.43
N PRO G 177 -25.12 29.72 -13.11
CA PRO G 177 -25.74 28.60 -13.78
C PRO G 177 -25.37 28.42 -15.27
N VAL G 178 -25.23 27.15 -15.66
CA VAL G 178 -25.02 26.77 -17.07
C VAL G 178 -26.07 25.75 -17.42
N ILE G 179 -26.81 25.99 -18.51
CA ILE G 179 -27.73 25.00 -19.01
C ILE G 179 -27.24 24.55 -20.37
N VAL G 180 -27.09 23.23 -20.55
CA VAL G 180 -26.80 22.69 -21.84
C VAL G 180 -28.04 21.91 -22.30
N ARG G 181 -28.66 22.35 -23.41
CA ARG G 181 -29.86 21.67 -23.90
C ARG G 181 -29.56 20.65 -24.99
N ARG G 182 -30.41 19.62 -24.97
CA ARG G 182 -30.40 18.58 -25.99
C ARG G 182 -31.45 18.93 -27.09
N LYS G 183 -31.07 18.69 -28.32
CA LYS G 183 -31.96 18.83 -29.46
C LYS G 183 -33.31 18.30 -29.13
N GLY G 184 -34.33 19.13 -29.31
CA GLY G 184 -35.69 18.67 -29.03
C GLY G 184 -36.23 18.96 -27.63
N ASP G 185 -35.40 19.47 -26.71
CA ASP G 185 -35.90 19.78 -25.37
C ASP G 185 -36.87 20.94 -25.48
N VAL G 186 -37.92 20.89 -24.69
CA VAL G 186 -38.93 21.93 -24.63
C VAL G 186 -38.34 23.12 -23.95
N LEU G 187 -38.56 24.32 -24.49
CA LEU G 187 -38.05 25.57 -23.91
C LEU G 187 -39.09 26.20 -23.01
N PRO G 188 -38.64 26.95 -21.99
CA PRO G 188 -39.53 27.55 -20.99
C PRO G 188 -39.92 28.95 -21.39
N ASP G 189 -40.99 29.47 -20.82
CA ASP G 189 -41.29 30.89 -20.89
C ASP G 189 -40.33 31.73 -20.08
N ALA G 190 -39.77 31.17 -19.00
CA ALA G 190 -38.79 31.93 -18.20
C ALA G 190 -37.92 30.94 -17.40
N THR G 191 -36.75 31.37 -16.98
CA THR G 191 -35.83 30.55 -16.20
C THR G 191 -35.38 31.36 -14.97
N HIS G 192 -35.51 30.79 -13.79
CA HIS G 192 -35.01 31.42 -12.53
C HIS G 192 -34.01 30.52 -11.84
N THR G 193 -32.96 31.11 -11.32
CA THR G 193 -31.92 30.37 -10.63
C THR G 193 -31.98 30.55 -9.12
N ILE G 194 -32.00 29.43 -8.41
CA ILE G 194 -32.09 29.37 -6.96
C ILE G 194 -30.86 28.61 -6.46
N VAL G 195 -29.98 29.32 -5.73
CA VAL G 195 -28.74 28.75 -5.22
C VAL G 195 -28.80 28.78 -3.67
N PHE G 196 -28.81 27.60 -3.09
CA PHE G 196 -28.67 27.48 -1.62
C PHE G 196 -27.17 27.49 -1.36
N ASN G 197 -26.64 28.64 -0.90
CA ASN G 197 -25.25 28.82 -0.56
C ASN G 197 -25.13 28.94 0.95
N ASP G 198 -24.65 27.87 1.59
CA ASP G 198 -24.64 27.74 3.02
C ASP G 198 -26.08 27.95 3.47
N MET G 199 -26.33 28.91 4.35
CA MET G 199 -27.70 29.17 4.84
C MET G 199 -28.42 30.35 4.17
N THR G 200 -28.01 30.71 2.96
CA THR G 200 -28.60 31.84 2.26
C THR G 200 -29.14 31.33 0.91
N ILE G 201 -30.06 32.08 0.36
CA ILE G 201 -30.47 31.81 -1.00
C ILE G 201 -29.87 32.94 -1.81
N ASN G 202 -28.98 32.60 -2.78
CA ASN G 202 -28.31 33.62 -3.66
C ASN G 202 -27.57 34.71 -2.89
N ASN G 203 -27.00 34.31 -1.76
CA ASN G 203 -26.31 35.21 -0.84
C ASN G 203 -27.14 36.37 -0.34
N ARG G 204 -28.45 36.25 -0.33
CA ARG G 204 -29.31 37.31 0.17
C ARG G 204 -29.48 37.20 1.68
N PRO G 205 -29.79 38.32 2.33
CA PRO G 205 -30.14 38.28 3.75
C PRO G 205 -31.27 37.33 3.97
N ALA G 206 -31.26 36.73 5.16
CA ALA G 206 -32.37 35.89 5.63
C ALA G 206 -33.75 36.53 5.39
N HIS G 207 -34.72 35.72 4.99
CA HIS G 207 -36.11 36.16 4.91
C HIS G 207 -36.31 37.28 3.86
N THR G 208 -35.52 37.25 2.79
CA THR G 208 -35.67 38.17 1.70
C THR G 208 -35.90 37.44 0.41
N GLY G 209 -36.37 36.19 0.44
CA GLY G 209 -36.62 35.53 -0.82
C GLY G 209 -35.36 34.96 -1.44
N PRO G 210 -35.19 35.05 -2.75
CA PRO G 210 -36.00 35.88 -3.70
C PRO G 210 -37.37 35.36 -4.06
N ASN G 211 -38.23 36.27 -4.51
CA ASN G 211 -39.49 35.86 -5.09
C ASN G 211 -39.48 35.93 -6.63
N PHE G 212 -40.29 35.13 -7.27
CA PHE G 212 -40.32 35.05 -8.73
C PHE G 212 -41.80 35.06 -9.09
N GLU G 213 -42.14 35.70 -10.22
CA GLU G 213 -43.54 35.84 -10.63
C GLU G 213 -43.85 35.05 -11.88
N ALA G 214 -45.04 34.46 -11.99
CA ALA G 214 -45.46 33.89 -13.24
C ALA G 214 -46.98 34.00 -13.37
N THR G 215 -47.51 33.67 -14.55
CA THR G 215 -48.95 33.57 -14.70
C THR G 215 -49.35 32.13 -14.77
N VAL G 216 -50.55 31.79 -14.27
CA VAL G 216 -51.04 30.46 -14.41
C VAL G 216 -50.87 29.99 -15.87
N GLY G 217 -50.32 28.78 -16.06
CA GLY G 217 -50.10 28.20 -17.41
C GLY G 217 -48.70 28.40 -17.95
N ASP G 218 -47.97 29.36 -17.40
CA ASP G 218 -46.60 29.60 -17.83
C ASP G 218 -45.74 28.39 -17.57
N ARG G 219 -44.78 28.19 -18.46
CA ARG G 219 -43.78 27.11 -18.36
C ARG G 219 -42.53 27.68 -17.78
N VAL G 220 -42.36 27.38 -16.51
CA VAL G 220 -41.31 27.95 -15.70
C VAL G 220 -40.20 26.97 -15.43
N GLU G 221 -38.99 27.40 -15.77
CA GLU G 221 -37.81 26.60 -15.53
C GLU G 221 -37.07 27.09 -14.30
N ILE G 222 -36.70 26.15 -13.44
CA ILE G 222 -35.92 26.46 -12.23
C ILE G 222 -34.61 25.71 -12.33
N VAL G 223 -33.52 26.44 -12.21
CA VAL G 223 -32.20 25.86 -12.01
C VAL G 223 -31.78 25.98 -10.51
N MET G 224 -31.40 24.85 -9.94
CA MET G 224 -31.26 24.78 -8.50
C MET G 224 -29.85 24.22 -8.18
N ILE G 225 -29.07 25.00 -7.43
CA ILE G 225 -27.68 24.75 -7.26
C ILE G 225 -27.44 24.88 -5.80
N THR G 226 -26.55 24.07 -5.28
CA THR G 226 -26.20 24.17 -3.88
C THR G 226 -24.73 24.39 -3.77
N HIS G 227 -24.33 25.12 -2.73
CA HIS G 227 -22.90 25.35 -2.46
C HIS G 227 -22.65 25.43 -0.96
N GLY G 228 -21.40 25.16 -0.62
CA GLY G 228 -20.86 25.49 0.71
C GLY G 228 -20.66 24.28 1.60
N GLU G 229 -21.30 24.28 2.76
CA GLU G 229 -21.01 23.29 3.80
C GLU G 229 -22.19 22.39 4.11
N TYR G 230 -23.40 22.80 3.74
CA TYR G 230 -24.62 22.12 4.27
C TYR G 230 -25.35 21.34 3.24
N TYR G 231 -25.98 20.25 3.67
CA TYR G 231 -27.02 19.61 2.91
C TYR G 231 -28.31 20.42 3.13
N HIS G 232 -29.24 20.30 2.16
CA HIS G 232 -30.48 21.00 2.21
C HIS G 232 -31.57 20.05 1.62
N THR G 233 -32.82 20.39 1.82
CA THR G 233 -33.87 19.77 1.00
C THR G 233 -34.71 20.83 0.32
N PHE G 234 -34.68 20.89 -1.00
CA PHE G 234 -35.44 21.92 -1.69
C PHE G 234 -36.88 21.43 -1.93
N HIS G 235 -37.86 22.22 -1.43
CA HIS G 235 -39.29 21.93 -1.52
C HIS G 235 -40.13 23.10 -2.11
N MET G 236 -41.12 22.78 -2.97
CA MET G 236 -42.07 23.79 -3.45
C MET G 236 -43.51 23.41 -3.11
N HIS G 237 -44.29 24.34 -2.55
CA HIS G 237 -45.68 24.08 -2.35
C HIS G 237 -46.41 24.09 -3.69
N GLY G 238 -47.38 23.22 -3.82
CA GLY G 238 -48.29 23.28 -4.97
C GLY G 238 -47.79 22.75 -6.29
N HIS G 239 -46.49 22.40 -6.41
CA HIS G 239 -45.86 22.00 -7.65
C HIS G 239 -44.97 20.77 -7.39
N ARG G 240 -44.78 19.94 -8.41
CA ARG G 240 -43.90 18.75 -8.33
C ARG G 240 -43.15 18.57 -9.67
N TRP G 241 -42.05 17.81 -9.69
CA TRP G 241 -41.26 17.66 -10.89
C TRP G 241 -40.63 16.27 -10.92
N ALA G 242 -40.02 15.92 -12.05
CA ALA G 242 -39.41 14.61 -12.16
C ALA G 242 -37.96 14.73 -11.75
N ASP G 243 -37.48 13.77 -10.98
CA ASP G 243 -36.05 13.74 -10.57
C ASP G 243 -35.25 13.07 -11.65
N ASN G 244 -35.27 13.67 -12.84
CA ASN G 244 -34.45 13.21 -13.96
C ASN G 244 -33.80 14.41 -14.60
N ARG G 245 -33.17 14.30 -15.75
CA ARG G 245 -32.47 15.45 -16.37
C ARG G 245 -33.32 16.73 -16.60
N THR G 246 -34.45 16.60 -17.27
CA THR G 246 -35.26 17.77 -17.66
C THR G 246 -36.28 18.20 -16.60
N GLY G 247 -36.57 17.25 -15.71
CA GLY G 247 -37.52 17.44 -14.64
C GLY G 247 -38.93 17.21 -15.10
N MET G 248 -39.09 16.63 -16.29
CA MET G 248 -40.38 16.24 -16.85
C MET G 248 -40.22 14.80 -17.28
N LEU G 249 -41.26 14.02 -17.09
CA LEU G 249 -41.25 12.67 -17.66
C LEU G 249 -41.42 12.79 -19.16
N THR G 250 -40.68 11.99 -19.91
CA THR G 250 -40.84 11.99 -21.36
C THR G 250 -42.09 11.24 -21.83
N GLY G 251 -42.66 10.41 -20.99
CA GLY G 251 -43.85 9.65 -21.34
C GLY G 251 -44.15 8.57 -20.30
N PRO G 252 -45.15 7.73 -20.58
CA PRO G 252 -45.61 6.78 -19.58
C PRO G 252 -44.58 5.71 -19.19
N ASP G 253 -43.56 5.50 -19.98
CA ASP G 253 -42.61 4.45 -19.65
C ASP G 253 -41.39 4.96 -18.91
N ASP G 254 -41.36 6.25 -18.59
CA ASP G 254 -40.20 6.84 -17.87
C ASP G 254 -40.40 6.44 -16.39
N PRO G 255 -39.47 5.67 -15.81
CA PRO G 255 -39.75 5.38 -14.43
C PRO G 255 -39.18 6.43 -13.44
N SER G 256 -38.65 7.55 -13.93
CA SER G 256 -38.16 8.62 -13.02
C SER G 256 -39.20 8.98 -11.97
N GLN G 257 -38.72 9.31 -10.77
CA GLN G 257 -39.56 9.60 -9.59
C GLN G 257 -40.18 10.95 -9.73
N VAL G 258 -41.43 11.10 -9.27
CA VAL G 258 -42.07 12.40 -9.20
C VAL G 258 -42.02 12.79 -7.73
N ILE G 259 -41.45 13.94 -7.48
CA ILE G 259 -41.19 14.47 -6.15
C ILE G 259 -41.53 15.98 -5.97
N ASP G 260 -41.57 16.42 -4.74
CA ASP G 260 -41.66 17.83 -4.45
C ASP G 260 -40.61 18.26 -3.41
N ASN G 261 -39.62 17.39 -3.14
CA ASN G 261 -38.67 17.60 -2.06
C ASN G 261 -37.39 16.88 -2.47
N LYS G 262 -36.31 17.62 -2.71
CA LYS G 262 -35.07 17.05 -3.20
C LYS G 262 -33.87 17.36 -2.28
N ILE G 263 -33.26 16.29 -1.77
CA ILE G 263 -32.04 16.45 -0.97
C ILE G 263 -30.91 16.95 -1.86
N CYS G 264 -30.09 17.87 -1.37
CA CYS G 264 -29.02 18.38 -2.19
C CYS G 264 -27.85 18.80 -1.25
N GLY G 265 -26.64 18.70 -1.80
CA GLY G 265 -25.44 19.10 -1.10
C GLY G 265 -24.55 19.89 -1.99
N PRO G 266 -23.46 20.33 -1.44
CA PRO G 266 -22.57 21.20 -2.17
C PRO G 266 -22.13 20.69 -3.54
N ALA G 267 -22.30 21.59 -4.52
CA ALA G 267 -22.12 21.41 -5.94
C ALA G 267 -23.14 20.56 -6.68
N ASP G 268 -24.16 20.08 -6.00
CA ASP G 268 -25.29 19.47 -6.70
C ASP G 268 -25.94 20.51 -7.56
N SER G 269 -26.27 20.14 -8.82
CA SER G 269 -27.15 20.96 -9.65
C SER G 269 -28.22 20.11 -10.27
N PHE G 270 -29.41 20.66 -10.29
CA PHE G 270 -30.51 20.02 -10.97
C PHE G 270 -31.46 21.07 -11.50
N GLY G 271 -32.43 20.66 -12.29
CA GLY G 271 -33.42 21.61 -12.80
C GLY G 271 -34.68 20.93 -13.21
N PHE G 272 -35.66 21.75 -13.52
CA PHE G 272 -36.96 21.27 -13.90
C PHE G 272 -37.78 22.38 -14.55
N GLN G 273 -38.86 21.94 -15.21
CA GLN G 273 -39.87 22.85 -15.74
C GLN G 273 -41.18 22.40 -15.19
N ILE G 274 -41.91 23.35 -14.67
CA ILE G 274 -43.27 23.15 -14.20
C ILE G 274 -44.25 24.13 -14.89
N ILE G 275 -45.52 23.71 -15.01
CA ILE G 275 -46.58 24.62 -15.38
C ILE G 275 -47.16 25.31 -14.17
N ALA G 276 -46.95 26.61 -14.14
CA ALA G 276 -47.33 27.40 -13.00
C ALA G 276 -48.84 27.24 -12.75
N GLY G 277 -49.18 26.88 -11.53
CA GLY G 277 -50.56 26.77 -11.16
C GLY G 277 -51.26 25.53 -11.62
N GLU G 278 -50.56 24.60 -12.26
CA GLU G 278 -51.25 23.45 -12.89
C GLU G 278 -51.93 22.62 -11.88
N GLY G 279 -53.27 22.54 -12.01
CA GLY G 279 -54.11 21.80 -11.05
C GLY G 279 -54.29 22.37 -9.66
N VAL G 280 -53.70 23.54 -9.46
CA VAL G 280 -53.66 24.17 -8.15
C VAL G 280 -54.10 25.63 -8.17
N GLY G 281 -53.92 26.32 -9.30
CA GLY G 281 -54.36 27.70 -9.43
C GLY G 281 -53.40 28.73 -8.87
N ALA G 282 -53.89 29.97 -8.85
CA ALA G 282 -53.09 31.11 -8.56
C ALA G 282 -52.88 31.18 -7.03
N GLY G 283 -51.90 32.00 -6.62
CA GLY G 283 -51.54 32.16 -5.19
C GLY G 283 -50.03 32.39 -4.96
N ALA G 284 -49.70 32.77 -3.72
CA ALA G 284 -48.32 33.02 -3.32
C ALA G 284 -47.82 31.69 -2.83
N TRP G 285 -47.26 30.92 -3.73
CA TRP G 285 -46.81 29.57 -3.44
C TRP G 285 -45.38 29.54 -2.81
N MET G 286 -45.31 29.12 -1.56
CA MET G 286 -44.00 29.05 -0.91
C MET G 286 -43.03 28.01 -1.51
N TYR G 287 -41.75 28.35 -1.67
CA TYR G 287 -40.73 27.31 -1.74
C TYR G 287 -39.79 27.59 -0.57
N HIS G 288 -39.14 26.53 -0.10
CA HIS G 288 -38.20 26.66 1.01
C HIS G 288 -37.33 25.43 1.13
N CYS G 289 -36.18 25.57 1.80
CA CYS G 289 -35.48 24.43 2.33
C CYS G 289 -36.40 23.83 3.38
N HIS G 290 -36.56 22.52 3.37
CA HIS G 290 -37.40 21.88 4.37
C HIS G 290 -36.66 21.42 5.65
N VAL G 291 -35.33 21.54 5.70
CA VAL G 291 -34.58 21.42 6.95
C VAL G 291 -35.13 22.48 7.88
N GLN G 292 -35.62 22.06 9.04
CA GLN G 292 -36.57 22.94 9.76
C GLN G 292 -35.94 24.24 10.27
N SER G 293 -34.73 24.17 10.79
CA SER G 293 -34.07 25.42 11.23
C SER G 293 -33.77 26.33 10.03
N HIS G 294 -33.54 25.75 8.86
CA HIS G 294 -33.14 26.53 7.70
C HIS G 294 -34.33 27.38 7.21
N SER G 295 -35.48 26.75 7.15
CA SER G 295 -36.73 27.46 6.86
C SER G 295 -37.03 28.51 7.92
N ASP G 296 -36.87 28.16 9.19
CA ASP G 296 -37.19 29.10 10.24
C ASP G 296 -36.25 30.33 10.22
N MET G 297 -35.01 30.14 9.78
CA MET G 297 -34.01 31.20 9.78
C MET G 297 -33.93 31.91 8.46
N GLY G 298 -34.82 31.58 7.54
CA GLY G 298 -35.07 32.46 6.37
C GLY G 298 -34.82 31.92 4.97
N MET G 299 -34.53 30.61 4.81
CA MET G 299 -34.33 29.99 3.49
C MET G 299 -35.72 29.69 2.91
N VAL G 300 -36.40 30.78 2.55
CA VAL G 300 -37.78 30.74 2.09
C VAL G 300 -38.00 31.79 1.03
N GLY G 301 -38.84 31.48 0.06
CA GLY G 301 -39.22 32.45 -0.96
C GLY G 301 -40.60 32.09 -1.47
N LEU G 302 -41.03 32.89 -2.44
CA LEU G 302 -42.39 32.80 -3.01
C LEU G 302 -42.37 32.68 -4.50
N PHE G 303 -43.15 31.72 -4.99
CA PHE G 303 -43.48 31.60 -6.38
C PHE G 303 -44.88 32.21 -6.51
N LEU G 304 -44.91 33.45 -6.96
CA LEU G 304 -46.11 34.31 -7.00
C LEU G 304 -46.82 34.05 -8.31
N VAL G 305 -47.81 33.17 -8.26
CA VAL G 305 -48.49 32.71 -9.48
C VAL G 305 -49.77 33.51 -9.65
N LYS G 306 -49.78 34.36 -10.70
CA LYS G 306 -50.92 35.28 -10.96
C LYS G 306 -51.98 34.68 -11.89
N LYS G 307 -53.22 35.06 -11.67
CA LYS G 307 -54.28 34.79 -12.64
C LYS G 307 -54.02 35.61 -13.90
N PRO G 308 -54.68 35.28 -15.05
CA PRO G 308 -54.55 36.13 -16.23
C PRO G 308 -54.83 37.61 -15.94
N ASP G 309 -55.74 37.90 -15.02
CA ASP G 309 -55.99 39.31 -14.66
C ASP G 309 -54.83 40.02 -13.84
N GLY G 310 -53.74 39.29 -13.58
CA GLY G 310 -52.63 39.82 -12.80
C GLY G 310 -52.87 39.70 -11.30
N THR G 311 -53.95 39.12 -10.84
CA THR G 311 -54.15 39.08 -9.39
C THR G 311 -53.67 37.76 -8.73
N ILE G 312 -53.31 37.88 -7.45
CA ILE G 312 -52.85 36.78 -6.62
C ILE G 312 -53.67 36.71 -5.35
N PRO G 313 -54.72 35.86 -5.34
CA PRO G 313 -55.62 35.77 -4.21
C PRO G 313 -54.91 35.43 -2.90
N GLY G 314 -55.25 36.17 -1.86
CA GLY G 314 -54.73 35.96 -0.51
C GLY G 314 -53.41 36.61 -0.21
N TYR G 315 -52.64 36.95 -1.23
CA TYR G 315 -51.35 37.46 -0.98
C TYR G 315 -51.41 38.83 -0.30
N ASP G 316 -50.93 38.87 0.94
CA ASP G 316 -50.97 40.10 1.75
C ASP G 316 -49.66 40.18 2.48
N PRO G 317 -48.57 40.58 1.81
CA PRO G 317 -47.27 40.56 2.52
C PRO G 317 -47.09 41.59 3.67
N GLY H 41 -13.91 -7.37 -22.62
CA GLY H 41 -14.84 -8.45 -22.22
C GLY H 41 -16.16 -7.96 -21.63
N ALA H 42 -17.08 -8.91 -21.52
CA ALA H 42 -18.37 -8.72 -20.92
C ALA H 42 -18.49 -9.82 -19.87
N ALA H 43 -19.33 -9.61 -18.86
CA ALA H 43 -19.43 -10.51 -17.75
C ALA H 43 -20.21 -11.75 -18.17
N PRO H 44 -19.75 -12.94 -17.75
CA PRO H 44 -20.53 -14.14 -18.08
C PRO H 44 -21.69 -14.35 -17.14
N ALA H 45 -22.66 -15.16 -17.55
CA ALA H 45 -23.66 -15.66 -16.58
C ALA H 45 -22.92 -16.32 -15.39
N GLY H 46 -23.56 -16.26 -14.21
CA GLY H 46 -23.01 -16.77 -12.96
C GLY H 46 -23.60 -18.13 -12.58
N GLY H 47 -23.35 -18.57 -11.35
CA GLY H 47 -23.71 -19.90 -10.93
C GLY H 47 -22.58 -20.69 -10.29
N GLU H 48 -21.37 -20.16 -10.26
CA GLU H 48 -20.27 -20.78 -9.54
C GLU H 48 -20.37 -20.69 -8.02
N VAL H 49 -20.09 -21.82 -7.36
CA VAL H 49 -19.89 -21.83 -5.91
C VAL H 49 -18.41 -21.57 -5.70
N ARG H 50 -18.07 -20.42 -5.07
CA ARG H 50 -16.71 -20.03 -4.84
C ARG H 50 -16.42 -19.95 -3.33
N ARG H 51 -15.15 -19.86 -2.99
CA ARG H 51 -14.69 -19.91 -1.62
C ARG H 51 -13.56 -18.94 -1.49
N VAL H 52 -13.45 -18.28 -0.34
CA VAL H 52 -12.32 -17.39 -0.12
C VAL H 52 -12.00 -17.35 1.36
N THR H 53 -10.72 -17.18 1.68
CA THR H 53 -10.31 -17.01 3.06
C THR H 53 -10.16 -15.52 3.30
N LEU H 54 -10.77 -15.05 4.38
CA LEU H 54 -10.60 -13.67 4.78
C LEU H 54 -10.24 -13.60 6.26
N TYR H 55 -9.37 -12.65 6.59
CA TYR H 55 -8.85 -12.46 7.92
C TYR H 55 -9.02 -11.00 8.38
N ALA H 56 -9.32 -10.83 9.66
CA ALA H 56 -9.33 -9.49 10.25
C ALA H 56 -8.09 -9.37 11.11
N GLU H 57 -7.27 -8.38 10.80
CA GLU H 57 -6.00 -8.11 11.52
C GLU H 57 -5.82 -6.67 11.85
N ARG H 58 -4.96 -6.47 12.83
CA ARG H 58 -4.47 -5.14 13.19
C ARG H 58 -3.37 -4.77 12.20
N LEU H 59 -3.46 -3.60 11.59
CA LEU H 59 -2.43 -3.14 10.73
C LEU H 59 -1.33 -2.41 11.53
N ALA H 60 -0.14 -2.29 10.95
CA ALA H 60 0.83 -1.34 11.45
C ALA H 60 0.11 0.02 11.42
N GLY H 61 0.49 0.90 12.32
CA GLY H 61 -0.20 2.19 12.43
C GLY H 61 -1.40 2.14 13.35
N GLY H 62 -1.87 0.95 13.71
CA GLY H 62 -3.00 0.86 14.61
C GLY H 62 -4.38 0.68 13.97
N GLN H 63 -4.48 0.65 12.65
CA GLN H 63 -5.78 0.49 12.00
C GLN H 63 -6.17 -0.94 12.03
N LEU H 64 -7.39 -1.22 11.58
CA LEU H 64 -7.90 -2.55 11.52
C LEU H 64 -8.28 -2.87 10.10
N GLY H 65 -7.99 -4.07 9.63
CA GLY H 65 -8.25 -4.41 8.22
C GLY H 65 -8.59 -5.88 7.96
N TYR H 66 -9.25 -6.08 6.82
CA TYR H 66 -9.48 -7.36 6.25
C TYR H 66 -8.41 -7.66 5.22
N GLY H 67 -7.92 -8.91 5.18
CA GLY H 67 -6.99 -9.38 4.12
C GLY H 67 -7.30 -10.78 3.57
N LEU H 68 -6.85 -11.05 2.35
CA LEU H 68 -6.98 -12.41 1.77
C LEU H 68 -6.04 -13.46 2.39
N GLU H 69 -4.95 -12.97 2.97
CA GLU H 69 -4.00 -13.82 3.67
C GLU H 69 -3.49 -13.02 4.86
N LYS H 70 -3.04 -13.74 5.89
CA LYS H 70 -2.41 -13.09 7.05
C LYS H 70 -1.25 -12.22 6.63
N GLY H 71 -1.13 -11.04 7.24
CA GLY H 71 -0.10 -10.05 6.91
C GLY H 71 -0.40 -9.23 5.68
N LYS H 72 -1.56 -9.49 5.05
CA LYS H 72 -1.91 -8.80 3.83
C LYS H 72 -3.23 -8.01 3.94
N ALA H 73 -3.65 -7.68 5.15
CA ALA H 73 -4.80 -6.82 5.29
C ALA H 73 -4.57 -5.49 4.56
N SER H 74 -5.67 -4.93 4.04
CA SER H 74 -5.65 -3.65 3.33
C SER H 74 -6.88 -2.84 3.76
N ILE H 75 -6.75 -1.53 3.65
CA ILE H 75 -7.90 -0.65 3.78
C ILE H 75 -7.96 0.20 2.55
N PRO H 76 -9.06 0.18 1.79
CA PRO H 76 -10.14 -0.75 1.93
C PRO H 76 -9.72 -2.22 1.78
N GLY H 77 -10.57 -3.09 2.28
CA GLY H 77 -10.34 -4.53 2.22
C GLY H 77 -10.38 -5.04 0.77
N PRO H 78 -10.04 -6.31 0.59
CA PRO H 78 -9.98 -6.82 -0.79
C PRO H 78 -11.30 -6.72 -1.57
N LEU H 79 -11.17 -6.47 -2.85
CA LEU H 79 -12.31 -6.44 -3.71
C LEU H 79 -12.83 -7.84 -3.95
N ILE H 80 -14.10 -8.06 -3.62
CA ILE H 80 -14.75 -9.29 -4.00
C ILE H 80 -15.68 -9.08 -5.24
N GLU H 81 -15.61 -9.99 -6.19
CA GLU H 81 -16.39 -9.85 -7.40
C GLU H 81 -17.08 -11.16 -7.65
N LEU H 82 -18.35 -11.07 -7.95
CA LEU H 82 -19.18 -12.23 -8.23
C LEU H 82 -20.04 -11.92 -9.44
N ASN H 83 -20.57 -12.97 -10.07
CA ASN H 83 -21.57 -12.81 -11.10
C ASN H 83 -22.85 -13.32 -10.57
N GLU H 84 -23.95 -12.65 -10.94
CA GLU H 84 -25.28 -13.02 -10.44
C GLU H 84 -25.51 -14.50 -10.60
N GLY H 85 -26.02 -15.15 -9.55
CA GLY H 85 -26.07 -16.61 -9.47
C GLY H 85 -24.93 -17.21 -8.68
N ASP H 86 -23.77 -16.53 -8.61
CA ASP H 86 -22.65 -17.04 -7.77
C ASP H 86 -22.99 -17.11 -6.33
N THR H 87 -22.33 -18.05 -5.67
CA THR H 87 -22.37 -18.24 -4.24
C THR H 87 -20.97 -18.13 -3.67
N LEU H 88 -20.80 -17.48 -2.53
CA LEU H 88 -19.45 -17.32 -1.99
C LEU H 88 -19.41 -17.71 -0.56
N HIS H 89 -18.65 -18.75 -0.26
CA HIS H 89 -18.37 -19.08 1.11
C HIS H 89 -17.14 -18.32 1.52
N VAL H 90 -17.30 -17.41 2.49
CA VAL H 90 -16.17 -16.68 3.02
C VAL H 90 -15.73 -17.34 4.29
N GLU H 91 -14.52 -17.87 4.31
CA GLU H 91 -14.04 -18.56 5.49
C GLU H 91 -13.28 -17.50 6.25
N PHE H 92 -13.85 -17.03 7.37
CA PHE H 92 -13.37 -15.84 8.01
C PHE H 92 -12.68 -16.12 9.35
N GLU H 93 -11.51 -15.54 9.55
CA GLU H 93 -10.80 -15.72 10.78
C GLU H 93 -10.55 -14.39 11.47
N ASN H 94 -11.00 -14.31 12.71
CA ASN H 94 -10.71 -13.15 13.53
C ASN H 94 -9.46 -13.35 14.34
N THR H 95 -8.43 -12.60 13.99
CA THR H 95 -7.16 -12.68 14.66
C THR H 95 -7.06 -11.64 15.70
N LEU H 96 -8.14 -10.87 15.91
CA LEU H 96 -8.09 -9.80 16.88
C LEU H 96 -8.49 -10.36 18.24
N ASP H 97 -8.34 -9.56 19.29
CA ASP H 97 -8.69 -9.98 20.66
C ASP H 97 -10.06 -9.46 21.13
N VAL H 98 -10.84 -8.86 20.24
CA VAL H 98 -12.24 -8.56 20.53
C VAL H 98 -13.07 -9.24 19.46
N PRO H 99 -14.37 -9.47 19.70
CA PRO H 99 -15.18 -10.00 18.60
C PRO H 99 -15.17 -9.11 17.38
N VAL H 100 -15.23 -9.72 16.19
CA VAL H 100 -15.46 -9.00 14.97
C VAL H 100 -16.44 -9.77 14.08
N SER H 101 -16.93 -9.16 13.01
CA SER H 101 -17.90 -9.81 12.17
C SER H 101 -17.77 -9.36 10.71
N LEU H 102 -18.62 -9.93 9.85
CA LEU H 102 -18.67 -9.52 8.48
C LEU H 102 -20.10 -9.45 8.07
N HIS H 103 -20.55 -8.27 7.66
CA HIS H 103 -21.92 -8.01 7.23
C HIS H 103 -21.84 -7.45 5.83
N VAL H 104 -22.75 -7.85 4.96
CA VAL H 104 -22.68 -7.43 3.57
C VAL H 104 -24.02 -6.82 3.21
N HIS H 105 -23.96 -5.82 2.35
CA HIS H 105 -25.09 -5.12 1.84
C HIS H 105 -25.38 -5.79 0.50
N GLY H 106 -26.66 -5.81 0.14
CA GLY H 106 -27.08 -6.10 -1.24
C GLY H 106 -27.29 -7.59 -1.46
N LEU H 107 -26.34 -8.38 -1.01
CA LEU H 107 -26.36 -9.82 -1.39
C LEU H 107 -27.32 -10.63 -0.51
N ASP H 108 -27.67 -11.83 -0.99
CA ASP H 108 -28.53 -12.75 -0.23
C ASP H 108 -27.75 -13.52 0.85
N TYR H 109 -28.32 -13.64 2.04
CA TYR H 109 -27.70 -14.37 3.15
C TYR H 109 -28.77 -14.69 4.16
N GLU H 110 -28.67 -15.83 4.83
CA GLU H 110 -29.60 -16.17 5.89
C GLU H 110 -29.20 -15.51 7.18
N ILE H 111 -30.11 -15.56 8.14
CA ILE H 111 -29.92 -14.95 9.43
C ILE H 111 -28.60 -15.35 10.13
N SER H 112 -28.15 -16.59 9.94
CA SER H 112 -26.83 -17.05 10.45
C SER H 112 -25.59 -16.42 9.84
N SER H 113 -25.73 -15.69 8.73
CA SER H 113 -24.62 -14.93 8.13
C SER H 113 -24.87 -13.40 8.12
N ASP H 114 -25.75 -12.98 9.01
CA ASP H 114 -26.09 -11.57 9.20
C ASP H 114 -24.87 -10.77 9.67
N GLY H 115 -24.01 -11.40 10.49
CA GLY H 115 -22.86 -10.74 11.02
C GLY H 115 -23.13 -9.79 12.19
N THR H 116 -24.21 -10.05 12.91
CA THR H 116 -24.63 -9.31 14.07
C THR H 116 -24.52 -10.10 15.37
N LYS H 117 -24.19 -9.41 16.45
CA LYS H 117 -24.30 -10.00 17.79
C LYS H 117 -25.72 -10.45 18.03
N GLN H 118 -26.64 -9.59 17.66
CA GLN H 118 -28.05 -9.81 17.83
C GLN H 118 -28.40 -11.23 17.27
N ASN H 119 -27.97 -11.60 16.08
CA ASN H 119 -28.22 -12.97 15.59
C ASN H 119 -27.06 -13.94 15.76
N LYS H 120 -26.22 -13.65 16.75
CA LYS H 120 -25.10 -14.49 17.17
C LYS H 120 -24.30 -14.94 15.99
N SER H 121 -23.94 -13.98 15.17
CA SER H 121 -23.34 -14.22 13.90
C SER H 121 -21.99 -13.52 13.85
N HIS H 122 -21.46 -13.20 15.02
CA HIS H 122 -20.13 -12.57 15.19
C HIS H 122 -19.08 -13.66 15.53
N VAL H 123 -17.81 -13.31 15.56
CA VAL H 123 -16.74 -14.28 15.65
C VAL H 123 -15.86 -13.90 16.83
N GLU H 124 -15.77 -14.83 17.79
CA GLU H 124 -14.93 -14.64 18.96
C GLU H 124 -13.50 -14.41 18.54
N PRO H 125 -12.72 -13.78 19.42
CA PRO H 125 -11.33 -13.55 19.12
C PRO H 125 -10.62 -14.88 18.87
N GLY H 126 -9.73 -14.92 17.87
CA GLY H 126 -9.11 -16.15 17.45
C GLY H 126 -10.02 -17.15 16.79
N GLY H 127 -11.31 -16.85 16.67
CA GLY H 127 -12.28 -17.77 16.10
C GLY H 127 -12.33 -17.78 14.58
N THR H 128 -13.06 -18.76 14.05
CA THR H 128 -13.33 -18.85 12.62
C THR H 128 -14.82 -19.15 12.38
N ARG H 129 -15.31 -18.69 11.25
CA ARG H 129 -16.69 -18.94 10.92
C ARG H 129 -16.77 -18.75 9.45
N THR H 130 -17.57 -19.57 8.79
CA THR H 130 -17.83 -19.43 7.35
C THR H 130 -19.14 -18.69 7.14
N TYR H 131 -19.04 -17.57 6.45
CA TYR H 131 -20.19 -16.81 6.03
C TYR H 131 -20.53 -17.28 4.64
N THR H 132 -21.80 -17.34 4.34
CA THR H 132 -22.25 -17.65 3.00
C THR H 132 -23.11 -16.53 2.46
N TRP H 133 -22.68 -16.00 1.32
CA TRP H 133 -23.38 -15.04 0.56
C TRP H 133 -23.85 -15.69 -0.72
N ARG H 134 -25.10 -15.45 -1.06
CA ARG H 134 -25.66 -15.92 -2.32
C ARG H 134 -26.12 -14.79 -3.17
N THR H 135 -26.17 -15.05 -4.47
CA THR H 135 -26.62 -14.05 -5.40
C THR H 135 -27.65 -14.69 -6.33
N HIS H 136 -28.52 -13.86 -6.90
CA HIS H 136 -29.56 -14.35 -7.78
C HIS H 136 -29.75 -13.44 -8.94
N GLU H 137 -30.30 -14.00 -10.02
CA GLU H 137 -30.54 -13.23 -11.22
C GLU H 137 -31.90 -12.65 -11.14
N PRO H 138 -32.19 -11.66 -11.99
CA PRO H 138 -33.56 -11.19 -11.97
C PRO H 138 -34.47 -12.17 -12.68
N GLY H 139 -35.75 -12.12 -12.41
CA GLY H 139 -36.68 -12.96 -13.14
C GLY H 139 -38.10 -12.67 -12.73
N ARG H 140 -39.05 -13.22 -13.49
CA ARG H 140 -40.45 -13.00 -13.19
C ARG H 140 -40.89 -13.91 -12.06
N ARG H 141 -41.66 -13.40 -11.10
CA ARG H 141 -42.23 -14.29 -10.08
C ARG H 141 -43.57 -14.93 -10.58
N ALA H 142 -44.04 -15.94 -9.85
CA ALA H 142 -45.34 -16.56 -10.13
C ALA H 142 -46.43 -15.50 -10.14
N ASP H 143 -46.45 -14.58 -9.15
CA ASP H 143 -47.39 -13.44 -9.15
C ASP H 143 -47.30 -12.48 -10.37
N GLY H 144 -46.34 -12.67 -11.28
CA GLY H 144 -46.20 -11.85 -12.49
C GLY H 144 -45.24 -10.66 -12.37
N THR H 145 -44.87 -10.32 -11.15
CA THR H 145 -43.97 -9.21 -10.89
C THR H 145 -42.52 -9.62 -11.11
N TRP H 146 -41.66 -8.61 -11.29
CA TRP H 146 -40.23 -8.74 -11.56
C TRP H 146 -39.41 -8.69 -10.28
N ARG H 147 -38.60 -9.73 -10.05
CA ARG H 147 -37.72 -9.80 -8.89
C ARG H 147 -36.40 -9.22 -9.34
N ALA H 148 -35.93 -8.21 -8.63
CA ALA H 148 -34.69 -7.56 -9.06
C ALA H 148 -33.56 -8.49 -8.73
N GLY H 149 -32.54 -8.51 -9.54
CA GLY H 149 -31.38 -9.33 -9.19
C GLY H 149 -30.50 -8.71 -8.09
N SER H 150 -29.39 -9.42 -7.84
CA SER H 150 -28.45 -9.08 -6.80
C SER H 150 -27.44 -8.07 -7.29
N ALA H 151 -27.38 -7.83 -8.60
CA ALA H 151 -26.30 -7.06 -9.20
C ALA H 151 -26.25 -5.60 -8.70
N GLY H 152 -25.02 -5.16 -8.56
CA GLY H 152 -24.76 -3.78 -8.08
C GLY H 152 -23.33 -3.61 -7.56
N TYR H 153 -23.09 -2.39 -7.10
CA TYR H 153 -21.89 -2.00 -6.38
C TYR H 153 -22.27 -1.98 -4.92
N TRP H 154 -21.76 -2.96 -4.18
CA TRP H 154 -22.09 -3.23 -2.78
C TRP H 154 -20.83 -3.19 -1.90
N HIS H 155 -20.92 -3.70 -0.67
CA HIS H 155 -19.81 -3.57 0.27
C HIS H 155 -20.06 -4.37 1.49
N TYR H 156 -18.97 -4.65 2.19
CA TYR H 156 -19.04 -5.41 3.44
C TYR H 156 -18.32 -4.66 4.48
N HIS H 157 -18.70 -4.89 5.72
CA HIS H 157 -18.02 -4.29 6.82
C HIS H 157 -18.33 -4.99 8.12
N ASP H 158 -17.55 -4.64 9.16
CA ASP H 158 -17.76 -5.16 10.51
C ASP H 158 -19.00 -4.56 11.16
N HIS H 159 -19.60 -5.32 12.07
CA HIS H 159 -20.84 -4.94 12.71
C HIS H 159 -20.78 -5.05 14.26
N VAL H 160 -19.61 -5.36 14.80
CA VAL H 160 -19.49 -5.59 16.26
C VAL H 160 -18.30 -4.92 16.99
N VAL H 161 -17.35 -4.35 16.27
CA VAL H 161 -16.21 -3.71 16.94
C VAL H 161 -16.60 -2.31 17.42
N GLY H 162 -16.41 -2.09 18.74
CA GLY H 162 -16.75 -0.85 19.39
C GLY H 162 -18.19 -0.75 19.82
N THR H 163 -19.12 -1.06 18.88
CA THR H 163 -20.52 -1.03 19.20
C THR H 163 -21.15 -2.14 18.44
N GLU H 164 -22.40 -2.39 18.74
CA GLU H 164 -23.18 -3.44 18.03
C GLU H 164 -23.65 -3.01 16.63
N HIS H 165 -23.14 -1.86 16.17
CA HIS H 165 -23.23 -1.48 14.78
C HIS H 165 -21.89 -1.32 14.11
N GLY H 166 -20.84 -1.79 14.76
CA GLY H 166 -19.50 -1.81 14.16
C GLY H 166 -18.90 -0.41 14.02
N THR H 167 -19.33 0.57 14.82
CA THR H 167 -18.84 1.93 14.66
C THR H 167 -17.28 1.96 14.80
N GLY H 168 -16.71 1.20 15.70
CA GLY H 168 -15.28 1.23 15.90
C GLY H 168 -14.53 0.48 14.84
N GLY H 169 -15.12 -0.64 14.40
CA GLY H 169 -14.52 -1.42 13.33
C GLY H 169 -14.51 -0.63 12.03
N ILE H 170 -15.66 -0.01 11.70
CA ILE H 170 -15.74 0.81 10.49
C ILE H 170 -14.75 2.00 10.58
N ARG H 171 -14.77 2.70 11.69
CA ARG H 171 -13.87 3.84 11.89
C ARG H 171 -12.40 3.51 11.61
N ASN H 172 -11.98 2.32 12.04
CA ASN H 172 -10.57 1.91 11.93
C ASN H 172 -10.17 1.10 10.73
N GLY H 173 -11.12 0.86 9.82
CA GLY H 173 -10.77 0.34 8.48
C GLY H 173 -11.42 -0.97 8.05
N LEU H 174 -12.33 -1.52 8.85
CA LEU H 174 -12.87 -2.83 8.54
C LEU H 174 -14.08 -2.69 7.60
N TYR H 175 -13.76 -2.43 6.33
CA TYR H 175 -14.73 -2.30 5.26
C TYR H 175 -14.04 -2.61 3.91
N GLY H 176 -14.84 -2.99 2.93
CA GLY H 176 -14.31 -3.19 1.60
C GLY H 176 -15.40 -3.39 0.56
N PRO H 177 -15.03 -3.35 -0.70
CA PRO H 177 -16.01 -3.37 -1.79
C PRO H 177 -16.41 -4.78 -2.32
N VAL H 178 -17.66 -4.95 -2.78
CA VAL H 178 -18.13 -6.19 -3.42
C VAL H 178 -18.78 -5.75 -4.69
N ILE H 179 -18.41 -6.33 -5.82
CA ILE H 179 -19.13 -5.99 -7.03
C ILE H 179 -19.89 -7.23 -7.48
N VAL H 180 -21.19 -7.13 -7.69
CA VAL H 180 -21.93 -8.22 -8.37
C VAL H 180 -22.27 -7.82 -9.79
N ARG H 181 -21.73 -8.55 -10.78
CA ARG H 181 -21.99 -8.24 -12.17
C ARG H 181 -23.17 -9.00 -12.76
N ARG H 182 -23.89 -8.32 -13.67
CA ARG H 182 -25.00 -8.93 -14.40
C ARG H 182 -24.37 -9.47 -15.64
N LYS H 183 -24.89 -10.61 -16.11
CA LYS H 183 -24.43 -11.16 -17.39
C LYS H 183 -24.52 -10.10 -18.48
N GLY H 184 -23.44 -9.88 -19.24
CA GLY H 184 -23.42 -8.83 -20.27
C GLY H 184 -22.75 -7.52 -19.85
N ASP H 185 -22.61 -7.26 -18.53
CA ASP H 185 -22.01 -5.95 -18.12
C ASP H 185 -20.63 -5.87 -18.72
N VAL H 186 -20.32 -4.68 -19.16
CA VAL H 186 -19.03 -4.38 -19.71
C VAL H 186 -17.99 -4.40 -18.57
N LEU H 187 -16.85 -5.03 -18.82
CA LEU H 187 -15.79 -5.13 -17.82
C LEU H 187 -14.77 -4.04 -18.06
N PRO H 188 -14.11 -3.54 -16.99
CA PRO H 188 -13.15 -2.42 -17.09
C PRO H 188 -11.71 -2.86 -17.27
N ASP H 189 -10.88 -1.94 -17.70
CA ASP H 189 -9.43 -2.17 -17.63
C ASP H 189 -8.88 -2.15 -16.21
N ALA H 190 -9.52 -1.40 -15.29
CA ALA H 190 -9.07 -1.28 -13.91
C ALA H 190 -10.24 -0.91 -13.03
N THR H 191 -10.11 -1.22 -11.75
CA THR H 191 -11.11 -0.84 -10.77
C THR H 191 -10.45 -0.18 -9.59
N HIS H 192 -10.97 0.96 -9.14
CA HIS H 192 -10.42 1.62 -7.96
C HIS H 192 -11.51 1.90 -6.99
N THR H 193 -11.18 1.70 -5.72
CA THR H 193 -12.14 1.87 -4.67
C THR H 193 -11.83 3.13 -3.85
N ILE H 194 -12.83 3.98 -3.76
CA ILE H 194 -12.71 5.21 -3.03
C ILE H 194 -13.77 5.19 -1.92
N VAL H 195 -13.35 5.22 -0.66
CA VAL H 195 -14.28 5.26 0.46
C VAL H 195 -14.10 6.58 1.21
N PHE H 196 -15.17 7.36 1.33
CA PHE H 196 -15.20 8.54 2.17
C PHE H 196 -15.61 8.05 3.53
N ASN H 197 -14.64 7.91 4.44
CA ASN H 197 -14.94 7.36 5.78
C ASN H 197 -14.65 8.48 6.75
N ASP H 198 -15.74 8.94 7.34
CA ASP H 198 -15.79 10.24 8.04
C ASP H 198 -15.10 11.33 7.22
N MET H 199 -14.03 11.93 7.74
CA MET H 199 -13.36 12.96 7.02
C MET H 199 -12.10 12.47 6.30
N THR H 200 -12.00 11.18 6.04
CA THR H 200 -10.85 10.59 5.34
C THR H 200 -11.28 9.98 4.01
N ILE H 201 -10.32 9.80 3.11
CA ILE H 201 -10.46 8.88 2.01
C ILE H 201 -9.61 7.65 2.32
N ASN H 202 -10.27 6.49 2.37
CA ASN H 202 -9.65 5.21 2.67
C ASN H 202 -8.79 5.24 3.94
N ASN H 203 -9.29 5.90 4.99
CA ASN H 203 -8.53 6.05 6.24
C ASN H 203 -7.12 6.57 6.14
N ARG H 204 -6.83 7.30 5.06
CA ARG H 204 -5.51 7.92 4.87
C ARG H 204 -5.44 9.30 5.50
N PRO H 205 -4.22 9.78 5.77
CA PRO H 205 -4.04 11.18 6.22
C PRO H 205 -4.44 12.24 5.20
N ALA H 206 -4.67 13.45 5.71
CA ALA H 206 -5.28 14.54 4.94
C ALA H 206 -4.35 14.89 3.82
N HIS H 207 -4.88 15.10 2.64
CA HIS H 207 -4.08 15.54 1.54
C HIS H 207 -3.07 14.49 1.07
N THR H 208 -3.40 13.21 1.15
CA THR H 208 -2.49 12.16 0.64
C THR H 208 -3.17 11.29 -0.43
N GLY H 209 -4.19 11.81 -1.06
CA GLY H 209 -4.87 11.05 -2.08
C GLY H 209 -5.84 10.06 -1.47
N PRO H 210 -5.93 8.86 -2.03
CA PRO H 210 -4.93 8.32 -2.95
C PRO H 210 -5.07 8.86 -4.37
N ASN H 211 -3.98 8.81 -5.12
CA ASN H 211 -4.03 9.05 -6.54
C ASN H 211 -4.17 7.77 -7.28
N PHE H 212 -4.77 7.86 -8.46
CA PHE H 212 -5.05 6.71 -9.32
C PHE H 212 -4.63 7.06 -10.73
N GLU H 213 -3.85 6.18 -11.41
CA GLU H 213 -3.34 6.42 -12.75
C GLU H 213 -4.09 5.64 -13.81
N ALA H 214 -4.20 6.23 -14.98
CA ALA H 214 -4.82 5.56 -16.14
C ALA H 214 -4.19 6.18 -17.35
N THR H 215 -4.44 5.60 -18.50
CA THR H 215 -4.04 6.16 -19.77
C THR H 215 -5.28 6.65 -20.52
N VAL H 216 -5.20 7.75 -21.28
CA VAL H 216 -6.33 8.16 -22.15
C VAL H 216 -6.96 6.97 -22.89
N GLY H 217 -8.30 6.88 -22.86
CA GLY H 217 -9.07 5.76 -23.47
C GLY H 217 -9.29 4.50 -22.61
N ASP H 218 -8.52 4.29 -21.53
CA ASP H 218 -8.81 3.23 -20.57
C ASP H 218 -10.24 3.28 -20.04
N ARG H 219 -10.82 2.12 -19.80
CA ARG H 219 -12.14 1.98 -19.18
C ARG H 219 -11.95 1.72 -17.71
N VAL H 220 -12.32 2.71 -16.90
CA VAL H 220 -11.91 2.74 -15.48
C VAL H 220 -13.14 2.69 -14.63
N GLU H 221 -13.20 1.71 -13.76
CA GLU H 221 -14.31 1.51 -12.91
C GLU H 221 -13.95 2.10 -11.55
N ILE H 222 -14.89 2.85 -10.97
CA ILE H 222 -14.74 3.41 -9.66
C ILE H 222 -15.87 2.87 -8.78
N VAL H 223 -15.49 2.35 -7.63
CA VAL H 223 -16.45 1.90 -6.63
C VAL H 223 -16.39 2.95 -5.49
N MET H 224 -17.52 3.51 -5.10
CA MET H 224 -17.51 4.69 -4.26
C MET H 224 -18.38 4.33 -3.09
N ILE H 225 -17.77 4.22 -1.90
CA ILE H 225 -18.53 3.89 -0.71
C ILE H 225 -18.37 5.00 0.31
N THR H 226 -19.35 5.13 1.18
CA THR H 226 -19.30 6.13 2.26
C THR H 226 -19.58 5.43 3.61
N HIS H 227 -18.85 5.86 4.64
CA HIS H 227 -19.05 5.38 6.01
C HIS H 227 -18.92 6.48 7.02
N GLY H 228 -19.56 6.24 8.16
CA GLY H 228 -19.28 7.04 9.34
C GLY H 228 -20.43 7.92 9.76
N GLU H 229 -20.11 9.20 9.97
CA GLU H 229 -21.04 10.17 10.52
C GLU H 229 -21.60 11.20 9.50
N TYR H 230 -20.85 11.42 8.42
CA TYR H 230 -21.00 12.70 7.65
C TYR H 230 -21.52 12.40 6.27
N TYR H 231 -22.36 13.30 5.79
CA TYR H 231 -22.75 13.33 4.36
C TYR H 231 -21.60 13.97 3.56
N HIS H 232 -21.47 13.56 2.29
CA HIS H 232 -20.40 14.08 1.38
C HIS H 232 -20.99 14.29 -0.01
N THR H 233 -20.23 14.97 -0.90
CA THR H 233 -20.59 15.05 -2.31
C THR H 233 -19.33 14.72 -3.07
N PHE H 234 -19.40 13.63 -3.81
CA PHE H 234 -18.28 13.14 -4.55
C PHE H 234 -18.17 13.77 -5.96
N HIS H 235 -17.07 14.46 -6.31
CA HIS H 235 -17.01 15.16 -7.59
C HIS H 235 -15.73 14.75 -8.32
N MET H 236 -15.81 14.55 -9.64
CA MET H 236 -14.54 14.44 -10.43
C MET H 236 -14.48 15.51 -11.48
N HIS H 237 -13.32 16.13 -11.56
CA HIS H 237 -13.11 17.06 -12.63
C HIS H 237 -12.96 16.26 -13.92
N GLY H 238 -13.50 16.86 -14.98
CA GLY H 238 -13.33 16.37 -16.37
C GLY H 238 -14.16 15.18 -16.84
N HIS H 239 -14.96 14.63 -15.96
CA HIS H 239 -15.55 13.32 -16.21
C HIS H 239 -16.92 13.31 -15.60
N ARG H 240 -17.82 12.55 -16.19
CA ARG H 240 -19.19 12.46 -15.73
C ARG H 240 -19.67 11.04 -15.89
N TRP H 241 -20.71 10.66 -15.17
CA TRP H 241 -21.22 9.29 -15.23
C TRP H 241 -22.73 9.35 -15.07
N ALA H 242 -23.40 8.21 -15.26
CA ALA H 242 -24.85 8.12 -15.13
C ALA H 242 -25.18 7.63 -13.73
N ASP H 243 -26.20 8.23 -13.13
CA ASP H 243 -26.65 7.81 -11.76
C ASP H 243 -27.64 6.62 -11.75
N ASN H 244 -27.16 5.50 -12.24
CA ASN H 244 -27.85 4.23 -12.29
C ASN H 244 -26.86 3.15 -11.87
N ARG H 245 -27.21 1.86 -12.08
CA ARG H 245 -26.43 0.77 -11.57
C ARG H 245 -24.99 0.78 -12.10
N THR H 246 -24.82 0.88 -13.43
CA THR H 246 -23.51 0.66 -14.05
C THR H 246 -22.77 1.95 -14.22
N GLY H 247 -23.47 3.07 -14.04
CA GLY H 247 -22.93 4.38 -14.33
C GLY H 247 -22.78 4.72 -15.80
N MET H 248 -23.34 3.89 -16.67
CA MET H 248 -23.36 4.15 -18.09
C MET H 248 -24.80 4.14 -18.50
N LEU H 249 -25.16 5.01 -19.41
CA LEU H 249 -26.49 4.88 -20.01
C LEU H 249 -26.53 3.61 -20.94
N THR H 250 -27.66 2.90 -20.92
CA THR H 250 -27.86 1.76 -21.85
C THR H 250 -28.01 2.17 -23.29
N GLY H 251 -28.45 3.39 -23.54
CA GLY H 251 -28.74 3.80 -24.90
C GLY H 251 -29.53 5.08 -24.85
N PRO H 252 -29.97 5.59 -26.02
CA PRO H 252 -30.63 6.92 -26.12
C PRO H 252 -31.93 7.05 -25.35
N ASP H 253 -32.53 5.94 -24.94
CA ASP H 253 -33.79 6.04 -24.25
C ASP H 253 -33.58 5.75 -22.76
N ASP H 254 -32.34 5.68 -22.27
CA ASP H 254 -32.11 5.47 -20.84
C ASP H 254 -32.37 6.83 -20.23
N PRO H 255 -33.34 6.95 -19.34
CA PRO H 255 -33.53 8.29 -18.82
C PRO H 255 -32.65 8.62 -17.56
N SER H 256 -31.75 7.72 -17.16
CA SER H 256 -30.85 7.91 -15.98
C SER H 256 -30.15 9.30 -16.09
N GLN H 257 -30.06 10.05 -15.00
CA GLN H 257 -29.36 11.36 -15.11
C GLN H 257 -27.83 11.22 -15.22
N VAL H 258 -27.24 12.20 -15.91
CA VAL H 258 -25.80 12.27 -16.09
C VAL H 258 -25.30 13.37 -15.15
N ILE H 259 -24.36 13.01 -14.26
CA ILE H 259 -23.87 13.89 -13.19
C ILE H 259 -22.36 13.88 -13.11
N ASP H 260 -21.82 14.87 -12.42
CA ASP H 260 -20.45 14.83 -12.00
C ASP H 260 -20.26 15.02 -10.47
N ASN H 261 -21.35 15.03 -9.72
CA ASN H 261 -21.33 15.44 -8.29
C ASN H 261 -22.45 14.67 -7.65
N LYS H 262 -22.09 13.76 -6.75
CA LYS H 262 -23.03 12.88 -6.17
C LYS H 262 -23.03 12.94 -4.63
N ILE H 263 -24.19 13.28 -4.07
CA ILE H 263 -24.40 13.29 -2.61
C ILE H 263 -24.40 11.84 -2.08
N CYS H 264 -23.80 11.62 -0.91
CA CYS H 264 -23.71 10.28 -0.33
C CYS H 264 -23.58 10.37 1.16
N GLY H 265 -24.05 9.32 1.80
CA GLY H 265 -24.04 9.22 3.23
C GLY H 265 -23.65 7.85 3.69
N PRO H 266 -23.53 7.64 4.98
CA PRO H 266 -22.99 6.41 5.54
C PRO H 266 -23.69 5.21 4.97
N ALA H 267 -22.87 4.31 4.39
CA ALA H 267 -23.28 3.01 3.78
C ALA H 267 -23.84 3.06 2.41
N ASP H 268 -23.87 4.24 1.78
CA ASP H 268 -24.16 4.39 0.41
C ASP H 268 -23.01 3.75 -0.38
N SER H 269 -23.39 2.98 -1.39
CA SER H 269 -22.45 2.50 -2.37
C SER H 269 -22.97 2.72 -3.78
N PHE H 270 -22.06 3.15 -4.65
CA PHE H 270 -22.36 3.21 -6.06
C PHE H 270 -21.08 3.09 -6.79
N GLY H 271 -21.18 2.97 -8.11
CA GLY H 271 -19.99 2.97 -8.90
C GLY H 271 -20.32 3.26 -10.33
N PHE H 272 -19.29 3.28 -11.12
CA PHE H 272 -19.40 3.67 -12.50
C PHE H 272 -18.14 3.35 -13.26
N GLN H 273 -18.25 3.36 -14.58
CA GLN H 273 -17.11 3.32 -15.47
C GLN H 273 -17.10 4.55 -16.34
N ILE H 274 -15.92 5.10 -16.55
CA ILE H 274 -15.67 6.20 -17.39
C ILE H 274 -14.53 5.84 -18.35
N ILE H 275 -14.47 6.53 -19.47
CA ILE H 275 -13.35 6.42 -20.37
C ILE H 275 -12.42 7.55 -20.01
N ALA H 276 -11.21 7.21 -19.56
CA ALA H 276 -10.26 8.22 -19.10
C ALA H 276 -9.92 9.24 -20.19
N GLY H 277 -10.10 10.54 -19.86
CA GLY H 277 -9.81 11.63 -20.77
C GLY H 277 -10.80 11.85 -21.91
N GLU H 278 -11.92 11.13 -21.90
CA GLU H 278 -12.83 11.23 -23.03
C GLU H 278 -13.33 12.66 -23.24
N GLY H 279 -12.98 13.27 -24.36
CA GLY H 279 -13.44 14.59 -24.67
C GLY H 279 -12.63 15.70 -24.03
N VAL H 280 -11.63 15.34 -23.24
CA VAL H 280 -10.93 16.29 -22.37
C VAL H 280 -9.42 16.16 -22.36
N GLY H 281 -8.87 14.99 -22.63
CA GLY H 281 -7.44 14.79 -22.77
C GLY H 281 -6.77 14.30 -21.50
N ALA H 282 -5.46 14.08 -21.61
CA ALA H 282 -4.58 13.75 -20.49
C ALA H 282 -4.51 14.88 -19.47
N GLY H 283 -4.02 14.55 -18.27
CA GLY H 283 -3.84 15.50 -17.21
C GLY H 283 -4.05 14.96 -15.80
N ALA H 284 -3.63 15.77 -14.86
CA ALA H 284 -3.91 15.52 -13.46
C ALA H 284 -5.31 16.03 -13.11
N TRP H 285 -6.30 15.16 -13.17
CA TRP H 285 -7.71 15.49 -12.96
C TRP H 285 -8.09 15.30 -11.48
N MET H 286 -8.44 16.40 -10.84
CA MET H 286 -8.84 16.41 -9.44
C MET H 286 -10.12 15.66 -9.23
N TYR H 287 -10.17 14.81 -8.20
CA TYR H 287 -11.48 14.40 -7.65
C TYR H 287 -11.50 14.83 -6.18
N HIS H 288 -12.68 15.15 -5.63
CA HIS H 288 -12.72 15.57 -4.24
C HIS H 288 -14.13 15.49 -3.73
N CYS H 289 -14.25 15.46 -2.41
CA CYS H 289 -15.50 15.85 -1.76
C CYS H 289 -15.76 17.31 -2.06
N HIS H 290 -17.00 17.66 -2.42
CA HIS H 290 -17.26 19.08 -2.78
C HIS H 290 -17.78 19.94 -1.60
N VAL H 291 -18.05 19.31 -0.48
CA VAL H 291 -18.28 20.05 0.77
C VAL H 291 -16.96 20.86 1.02
N GLN H 292 -17.08 22.18 1.15
CA GLN H 292 -15.88 23.00 0.93
C GLN H 292 -14.78 22.75 1.95
N SER H 293 -15.17 22.70 3.20
CA SER H 293 -14.21 22.57 4.29
C SER H 293 -13.64 21.11 4.25
N HIS H 294 -14.39 20.17 3.67
CA HIS H 294 -13.87 18.81 3.51
C HIS H 294 -12.75 18.78 2.49
N SER H 295 -12.95 19.40 1.33
CA SER H 295 -11.82 19.50 0.37
C SER H 295 -10.65 20.29 0.96
N ASP H 296 -10.94 21.41 1.62
CA ASP H 296 -9.88 22.16 2.25
C ASP H 296 -9.16 21.34 3.29
N MET H 297 -9.85 20.44 4.00
CA MET H 297 -9.19 19.63 5.05
C MET H 297 -8.72 18.23 4.60
N GLY H 298 -8.67 18.05 3.29
CA GLY H 298 -7.85 17.01 2.70
C GLY H 298 -8.56 15.89 1.98
N MET H 299 -9.88 16.01 1.82
CA MET H 299 -10.64 15.02 1.07
C MET H 299 -10.54 15.28 -0.43
N VAL H 300 -9.32 15.06 -0.96
CA VAL H 300 -8.95 15.38 -2.34
C VAL H 300 -7.92 14.36 -2.85
N GLY H 301 -7.98 14.07 -4.14
CA GLY H 301 -7.04 13.20 -4.78
C GLY H 301 -6.94 13.56 -6.26
N LEU H 302 -6.02 12.90 -6.94
CA LEU H 302 -5.82 13.07 -8.37
C LEU H 302 -6.08 11.77 -9.11
N PHE H 303 -6.72 11.93 -10.26
CA PHE H 303 -6.90 10.86 -11.23
C PHE H 303 -5.94 11.23 -12.35
N LEU H 304 -4.82 10.51 -12.43
CA LEU H 304 -3.68 10.88 -13.27
C LEU H 304 -3.85 10.14 -14.56
N VAL H 305 -4.17 10.90 -15.61
CA VAL H 305 -4.60 10.34 -16.90
C VAL H 305 -3.46 10.66 -17.85
N LYS H 306 -2.75 9.62 -18.27
CA LYS H 306 -1.52 9.80 -19.05
C LYS H 306 -1.86 9.76 -20.53
N LYS H 307 -1.08 10.49 -21.30
CA LYS H 307 -1.05 10.29 -22.74
C LYS H 307 -0.47 8.92 -23.05
N PRO H 308 -0.70 8.45 -24.28
CA PRO H 308 -0.19 7.14 -24.60
C PRO H 308 1.33 7.02 -24.39
N ASP H 309 2.11 8.09 -24.53
CA ASP H 309 3.54 8.02 -24.19
C ASP H 309 3.86 8.01 -22.74
N GLY H 310 2.83 7.83 -21.89
CA GLY H 310 3.02 7.73 -20.47
C GLY H 310 3.21 9.04 -19.70
N THR H 311 3.12 10.18 -20.37
CA THR H 311 3.35 11.48 -19.76
C THR H 311 2.01 12.20 -19.46
N ILE H 312 2.09 13.13 -18.51
CA ILE H 312 0.92 13.81 -17.97
C ILE H 312 1.22 15.27 -18.09
N PRO H 313 0.63 15.95 -19.10
CA PRO H 313 0.88 17.37 -19.30
C PRO H 313 0.56 18.19 -18.04
N GLY H 314 1.46 19.11 -17.69
CA GLY H 314 1.26 20.08 -16.63
C GLY H 314 1.42 19.49 -15.23
N TYR H 315 2.07 18.33 -15.12
CA TYR H 315 2.23 17.67 -13.85
C TYR H 315 3.63 17.11 -13.54
N ASP H 316 4.10 17.47 -12.34
CA ASP H 316 5.42 17.17 -11.74
C ASP H 316 5.43 15.92 -10.80
N PRO H 317 5.81 14.74 -11.32
CA PRO H 317 5.81 13.52 -10.48
C PRO H 317 7.05 13.39 -9.60
N GLY I 41 -55.06 -7.41 -4.82
CA GLY I 41 -54.71 -7.55 -6.25
C GLY I 41 -53.98 -6.29 -6.69
N ALA I 42 -54.67 -5.45 -7.45
CA ALA I 42 -54.04 -4.31 -8.08
C ALA I 42 -54.93 -3.11 -7.86
N ALA I 43 -54.40 -1.88 -7.98
CA ALA I 43 -55.19 -0.69 -7.67
C ALA I 43 -56.07 -0.33 -8.87
N PRO I 44 -57.34 -0.04 -8.62
CA PRO I 44 -58.24 0.44 -9.64
C PRO I 44 -58.00 1.91 -9.95
N ALA I 45 -58.54 2.39 -11.07
CA ALA I 45 -58.52 3.84 -11.34
C ALA I 45 -59.47 4.53 -10.36
N GLY I 46 -59.09 5.73 -9.96
CA GLY I 46 -59.76 6.45 -8.93
C GLY I 46 -60.73 7.38 -9.66
N GLY I 47 -61.25 8.33 -8.89
CA GLY I 47 -62.27 9.25 -9.31
C GLY I 47 -63.34 9.41 -8.25
N GLU I 48 -63.16 8.85 -7.06
CA GLU I 48 -64.15 9.02 -5.99
C GLU I 48 -63.94 10.34 -5.27
N VAL I 49 -65.02 10.99 -4.87
CA VAL I 49 -64.92 12.09 -3.91
C VAL I 49 -65.12 11.49 -2.52
N ARG I 50 -64.11 11.61 -1.65
CA ARG I 50 -64.14 10.98 -0.32
C ARG I 50 -63.99 12.04 0.78
N ARG I 51 -64.30 11.65 2.00
CA ARG I 51 -64.26 12.55 3.12
C ARG I 51 -63.73 11.83 4.31
N VAL I 52 -63.19 12.57 5.26
CA VAL I 52 -62.68 11.98 6.48
C VAL I 52 -62.55 13.11 7.47
N THR I 53 -62.77 12.81 8.73
CA THR I 53 -62.57 13.77 9.77
C THR I 53 -61.18 13.44 10.34
N LEU I 54 -60.39 14.48 10.57
CA LEU I 54 -59.13 14.39 11.28
C LEU I 54 -59.12 15.37 12.44
N TYR I 55 -58.45 15.00 13.52
CA TYR I 55 -58.39 15.80 14.71
C TYR I 55 -56.95 15.93 15.15
N ALA I 56 -56.61 17.10 15.67
CA ALA I 56 -55.37 17.28 16.39
C ALA I 56 -55.55 17.34 17.88
N GLU I 57 -54.80 16.52 18.60
CA GLU I 57 -55.05 16.41 20.03
C GLU I 57 -53.76 16.17 20.78
N ARG I 58 -53.73 16.61 22.03
CA ARG I 58 -52.58 16.39 22.85
C ARG I 58 -52.58 14.89 23.21
N LEU I 59 -51.43 14.23 23.13
CA LEU I 59 -51.21 12.85 23.58
C LEU I 59 -50.35 12.78 24.86
N ALA I 60 -50.10 11.56 25.30
CA ALA I 60 -49.31 11.29 26.48
C ALA I 60 -47.92 11.81 26.24
N GLY I 61 -47.36 12.34 27.33
CA GLY I 61 -46.03 12.89 27.35
C GLY I 61 -45.87 14.25 26.68
N GLY I 62 -47.00 14.93 26.40
CA GLY I 62 -46.94 16.23 25.68
C GLY I 62 -46.64 16.15 24.18
N GLN I 63 -46.75 14.98 23.61
CA GLN I 63 -46.74 14.84 22.19
C GLN I 63 -48.07 15.30 21.62
N LEU I 64 -48.10 15.43 20.30
CA LEU I 64 -49.22 15.98 19.61
C LEU I 64 -49.46 15.09 18.40
N GLY I 65 -50.70 14.69 18.17
CA GLY I 65 -50.94 13.89 17.00
C GLY I 65 -52.25 14.15 16.33
N TYR I 66 -52.33 13.61 15.11
CA TYR I 66 -53.57 13.56 14.36
C TYR I 66 -54.27 12.20 14.63
N GLY I 67 -55.60 12.21 14.72
CA GLY I 67 -56.40 10.94 14.74
C GLY I 67 -57.63 11.05 13.85
N LEU I 68 -58.21 9.90 13.52
CA LEU I 68 -59.44 9.84 12.73
C LEU I 68 -60.66 10.10 13.61
N GLU I 69 -60.52 9.86 14.90
N GLU I 69 -60.47 9.90 14.91
CA GLU I 69 -61.51 10.35 15.85
CA GLU I 69 -61.52 10.14 15.89
C GLU I 69 -60.85 10.79 17.13
C GLU I 69 -60.87 10.73 17.17
N LYS I 70 -61.62 11.54 17.93
CA LYS I 70 -61.14 12.09 19.21
C LYS I 70 -60.72 10.95 20.14
N GLY I 71 -59.63 11.14 20.88
CA GLY I 71 -59.00 10.04 21.66
C GLY I 71 -58.30 8.96 20.86
N LYS I 72 -58.22 9.09 19.55
CA LYS I 72 -57.53 8.03 18.84
C LYS I 72 -56.28 8.57 18.09
N ALA I 73 -55.74 9.72 18.49
CA ALA I 73 -54.56 10.27 17.78
C ALA I 73 -53.43 9.28 17.82
N SER I 74 -52.57 9.32 16.82
CA SER I 74 -51.41 8.46 16.81
C SER I 74 -50.25 9.17 16.11
N ILE I 75 -49.05 8.63 16.30
CA ILE I 75 -47.81 9.13 15.68
C ILE I 75 -47.12 7.91 15.14
N PRO I 76 -46.90 7.78 13.82
CA PRO I 76 -47.40 8.66 12.82
C PRO I 76 -48.94 8.70 12.84
N GLY I 77 -49.49 9.73 12.25
CA GLY I 77 -50.93 9.83 12.09
C GLY I 77 -51.47 8.74 11.15
N PRO I 78 -52.81 8.71 10.99
CA PRO I 78 -53.45 7.67 10.19
C PRO I 78 -52.97 7.72 8.72
N LEU I 79 -52.74 6.54 8.18
CA LEU I 79 -52.44 6.37 6.77
C LEU I 79 -53.64 6.78 5.95
N ILE I 80 -53.40 7.63 4.95
CA ILE I 80 -54.43 8.06 4.05
C ILE I 80 -54.07 7.46 2.72
N GLU I 81 -55.03 6.74 2.14
CA GLU I 81 -54.78 6.03 0.93
C GLU I 81 -55.79 6.43 -0.13
N LEU I 82 -55.31 6.85 -1.30
CA LEU I 82 -56.13 7.33 -2.37
C LEU I 82 -55.71 6.71 -3.70
N ASN I 83 -56.63 6.67 -4.67
CA ASN I 83 -56.26 6.34 -6.06
C ASN I 83 -56.21 7.56 -6.91
N GLU I 84 -55.28 7.65 -7.86
CA GLU I 84 -55.20 8.81 -8.72
C GLU I 84 -56.57 9.19 -9.34
N GLY I 85 -56.97 10.45 -9.16
CA GLY I 85 -58.30 10.93 -9.62
C GLY I 85 -59.23 11.15 -8.45
N ASP I 86 -58.98 10.49 -7.33
CA ASP I 86 -59.78 10.69 -6.13
C ASP I 86 -59.62 12.12 -5.64
N THR I 87 -60.65 12.57 -4.93
CA THR I 87 -60.65 13.82 -4.19
C THR I 87 -60.92 13.46 -2.74
N LEU I 88 -60.31 14.19 -1.81
CA LEU I 88 -60.48 13.91 -0.39
C LEU I 88 -60.72 15.23 0.31
N HIS I 89 -61.81 15.28 1.05
CA HIS I 89 -62.19 16.41 1.85
C HIS I 89 -61.86 16.04 3.28
N VAL I 90 -60.95 16.79 3.87
CA VAL I 90 -60.52 16.54 5.24
C VAL I 90 -61.16 17.59 6.12
N GLU I 91 -62.12 17.13 6.92
CA GLU I 91 -62.81 17.97 7.87
C GLU I 91 -61.95 17.94 9.11
N PHE I 92 -61.18 19.00 9.25
CA PHE I 92 -60.17 19.05 10.27
C PHE I 92 -60.67 19.79 11.51
N GLU I 93 -60.33 19.29 12.69
CA GLU I 93 -60.69 19.96 13.92
C GLU I 93 -59.50 19.98 14.88
N ASN I 94 -59.20 21.18 15.37
CA ASN I 94 -58.10 21.49 16.30
C ASN I 94 -58.51 21.59 17.78
N THR I 95 -58.18 20.57 18.57
CA THR I 95 -58.51 20.55 19.99
C THR I 95 -57.44 21.19 20.86
N LEU I 96 -56.37 21.72 20.28
CA LEU I 96 -55.29 22.25 21.11
C LEU I 96 -55.53 23.71 21.50
N ASP I 97 -54.64 24.24 22.32
CA ASP I 97 -54.67 25.64 22.70
C ASP I 97 -53.81 26.57 21.84
N VAL I 98 -53.30 26.05 20.73
CA VAL I 98 -52.54 26.82 19.75
C VAL I 98 -53.08 26.55 18.35
N PRO I 99 -52.89 27.48 17.42
CA PRO I 99 -53.27 27.17 16.06
C PRO I 99 -52.51 25.96 15.58
N VAL I 100 -53.12 25.23 14.67
CA VAL I 100 -52.53 24.07 14.08
CA VAL I 100 -52.53 24.05 14.05
C VAL I 100 -52.98 24.05 12.61
N SER I 101 -52.29 23.30 11.76
CA SER I 101 -52.68 23.21 10.36
C SER I 101 -52.38 21.87 9.75
N LEU I 102 -52.75 21.74 8.48
CA LEU I 102 -52.54 20.55 7.69
C LEU I 102 -52.03 20.91 6.31
N HIS I 103 -50.83 20.41 6.01
CA HIS I 103 -50.14 20.67 4.76
C HIS I 103 -49.75 19.34 4.19
N VAL I 104 -49.94 19.15 2.89
CA VAL I 104 -49.66 17.88 2.27
C VAL I 104 -48.64 18.06 1.17
N HIS I 105 -47.76 17.07 1.04
CA HIS I 105 -46.82 17.01 -0.10
C HIS I 105 -47.48 16.29 -1.25
N GLY I 106 -47.06 16.62 -2.44
CA GLY I 106 -47.42 15.82 -3.60
C GLY I 106 -48.80 16.09 -4.20
N LEU I 107 -49.81 16.11 -3.35
CA LEU I 107 -51.20 16.21 -3.87
C LEU I 107 -51.51 17.61 -4.44
N ASP I 108 -52.57 17.66 -5.26
CA ASP I 108 -53.10 18.95 -5.71
C ASP I 108 -53.96 19.57 -4.59
N TYR I 109 -53.81 20.85 -4.42
CA TYR I 109 -54.58 21.58 -3.48
C TYR I 109 -54.52 23.04 -3.94
N GLU I 110 -55.61 23.76 -3.72
CA GLU I 110 -55.61 25.21 -3.95
C GLU I 110 -54.98 25.88 -2.78
N ILE I 111 -54.65 27.14 -2.99
CA ILE I 111 -53.87 27.91 -2.06
C ILE I 111 -54.61 28.02 -0.73
N SER I 112 -55.94 27.90 -0.75
CA SER I 112 -56.74 27.98 0.45
C SER I 112 -56.66 26.74 1.31
N SER I 113 -56.05 25.66 0.77
CA SER I 113 -55.78 24.44 1.54
C SER I 113 -54.27 24.21 1.77
N ASP I 114 -53.57 25.32 1.83
CA ASP I 114 -52.15 25.35 1.82
C ASP I 114 -51.62 24.85 3.17
N GLY I 115 -52.41 25.11 4.21
CA GLY I 115 -51.99 24.84 5.57
C GLY I 115 -50.97 25.78 6.19
N THR I 116 -50.78 26.95 5.57
CA THR I 116 -49.87 27.96 6.06
C THR I 116 -50.62 29.13 6.70
N LYS I 117 -50.04 29.68 7.74
CA LYS I 117 -50.51 30.96 8.30
C LYS I 117 -50.50 32.09 7.28
N GLN I 118 -49.53 32.07 6.37
CA GLN I 118 -49.39 33.16 5.41
C GLN I 118 -50.60 33.29 4.49
N ASN I 119 -51.17 32.17 4.05
CA ASN I 119 -52.38 32.20 3.24
C ASN I 119 -53.64 31.92 4.06
N LYS I 120 -53.57 32.19 5.36
CA LYS I 120 -54.66 31.97 6.25
C LYS I 120 -55.36 30.63 6.14
N SER I 121 -54.65 29.49 6.08
CA SER I 121 -55.30 28.15 6.10
C SER I 121 -54.88 27.37 7.29
N HIS I 122 -54.62 28.11 8.37
CA HIS I 122 -54.38 27.51 9.69
C HIS I 122 -55.69 27.46 10.45
N VAL I 123 -55.77 26.61 11.46
CA VAL I 123 -57.01 26.46 12.22
C VAL I 123 -56.77 26.93 13.65
N GLU I 124 -57.53 27.96 14.07
CA GLU I 124 -57.53 28.49 15.41
C GLU I 124 -57.76 27.44 16.50
N PRO I 125 -57.31 27.71 17.74
CA PRO I 125 -57.57 26.73 18.78
C PRO I 125 -59.08 26.49 18.94
N GLY I 126 -59.48 25.23 18.94
CA GLY I 126 -60.89 24.85 18.95
C GLY I 126 -61.67 24.86 17.63
N GLY I 127 -61.12 25.40 16.54
CA GLY I 127 -61.86 25.61 15.33
C GLY I 127 -61.87 24.42 14.42
N THR I 128 -62.47 24.62 13.25
N THR I 128 -62.58 24.55 13.31
CA THR I 128 -62.71 23.56 12.29
CA THR I 128 -62.54 23.56 12.27
C THR I 128 -62.59 24.09 10.87
C THR I 128 -62.30 24.20 10.94
N ARG I 129 -61.86 23.36 10.02
CA ARG I 129 -61.71 23.75 8.65
C ARG I 129 -61.71 22.53 7.82
N THR I 130 -62.22 22.69 6.59
CA THR I 130 -62.21 21.61 5.61
C THR I 130 -61.11 21.84 4.59
N TYR I 131 -60.20 20.89 4.52
CA TYR I 131 -59.11 20.94 3.55
C TYR I 131 -59.47 20.04 2.42
N THR I 132 -59.29 20.51 1.20
CA THR I 132 -59.53 19.67 0.03
C THR I 132 -58.24 19.28 -0.63
N TRP I 133 -58.06 17.98 -0.81
CA TRP I 133 -56.94 17.47 -1.59
C TRP I 133 -57.45 16.77 -2.87
N ARG I 134 -56.87 17.12 -4.02
CA ARG I 134 -57.14 16.44 -5.26
C ARG I 134 -55.91 15.67 -5.78
N THR I 135 -56.19 14.73 -6.69
CA THR I 135 -55.16 13.89 -7.31
C THR I 135 -55.53 13.74 -8.80
N HIS I 136 -54.56 13.71 -9.69
CA HIS I 136 -54.82 13.48 -11.08
C HIS I 136 -53.98 12.29 -11.58
N GLU I 137 -54.45 11.69 -12.66
CA GLU I 137 -53.69 10.69 -13.41
C GLU I 137 -52.67 11.37 -14.33
N PRO I 138 -51.62 10.63 -14.76
CA PRO I 138 -50.74 11.14 -15.77
C PRO I 138 -51.50 11.19 -17.07
N GLY I 139 -51.04 12.00 -17.99
CA GLY I 139 -51.68 12.09 -19.28
C GLY I 139 -50.95 13.01 -20.17
N ARG I 140 -51.41 13.04 -21.41
CA ARG I 140 -50.80 13.81 -22.47
C ARG I 140 -51.55 15.11 -22.42
N ARG I 141 -50.84 16.24 -22.37
CA ARG I 141 -51.50 17.54 -22.45
C ARG I 141 -51.92 17.86 -23.90
N ALA I 142 -52.73 18.90 -24.07
CA ALA I 142 -53.14 19.42 -25.39
C ALA I 142 -51.96 19.65 -26.28
N ASP I 143 -50.87 20.19 -25.71
CA ASP I 143 -49.70 20.45 -26.52
C ASP I 143 -48.83 19.24 -26.79
N GLY I 144 -49.18 18.08 -26.23
CA GLY I 144 -48.41 16.84 -26.46
C GLY I 144 -47.31 16.50 -25.44
N THR I 145 -47.02 17.41 -24.50
CA THR I 145 -46.07 17.10 -23.40
C THR I 145 -46.76 16.19 -22.41
N TRP I 146 -45.95 15.60 -21.54
CA TRP I 146 -46.41 14.58 -20.62
C TRP I 146 -46.67 15.17 -19.23
N ARG I 147 -47.90 15.03 -18.73
CA ARG I 147 -48.21 15.52 -17.39
C ARG I 147 -48.05 14.39 -16.43
N ALA I 148 -47.14 14.53 -15.46
CA ALA I 148 -46.97 13.52 -14.39
C ALA I 148 -48.17 13.44 -13.50
N GLY I 149 -48.50 12.26 -13.04
CA GLY I 149 -49.64 12.06 -12.15
C GLY I 149 -49.35 12.40 -10.72
N SER I 150 -50.32 12.20 -9.84
CA SER I 150 -50.09 12.44 -8.41
C SER I 150 -49.49 11.24 -7.66
N ALA I 151 -49.43 10.08 -8.33
CA ALA I 151 -49.10 8.86 -7.59
C ALA I 151 -47.73 9.02 -6.88
N GLY I 152 -47.66 8.47 -5.69
CA GLY I 152 -46.40 8.52 -4.93
C GLY I 152 -46.57 8.13 -3.49
N TYR I 153 -45.43 8.02 -2.83
CA TYR I 153 -45.42 7.93 -1.40
C TYR I 153 -45.22 9.35 -0.84
N TRP I 154 -46.27 9.88 -0.19
CA TRP I 154 -46.30 11.27 0.24
C TRP I 154 -46.63 11.36 1.70
N HIS I 155 -46.87 12.58 2.18
CA HIS I 155 -47.09 12.82 3.59
C HIS I 155 -47.72 14.20 3.87
N TYR I 156 -48.29 14.32 5.06
CA TYR I 156 -48.92 15.54 5.53
C TYR I 156 -48.31 15.84 6.88
N HIS I 157 -48.32 17.12 7.23
CA HIS I 157 -47.87 17.53 8.56
C HIS I 157 -48.29 18.91 8.91
N ASP I 158 -48.14 19.28 10.15
CA ASP I 158 -48.45 20.61 10.57
C ASP I 158 -47.43 21.68 10.08
N HIS I 159 -47.91 22.89 9.83
CA HIS I 159 -47.10 23.99 9.28
C HIS I 159 -47.14 25.24 10.15
N VAL I 160 -47.69 25.15 11.38
CA VAL I 160 -47.77 26.35 12.24
C VAL I 160 -47.46 26.22 13.72
N VAL I 161 -47.29 25.02 14.24
CA VAL I 161 -46.95 24.87 15.66
C VAL I 161 -45.46 25.10 15.82
N GLY I 162 -45.16 25.99 16.79
CA GLY I 162 -43.82 26.39 17.20
C GLY I 162 -43.28 27.49 16.33
N THR I 163 -43.25 27.25 15.01
CA THR I 163 -42.96 28.26 14.03
C THR I 163 -43.96 28.16 12.88
N GLU I 164 -43.82 29.11 11.95
CA GLU I 164 -44.60 29.21 10.74
C GLU I 164 -44.19 28.18 9.68
N HIS I 165 -43.18 27.34 10.00
CA HIS I 165 -42.88 26.14 9.20
C HIS I 165 -43.18 24.84 9.90
N GLY I 166 -43.82 24.94 11.04
CA GLY I 166 -44.38 23.76 11.69
C GLY I 166 -43.30 23.01 12.49
N THR I 167 -42.19 23.68 12.84
CA THR I 167 -41.05 22.96 13.46
C THR I 167 -41.44 22.24 14.74
N GLY I 168 -42.22 22.93 15.57
CA GLY I 168 -42.66 22.35 16.81
C GLY I 168 -43.72 21.31 16.63
N GLY I 169 -44.62 21.52 15.67
CA GLY I 169 -45.66 20.53 15.38
C GLY I 169 -45.09 19.23 14.89
N ILE I 170 -44.22 19.32 13.89
CA ILE I 170 -43.50 18.14 13.34
C ILE I 170 -42.73 17.42 14.47
N ARG I 171 -42.00 18.18 15.26
CA ARG I 171 -41.21 17.59 16.36
C ARG I 171 -42.11 16.82 17.33
N ASN I 172 -43.30 17.36 17.61
CA ASN I 172 -44.17 16.74 18.62
C ASN I 172 -44.97 15.61 18.13
N GLY I 173 -44.94 15.38 16.82
CA GLY I 173 -45.69 14.23 16.24
C GLY I 173 -46.79 14.47 15.19
N LEU I 174 -46.97 15.72 14.74
CA LEU I 174 -48.02 16.04 13.85
C LEU I 174 -47.56 15.83 12.44
N TYR I 175 -47.48 14.55 12.09
CA TYR I 175 -47.16 14.07 10.75
C TYR I 175 -47.79 12.71 10.51
N GLY I 176 -47.96 12.39 9.23
CA GLY I 176 -48.55 11.15 8.81
C GLY I 176 -48.33 10.87 7.34
N PRO I 177 -48.53 9.62 6.95
CA PRO I 177 -48.30 9.12 5.60
C PRO I 177 -49.50 9.30 4.67
N VAL I 178 -49.19 9.53 3.39
CA VAL I 178 -50.21 9.52 2.31
C VAL I 178 -49.73 8.70 1.11
N ILE I 179 -50.46 7.64 0.77
CA ILE I 179 -50.18 6.88 -0.43
C ILE I 179 -51.25 7.22 -1.47
N VAL I 180 -50.78 7.61 -2.63
CA VAL I 180 -51.62 7.75 -3.83
C VAL I 180 -51.18 6.70 -4.84
N ARG I 181 -52.10 5.76 -5.08
CA ARG I 181 -51.86 4.63 -6.00
C ARG I 181 -52.21 4.94 -7.42
N ARG I 182 -51.40 4.43 -8.34
CA ARG I 182 -51.73 4.46 -9.76
C ARG I 182 -52.49 3.19 -10.10
N LYS I 183 -53.50 3.33 -10.95
CA LYS I 183 -54.20 2.17 -11.50
C LYS I 183 -53.23 1.04 -11.92
N GLY I 184 -53.51 -0.19 -11.49
CA GLY I 184 -52.63 -1.30 -11.83
C GLY I 184 -51.53 -1.56 -10.81
N ASP I 185 -51.24 -0.59 -9.93
CA ASP I 185 -50.29 -0.82 -8.85
C ASP I 185 -50.64 -2.08 -8.11
N VAL I 186 -49.61 -2.88 -7.80
CA VAL I 186 -49.75 -4.08 -7.00
C VAL I 186 -50.00 -3.67 -5.56
N LEU I 187 -51.00 -4.30 -4.92
CA LEU I 187 -51.35 -4.00 -3.53
C LEU I 187 -50.73 -4.94 -2.53
N PRO I 188 -50.42 -4.45 -1.33
CA PRO I 188 -49.64 -5.18 -0.35
C PRO I 188 -50.47 -5.97 0.66
N ASP I 189 -49.88 -6.93 1.32
CA ASP I 189 -50.55 -7.61 2.43
C ASP I 189 -50.52 -6.73 3.69
N ALA I 190 -49.56 -5.83 3.78
CA ALA I 190 -49.43 -4.95 4.97
C ALA I 190 -48.62 -3.72 4.59
N THR I 191 -48.89 -2.64 5.31
CA THR I 191 -48.17 -1.37 5.09
C THR I 191 -47.67 -0.94 6.44
N HIS I 192 -46.40 -0.59 6.55
CA HIS I 192 -45.87 -0.07 7.82
C HIS I 192 -45.15 1.27 7.53
N THR I 193 -45.29 2.25 8.42
CA THR I 193 -44.69 3.59 8.27
C THR I 193 -43.54 3.78 9.27
N ILE I 194 -42.40 4.18 8.74
CA ILE I 194 -41.20 4.46 9.51
C ILE I 194 -40.86 5.90 9.24
N VAL I 195 -40.92 6.71 10.28
CA VAL I 195 -40.58 8.13 10.20
C VAL I 195 -39.29 8.41 11.00
N PHE I 196 -38.26 8.79 10.29
CA PHE I 196 -37.11 9.34 10.98
C PHE I 196 -37.32 10.79 11.34
N ASN I 197 -37.72 11.04 12.57
CA ASN I 197 -37.97 12.41 13.05
C ASN I 197 -36.89 12.88 14.04
N ASP I 198 -36.08 13.82 13.57
CA ASP I 198 -34.78 14.11 14.18
C ASP I 198 -34.05 12.81 14.55
N MET I 199 -33.85 12.53 15.84
CA MET I 199 -33.02 11.36 16.22
C MET I 199 -33.93 10.22 16.68
N THR I 200 -35.20 10.35 16.38
CA THR I 200 -36.15 9.31 16.73
C THR I 200 -36.73 8.57 15.55
N ILE I 201 -37.25 7.39 15.83
CA ILE I 201 -38.16 6.73 14.94
C ILE I 201 -39.60 6.83 15.50
N ASN I 202 -40.49 7.47 14.74
CA ASN I 202 -41.88 7.68 15.16
C ASN I 202 -42.06 8.27 16.55
N ASN I 203 -41.16 9.18 16.90
CA ASN I 203 -41.14 9.85 18.19
C ASN I 203 -40.92 8.95 19.39
N ARG I 204 -40.43 7.73 19.18
CA ARG I 204 -40.26 6.79 20.27
C ARG I 204 -38.92 6.97 21.00
N PRO I 205 -38.88 6.59 22.28
CA PRO I 205 -37.59 6.53 22.95
C PRO I 205 -36.57 5.68 22.23
N ALA I 206 -35.30 5.97 22.49
CA ALA I 206 -34.21 5.29 21.83
C ALA I 206 -34.25 3.82 22.08
N HIS I 207 -33.89 3.05 21.08
CA HIS I 207 -33.85 1.59 21.14
C HIS I 207 -35.16 0.96 21.57
N THR I 208 -36.27 1.41 20.97
CA THR I 208 -37.55 0.79 21.19
C THR I 208 -38.28 0.52 19.90
N GLY I 209 -37.56 0.21 18.85
CA GLY I 209 -38.17 -0.04 17.60
C GLY I 209 -38.68 1.22 16.91
N PRO I 210 -39.85 1.15 16.27
CA PRO I 210 -40.74 0.01 16.38
C PRO I 210 -40.30 -1.25 15.62
N ASN I 211 -40.89 -2.41 15.97
CA ASN I 211 -40.75 -3.65 15.21
C ASN I 211 -42.02 -3.98 14.45
N PHE I 212 -41.89 -4.60 13.29
CA PHE I 212 -43.01 -4.98 12.49
C PHE I 212 -42.86 -6.46 12.12
N GLU I 213 -43.93 -7.22 12.20
CA GLU I 213 -43.91 -8.68 11.93
C GLU I 213 -44.53 -8.97 10.59
N ALA I 214 -43.99 -9.95 9.87
CA ALA I 214 -44.64 -10.49 8.67
C ALA I 214 -44.33 -11.97 8.58
N THR I 215 -44.97 -12.66 7.62
CA THR I 215 -44.66 -14.07 7.37
C THR I 215 -43.86 -14.20 6.09
N VAL I 216 -42.89 -15.12 6.09
CA VAL I 216 -42.13 -15.38 4.85
C VAL I 216 -43.10 -15.45 3.66
N GLY I 217 -42.79 -14.68 2.62
CA GLY I 217 -43.55 -14.61 1.40
C GLY I 217 -44.54 -13.47 1.29
N ASP I 218 -44.93 -12.86 2.44
CA ASP I 218 -45.86 -11.70 2.52
C ASP I 218 -45.34 -10.54 1.69
N ARG I 219 -46.23 -9.76 1.12
CA ARG I 219 -45.83 -8.63 0.31
C ARG I 219 -45.96 -7.44 1.24
N VAL I 220 -44.84 -6.87 1.65
CA VAL I 220 -44.86 -5.89 2.73
C VAL I 220 -44.48 -4.53 2.16
N GLU I 221 -45.31 -3.53 2.47
CA GLU I 221 -45.09 -2.19 1.98
C GLU I 221 -44.55 -1.35 3.11
N ILE I 222 -43.47 -0.63 2.84
CA ILE I 222 -42.84 0.29 3.80
C ILE I 222 -43.02 1.72 3.21
N VAL I 223 -43.45 2.65 4.05
CA VAL I 223 -43.52 4.08 3.74
C VAL I 223 -42.49 4.70 4.66
N MET I 224 -41.54 5.41 4.05
CA MET I 224 -40.36 5.98 4.78
C MET I 224 -40.29 7.53 4.63
N ILE I 225 -40.44 8.25 5.74
CA ILE I 225 -40.58 9.69 5.74
C ILE I 225 -39.53 10.17 6.71
N THR I 226 -38.85 11.25 6.35
CA THR I 226 -37.85 11.90 7.21
C THR I 226 -38.32 13.33 7.58
N HIS I 227 -38.02 13.75 8.82
CA HIS I 227 -38.41 15.08 9.30
C HIS I 227 -37.34 15.61 10.21
N GLY I 228 -37.30 16.93 10.25
CA GLY I 228 -36.61 17.69 11.27
C GLY I 228 -35.39 18.47 10.79
N GLU I 229 -34.25 18.20 11.45
CA GLU I 229 -33.00 18.89 11.24
C GLU I 229 -31.90 18.10 10.55
N TYR I 230 -31.97 16.77 10.62
CA TYR I 230 -30.82 15.93 10.27
C TYR I 230 -31.08 15.06 9.02
N TYR I 231 -29.97 14.78 8.29
CA TYR I 231 -29.97 13.80 7.24
C TYR I 231 -29.80 12.45 7.89
N HIS I 232 -30.25 11.42 7.21
CA HIS I 232 -30.14 10.05 7.66
C HIS I 232 -29.82 9.14 6.45
N THR I 233 -29.52 7.87 6.70
CA THR I 233 -29.53 6.89 5.64
C THR I 233 -30.37 5.69 6.14
N PHE I 234 -31.38 5.31 5.38
CA PHE I 234 -32.22 4.24 5.80
C PHE I 234 -31.66 2.93 5.24
N HIS I 235 -31.45 1.93 6.13
CA HIS I 235 -31.01 0.59 5.66
C HIS I 235 -31.83 -0.56 6.22
N MET I 236 -32.00 -1.62 5.43
CA MET I 236 -32.69 -2.84 5.91
C MET I 236 -31.81 -4.07 5.64
N HIS I 237 -31.56 -4.87 6.66
CA HIS I 237 -30.77 -6.11 6.44
C HIS I 237 -31.64 -7.06 5.65
N GLY I 238 -31.02 -7.87 4.82
CA GLY I 238 -31.68 -9.04 4.18
C GLY I 238 -32.67 -8.73 3.06
N HIS I 239 -32.86 -7.44 2.75
CA HIS I 239 -33.78 -7.04 1.72
C HIS I 239 -33.27 -5.84 0.94
N ARG I 240 -33.81 -5.65 -0.25
CA ARG I 240 -33.46 -4.55 -1.11
C ARG I 240 -34.68 -4.12 -1.93
N TRP I 241 -34.63 -2.93 -2.50
CA TRP I 241 -35.77 -2.40 -3.26
C TRP I 241 -35.25 -1.53 -4.32
N ALA I 242 -36.17 -1.11 -5.17
CA ALA I 242 -35.81 -0.18 -6.27
C ALA I 242 -36.00 1.27 -5.84
N ASP I 243 -35.10 2.14 -6.29
CA ASP I 243 -35.15 3.54 -5.94
C ASP I 243 -36.01 4.29 -6.96
N ASN I 244 -37.31 3.97 -7.04
CA ASN I 244 -38.20 4.59 -7.98
C ASN I 244 -39.49 4.71 -7.28
N ARG I 245 -40.57 5.00 -8.00
CA ARG I 245 -41.82 5.30 -7.33
C ARG I 245 -42.27 4.12 -6.47
N THR I 246 -42.38 2.93 -7.06
CA THR I 246 -43.05 1.83 -6.35
C THR I 246 -42.11 0.97 -5.53
N GLY I 247 -40.82 1.13 -5.70
CA GLY I 247 -39.89 0.24 -5.04
C GLY I 247 -39.66 -1.04 -5.82
N MET I 248 -40.35 -1.24 -6.93
CA MET I 248 -40.20 -2.47 -7.71
C MET I 248 -39.86 -2.13 -9.14
N LEU I 249 -39.06 -2.99 -9.74
CA LEU I 249 -38.70 -2.89 -11.13
C LEU I 249 -39.88 -3.30 -12.00
N THR I 250 -40.06 -2.67 -13.16
CA THR I 250 -41.25 -2.96 -13.99
C THR I 250 -40.98 -4.19 -14.84
N GLY I 251 -39.71 -4.48 -15.08
CA GLY I 251 -39.35 -5.50 -16.03
C GLY I 251 -37.86 -5.39 -16.19
N PRO I 252 -37.29 -6.22 -17.09
CA PRO I 252 -35.85 -6.30 -17.26
C PRO I 252 -35.23 -5.05 -17.82
N ASP I 253 -36.02 -4.17 -18.43
CA ASP I 253 -35.52 -2.91 -19.01
C ASP I 253 -35.68 -1.67 -18.10
N ASP I 254 -36.08 -1.90 -16.86
CA ASP I 254 -36.17 -0.82 -15.91
C ASP I 254 -34.77 -0.49 -15.39
N PRO I 255 -34.26 0.71 -15.69
CA PRO I 255 -32.93 1.09 -15.27
C PRO I 255 -32.81 1.62 -13.83
N SER I 256 -33.89 1.52 -13.07
CA SER I 256 -33.91 2.06 -11.75
C SER I 256 -32.86 1.34 -10.97
N GLN I 257 -32.14 2.04 -10.11
CA GLN I 257 -31.25 1.41 -9.15
C GLN I 257 -31.91 0.55 -8.09
N VAL I 258 -31.21 -0.55 -7.78
CA VAL I 258 -31.58 -1.42 -6.73
C VAL I 258 -30.60 -1.23 -5.55
N ILE I 259 -31.13 -0.86 -4.41
CA ILE I 259 -30.36 -0.40 -3.27
C ILE I 259 -30.86 -1.05 -1.99
N ASP I 260 -30.04 -1.02 -0.93
CA ASP I 260 -30.59 -1.31 0.41
C ASP I 260 -30.29 -0.23 1.44
N ASN I 261 -29.88 0.94 0.97
CA ASN I 261 -29.37 2.06 1.78
C ASN I 261 -29.70 3.36 1.03
N LYS I 262 -30.50 4.20 1.67
CA LYS I 262 -31.12 5.34 1.02
C LYS I 262 -30.92 6.58 1.87
N ILE I 263 -30.15 7.51 1.32
CA ILE I 263 -30.04 8.80 1.96
C ILE I 263 -31.36 9.60 1.97
N CYS I 264 -31.61 10.31 3.05
CA CYS I 264 -32.81 11.06 3.15
C CYS I 264 -32.68 12.23 4.07
N GLY I 265 -33.41 13.31 3.72
CA GLY I 265 -33.42 14.49 4.55
C GLY I 265 -34.83 14.95 4.85
N PRO I 266 -34.99 16.04 5.65
CA PRO I 266 -36.27 16.54 6.13
C PRO I 266 -37.26 16.68 4.97
N ALA I 267 -38.42 16.03 5.16
CA ALA I 267 -39.57 16.00 4.23
C ALA I 267 -39.40 15.10 3.00
N ASP I 268 -38.33 14.31 2.96
CA ASP I 268 -38.23 13.29 1.90
C ASP I 268 -39.25 12.21 2.22
N SER I 269 -39.90 11.66 1.21
CA SER I 269 -40.75 10.46 1.43
C SER I 269 -40.53 9.51 0.28
N PHE I 270 -40.33 8.24 0.62
CA PHE I 270 -40.31 7.17 -0.35
C PHE I 270 -40.99 5.95 0.23
N GLY I 271 -41.25 5.01 -0.67
CA GLY I 271 -41.77 3.71 -0.27
C GLY I 271 -41.36 2.62 -1.22
N PHE I 272 -41.60 1.39 -0.77
CA PHE I 272 -41.32 0.25 -1.57
C PHE I 272 -42.14 -0.93 -1.07
N GLN I 273 -42.08 -2.01 -1.81
CA GLN I 273 -42.69 -3.27 -1.43
C GLN I 273 -41.59 -4.30 -1.60
N ILE I 274 -41.52 -5.21 -0.64
CA ILE I 274 -40.59 -6.31 -0.70
C ILE I 274 -41.36 -7.58 -0.35
N ILE I 275 -40.81 -8.72 -0.76
CA ILE I 275 -41.30 -10.01 -0.28
C ILE I 275 -40.56 -10.41 1.00
N ALA I 276 -41.29 -10.51 2.10
CA ALA I 276 -40.66 -10.81 3.39
C ALA I 276 -39.85 -12.11 3.31
N GLY I 277 -38.56 -12.01 3.63
CA GLY I 277 -37.65 -13.15 3.58
C GLY I 277 -37.21 -13.72 2.24
N GLU I 278 -37.56 -13.07 1.14
CA GLU I 278 -37.31 -13.59 -0.22
C GLU I 278 -35.85 -13.86 -0.43
N GLY I 279 -35.49 -15.13 -0.70
CA GLY I 279 -34.08 -15.55 -0.87
C GLY I 279 -33.20 -15.51 0.35
N VAL I 280 -33.78 -15.30 1.50
CA VAL I 280 -32.99 -15.10 2.72
C VAL I 280 -33.56 -15.81 3.93
N GLY I 281 -34.87 -16.06 3.95
CA GLY I 281 -35.50 -16.75 5.07
C GLY I 281 -35.94 -15.92 6.26
N ALA I 282 -36.47 -16.60 7.25
CA ALA I 282 -37.04 -16.01 8.46
C ALA I 282 -35.94 -15.56 9.38
N GLY I 283 -36.29 -14.72 10.34
CA GLY I 283 -35.23 -14.05 11.10
C GLY I 283 -35.67 -12.72 11.60
N ALA I 284 -34.99 -12.24 12.64
CA ALA I 284 -35.24 -10.88 13.15
C ALA I 284 -34.37 -10.01 12.24
N TRP I 285 -34.92 -9.39 11.19
CA TRP I 285 -34.09 -8.62 10.26
C TRP I 285 -34.02 -7.15 10.70
N MET I 286 -32.83 -6.73 11.13
CA MET I 286 -32.60 -5.34 11.53
C MET I 286 -32.91 -4.37 10.40
N TYR I 287 -33.56 -3.26 10.72
CA TYR I 287 -33.48 -2.03 9.91
C TYR I 287 -32.94 -0.91 10.81
N HIS I 288 -32.22 0.03 10.21
CA HIS I 288 -31.66 1.12 11.00
C HIS I 288 -31.14 2.28 10.15
N CYS I 289 -31.06 3.44 10.79
CA CYS I 289 -30.29 4.51 10.22
C CYS I 289 -28.84 3.98 10.17
N HIS I 290 -28.12 4.26 9.10
CA HIS I 290 -26.75 3.79 8.98
C HIS I 290 -25.65 4.85 9.31
N VAL I 291 -26.08 6.06 9.69
CA VAL I 291 -25.21 7.05 10.27
C VAL I 291 -24.85 6.44 11.60
N GLN I 292 -23.56 6.23 11.83
CA GLN I 292 -23.19 5.29 12.88
C GLN I 292 -23.67 5.69 14.26
N SER I 293 -23.46 6.95 14.62
CA SER I 293 -23.90 7.40 15.93
C SER I 293 -25.40 7.36 16.03
N HIS I 294 -26.13 7.46 14.91
CA HIS I 294 -27.60 7.37 15.01
C HIS I 294 -28.02 5.97 15.30
N SER I 295 -27.39 4.99 14.66
CA SER I 295 -27.71 3.60 15.00
C SER I 295 -27.31 3.29 16.43
N ASP I 296 -26.13 3.71 16.85
CA ASP I 296 -25.71 3.52 18.25
C ASP I 296 -26.66 4.17 19.29
N MET I 297 -27.21 5.36 18.98
CA MET I 297 -28.16 6.04 19.84
C MET I 297 -29.61 5.56 19.69
N GLY I 298 -29.86 4.52 18.90
CA GLY I 298 -31.13 3.81 18.98
C GLY I 298 -32.11 3.99 17.81
N MET I 299 -31.62 4.48 16.68
CA MET I 299 -32.43 4.54 15.46
C MET I 299 -32.32 3.20 14.76
N VAL I 300 -32.93 2.21 15.42
CA VAL I 300 -32.94 0.78 15.04
C VAL I 300 -34.30 0.15 15.37
N GLY I 301 -34.69 -0.81 14.54
CA GLY I 301 -35.85 -1.64 14.81
C GLY I 301 -35.66 -3.02 14.19
N LEU I 302 -36.71 -3.85 14.36
CA LEU I 302 -36.69 -5.23 13.80
C LEU I 302 -37.85 -5.48 12.87
N PHE I 303 -37.53 -5.95 11.68
CA PHE I 303 -38.49 -6.53 10.79
C PHE I 303 -38.50 -8.02 11.15
N LEU I 304 -39.48 -8.41 11.94
CA LEU I 304 -39.60 -9.80 12.45
C LEU I 304 -40.24 -10.73 11.40
N VAL I 305 -39.44 -11.55 10.73
CA VAL I 305 -39.98 -12.36 9.67
C VAL I 305 -40.17 -13.77 10.22
N LYS I 306 -41.43 -14.18 10.25
CA LYS I 306 -41.81 -15.46 10.80
C LYS I 306 -41.89 -16.59 9.78
N LYS I 307 -41.67 -17.81 10.28
CA LYS I 307 -41.98 -19.02 9.51
C LYS I 307 -43.49 -19.19 9.41
N PRO I 308 -43.95 -20.02 8.45
CA PRO I 308 -45.42 -20.11 8.24
C PRO I 308 -46.14 -20.50 9.53
N ASP I 309 -45.42 -21.14 10.45
CA ASP I 309 -45.91 -21.53 11.77
C ASP I 309 -45.82 -20.51 12.91
N GLY I 310 -45.43 -19.25 12.63
CA GLY I 310 -45.39 -18.19 13.65
C GLY I 310 -44.05 -18.04 14.38
N THR I 311 -43.11 -18.91 14.04
CA THR I 311 -41.82 -19.00 14.71
C THR I 311 -40.70 -18.13 14.00
N ILE I 312 -39.86 -17.51 14.82
CA ILE I 312 -38.73 -16.69 14.31
C ILE I 312 -37.41 -17.31 14.71
N PRO I 313 -36.71 -17.97 13.76
CA PRO I 313 -35.50 -18.64 14.15
C PRO I 313 -34.46 -17.70 14.75
N GLY I 314 -33.94 -18.10 15.91
CA GLY I 314 -32.85 -17.39 16.58
C GLY I 314 -33.26 -16.12 17.29
N TYR I 315 -34.48 -16.05 17.77
CA TYR I 315 -34.97 -14.83 18.37
C TYR I 315 -35.94 -15.17 19.49
N ALA J 40 20.28 -51.56 -36.64
CA ALA J 40 21.02 -52.60 -37.40
C ALA J 40 22.54 -52.31 -37.41
N GLY J 41 23.09 -51.90 -36.26
CA GLY J 41 24.52 -51.47 -36.15
C GLY J 41 24.79 -50.00 -36.43
N ALA J 42 26.04 -49.69 -36.77
CA ALA J 42 26.47 -48.34 -37.09
C ALA J 42 27.13 -48.37 -38.45
N ALA J 43 27.09 -47.26 -39.19
CA ALA J 43 27.67 -47.23 -40.55
C ALA J 43 29.20 -47.33 -40.53
N PRO J 44 29.78 -48.06 -41.53
CA PRO J 44 31.24 -48.11 -41.65
C PRO J 44 31.78 -46.91 -42.39
N ALA J 45 33.10 -46.83 -42.47
CA ALA J 45 33.77 -45.85 -43.36
C ALA J 45 33.54 -46.27 -44.79
N GLY J 46 33.34 -45.31 -45.68
CA GLY J 46 33.11 -45.62 -47.08
C GLY J 46 34.49 -45.61 -47.73
N GLY J 47 34.52 -45.41 -49.03
CA GLY J 47 35.72 -45.46 -49.87
C GLY J 47 35.52 -46.40 -51.07
N GLU J 48 34.41 -47.13 -51.10
CA GLU J 48 34.13 -48.13 -52.12
C GLU J 48 33.63 -47.54 -53.46
N VAL J 49 34.08 -48.11 -54.58
CA VAL J 49 33.50 -47.81 -55.89
C VAL J 49 32.38 -48.77 -56.20
N ARG J 50 31.16 -48.24 -56.38
CA ARG J 50 30.01 -49.10 -56.68
C ARG J 50 29.28 -48.62 -57.92
N ARG J 51 28.41 -49.47 -58.44
CA ARG J 51 27.83 -49.25 -59.75
C ARG J 51 26.38 -49.64 -59.62
N VAL J 52 25.52 -49.00 -60.40
CA VAL J 52 24.15 -49.37 -60.33
C VAL J 52 23.59 -49.06 -61.69
N THR J 53 22.66 -49.91 -62.08
CA THR J 53 21.82 -49.71 -63.24
C THR J 53 20.51 -48.98 -62.88
N LEU J 54 20.26 -47.87 -63.55
CA LEU J 54 19.01 -47.12 -63.40
C LEU J 54 18.30 -46.90 -64.75
N TYR J 55 16.95 -47.00 -64.72
CA TYR J 55 16.13 -46.82 -65.90
C TYR J 55 15.00 -45.78 -65.65
N ALA J 56 14.73 -44.88 -66.60
CA ALA J 56 13.48 -44.11 -66.57
C ALA J 56 12.47 -44.78 -67.52
N GLU J 57 11.31 -45.14 -66.93
CA GLU J 57 10.18 -45.76 -67.61
C GLU J 57 8.82 -45.13 -67.36
N ARG J 58 7.90 -45.37 -68.29
CA ARG J 58 6.48 -44.98 -68.11
C ARG J 58 5.80 -45.98 -67.17
N LEU J 59 5.00 -45.50 -66.22
CA LEU J 59 4.21 -46.30 -65.32
C LEU J 59 2.76 -46.08 -65.65
N ALA J 60 1.90 -46.78 -64.91
CA ALA J 60 0.44 -46.74 -65.11
C ALA J 60 -0.11 -45.34 -64.96
N GLY J 61 -1.04 -44.95 -65.79
CA GLY J 61 -1.57 -43.60 -65.68
C GLY J 61 -0.64 -42.49 -66.16
N GLY J 62 0.43 -42.84 -66.85
CA GLY J 62 1.25 -41.81 -67.48
C GLY J 62 2.23 -41.19 -66.52
N GLN J 63 2.39 -41.78 -65.35
CA GLN J 63 3.49 -41.41 -64.46
C GLN J 63 4.83 -41.89 -65.06
N LEU J 64 5.94 -41.28 -64.60
CA LEU J 64 7.30 -41.57 -65.05
C LEU J 64 8.06 -41.92 -63.76
N GLY J 65 8.90 -42.94 -63.81
CA GLY J 65 9.62 -43.37 -62.60
C GLY J 65 10.99 -43.90 -62.97
N TYR J 66 11.85 -43.84 -61.97
CA TYR J 66 13.08 -44.54 -61.98
C TYR J 66 12.93 -45.95 -61.34
N GLY J 67 13.63 -46.92 -61.95
CA GLY J 67 13.77 -48.26 -61.38
C GLY J 67 15.15 -48.89 -61.48
N LEU J 68 15.40 -49.89 -60.65
CA LEU J 68 16.69 -50.61 -60.68
C LEU J 68 16.76 -51.60 -61.84
N GLU J 69 15.59 -52.05 -62.33
CA GLU J 69 15.50 -52.97 -63.48
C GLU J 69 14.29 -52.57 -64.30
N LYS J 70 14.32 -52.83 -65.61
CA LYS J 70 13.19 -52.47 -66.47
C LYS J 70 12.07 -53.23 -65.92
N GLY J 71 10.88 -52.65 -65.87
CA GLY J 71 9.66 -53.25 -65.28
C GLY J 71 9.47 -53.02 -63.77
N LYS J 72 10.45 -52.41 -63.11
CA LYS J 72 10.40 -52.24 -61.67
C LYS J 72 10.54 -50.77 -61.27
N ALA J 73 10.18 -49.84 -62.16
CA ALA J 73 10.20 -48.40 -61.81
C ALA J 73 9.26 -48.19 -60.60
N SER J 74 9.62 -47.24 -59.72
CA SER J 74 8.78 -46.92 -58.56
C SER J 74 8.74 -45.40 -58.37
N ILE J 75 7.69 -44.93 -57.70
CA ILE J 75 7.62 -43.54 -57.27
C ILE J 75 7.39 -43.56 -55.76
N PRO J 76 8.29 -43.02 -54.92
CA PRO J 76 9.60 -42.52 -55.29
C PRO J 76 10.51 -43.62 -55.88
N GLY J 77 11.56 -43.17 -56.54
CA GLY J 77 12.52 -44.10 -57.09
C GLY J 77 13.29 -44.80 -56.00
N PRO J 78 14.14 -45.75 -56.41
CA PRO J 78 14.86 -46.57 -55.48
C PRO J 78 15.73 -45.77 -54.51
N LEU J 79 15.77 -46.23 -53.29
CA LEU J 79 16.62 -45.64 -52.28
C LEU J 79 18.04 -45.97 -52.62
N ILE J 80 18.86 -44.95 -52.82
CA ILE J 80 20.30 -45.12 -52.93
C ILE J 80 20.99 -44.76 -51.63
N GLU J 81 21.89 -45.64 -51.18
CA GLU J 81 22.57 -45.45 -49.90
C GLU J 81 24.06 -45.60 -50.09
N LEU J 82 24.79 -44.62 -49.60
CA LEU J 82 26.24 -44.60 -49.67
C LEU J 82 26.83 -44.24 -48.28
N ASN J 83 28.10 -44.58 -48.06
CA ASN J 83 28.90 -44.13 -46.94
C ASN J 83 29.91 -43.09 -47.47
N GLU J 84 30.13 -42.03 -46.73
CA GLU J 84 30.99 -40.95 -47.18
C GLU J 84 32.36 -41.49 -47.65
N GLY J 85 32.86 -41.04 -48.79
CA GLY J 85 34.02 -41.64 -49.46
C GLY J 85 33.64 -42.49 -50.65
N ASP J 86 32.44 -43.07 -50.66
CA ASP J 86 31.99 -43.86 -51.79
C ASP J 86 31.84 -43.10 -53.08
N THR J 87 32.00 -43.84 -54.17
CA THR J 87 31.74 -43.40 -55.49
C THR J 87 30.64 -44.25 -56.09
N LEU J 88 29.69 -43.62 -56.80
CA LEU J 88 28.64 -44.38 -57.49
C LEU J 88 28.57 -44.02 -58.95
N HIS J 89 28.59 -45.05 -59.77
CA HIS J 89 28.54 -44.90 -61.21
C HIS J 89 27.16 -45.41 -61.55
N VAL J 90 26.30 -44.48 -61.97
CA VAL J 90 24.93 -44.80 -62.29
C VAL J 90 24.81 -45.06 -63.80
N GLU J 91 24.60 -46.30 -64.18
CA GLU J 91 24.45 -46.63 -65.60
C GLU J 91 22.96 -46.38 -65.99
N PHE J 92 22.68 -45.23 -66.59
CA PHE J 92 21.31 -44.76 -66.76
C PHE J 92 20.85 -44.98 -68.18
N GLU J 93 19.69 -45.61 -68.35
CA GLU J 93 19.12 -45.74 -69.66
C GLU J 93 17.72 -45.05 -69.65
N ASN J 94 17.47 -44.22 -70.66
CA ASN J 94 16.19 -43.56 -70.86
C ASN J 94 15.34 -44.31 -71.85
N THR J 95 14.28 -44.93 -71.40
CA THR J 95 13.37 -45.66 -72.28
C THR J 95 12.19 -44.81 -72.81
N LEU J 96 12.15 -43.52 -72.49
CA LEU J 96 10.99 -42.66 -72.77
C LEU J 96 11.14 -42.08 -74.14
N ASP J 97 10.05 -41.47 -74.64
CA ASP J 97 10.06 -40.74 -75.92
C ASP J 97 10.51 -39.31 -75.80
N VAL J 98 10.97 -38.90 -74.62
CA VAL J 98 11.54 -37.57 -74.46
C VAL J 98 12.86 -37.69 -73.71
N PRO J 99 13.74 -36.68 -73.84
CA PRO J 99 14.92 -36.64 -72.99
C PRO J 99 14.58 -36.63 -71.49
N VAL J 100 15.50 -37.22 -70.73
CA VAL J 100 15.41 -37.32 -69.28
C VAL J 100 16.82 -37.13 -68.75
N SER J 101 16.95 -36.71 -67.49
CA SER J 101 18.23 -36.65 -66.86
C SER J 101 18.22 -37.13 -65.42
N LEU J 102 19.39 -37.11 -64.82
CA LEU J 102 19.50 -37.41 -63.40
C LEU J 102 20.31 -36.31 -62.79
N HIS J 103 19.71 -35.56 -61.88
CA HIS J 103 20.42 -34.52 -61.10
C HIS J 103 20.30 -34.89 -59.61
N VAL J 104 21.39 -34.67 -58.90
CA VAL J 104 21.53 -35.05 -57.53
C VAL J 104 21.92 -33.82 -56.71
N HIS J 105 21.27 -33.72 -55.56
CA HIS J 105 21.56 -32.79 -54.53
C HIS J 105 22.63 -33.33 -53.59
N GLY J 106 23.49 -32.43 -53.13
CA GLY J 106 24.33 -32.68 -51.95
C GLY J 106 25.67 -33.32 -52.36
N LEU J 107 25.61 -34.27 -53.30
CA LEU J 107 26.81 -35.11 -53.63
C LEU J 107 27.75 -34.38 -54.55
N ASP J 108 29.01 -34.84 -54.63
CA ASP J 108 30.00 -34.22 -55.52
C ASP J 108 29.79 -34.79 -56.91
N TYR J 109 29.87 -33.94 -57.91
CA TYR J 109 29.90 -34.43 -59.24
C TYR J 109 30.53 -33.38 -60.08
N GLU J 110 31.08 -33.77 -61.22
CA GLU J 110 31.54 -32.79 -62.18
C GLU J 110 30.43 -32.29 -63.09
N ILE J 111 30.75 -31.24 -63.81
CA ILE J 111 29.82 -30.62 -64.72
C ILE J 111 29.19 -31.59 -65.76
N SER J 112 29.93 -32.62 -66.15
CA SER J 112 29.41 -33.62 -67.08
C SER J 112 28.35 -34.56 -66.49
N SER J 113 28.20 -34.53 -65.14
CA SER J 113 27.12 -35.25 -64.42
C SER J 113 26.06 -34.33 -63.70
N ASP J 114 25.96 -33.11 -64.22
CA ASP J 114 25.00 -32.10 -63.85
C ASP J 114 23.55 -32.45 -64.07
N GLY J 115 23.30 -33.21 -65.11
CA GLY J 115 21.93 -33.53 -65.52
C GLY J 115 21.14 -32.47 -66.24
N THR J 116 21.81 -31.45 -66.74
CA THR J 116 21.16 -30.32 -67.39
C THR J 116 21.46 -30.28 -68.88
N LYS J 117 20.51 -29.76 -69.70
CA LYS J 117 20.82 -29.39 -71.10
C LYS J 117 22.00 -28.45 -71.20
N GLN J 118 21.98 -27.42 -70.38
N GLN J 118 21.96 -27.39 -70.39
CA GLN J 118 23.00 -26.40 -70.31
CA GLN J 118 23.01 -26.41 -70.23
C GLN J 118 24.42 -26.99 -70.33
C GLN J 118 24.41 -27.02 -70.35
N ASN J 119 24.69 -28.02 -69.52
CA ASN J 119 25.95 -28.79 -69.63
C ASN J 119 25.83 -30.10 -70.39
N LYS J 120 24.85 -30.20 -71.29
CA LYS J 120 24.69 -31.38 -72.17
C LYS J 120 24.85 -32.68 -71.41
N SER J 121 24.17 -32.79 -70.29
CA SER J 121 24.33 -33.93 -69.40
C SER J 121 23.00 -34.73 -69.28
N HIS J 122 22.10 -34.48 -70.23
CA HIS J 122 20.78 -35.15 -70.40
C HIS J 122 20.89 -36.30 -71.38
N VAL J 123 20.00 -37.28 -71.27
CA VAL J 123 20.04 -38.48 -72.05
C VAL J 123 18.87 -38.44 -73.05
N GLU J 124 19.19 -38.59 -74.33
CA GLU J 124 18.19 -38.59 -75.38
C GLU J 124 17.29 -39.83 -75.31
N PRO J 125 16.10 -39.78 -75.94
CA PRO J 125 15.23 -40.91 -75.92
C PRO J 125 15.92 -42.16 -76.43
N GLY J 126 15.76 -43.28 -75.72
CA GLY J 126 16.41 -44.52 -76.03
C GLY J 126 17.87 -44.55 -75.62
N GLY J 127 18.40 -43.46 -75.11
CA GLY J 127 19.83 -43.36 -74.93
C GLY J 127 20.29 -43.93 -73.59
N THR J 128 21.60 -43.98 -73.42
CA THR J 128 22.15 -44.36 -72.11
C THR J 128 23.30 -43.43 -71.79
N ARG J 129 23.63 -43.31 -70.53
CA ARG J 129 24.75 -42.51 -70.10
C ARG J 129 25.12 -42.88 -68.66
N THR J 130 26.40 -42.78 -68.34
CA THR J 130 26.88 -43.10 -67.01
C THR J 130 27.14 -41.79 -66.26
N TYR J 131 26.37 -41.59 -65.20
CA TYR J 131 26.61 -40.51 -64.26
C TYR J 131 27.48 -41.00 -63.10
N THR J 132 28.38 -40.16 -62.66
CA THR J 132 29.27 -40.45 -61.57
C THR J 132 28.97 -39.53 -60.40
N TRP J 133 28.61 -40.12 -59.28
CA TRP J 133 28.46 -39.35 -58.08
C TRP J 133 29.61 -39.73 -57.15
N ARG J 134 30.21 -38.74 -56.52
CA ARG J 134 31.23 -38.99 -55.52
C ARG J 134 30.81 -38.37 -54.21
N THR J 135 31.50 -38.78 -53.15
CA THR J 135 31.19 -38.29 -51.81
C THR J 135 32.51 -38.20 -51.08
N HIS J 136 32.57 -37.36 -50.05
CA HIS J 136 33.81 -37.13 -49.27
C HIS J 136 33.51 -37.04 -47.80
N GLU J 137 34.55 -37.29 -47.02
CA GLU J 137 34.51 -37.20 -45.58
C GLU J 137 34.78 -35.79 -45.20
N PRO J 138 34.36 -35.39 -43.98
CA PRO J 138 34.77 -34.07 -43.58
C PRO J 138 36.29 -34.06 -43.30
N GLY J 139 36.92 -32.90 -43.30
CA GLY J 139 38.31 -32.88 -42.91
C GLY J 139 38.86 -31.47 -42.81
N ARG J 140 39.95 -31.35 -42.09
CA ARG J 140 40.66 -30.11 -41.98
C ARG J 140 41.24 -29.81 -43.37
N ARG J 141 41.02 -28.59 -43.84
CA ARG J 141 41.76 -28.14 -45.00
C ARG J 141 43.14 -27.67 -44.56
N ALA J 142 43.98 -27.36 -45.54
CA ALA J 142 45.34 -26.91 -45.27
C ALA J 142 45.37 -25.43 -44.90
N ASP J 143 44.24 -24.74 -45.09
CA ASP J 143 44.07 -23.40 -44.53
C ASP J 143 43.49 -23.42 -43.11
N GLY J 144 43.38 -24.60 -42.48
CA GLY J 144 42.79 -24.73 -41.13
C GLY J 144 41.26 -24.80 -41.03
N THR J 145 40.55 -24.38 -42.07
CA THR J 145 39.07 -24.48 -42.08
C THR J 145 38.60 -25.92 -42.16
N TRP J 146 37.38 -26.14 -41.71
CA TRP J 146 36.82 -27.48 -41.71
C TRP J 146 35.94 -27.67 -42.91
N ARG J 147 36.28 -28.63 -43.76
CA ARG J 147 35.48 -29.00 -44.90
C ARG J 147 34.34 -29.91 -44.47
N ALA J 148 33.11 -29.45 -44.68
CA ALA J 148 31.90 -30.28 -44.46
C ALA J 148 31.92 -31.55 -45.30
N GLY J 149 31.50 -32.65 -44.73
CA GLY J 149 31.35 -33.84 -45.53
C GLY J 149 30.10 -33.82 -46.44
N SER J 150 29.91 -34.93 -47.12
CA SER J 150 28.82 -35.19 -48.06
C SER J 150 27.58 -35.75 -47.35
N ALA J 151 27.72 -36.11 -46.07
CA ALA J 151 26.68 -36.86 -45.42
C ALA J 151 25.39 -36.04 -45.35
N GLY J 152 24.29 -36.73 -45.52
CA GLY J 152 22.98 -36.11 -45.40
C GLY J 152 21.89 -36.96 -45.97
N TYR J 153 20.71 -36.40 -45.83
CA TYR J 153 19.51 -36.90 -46.50
C TYR J 153 19.33 -36.03 -47.69
N TRP J 154 19.58 -36.62 -48.85
CA TRP J 154 19.55 -35.94 -50.10
C TRP J 154 18.56 -36.59 -51.07
N HIS J 155 18.63 -36.16 -52.32
CA HIS J 155 17.72 -36.71 -53.29
C HIS J 155 18.23 -36.52 -54.69
N TYR J 156 17.63 -37.28 -55.59
CA TYR J 156 17.88 -37.10 -57.05
C TYR J 156 16.61 -36.88 -57.81
N HIS J 157 16.68 -36.17 -58.93
CA HIS J 157 15.54 -36.05 -59.78
C HIS J 157 15.89 -35.65 -61.18
N ASP J 158 14.88 -35.69 -62.07
CA ASP J 158 15.01 -35.27 -63.45
C ASP J 158 15.12 -33.79 -63.58
N HIS J 159 15.86 -33.34 -64.59
CA HIS J 159 16.09 -31.88 -64.77
C HIS J 159 15.71 -31.41 -66.18
N VAL J 160 15.11 -32.27 -67.03
CA VAL J 160 14.76 -31.88 -68.43
C VAL J 160 13.37 -32.23 -68.98
N VAL J 161 12.56 -32.97 -68.26
CA VAL J 161 11.22 -33.32 -68.73
C VAL J 161 10.32 -32.14 -68.50
N GLY J 162 9.57 -31.74 -69.53
CA GLY J 162 8.65 -30.60 -69.49
C GLY J 162 9.32 -29.28 -69.61
N THR J 163 10.28 -29.01 -68.73
CA THR J 163 11.13 -27.82 -68.83
C THR J 163 12.54 -28.20 -68.53
N GLU J 164 13.43 -27.21 -68.68
CA GLU J 164 14.84 -27.32 -68.46
C GLU J 164 15.18 -27.23 -66.97
N HIS J 165 14.13 -27.23 -66.12
CA HIS J 165 14.29 -27.49 -64.68
C HIS J 165 13.56 -28.71 -64.22
N GLY J 166 13.09 -29.50 -65.19
CA GLY J 166 12.53 -30.83 -64.90
C GLY J 166 11.15 -30.74 -64.26
N THR J 167 10.47 -29.64 -64.48
CA THR J 167 9.18 -29.46 -63.85
C THR J 167 8.22 -30.60 -64.14
N GLY J 168 8.18 -31.06 -65.40
CA GLY J 168 7.28 -32.15 -65.76
C GLY J 168 7.73 -33.52 -65.25
N GLY J 169 9.01 -33.79 -65.29
CA GLY J 169 9.53 -35.08 -64.79
C GLY J 169 9.27 -35.28 -63.31
N ILE J 170 9.57 -34.23 -62.55
CA ILE J 170 9.32 -34.16 -61.10
C ILE J 170 7.83 -34.36 -60.81
N ARG J 171 6.96 -33.58 -61.49
CA ARG J 171 5.52 -33.74 -61.33
C ARG J 171 5.14 -35.18 -61.58
N ASN J 172 5.69 -35.76 -62.63
CA ASN J 172 5.30 -37.11 -63.03
C ASN J 172 5.85 -38.24 -62.25
N GLY J 173 6.83 -38.00 -61.38
CA GLY J 173 7.34 -39.06 -60.49
C GLY J 173 8.84 -39.32 -60.56
N LEU J 174 9.60 -38.57 -61.34
CA LEU J 174 11.00 -38.83 -61.50
C LEU J 174 11.84 -38.15 -60.38
N TYR J 175 11.77 -38.76 -59.21
CA TYR J 175 12.50 -38.33 -58.04
C TYR J 175 12.71 -39.52 -57.15
N GLY J 176 13.76 -39.48 -56.36
CA GLY J 176 13.97 -40.46 -55.31
C GLY J 176 15.01 -40.07 -54.32
N PRO J 177 15.15 -40.83 -53.23
CA PRO J 177 16.07 -40.40 -52.17
C PRO J 177 17.46 -40.98 -52.27
N VAL J 178 18.41 -40.25 -51.70
CA VAL J 178 19.77 -40.72 -51.52
C VAL J 178 20.20 -40.42 -50.09
N ILE J 179 20.64 -41.43 -49.37
CA ILE J 179 21.22 -41.21 -48.02
C ILE J 179 22.74 -41.42 -48.10
N VAL J 180 23.49 -40.43 -47.65
CA VAL J 180 24.95 -40.58 -47.47
C VAL J 180 25.23 -40.58 -45.97
N ARG J 181 25.63 -41.74 -45.47
CA ARG J 181 25.93 -41.89 -44.06
C ARG J 181 27.36 -41.56 -43.69
N ARG J 182 27.51 -40.98 -42.50
CA ARG J 182 28.80 -40.76 -41.88
C ARG J 182 29.20 -41.90 -40.96
N LYS J 183 30.52 -42.14 -40.87
CA LYS J 183 31.02 -43.28 -40.14
C LYS J 183 30.47 -43.16 -38.76
N GLY J 184 29.94 -44.25 -38.22
CA GLY J 184 29.38 -44.25 -36.87
C GLY J 184 27.91 -43.84 -36.77
N ASP J 185 27.29 -43.35 -37.86
CA ASP J 185 25.83 -43.04 -37.82
C ASP J 185 25.08 -44.32 -37.47
N VAL J 186 24.11 -44.22 -36.57
CA VAL J 186 23.28 -45.39 -36.23
C VAL J 186 22.43 -45.83 -37.41
N LEU J 187 22.26 -47.15 -37.59
CA LEU J 187 21.55 -47.67 -38.73
C LEU J 187 20.13 -48.05 -38.29
N PRO J 188 19.16 -47.91 -39.19
CA PRO J 188 17.75 -48.12 -38.74
C PRO J 188 17.29 -49.54 -38.94
N ASP J 189 16.16 -49.89 -38.35
CA ASP J 189 15.48 -51.12 -38.73
C ASP J 189 14.77 -51.04 -40.06
N ALA J 190 14.33 -49.85 -40.44
CA ALA J 190 13.60 -49.66 -41.71
C ALA J 190 13.69 -48.21 -42.10
N THR J 191 13.63 -47.96 -43.40
CA THR J 191 13.65 -46.61 -43.97
C THR J 191 12.42 -46.41 -44.82
N HIS J 192 11.73 -45.28 -44.64
CA HIS J 192 10.52 -44.96 -45.40
C HIS J 192 10.66 -43.60 -46.02
N THR J 193 10.34 -43.50 -47.31
CA THR J 193 10.49 -42.21 -47.99
C THR J 193 9.14 -41.55 -48.23
N ILE J 194 9.02 -40.31 -47.81
CA ILE J 194 7.78 -39.54 -47.92
C ILE J 194 8.08 -38.29 -48.71
N VAL J 195 7.40 -38.12 -49.85
CA VAL J 195 7.62 -36.99 -50.67
C VAL J 195 6.31 -36.20 -50.83
N PHE J 196 6.39 -34.93 -50.51
CA PHE J 196 5.29 -34.04 -50.71
C PHE J 196 5.60 -33.41 -52.08
N ASN J 197 4.94 -33.92 -53.15
CA ASN J 197 5.08 -33.44 -54.49
C ASN J 197 3.82 -32.71 -54.89
N ASP J 198 3.88 -31.38 -54.95
CA ASP J 198 2.69 -30.50 -55.07
C ASP J 198 1.71 -30.88 -53.97
N MET J 199 0.47 -31.24 -54.30
CA MET J 199 -0.56 -31.59 -53.30
C MET J 199 -0.71 -33.09 -53.17
N THR J 200 0.33 -33.84 -53.51
CA THR J 200 0.28 -35.30 -53.35
C THR J 200 1.37 -35.76 -52.36
N ILE J 201 1.19 -36.95 -51.81
CA ILE J 201 2.26 -37.70 -51.19
C ILE J 201 2.65 -38.83 -52.13
N ASN J 202 3.89 -38.79 -52.60
CA ASN J 202 4.45 -39.80 -53.47
C ASN J 202 3.54 -39.99 -54.70
N ASN J 203 2.98 -38.91 -55.20
CA ASN J 203 2.10 -39.00 -56.37
C ASN J 203 0.82 -39.83 -56.22
N ARG J 204 0.43 -40.21 -55.04
CA ARG J 204 -0.74 -40.98 -54.90
C ARG J 204 -2.03 -40.10 -54.85
N PRO J 205 -3.18 -40.71 -55.15
CA PRO J 205 -4.48 -40.03 -54.99
C PRO J 205 -4.73 -39.53 -53.58
N ALA J 206 -5.52 -38.46 -53.46
CA ALA J 206 -5.90 -37.91 -52.18
C ALA J 206 -6.34 -39.02 -51.18
N HIS J 207 -5.85 -38.96 -49.94
CA HIS J 207 -6.26 -39.81 -48.83
C HIS J 207 -5.99 -41.28 -49.09
N THR J 208 -4.90 -41.59 -49.76
CA THR J 208 -4.51 -42.98 -49.88
C THR J 208 -3.14 -43.20 -49.25
N GLY J 209 -2.81 -42.45 -48.23
CA GLY J 209 -1.55 -42.61 -47.58
C GLY J 209 -0.35 -42.06 -48.35
N PRO J 210 0.77 -42.77 -48.36
CA PRO J 210 0.93 -44.17 -47.94
C PRO J 210 0.98 -44.37 -46.46
N ASN J 211 0.63 -45.57 -46.03
CA ASN J 211 0.79 -45.99 -44.65
C ASN J 211 2.04 -46.85 -44.45
N PHE J 212 2.69 -46.74 -43.30
CA PHE J 212 3.96 -47.46 -43.08
C PHE J 212 3.84 -48.13 -41.71
N GLU J 213 4.22 -49.40 -41.64
CA GLU J 213 3.98 -50.21 -40.48
C GLU J 213 5.28 -50.37 -39.73
N ALA J 214 5.16 -50.48 -38.42
CA ALA J 214 6.30 -50.83 -37.58
C ALA J 214 5.78 -51.44 -36.34
N THR J 215 6.73 -51.93 -35.54
CA THR J 215 6.41 -52.42 -34.20
C THR J 215 6.95 -51.45 -33.14
N VAL J 216 6.28 -51.29 -32.00
CA VAL J 216 6.80 -50.51 -30.85
C VAL J 216 8.24 -50.88 -30.54
N GLY J 217 9.12 -49.88 -30.46
CA GLY J 217 10.54 -50.11 -30.23
C GLY J 217 11.40 -50.15 -31.47
N ASP J 218 10.81 -50.32 -32.65
CA ASP J 218 11.63 -50.27 -33.90
C ASP J 218 12.26 -48.91 -34.10
N ARG J 219 13.48 -48.92 -34.62
CA ARG J 219 14.19 -47.73 -35.04
C ARG J 219 13.84 -47.48 -36.52
N VAL J 220 13.05 -46.43 -36.74
CA VAL J 220 12.47 -46.17 -38.04
C VAL J 220 13.05 -44.89 -38.58
N GLU J 221 13.57 -44.97 -39.80
CA GLU J 221 14.13 -43.81 -40.45
C GLU J 221 13.10 -43.28 -41.44
N ILE J 222 12.86 -41.98 -41.41
CA ILE J 222 11.98 -41.31 -42.40
C ILE J 222 12.89 -40.44 -43.23
N VAL J 223 12.79 -40.58 -44.54
CA VAL J 223 13.41 -39.56 -45.47
C VAL J 223 12.28 -38.67 -46.03
N MET J 224 12.43 -37.35 -45.92
CA MET J 224 11.31 -36.45 -46.23
C MET J 224 11.79 -35.42 -47.25
N ILE J 225 11.19 -35.52 -48.41
CA ILE J 225 11.57 -34.68 -49.56
C ILE J 225 10.32 -33.94 -50.06
N THR J 226 10.51 -32.71 -50.50
CA THR J 226 9.42 -31.87 -51.01
C THR J 226 9.82 -31.44 -52.43
N HIS J 227 8.80 -31.35 -53.30
CA HIS J 227 8.94 -30.92 -54.68
C HIS J 227 7.74 -30.14 -55.16
N GLY J 228 8.02 -29.29 -56.14
CA GLY J 228 7.00 -28.71 -56.97
C GLY J 228 6.85 -27.22 -56.77
N GLU J 229 5.65 -26.77 -56.45
CA GLU J 229 5.33 -25.40 -56.44
C GLU J 229 5.03 -24.84 -55.07
N TYR J 230 4.68 -25.72 -54.13
CA TYR J 230 4.06 -25.26 -52.85
C TYR J 230 4.88 -25.49 -51.64
N TYR J 231 4.73 -24.63 -50.64
CA TYR J 231 5.35 -24.90 -49.31
C TYR J 231 4.43 -25.83 -48.51
N HIS J 232 4.99 -26.61 -47.57
CA HIS J 232 4.27 -27.56 -46.76
C HIS J 232 4.77 -27.49 -45.31
N THR J 233 4.03 -28.16 -44.36
CA THR J 233 4.53 -28.30 -43.02
C THR J 233 4.37 -29.77 -42.70
N PHE J 234 5.46 -30.50 -42.52
CA PHE J 234 5.37 -31.95 -42.29
C PHE J 234 5.20 -32.21 -40.77
N HIS J 235 4.09 -32.88 -40.34
CA HIS J 235 3.82 -33.17 -38.92
C HIS J 235 3.56 -34.65 -38.66
N MET J 236 4.03 -35.18 -37.53
CA MET J 236 3.69 -36.57 -37.10
C MET J 236 3.15 -36.55 -35.70
N HIS J 237 2.02 -37.20 -35.49
CA HIS J 237 1.44 -37.30 -34.19
C HIS J 237 2.27 -38.31 -33.37
N GLY J 238 2.39 -38.05 -32.07
CA GLY J 238 3.02 -38.98 -31.17
C GLY J 238 4.54 -39.07 -31.21
N HIS J 239 5.22 -38.41 -32.18
CA HIS J 239 6.66 -38.52 -32.36
C HIS J 239 7.28 -37.18 -32.66
N ARG J 240 8.54 -37.04 -32.24
CA ARG J 240 9.35 -35.85 -32.46
C ARG J 240 10.77 -36.22 -32.84
N TRP J 241 11.51 -35.26 -33.37
CA TRP J 241 12.84 -35.52 -33.92
C TRP J 241 13.62 -34.20 -33.83
N ALA J 242 14.94 -34.29 -33.99
CA ALA J 242 15.77 -33.15 -33.96
C ALA J 242 15.90 -32.60 -35.34
N ASP J 243 15.95 -31.27 -35.46
CA ASP J 243 16.06 -30.63 -36.74
C ASP J 243 17.55 -30.45 -37.02
N ASN J 244 18.26 -31.55 -37.09
CA ASN J 244 19.67 -31.51 -37.50
C ASN J 244 19.88 -32.60 -38.58
N ARG J 245 21.13 -32.95 -38.87
CA ARG J 245 21.37 -33.90 -39.94
C ARG J 245 20.70 -35.27 -39.72
N THR J 246 20.96 -35.89 -38.58
CA THR J 246 20.50 -37.23 -38.30
C THR J 246 19.11 -37.31 -37.71
N GLY J 247 18.56 -36.19 -37.29
CA GLY J 247 17.35 -36.20 -36.54
C GLY J 247 17.48 -36.73 -35.13
N MET J 248 18.69 -37.00 -34.69
CA MET J 248 18.91 -37.39 -33.28
C MET J 248 19.82 -36.35 -32.68
N LEU J 249 19.61 -36.07 -31.39
CA LEU J 249 20.57 -35.29 -30.64
C LEU J 249 21.80 -36.19 -30.40
N THR J 250 22.99 -35.58 -30.44
CA THR J 250 24.25 -36.31 -30.19
C THR J 250 24.47 -36.51 -28.72
N GLY J 251 23.72 -35.81 -27.88
CA GLY J 251 23.90 -35.85 -26.45
C GLY J 251 23.34 -34.58 -25.85
N PRO J 252 23.64 -34.32 -24.57
CA PRO J 252 23.02 -33.26 -23.78
C PRO J 252 23.54 -31.87 -24.09
N ASP J 253 24.66 -31.77 -24.78
CA ASP J 253 25.17 -30.49 -25.16
C ASP J 253 24.68 -30.15 -26.58
N ASP J 254 24.02 -31.10 -27.26
CA ASP J 254 23.52 -30.84 -28.63
C ASP J 254 22.41 -29.77 -28.57
N PRO J 255 22.65 -28.60 -29.15
CA PRO J 255 21.71 -27.50 -29.14
C PRO J 255 20.61 -27.59 -30.23
N SER J 256 20.57 -28.68 -31.01
CA SER J 256 19.61 -28.83 -32.09
C SER J 256 18.18 -28.82 -31.53
N GLN J 257 17.29 -28.24 -32.31
CA GLN J 257 15.90 -28.17 -31.93
C GLN J 257 15.17 -29.49 -32.03
N VAL J 258 14.24 -29.66 -31.10
CA VAL J 258 13.36 -30.80 -31.09
C VAL J 258 11.98 -30.31 -31.55
N ILE J 259 11.47 -30.90 -32.61
CA ILE J 259 10.25 -30.45 -33.28
C ILE J 259 9.40 -31.61 -33.68
N ASP J 260 8.13 -31.32 -33.94
CA ASP J 260 7.26 -32.28 -34.56
C ASP J 260 6.52 -31.76 -35.82
N ASN J 261 6.99 -30.63 -36.35
CA ASN J 261 6.30 -29.87 -37.37
C ASN J 261 7.40 -29.10 -38.08
N LYS J 262 7.59 -29.40 -39.35
CA LYS J 262 8.77 -28.92 -40.06
C LYS J 262 8.30 -28.29 -41.38
N ILE J 263 8.61 -27.01 -41.54
CA ILE J 263 8.18 -26.27 -42.72
C ILE J 263 9.11 -26.77 -43.86
N CYS J 264 8.60 -26.93 -45.09
CA CYS J 264 9.46 -27.38 -46.18
C CYS J 264 8.97 -26.82 -47.52
N GLY J 265 9.91 -26.56 -48.42
CA GLY J 265 9.60 -26.12 -49.80
C GLY J 265 10.27 -27.01 -50.85
N PRO J 266 10.03 -26.72 -52.12
CA PRO J 266 10.58 -27.47 -53.26
C PRO J 266 12.10 -27.69 -53.16
N ALA J 267 12.48 -28.99 -53.18
CA ALA J 267 13.82 -29.53 -53.17
C ALA J 267 14.47 -29.65 -51.79
N ASP J 268 13.72 -29.27 -50.75
CA ASP J 268 14.11 -29.52 -49.37
C ASP J 268 14.11 -30.99 -49.08
N SER J 269 15.17 -31.44 -48.39
CA SER J 269 15.26 -32.85 -48.04
C SER J 269 15.80 -32.88 -46.62
N PHE J 270 15.14 -33.67 -45.78
CA PHE J 270 15.61 -33.93 -44.44
C PHE J 270 15.24 -35.33 -44.06
N GLY J 271 15.77 -35.78 -42.93
CA GLY J 271 15.43 -37.12 -42.43
C GLY J 271 15.68 -37.21 -40.94
N PHE J 272 15.17 -38.26 -40.34
CA PHE J 272 15.34 -38.48 -38.94
C PHE J 272 15.07 -39.96 -38.65
N GLN J 273 15.43 -40.40 -37.45
CA GLN J 273 15.11 -41.71 -36.93
C GLN J 273 14.35 -41.48 -35.64
N ILE J 274 13.34 -42.29 -35.41
CA ILE J 274 12.52 -42.24 -34.22
C ILE J 274 12.37 -43.68 -33.77
N ILE J 275 12.15 -43.85 -32.48
CA ILE J 275 11.77 -45.15 -31.95
C ILE J 275 10.26 -45.21 -31.95
N ALA J 276 9.70 -46.14 -32.71
CA ALA J 276 8.25 -46.22 -32.90
C ALA J 276 7.50 -46.42 -31.58
N GLY J 277 6.57 -45.51 -31.26
CA GLY J 277 5.79 -45.64 -30.06
C GLY J 277 6.48 -45.24 -28.79
N GLU J 278 7.69 -44.70 -28.89
CA GLU J 278 8.46 -44.38 -27.67
C GLU J 278 7.73 -43.36 -26.80
N GLY J 279 7.44 -43.81 -25.57
CA GLY J 279 6.70 -43.01 -24.58
C GLY J 279 5.25 -42.76 -24.87
N VAL J 280 4.70 -43.40 -25.91
CA VAL J 280 3.30 -43.17 -26.39
C VAL J 280 2.53 -44.43 -26.75
N GLY J 281 3.25 -45.50 -27.11
CA GLY J 281 2.60 -46.79 -27.35
C GLY J 281 2.16 -47.03 -28.79
N ALA J 282 1.51 -48.17 -28.99
CA ALA J 282 1.10 -48.58 -30.27
C ALA J 282 -0.16 -47.80 -30.69
N GLY J 283 -0.48 -47.81 -31.98
CA GLY J 283 -1.66 -47.12 -32.50
C GLY J 283 -1.45 -46.66 -33.93
N ALA J 284 -2.51 -46.16 -34.52
CA ALA J 284 -2.46 -45.60 -35.87
C ALA J 284 -2.15 -44.11 -35.74
N TRP J 285 -0.88 -43.77 -35.85
CA TRP J 285 -0.40 -42.44 -35.64
C TRP J 285 -0.33 -41.66 -36.95
N MET J 286 -1.19 -40.64 -37.05
CA MET J 286 -1.27 -39.84 -38.24
C MET J 286 0.01 -39.10 -38.50
N TYR J 287 0.35 -39.00 -39.77
CA TYR J 287 1.25 -37.98 -40.17
C TYR J 287 0.54 -37.21 -41.30
N HIS J 288 0.82 -35.93 -41.42
CA HIS J 288 0.14 -35.14 -42.45
C HIS J 288 0.86 -33.84 -42.69
N CYS J 289 0.68 -33.25 -43.86
CA CYS J 289 0.94 -31.83 -44.00
C CYS J 289 -0.02 -31.04 -43.04
N HIS J 290 0.51 -30.01 -42.39
CA HIS J 290 -0.32 -29.31 -41.44
C HIS J 290 -0.94 -28.03 -42.00
N VAL J 291 -0.67 -27.72 -43.27
CA VAL J 291 -1.38 -26.64 -43.97
C VAL J 291 -2.84 -27.15 -44.05
N GLN J 292 -3.81 -26.39 -43.53
CA GLN J 292 -5.10 -27.01 -43.24
C GLN J 292 -5.83 -27.58 -44.47
N SER J 293 -5.82 -26.83 -45.56
CA SER J 293 -6.53 -27.29 -46.75
C SER J 293 -5.77 -28.49 -47.30
N HIS J 294 -4.45 -28.53 -47.06
CA HIS J 294 -3.69 -29.66 -47.59
C HIS J 294 -4.05 -30.97 -46.92
N SER J 295 -4.16 -30.94 -45.60
CA SER J 295 -4.63 -32.17 -44.93
C SER J 295 -6.07 -32.49 -45.29
N ASP J 296 -6.91 -31.47 -45.39
CA ASP J 296 -8.34 -31.68 -45.72
C ASP J 296 -8.43 -32.30 -47.11
N MET J 297 -7.53 -31.97 -48.02
CA MET J 297 -7.65 -32.45 -49.40
C MET J 297 -6.81 -33.74 -49.57
N GLY J 298 -6.19 -34.22 -48.50
CA GLY J 298 -5.63 -35.57 -48.53
C GLY J 298 -4.17 -35.87 -48.38
N MET J 299 -3.37 -34.87 -48.02
CA MET J 299 -1.93 -35.04 -47.70
C MET J 299 -1.82 -35.58 -46.29
N VAL J 300 -2.28 -36.82 -46.12
N VAL J 300 -2.28 -36.82 -46.12
CA VAL J 300 -2.41 -37.48 -44.83
CA VAL J 300 -2.36 -37.45 -44.83
C VAL J 300 -2.04 -38.96 -45.02
C VAL J 300 -2.05 -38.95 -45.00
N GLY J 301 -1.35 -39.52 -44.03
CA GLY J 301 -1.17 -40.99 -43.96
C GLY J 301 -1.08 -41.45 -42.53
N LEU J 302 -0.86 -42.77 -42.35
CA LEU J 302 -0.69 -43.33 -41.06
C LEU J 302 0.70 -44.01 -40.82
N PHE J 303 1.26 -43.77 -39.65
CA PHE J 303 2.33 -44.56 -39.07
C PHE J 303 1.66 -45.58 -38.15
N LEU J 304 1.48 -46.79 -38.65
CA LEU J 304 0.83 -47.86 -37.93
C LEU J 304 1.87 -48.56 -37.05
N VAL J 305 1.83 -48.26 -35.76
CA VAL J 305 2.79 -48.83 -34.80
C VAL J 305 2.06 -49.95 -34.08
N LYS J 306 2.58 -51.17 -34.24
CA LYS J 306 1.90 -52.37 -33.76
C LYS J 306 2.43 -52.73 -32.37
N LYS J 307 1.59 -53.30 -31.55
CA LYS J 307 2.09 -54.01 -30.36
C LYS J 307 2.94 -55.23 -30.76
N PRO J 308 3.68 -55.82 -29.80
CA PRO J 308 4.49 -57.04 -30.17
C PRO J 308 3.65 -58.17 -30.76
N ASP J 309 2.36 -58.23 -30.44
CA ASP J 309 1.50 -59.27 -30.95
C ASP J 309 0.96 -58.90 -32.35
N GLY J 310 1.49 -57.85 -32.95
CA GLY J 310 1.10 -57.41 -34.30
C GLY J 310 -0.19 -56.60 -34.39
N THR J 311 -0.88 -56.37 -33.28
CA THR J 311 -2.21 -55.74 -33.40
C THR J 311 -2.05 -54.26 -33.22
N ILE J 312 -3.06 -53.51 -33.62
CA ILE J 312 -3.01 -52.02 -33.48
C ILE J 312 -4.29 -51.64 -32.74
N PRO J 313 -4.15 -51.15 -31.51
CA PRO J 313 -5.35 -50.87 -30.77
C PRO J 313 -6.03 -49.63 -31.32
N GLY J 314 -7.36 -49.72 -31.34
CA GLY J 314 -8.19 -48.59 -31.63
C GLY J 314 -8.13 -48.33 -33.11
N TYR J 315 -7.43 -49.17 -33.84
CA TYR J 315 -7.36 -49.04 -35.29
C TYR J 315 -8.41 -49.91 -35.96
N ASP J 316 -9.59 -49.28 -36.04
CA ASP J 316 -10.64 -49.57 -36.99
C ASP J 316 -10.23 -48.91 -38.33
N PRO J 317 -9.73 -49.71 -39.31
CA PRO J 317 -9.62 -49.12 -40.67
C PRO J 317 -10.97 -48.53 -41.13
N GLN J 318 -10.95 -47.30 -41.67
CA GLN J 318 -12.16 -46.60 -42.12
C GLN J 318 -13.00 -45.97 -40.99
N ALA K 40 43.63 -15.90 -47.74
CA ALA K 40 42.87 -14.65 -47.39
C ALA K 40 43.12 -14.31 -45.90
N GLY K 41 42.33 -13.38 -45.35
CA GLY K 41 42.49 -12.92 -43.96
C GLY K 41 41.44 -13.40 -42.94
N ALA K 42 41.44 -12.69 -41.82
CA ALA K 42 40.48 -12.87 -40.73
C ALA K 42 40.04 -11.49 -40.22
N ALA K 43 38.81 -11.38 -39.72
CA ALA K 43 38.24 -10.07 -39.40
C ALA K 43 38.84 -9.62 -38.06
N PRO K 44 39.12 -8.33 -37.89
CA PRO K 44 39.60 -7.89 -36.56
C PRO K 44 38.45 -7.56 -35.60
N ALA K 45 38.80 -7.34 -34.34
CA ALA K 45 37.88 -6.74 -33.36
C ALA K 45 37.36 -5.38 -33.86
N GLY K 46 36.08 -5.10 -33.63
CA GLY K 46 35.51 -3.82 -34.06
C GLY K 46 35.72 -2.76 -32.98
N GLY K 47 35.02 -1.65 -33.12
CA GLY K 47 35.09 -0.58 -32.12
C GLY K 47 35.30 0.78 -32.74
N GLU K 48 35.37 0.86 -34.07
CA GLU K 48 35.58 2.12 -34.79
C GLU K 48 34.23 2.74 -35.00
N VAL K 49 34.17 4.07 -34.87
CA VAL K 49 33.02 4.90 -35.25
C VAL K 49 33.21 5.30 -36.71
N ARG K 50 32.24 5.00 -37.58
CA ARG K 50 32.37 5.23 -39.04
C ARG K 50 31.26 6.10 -39.58
N ARG K 51 31.42 6.63 -40.79
CA ARG K 51 30.42 7.49 -41.41
C ARG K 51 30.33 7.16 -42.89
N VAL K 52 29.15 7.31 -43.45
CA VAL K 52 28.98 7.08 -44.85
C VAL K 52 27.81 7.92 -45.23
N THR K 53 27.83 8.42 -46.45
CA THR K 53 26.72 9.14 -47.00
C THR K 53 26.00 8.12 -47.87
N LEU K 54 24.67 8.26 -47.90
CA LEU K 54 23.78 7.39 -48.66
C LEU K 54 22.64 8.22 -49.21
N TYR K 55 22.26 7.99 -50.47
CA TYR K 55 21.26 8.72 -51.20
C TYR K 55 20.27 7.73 -51.73
N ALA K 56 18.99 8.11 -51.71
CA ALA K 56 17.94 7.45 -52.48
C ALA K 56 17.70 8.24 -53.71
N GLU K 57 17.66 7.53 -54.84
CA GLU K 57 17.52 8.12 -56.13
C GLU K 57 16.69 7.29 -57.06
N ARG K 58 16.08 7.95 -58.04
CA ARG K 58 15.35 7.31 -59.10
C ARG K 58 16.37 6.73 -60.05
N LEU K 59 16.07 5.54 -60.59
CA LEU K 59 16.87 4.91 -61.65
C LEU K 59 16.04 4.77 -62.91
N ALA K 60 16.67 4.31 -63.99
CA ALA K 60 15.95 3.94 -65.22
C ALA K 60 14.72 3.03 -64.94
N GLY K 61 13.66 3.24 -65.70
CA GLY K 61 12.50 2.35 -65.70
C GLY K 61 11.64 2.39 -64.46
N GLY K 62 11.67 3.51 -63.74
CA GLY K 62 10.93 3.64 -62.49
C GLY K 62 11.45 2.83 -61.30
N GLN K 63 12.69 2.39 -61.38
CA GLN K 63 13.29 1.73 -60.27
C GLN K 63 13.85 2.78 -59.29
N LEU K 64 14.12 2.33 -58.06
CA LEU K 64 14.60 3.19 -56.97
C LEU K 64 15.70 2.48 -56.28
N GLY K 65 16.79 3.21 -56.00
CA GLY K 65 18.00 2.60 -55.52
C GLY K 65 18.66 3.47 -54.48
N TYR K 66 19.42 2.83 -53.60
CA TYR K 66 20.37 3.53 -52.73
C TYR K 66 21.78 3.56 -53.37
N GLY K 67 22.53 4.64 -53.16
CA GLY K 67 23.92 4.69 -53.53
C GLY K 67 24.75 5.53 -52.61
N LEU K 68 26.05 5.30 -52.70
CA LEU K 68 27.06 5.97 -51.88
C LEU K 68 27.33 7.44 -52.26
N GLU K 69 26.96 7.78 -53.49
CA GLU K 69 27.04 9.12 -54.08
C GLU K 69 25.93 9.27 -55.06
N LYS K 70 25.55 10.51 -55.30
CA LYS K 70 24.53 10.82 -56.31
C LYS K 70 24.97 10.27 -57.66
N GLY K 71 24.03 9.78 -58.46
CA GLY K 71 24.34 9.15 -59.73
C GLY K 71 24.92 7.75 -59.68
N LYS K 72 25.07 7.16 -58.49
CA LYS K 72 25.65 5.82 -58.43
C LYS K 72 24.81 4.84 -57.64
N ALA K 73 23.50 5.06 -57.58
CA ALA K 73 22.59 4.12 -56.93
C ALA K 73 22.65 2.75 -57.67
N SER K 74 22.43 1.67 -56.94
CA SER K 74 22.47 0.31 -57.48
C SER K 74 21.36 -0.47 -56.78
N ILE K 75 20.95 -1.56 -57.42
CA ILE K 75 20.06 -2.55 -56.86
C ILE K 75 20.75 -3.86 -57.04
N PRO K 76 21.05 -4.61 -55.96
CA PRO K 76 20.94 -4.15 -54.58
C PRO K 76 21.80 -2.93 -54.28
N GLY K 77 21.52 -2.26 -53.18
CA GLY K 77 22.30 -1.12 -52.78
C GLY K 77 23.67 -1.51 -52.32
N PRO K 78 24.52 -0.52 -51.97
CA PRO K 78 25.89 -0.86 -51.57
C PRO K 78 25.99 -1.74 -50.34
N LEU K 79 26.95 -2.65 -50.38
CA LEU K 79 27.22 -3.56 -49.29
C LEU K 79 27.83 -2.78 -48.14
N ILE K 80 27.21 -2.76 -46.97
CA ILE K 80 27.85 -2.21 -45.77
C ILE K 80 28.49 -3.32 -44.94
N GLU K 81 29.76 -3.14 -44.59
CA GLU K 81 30.50 -4.13 -43.84
C GLU K 81 31.02 -3.52 -42.55
N LEU K 82 30.73 -4.18 -41.43
CA LEU K 82 31.14 -3.71 -40.13
C LEU K 82 31.78 -4.84 -39.35
N ASN K 83 32.62 -4.49 -38.36
CA ASN K 83 33.02 -5.45 -37.36
C ASN K 83 32.28 -5.18 -36.10
N GLU K 84 31.96 -6.26 -35.37
CA GLU K 84 31.21 -6.19 -34.11
C GLU K 84 31.91 -5.25 -33.18
N GLY K 85 31.16 -4.29 -32.67
CA GLY K 85 31.71 -3.19 -31.89
C GLY K 85 31.66 -1.88 -32.63
N ASP K 86 31.70 -1.91 -33.97
CA ASP K 86 31.65 -0.68 -34.75
C ASP K 86 30.31 0.05 -34.62
N THR K 87 30.34 1.38 -34.73
CA THR K 87 29.17 2.22 -34.86
C THR K 87 29.23 2.77 -36.25
N LEU K 88 28.09 2.90 -36.89
CA LEU K 88 28.03 3.48 -38.21
C LEU K 88 27.00 4.61 -38.25
N HIS K 89 27.44 5.82 -38.64
CA HIS K 89 26.59 6.96 -38.81
C HIS K 89 26.36 7.10 -40.31
N VAL K 90 25.10 6.87 -40.69
CA VAL K 90 24.63 6.93 -42.07
C VAL K 90 23.89 8.25 -42.31
N GLU K 91 24.60 9.18 -42.96
CA GLU K 91 24.10 10.48 -43.29
C GLU K 91 23.33 10.26 -44.59
N PHE K 92 22.00 10.29 -44.49
CA PHE K 92 21.13 9.84 -45.57
C PHE K 92 20.42 11.02 -46.21
N GLU K 93 20.44 11.06 -47.54
CA GLU K 93 19.68 12.07 -48.24
C GLU K 93 18.69 11.47 -49.21
N ASN K 94 17.47 11.99 -49.20
CA ASN K 94 16.38 11.57 -50.09
C ASN K 94 16.19 12.51 -51.27
N THR K 95 16.53 12.04 -52.47
CA THR K 95 16.38 12.86 -53.70
C THR K 95 15.05 12.64 -54.43
N LEU K 96 14.21 11.71 -53.95
CA LEU K 96 12.90 11.46 -54.54
C LEU K 96 11.91 12.52 -54.17
N ASP K 97 10.76 12.51 -54.85
CA ASP K 97 9.67 13.43 -54.54
C ASP K 97 8.59 12.80 -53.61
N VAL K 98 8.92 11.66 -52.96
CA VAL K 98 8.07 11.13 -51.89
C VAL K 98 8.95 10.83 -50.68
N PRO K 99 8.34 10.62 -49.53
CA PRO K 99 9.19 10.26 -48.40
C PRO K 99 9.89 8.91 -48.55
N VAL K 100 11.09 8.79 -47.98
CA VAL K 100 11.83 7.53 -47.96
C VAL K 100 12.45 7.35 -46.58
N SER K 101 12.81 6.12 -46.23
CA SER K 101 13.50 5.88 -44.99
C SER K 101 14.54 4.84 -45.21
N LEU K 102 15.24 4.58 -44.13
CA LEU K 102 16.21 3.54 -44.06
C LEU K 102 15.99 2.79 -42.76
N HIS K 103 15.81 1.49 -42.93
CA HIS K 103 15.53 0.58 -41.84
C HIS K 103 16.50 -0.57 -41.94
N VAL K 104 17.03 -0.99 -40.80
CA VAL K 104 18.02 -2.08 -40.78
C VAL K 104 17.59 -3.26 -39.89
N HIS K 105 17.87 -4.48 -40.35
CA HIS K 105 17.69 -5.71 -39.55
C HIS K 105 18.96 -5.99 -38.77
N GLY K 106 18.80 -6.59 -37.59
CA GLY K 106 19.91 -7.18 -36.81
C GLY K 106 20.71 -6.25 -35.90
N LEU K 107 20.88 -5.02 -36.34
CA LEU K 107 21.80 -4.06 -35.75
C LEU K 107 21.10 -3.32 -34.64
N ASP K 108 21.90 -2.72 -33.75
CA ASP K 108 21.34 -1.96 -32.64
C ASP K 108 21.02 -0.61 -33.17
N TYR K 109 19.86 -0.08 -32.83
CA TYR K 109 19.54 1.32 -33.10
C TYR K 109 18.47 1.75 -32.09
N GLU K 110 18.52 3.02 -31.72
CA GLU K 110 17.50 3.66 -30.93
C GLU K 110 16.29 3.92 -31.80
N ILE K 111 15.19 4.17 -31.13
CA ILE K 111 13.89 4.25 -31.76
C ILE K 111 13.89 5.37 -32.77
N SER K 112 14.62 6.42 -32.48
CA SER K 112 14.72 7.57 -33.40
C SER K 112 15.39 7.23 -34.71
N SER K 113 16.13 6.10 -34.77
CA SER K 113 16.67 5.60 -36.07
C SER K 113 15.97 4.33 -36.59
N ASP K 114 14.71 4.09 -36.21
N ASP K 114 14.71 4.18 -36.17
CA ASP K 114 14.05 2.87 -36.66
CA ASP K 114 13.83 3.09 -36.54
C ASP K 114 13.63 2.99 -38.12
C ASP K 114 13.69 3.03 -38.04
N GLY K 115 13.55 4.20 -38.63
CA GLY K 115 13.28 4.34 -40.08
C GLY K 115 11.83 4.17 -40.45
N THR K 116 10.93 4.52 -39.54
CA THR K 116 9.48 4.38 -39.80
C THR K 116 8.81 5.75 -39.73
N LYS K 117 7.79 5.94 -40.57
CA LYS K 117 6.88 7.08 -40.47
C LYS K 117 6.25 7.15 -39.08
N GLN K 118 5.79 5.99 -38.62
CA GLN K 118 5.19 5.75 -37.33
C GLN K 118 5.97 6.38 -36.17
N ASN K 119 7.29 6.26 -36.16
CA ASN K 119 8.16 6.96 -35.22
C ASN K 119 8.83 8.21 -35.78
N LYS K 120 8.27 8.81 -36.81
CA LYS K 120 8.80 10.06 -37.37
C LYS K 120 10.29 10.03 -37.69
N SER K 121 10.74 8.91 -38.25
CA SER K 121 12.14 8.65 -38.54
C SER K 121 12.31 8.47 -40.07
N HIS K 122 11.29 8.84 -40.82
CA HIS K 122 11.35 8.93 -42.31
C HIS K 122 11.94 10.26 -42.76
N VAL K 123 12.32 10.34 -44.04
CA VAL K 123 12.93 11.55 -44.57
C VAL K 123 12.08 12.19 -45.67
N GLU K 124 11.79 13.47 -45.51
CA GLU K 124 10.99 14.21 -46.47
C GLU K 124 11.74 14.35 -47.80
N PRO K 125 10.99 14.56 -48.90
CA PRO K 125 11.58 14.83 -50.19
C PRO K 125 12.64 15.95 -50.12
N GLY K 126 13.85 15.68 -50.60
CA GLY K 126 14.97 16.62 -50.50
C GLY K 126 15.68 16.65 -49.16
N GLY K 127 15.15 15.98 -48.15
CA GLY K 127 15.63 16.08 -46.80
C GLY K 127 16.86 15.24 -46.51
N THR K 128 17.44 15.47 -45.36
CA THR K 128 18.52 14.61 -44.92
C THR K 128 18.30 14.26 -43.49
N ARG K 129 18.90 13.16 -43.08
CA ARG K 129 18.77 12.71 -41.74
C ARG K 129 19.94 11.78 -41.51
N THR K 130 20.48 11.75 -40.31
CA THR K 130 21.57 10.84 -40.01
C THR K 130 21.00 9.68 -39.21
N TYR K 131 21.18 8.47 -39.70
CA TYR K 131 20.76 7.27 -38.95
C TYR K 131 21.97 6.70 -38.28
N THR K 132 21.83 6.34 -37.01
CA THR K 132 22.90 5.64 -36.32
C THR K 132 22.62 4.14 -36.00
N TRP K 133 23.54 3.32 -36.47
CA TRP K 133 23.54 1.93 -36.24
C TRP K 133 24.71 1.57 -35.36
N ARG K 134 24.45 0.85 -34.29
CA ARG K 134 25.51 0.26 -33.49
C ARG K 134 25.55 -1.27 -33.52
N THR K 135 26.69 -1.79 -33.09
CA THR K 135 26.91 -3.22 -33.04
C THR K 135 27.58 -3.55 -31.72
N HIS K 136 27.34 -4.76 -31.23
CA HIS K 136 28.01 -5.23 -30.03
C HIS K 136 28.60 -6.63 -30.18
N GLU K 137 29.57 -6.90 -29.32
CA GLU K 137 30.13 -8.22 -29.16
C GLU K 137 29.26 -9.12 -28.34
N PRO K 138 29.38 -10.42 -28.55
CA PRO K 138 28.77 -11.30 -27.57
C PRO K 138 29.41 -11.15 -26.18
N GLY K 139 28.67 -11.53 -25.14
CA GLY K 139 29.24 -11.64 -23.81
C GLY K 139 28.21 -11.93 -22.78
N ARG K 140 28.67 -12.17 -21.56
CA ARG K 140 27.74 -12.51 -20.48
C ARG K 140 27.12 -11.23 -19.90
N ARG K 141 25.80 -11.21 -19.76
CA ARG K 141 25.14 -10.09 -19.09
C ARG K 141 25.22 -10.20 -17.55
N ALA K 142 24.86 -9.09 -16.90
CA ALA K 142 24.69 -9.03 -15.45
C ALA K 142 23.94 -10.25 -14.95
N ASP K 143 22.82 -10.59 -15.58
CA ASP K 143 21.97 -11.71 -15.10
C ASP K 143 22.54 -13.11 -15.39
N GLY K 144 23.71 -13.19 -16.00
CA GLY K 144 24.34 -14.48 -16.03
C GLY K 144 24.14 -15.22 -17.31
N THR K 145 23.30 -14.69 -18.22
CA THR K 145 22.99 -15.36 -19.48
C THR K 145 23.89 -14.79 -20.56
N TRP K 146 23.93 -15.49 -21.68
CA TRP K 146 24.81 -15.12 -22.75
C TRP K 146 24.12 -14.20 -23.71
N ARG K 147 24.63 -12.98 -23.92
CA ARG K 147 24.07 -12.08 -24.91
C ARG K 147 24.72 -12.32 -26.26
N ALA K 148 23.93 -12.54 -27.29
CA ALA K 148 24.48 -12.76 -28.62
C ALA K 148 25.00 -11.46 -29.19
N GLY K 149 26.05 -11.60 -29.98
CA GLY K 149 26.55 -10.49 -30.74
C GLY K 149 25.65 -10.07 -31.86
N SER K 150 26.02 -8.94 -32.43
CA SER K 150 25.35 -8.39 -33.60
C SER K 150 25.74 -9.10 -34.88
N ALA K 151 26.68 -10.03 -34.84
CA ALA K 151 27.30 -10.55 -36.09
C ALA K 151 26.25 -11.27 -36.96
N GLY K 152 26.33 -11.06 -38.27
CA GLY K 152 25.61 -11.91 -39.21
C GLY K 152 25.42 -11.28 -40.54
N TYR K 153 24.61 -11.94 -41.33
CA TYR K 153 24.23 -11.44 -42.63
C TYR K 153 22.87 -10.80 -42.57
N TRP K 154 22.87 -9.48 -42.70
CA TRP K 154 21.72 -8.66 -42.37
C TRP K 154 21.41 -7.82 -43.61
N HIS K 155 20.49 -6.87 -43.50
CA HIS K 155 20.07 -6.08 -44.63
C HIS K 155 19.35 -4.82 -44.17
N TYR K 156 19.32 -3.84 -45.07
CA TYR K 156 18.58 -2.59 -44.87
C TYR K 156 17.62 -2.35 -46.00
N HIS K 157 16.50 -1.69 -45.73
CA HIS K 157 15.58 -1.32 -46.78
C HIS K 157 14.70 -0.19 -46.41
N ASP K 158 13.94 0.29 -47.37
CA ASP K 158 13.00 1.35 -47.13
C ASP K 158 11.78 0.83 -46.35
N HIS K 159 11.21 1.71 -45.55
CA HIS K 159 10.01 1.38 -44.75
C HIS K 159 8.85 2.33 -45.04
N VAL K 160 8.94 3.19 -46.06
CA VAL K 160 7.87 4.22 -46.23
C VAL K 160 7.39 4.55 -47.62
N VAL K 161 8.06 4.09 -48.66
CA VAL K 161 7.55 4.29 -50.00
C VAL K 161 6.40 3.31 -50.31
N GLY K 162 5.28 3.84 -50.81
CA GLY K 162 4.09 3.08 -51.22
C GLY K 162 3.18 2.78 -50.03
N THR K 163 3.75 2.16 -49.00
CA THR K 163 3.03 1.93 -47.73
C THR K 163 3.97 2.25 -46.63
N GLU K 164 3.43 2.18 -45.42
CA GLU K 164 4.19 2.34 -44.20
C GLU K 164 5.00 1.10 -43.78
N HIS K 165 5.02 0.07 -44.64
CA HIS K 165 6.02 -1.02 -44.50
C HIS K 165 7.01 -1.10 -45.64
N GLY K 166 7.04 -0.04 -46.43
CA GLY K 166 8.01 0.10 -47.54
C GLY K 166 7.68 -0.74 -48.76
N THR K 167 6.42 -1.13 -48.91
CA THR K 167 6.08 -2.14 -49.98
C THR K 167 6.46 -1.66 -51.38
N GLY K 168 6.16 -0.40 -51.67
CA GLY K 168 6.53 0.22 -52.95
C GLY K 168 8.03 0.43 -53.10
N GLY K 169 8.71 0.83 -52.01
CA GLY K 169 10.16 1.03 -52.01
C GLY K 169 10.94 -0.25 -52.23
N ILE K 170 10.62 -1.26 -51.43
CA ILE K 170 11.21 -2.58 -51.61
C ILE K 170 10.96 -3.17 -53.03
N ARG K 171 9.73 -3.04 -53.51
CA ARG K 171 9.40 -3.58 -54.83
C ARG K 171 10.33 -3.00 -55.91
N ASN K 172 10.58 -1.69 -55.82
CA ASN K 172 11.27 -0.98 -56.85
C ASN K 172 12.80 -0.95 -56.68
N GLY K 173 13.34 -1.51 -55.59
CA GLY K 173 14.76 -1.69 -55.48
C GLY K 173 15.46 -1.11 -54.27
N LEU K 174 14.73 -0.48 -53.35
CA LEU K 174 15.32 0.09 -52.12
C LEU K 174 15.63 -0.93 -51.04
N TYR K 175 16.69 -1.69 -51.29
CA TYR K 175 17.21 -2.67 -50.35
C TYR K 175 18.72 -2.88 -50.61
N GLY K 176 19.43 -3.30 -49.57
CA GLY K 176 20.77 -3.80 -49.72
C GLY K 176 21.29 -4.52 -48.51
N PRO K 177 22.47 -5.16 -48.67
CA PRO K 177 23.10 -6.05 -47.70
C PRO K 177 23.93 -5.33 -46.65
N VAL K 178 23.99 -5.91 -45.45
CA VAL K 178 24.96 -5.54 -44.40
C VAL K 178 25.57 -6.79 -43.83
N ILE K 179 26.90 -6.81 -43.71
CA ILE K 179 27.60 -7.90 -43.03
C ILE K 179 28.28 -7.29 -41.78
N VAL K 180 28.02 -7.91 -40.66
CA VAL K 180 28.72 -7.64 -39.44
C VAL K 180 29.56 -8.88 -39.17
N ARG K 181 30.89 -8.70 -39.21
CA ARG K 181 31.78 -9.76 -38.85
C ARG K 181 32.12 -9.81 -37.38
N ARG K 182 32.30 -11.05 -36.93
CA ARG K 182 32.83 -11.36 -35.63
C ARG K 182 34.36 -11.52 -35.76
N LYS K 183 35.05 -11.20 -34.67
CA LYS K 183 36.50 -11.17 -34.66
C LYS K 183 36.97 -12.58 -34.98
N GLY K 184 37.88 -12.68 -35.96
CA GLY K 184 38.43 -13.99 -36.33
C GLY K 184 37.67 -14.73 -37.42
N ASP K 185 36.52 -14.21 -37.85
CA ASP K 185 35.78 -14.77 -39.01
C ASP K 185 36.69 -14.77 -40.22
N VAL K 186 36.68 -15.86 -40.98
CA VAL K 186 37.48 -15.91 -42.24
C VAL K 186 36.95 -14.96 -43.29
N LEU K 187 37.82 -14.17 -43.88
CA LEU K 187 37.42 -13.24 -44.91
C LEU K 187 37.49 -13.94 -46.24
N PRO K 188 36.68 -13.46 -47.23
CA PRO K 188 36.53 -14.08 -48.53
C PRO K 188 37.30 -13.34 -49.57
N ASP K 189 37.58 -14.02 -50.68
CA ASP K 189 38.15 -13.42 -51.91
C ASP K 189 37.21 -12.49 -52.67
N ALA K 190 35.90 -12.81 -52.70
CA ALA K 190 34.83 -11.91 -53.20
C ALA K 190 33.55 -12.11 -52.45
N THR K 191 32.69 -11.11 -52.53
CA THR K 191 31.33 -11.16 -51.99
C THR K 191 30.28 -10.81 -53.07
N HIS K 192 29.28 -11.67 -53.24
CA HIS K 192 28.20 -11.39 -54.16
C HIS K 192 26.87 -11.42 -53.45
N THR K 193 25.97 -10.53 -53.80
CA THR K 193 24.67 -10.49 -53.14
C THR K 193 23.57 -10.93 -54.10
N ILE K 194 22.72 -11.84 -53.62
CA ILE K 194 21.59 -12.31 -54.40
C ILE K 194 20.29 -12.04 -53.63
N VAL K 195 19.43 -11.18 -54.17
CA VAL K 195 18.18 -10.90 -53.53
C VAL K 195 17.07 -11.49 -54.39
N PHE K 196 16.27 -12.38 -53.81
CA PHE K 196 15.02 -12.82 -54.46
C PHE K 196 13.98 -11.85 -54.03
N ASN K 197 13.65 -10.92 -54.92
CA ASN K 197 12.67 -9.89 -54.69
C ASN K 197 11.41 -10.19 -55.52
N ASP K 198 10.37 -10.68 -54.85
CA ASP K 198 9.23 -11.24 -55.55
C ASP K 198 9.73 -12.36 -56.52
N MET K 199 9.42 -12.25 -57.80
CA MET K 199 9.83 -13.30 -58.79
C MET K 199 11.08 -12.85 -59.55
N THR K 200 11.83 -11.90 -59.00
CA THR K 200 12.99 -11.41 -59.66
C THR K 200 14.24 -11.68 -58.78
N ILE K 201 15.42 -11.71 -59.42
CA ILE K 201 16.70 -11.67 -58.75
C ILE K 201 17.26 -10.27 -58.91
N ASN K 202 17.47 -9.60 -57.80
CA ASN K 202 17.96 -8.20 -57.82
C ASN K 202 17.22 -7.23 -58.78
N ASN K 203 15.90 -7.40 -58.91
CA ASN K 203 15.08 -6.63 -59.80
C ASN K 203 15.43 -6.67 -61.32
N ARG K 204 16.18 -7.67 -61.73
CA ARG K 204 16.53 -7.87 -63.13
C ARG K 204 15.39 -8.51 -63.89
N PRO K 205 15.29 -8.20 -65.21
CA PRO K 205 14.31 -8.94 -65.97
C PRO K 205 14.53 -10.44 -65.96
N ALA K 206 13.48 -11.17 -66.34
CA ALA K 206 13.50 -12.64 -66.25
C ALA K 206 14.58 -13.22 -67.15
N HIS K 207 15.23 -14.27 -66.66
CA HIS K 207 16.31 -15.01 -67.38
C HIS K 207 17.50 -14.10 -67.74
N THR K 208 17.87 -13.19 -66.85
CA THR K 208 19.07 -12.41 -67.06
C THR K 208 20.03 -12.58 -65.94
N GLY K 209 19.94 -13.70 -65.25
CA GLY K 209 20.92 -13.99 -64.22
C GLY K 209 20.58 -13.17 -62.98
N PRO K 210 21.57 -12.62 -62.26
CA PRO K 210 22.94 -12.39 -62.73
C PRO K 210 23.89 -13.55 -62.64
N ASN K 211 24.98 -13.46 -63.41
CA ASN K 211 26.04 -14.45 -63.31
C ASN K 211 27.14 -13.91 -62.48
N PHE K 212 27.90 -14.81 -61.87
CA PHE K 212 29.03 -14.40 -61.04
C PHE K 212 30.16 -15.29 -61.44
N GLU K 213 31.38 -14.77 -61.45
CA GLU K 213 32.56 -15.53 -61.86
C GLU K 213 33.52 -15.68 -60.73
N ALA K 214 34.18 -16.82 -60.70
CA ALA K 214 35.28 -17.00 -59.81
C ALA K 214 36.28 -17.95 -60.48
N THR K 215 37.35 -18.26 -59.78
CA THR K 215 38.30 -19.25 -60.23
C THR K 215 38.26 -20.40 -59.29
N VAL K 216 38.40 -21.60 -59.78
CA VAL K 216 38.49 -22.75 -58.91
C VAL K 216 39.40 -22.44 -57.69
N GLY K 217 38.95 -22.90 -56.52
CA GLY K 217 39.65 -22.73 -55.24
C GLY K 217 39.41 -21.38 -54.62
N ASP K 218 38.86 -20.42 -55.36
CA ASP K 218 38.45 -19.15 -54.79
C ASP K 218 37.56 -19.34 -53.54
N ARG K 219 37.64 -18.42 -52.60
CA ARG K 219 36.80 -18.45 -51.42
C ARG K 219 35.69 -17.45 -51.65
N VAL K 220 34.47 -17.92 -51.95
CA VAL K 220 33.40 -17.02 -52.46
C VAL K 220 32.33 -16.85 -51.38
N GLU K 221 32.01 -15.61 -51.07
CA GLU K 221 30.94 -15.34 -50.10
C GLU K 221 29.63 -14.92 -50.85
N ILE K 222 28.52 -15.56 -50.48
CA ILE K 222 27.22 -15.16 -50.99
C ILE K 222 26.40 -14.62 -49.84
N VAL K 223 25.81 -13.47 -50.08
CA VAL K 223 24.83 -12.86 -49.19
C VAL K 223 23.50 -13.08 -49.88
N MET K 224 22.56 -13.72 -49.18
CA MET K 224 21.25 -14.07 -49.78
C MET K 224 20.04 -13.49 -48.99
N ILE K 225 19.32 -12.57 -49.64
CA ILE K 225 18.25 -11.83 -49.00
C ILE K 225 16.99 -12.01 -49.83
N THR K 226 15.85 -12.00 -49.15
CA THR K 226 14.56 -12.23 -49.80
C THR K 226 13.65 -11.07 -49.45
N HIS K 227 12.79 -10.67 -50.40
CA HIS K 227 11.85 -9.65 -50.17
C HIS K 227 10.59 -9.87 -50.95
N GLY K 228 9.54 -9.27 -50.42
CA GLY K 228 8.24 -9.13 -51.09
C GLY K 228 7.14 -10.00 -50.55
N GLU K 229 6.62 -10.86 -51.42
CA GLU K 229 5.36 -11.54 -51.16
C GLU K 229 5.47 -13.06 -51.13
N TYR K 230 6.59 -13.62 -51.67
CA TYR K 230 6.73 -15.03 -51.95
C TYR K 230 7.76 -15.71 -51.09
N TYR K 231 7.52 -16.98 -50.77
CA TYR K 231 8.57 -17.85 -50.20
C TYR K 231 9.34 -18.45 -51.43
N HIS K 232 10.60 -18.83 -51.22
CA HIS K 232 11.52 -19.30 -52.26
C HIS K 232 12.34 -20.42 -51.63
N THR K 233 12.99 -21.19 -52.50
CA THR K 233 14.06 -22.08 -52.09
C THR K 233 15.30 -21.82 -52.92
N PHE K 234 16.37 -21.52 -52.23
CA PHE K 234 17.60 -21.13 -52.89
C PHE K 234 18.52 -22.32 -53.04
N HIS K 235 18.87 -22.66 -54.28
CA HIS K 235 19.63 -23.85 -54.56
C HIS K 235 20.86 -23.55 -55.44
N MET K 236 21.93 -24.22 -55.16
CA MET K 236 23.16 -24.11 -55.96
C MET K 236 23.60 -25.49 -56.40
N HIS K 237 23.80 -25.65 -57.70
CA HIS K 237 24.39 -26.88 -58.21
C HIS K 237 25.84 -26.91 -57.78
N GLY K 238 26.30 -28.12 -57.41
CA GLY K 238 27.73 -28.42 -57.23
C GLY K 238 28.41 -27.93 -55.95
N HIS K 239 27.66 -27.22 -55.09
CA HIS K 239 28.18 -26.67 -53.84
C HIS K 239 27.11 -26.71 -52.72
N ARG K 240 27.62 -26.82 -51.50
CA ARG K 240 26.81 -26.96 -50.32
C ARG K 240 27.39 -26.08 -49.23
N TRP K 241 26.60 -25.74 -48.23
CA TRP K 241 27.05 -24.84 -47.17
C TRP K 241 26.35 -25.24 -45.86
N ALA K 242 26.77 -24.62 -44.76
CA ALA K 242 26.25 -24.94 -43.45
C ALA K 242 25.10 -23.96 -43.14
N ASP K 243 24.01 -24.45 -42.60
CA ASP K 243 22.85 -23.57 -42.30
C ASP K 243 23.06 -22.98 -40.88
N ASN K 244 24.11 -22.20 -40.73
CA ASN K 244 24.44 -21.48 -39.49
C ASN K 244 24.81 -20.08 -39.91
N ARG K 245 25.43 -19.33 -38.99
CA ARG K 245 25.80 -17.95 -39.23
C ARG K 245 26.74 -17.78 -40.41
N THR K 246 27.86 -18.51 -40.37
CA THR K 246 28.97 -18.29 -41.32
C THR K 246 28.87 -19.11 -42.61
N GLY K 247 28.03 -20.12 -42.59
CA GLY K 247 27.94 -21.08 -43.65
C GLY K 247 29.01 -22.16 -43.54
N MET K 248 29.81 -22.17 -42.49
CA MET K 248 30.91 -23.12 -42.44
C MET K 248 30.88 -23.76 -41.09
N LEU K 249 31.24 -25.04 -41.05
CA LEU K 249 31.38 -25.76 -39.81
C LEU K 249 32.67 -25.31 -39.11
N THR K 250 32.60 -25.26 -37.79
CA THR K 250 33.76 -24.89 -36.96
C THR K 250 34.75 -26.03 -36.87
N GLY K 251 34.21 -27.24 -36.97
CA GLY K 251 35.00 -28.45 -36.88
C GLY K 251 34.03 -29.60 -36.68
N PRO K 252 34.54 -30.78 -36.31
CA PRO K 252 33.72 -32.01 -36.28
C PRO K 252 32.68 -32.12 -35.17
N ASP K 253 32.63 -31.16 -34.26
CA ASP K 253 31.63 -31.22 -33.20
C ASP K 253 30.46 -30.29 -33.54
N ASP K 254 30.52 -29.62 -34.69
CA ASP K 254 29.52 -28.63 -35.13
C ASP K 254 28.29 -29.36 -35.66
N PRO K 255 27.14 -29.24 -34.97
CA PRO K 255 25.91 -29.93 -35.33
C PRO K 255 25.15 -29.29 -36.48
N SER K 256 25.62 -28.18 -36.97
CA SER K 256 24.93 -27.48 -38.03
C SER K 256 24.75 -28.38 -39.26
N GLN K 257 23.61 -28.22 -39.88
CA GLN K 257 23.26 -29.00 -41.01
C GLN K 257 23.95 -28.48 -42.23
N VAL K 258 24.31 -29.40 -43.14
CA VAL K 258 24.95 -29.05 -44.38
C VAL K 258 23.84 -29.24 -45.44
N ILE K 259 23.63 -28.20 -46.24
CA ILE K 259 22.49 -28.16 -47.16
C ILE K 259 22.89 -27.56 -48.49
N ASP K 260 22.09 -27.82 -49.54
CA ASP K 260 22.28 -27.10 -50.77
C ASP K 260 21.00 -26.45 -51.27
N ASN K 261 20.01 -26.27 -50.37
CA ASN K 261 18.66 -25.86 -50.74
C ASN K 261 18.02 -25.32 -49.49
N LYS K 262 17.83 -24.00 -49.52
CA LYS K 262 17.34 -23.26 -48.33
C LYS K 262 16.06 -22.50 -48.56
N ILE K 263 15.04 -22.90 -47.81
CA ILE K 263 13.78 -22.15 -47.86
C ILE K 263 13.93 -20.77 -47.25
N CYS K 264 13.29 -19.80 -47.88
CA CYS K 264 13.37 -18.40 -47.44
C CYS K 264 12.11 -17.63 -47.75
N GLY K 265 11.84 -16.61 -46.92
CA GLY K 265 10.74 -15.70 -47.13
C GLY K 265 11.09 -14.24 -46.95
N PRO K 266 10.13 -13.35 -47.13
CA PRO K 266 10.39 -11.92 -47.05
C PRO K 266 11.09 -11.55 -45.77
N ALA K 267 12.26 -10.94 -46.01
CA ALA K 267 13.19 -10.34 -45.05
C ALA K 267 14.09 -11.32 -44.40
N ASP K 268 14.05 -12.57 -44.83
CA ASP K 268 15.03 -13.50 -44.42
C ASP K 268 16.35 -13.07 -45.03
N SER K 269 17.41 -13.28 -44.26
CA SER K 269 18.78 -13.01 -44.78
C SER K 269 19.75 -14.01 -44.20
N PHE K 270 20.56 -14.57 -45.08
CA PHE K 270 21.58 -15.55 -44.71
C PHE K 270 22.77 -15.38 -45.63
N GLY K 271 23.82 -16.08 -45.27
CA GLY K 271 25.00 -16.14 -46.11
C GLY K 271 25.90 -17.30 -45.77
N PHE K 272 26.89 -17.48 -46.67
CA PHE K 272 27.81 -18.58 -46.55
C PHE K 272 29.06 -18.28 -47.38
N GLN K 273 30.09 -19.09 -47.14
CA GLN K 273 31.32 -19.08 -47.93
C GLN K 273 31.55 -20.46 -48.45
N ILE K 274 31.82 -20.56 -49.74
CA ILE K 274 32.11 -21.83 -50.38
C ILE K 274 33.49 -21.75 -51.05
N ILE K 275 34.14 -22.90 -51.21
CA ILE K 275 35.35 -23.00 -52.07
C ILE K 275 34.85 -23.36 -53.47
N ALA K 276 34.87 -22.38 -54.37
CA ALA K 276 34.45 -22.58 -55.76
C ALA K 276 35.07 -23.83 -56.41
N GLY K 277 34.19 -24.64 -57.01
CA GLY K 277 34.55 -25.89 -57.65
C GLY K 277 35.17 -27.00 -56.80
N GLU K 278 35.16 -26.85 -55.47
CA GLU K 278 35.71 -27.84 -54.56
C GLU K 278 35.11 -29.24 -54.68
N GLY K 279 35.96 -30.20 -55.00
CA GLY K 279 35.51 -31.59 -55.21
C GLY K 279 34.70 -31.81 -56.49
N VAL K 280 34.53 -30.76 -57.30
CA VAL K 280 33.61 -30.77 -58.46
C VAL K 280 34.17 -30.18 -59.71
N GLY K 281 35.16 -29.32 -59.58
CA GLY K 281 35.77 -28.72 -60.73
C GLY K 281 35.06 -27.52 -61.31
N ALA K 282 35.69 -27.08 -62.39
CA ALA K 282 35.26 -25.90 -63.08
C ALA K 282 34.01 -26.15 -63.94
N GLY K 283 33.33 -25.04 -64.26
CA GLY K 283 32.16 -25.09 -65.14
C GLY K 283 31.15 -24.00 -64.85
N ALA K 284 30.10 -23.97 -65.66
CA ALA K 284 28.95 -23.04 -65.48
C ALA K 284 28.01 -23.79 -64.51
N TRP K 285 28.07 -23.41 -63.24
CA TRP K 285 27.32 -24.04 -62.19
C TRP K 285 26.02 -23.26 -61.93
N MET K 286 24.91 -23.88 -62.29
CA MET K 286 23.61 -23.22 -62.19
C MET K 286 23.24 -22.98 -60.70
N TYR K 287 22.73 -21.80 -60.38
CA TYR K 287 22.00 -21.58 -59.10
C TYR K 287 20.57 -21.11 -59.45
N HIS K 288 19.61 -21.44 -58.60
CA HIS K 288 18.25 -21.03 -58.92
C HIS K 288 17.31 -21.19 -57.70
N CYS K 289 16.18 -20.53 -57.75
CA CYS K 289 15.09 -20.83 -56.87
C CYS K 289 14.65 -22.21 -57.30
N HIS K 290 14.39 -23.09 -56.36
CA HIS K 290 13.92 -24.43 -56.73
C HIS K 290 12.41 -24.56 -56.80
N VAL K 291 11.65 -23.53 -56.44
CA VAL K 291 10.22 -23.57 -56.73
C VAL K 291 10.09 -23.66 -58.27
N GLN K 292 9.31 -24.60 -58.78
CA GLN K 292 9.45 -25.00 -60.15
C GLN K 292 9.04 -23.93 -61.13
N SER K 293 7.86 -23.28 -60.94
CA SER K 293 7.49 -22.15 -61.79
C SER K 293 8.50 -21.00 -61.69
N HIS K 294 9.16 -20.81 -60.53
CA HIS K 294 10.05 -19.65 -60.37
C HIS K 294 11.34 -19.84 -61.18
N SER K 295 11.90 -21.04 -61.10
CA SER K 295 13.05 -21.39 -61.98
C SER K 295 12.66 -21.33 -63.49
N ASP K 296 11.51 -21.89 -63.83
CA ASP K 296 10.99 -21.82 -65.18
C ASP K 296 10.74 -20.41 -65.72
N MET K 297 10.32 -19.50 -64.82
CA MET K 297 10.08 -18.12 -65.21
C MET K 297 11.29 -17.20 -65.09
N GLY K 298 12.44 -17.80 -64.81
CA GLY K 298 13.72 -17.06 -64.93
C GLY K 298 14.45 -16.64 -63.69
N MET K 299 14.12 -17.23 -62.53
CA MET K 299 14.92 -17.07 -61.31
C MET K 299 16.05 -18.08 -61.29
N VAL K 300 17.01 -17.81 -62.19
CA VAL K 300 18.10 -18.69 -62.49
C VAL K 300 19.29 -17.81 -62.79
N GLY K 301 20.47 -18.27 -62.44
CA GLY K 301 21.72 -17.63 -62.83
C GLY K 301 22.86 -18.63 -62.91
N LEU K 302 24.06 -18.16 -63.21
CA LEU K 302 25.17 -19.04 -63.40
C LEU K 302 26.31 -18.64 -62.46
N PHE K 303 26.82 -19.60 -61.73
CA PHE K 303 28.06 -19.39 -61.01
C PHE K 303 29.19 -19.98 -61.91
N LEU K 304 29.84 -19.09 -62.63
CA LEU K 304 30.87 -19.40 -63.65
C LEU K 304 32.23 -19.55 -62.98
N VAL K 305 32.61 -20.81 -62.76
CA VAL K 305 33.85 -21.19 -62.09
C VAL K 305 34.92 -21.54 -63.13
N LYS K 306 35.91 -20.65 -63.29
CA LYS K 306 36.97 -20.77 -64.31
C LYS K 306 38.15 -21.61 -63.86
N LYS K 307 38.77 -22.30 -64.82
CA LYS K 307 40.06 -22.96 -64.59
C LYS K 307 41.12 -21.89 -64.35
N PRO K 308 42.29 -22.29 -63.85
CA PRO K 308 43.32 -21.26 -63.65
C PRO K 308 43.70 -20.53 -64.96
N ASP K 309 43.66 -21.23 -66.10
CA ASP K 309 43.87 -20.59 -67.41
C ASP K 309 42.72 -19.68 -67.90
N GLY K 310 41.70 -19.46 -67.07
CA GLY K 310 40.63 -18.51 -67.44
C GLY K 310 39.47 -19.08 -68.26
N THR K 311 39.56 -20.34 -68.70
CA THR K 311 38.48 -20.96 -69.48
C THR K 311 37.41 -21.66 -68.58
N ILE K 312 36.19 -21.71 -69.11
CA ILE K 312 35.08 -22.36 -68.42
C ILE K 312 34.68 -23.59 -69.24
N PRO K 313 35.06 -24.79 -68.81
CA PRO K 313 34.74 -25.96 -69.64
C PRO K 313 33.24 -26.14 -69.88
N GLY K 314 32.86 -26.34 -71.15
CA GLY K 314 31.46 -26.60 -71.52
C GLY K 314 30.69 -25.33 -71.84
N TYR K 315 31.06 -24.24 -71.20
CA TYR K 315 30.38 -22.99 -71.38
C TYR K 315 31.12 -22.13 -72.41
N ASP K 316 30.45 -21.72 -73.49
CA ASP K 316 30.99 -20.64 -74.35
C ASP K 316 30.30 -19.27 -74.06
N PRO K 317 31.09 -18.24 -73.63
CA PRO K 317 30.58 -16.88 -73.36
C PRO K 317 30.61 -16.00 -74.59
N GLY L 41 13.55 -16.80 -11.63
CA GLY L 41 14.73 -17.70 -11.46
C GLY L 41 14.83 -18.80 -12.49
N ALA L 42 14.59 -20.03 -12.02
CA ALA L 42 14.94 -21.23 -12.75
C ALA L 42 13.83 -22.19 -12.65
N ALA L 43 13.57 -22.92 -13.73
CA ALA L 43 12.57 -23.97 -13.68
C ALA L 43 13.12 -25.13 -12.81
N PRO L 44 12.28 -25.72 -11.94
CA PRO L 44 12.63 -26.95 -11.21
C PRO L 44 12.54 -28.22 -12.08
N ALA L 45 13.17 -29.31 -11.61
CA ALA L 45 12.93 -30.66 -12.15
C ALA L 45 11.47 -30.93 -12.00
N GLY L 46 10.88 -31.63 -12.96
CA GLY L 46 9.46 -31.97 -12.93
C GLY L 46 9.16 -33.34 -12.37
N GLY L 47 7.93 -33.76 -12.49
CA GLY L 47 7.52 -35.04 -11.99
C GLY L 47 6.24 -34.99 -11.20
N GLU L 48 5.58 -33.84 -11.18
CA GLU L 48 4.31 -33.71 -10.51
C GLU L 48 3.19 -34.21 -11.40
N VAL L 49 2.14 -34.74 -10.79
CA VAL L 49 0.92 -35.06 -11.48
C VAL L 49 -0.03 -33.93 -11.30
N ARG L 50 -0.52 -33.35 -12.40
CA ARG L 50 -1.39 -32.20 -12.28
C ARG L 50 -2.67 -32.39 -13.02
N ARG L 51 -3.59 -31.49 -12.71
CA ARG L 51 -4.91 -31.53 -13.21
C ARG L 51 -5.41 -30.14 -13.59
N VAL L 52 -6.13 -30.03 -14.66
CA VAL L 52 -6.78 -28.77 -14.98
C VAL L 52 -8.06 -29.11 -15.67
N THR L 53 -9.05 -28.22 -15.49
CA THR L 53 -10.26 -28.27 -16.27
C THR L 53 -10.12 -27.33 -17.45
N LEU L 54 -10.60 -27.77 -18.59
CA LEU L 54 -10.64 -26.95 -19.77
C LEU L 54 -11.98 -27.13 -20.43
N TYR L 55 -12.49 -26.01 -20.95
CA TYR L 55 -13.79 -25.91 -21.64
C TYR L 55 -13.67 -25.30 -23.03
N ALA L 56 -14.39 -25.85 -24.00
CA ALA L 56 -14.55 -25.16 -25.28
C ALA L 56 -15.90 -24.50 -25.27
N GLU L 57 -15.94 -23.24 -25.64
CA GLU L 57 -17.18 -22.47 -25.62
C GLU L 57 -17.19 -21.40 -26.73
N ARG L 58 -18.42 -21.06 -27.16
CA ARG L 58 -18.68 -19.99 -28.13
C ARG L 58 -18.27 -18.64 -27.49
N LEU L 59 -17.59 -17.78 -28.21
CA LEU L 59 -17.34 -16.43 -27.70
C LEU L 59 -18.23 -15.50 -28.53
N ALA L 60 -18.27 -14.23 -28.20
CA ALA L 60 -18.96 -13.26 -29.07
C ALA L 60 -18.27 -13.23 -30.44
N GLY L 61 -19.02 -12.87 -31.47
CA GLY L 61 -18.47 -12.76 -32.81
C GLY L 61 -18.34 -14.10 -33.51
N GLY L 62 -19.05 -15.10 -32.97
CA GLY L 62 -18.99 -16.47 -33.46
C GLY L 62 -17.63 -17.13 -33.43
N GLN L 63 -16.75 -16.60 -32.60
CA GLN L 63 -15.46 -17.22 -32.35
C GLN L 63 -15.67 -18.37 -31.35
N LEU L 64 -14.68 -19.26 -31.30
CA LEU L 64 -14.67 -20.48 -30.50
C LEU L 64 -13.36 -20.46 -29.71
N GLY L 65 -13.43 -20.80 -28.42
CA GLY L 65 -12.29 -20.61 -27.55
C GLY L 65 -12.24 -21.66 -26.49
N TYR L 66 -11.04 -21.88 -25.96
CA TYR L 66 -10.86 -22.69 -24.79
C TYR L 66 -10.66 -21.78 -23.57
N GLY L 67 -11.05 -22.29 -22.39
CA GLY L 67 -10.91 -21.53 -21.17
C GLY L 67 -10.75 -22.45 -19.96
N LEU L 68 -10.13 -21.90 -18.94
CA LEU L 68 -9.93 -22.61 -17.66
C LEU L 68 -11.21 -22.70 -16.84
N GLU L 69 -12.16 -21.78 -17.11
CA GLU L 69 -13.50 -21.79 -16.47
C GLU L 69 -14.59 -21.33 -17.44
N LYS L 70 -15.79 -21.81 -17.20
CA LYS L 70 -16.96 -21.40 -17.96
C LYS L 70 -17.11 -19.86 -17.93
N GLY L 71 -17.35 -19.27 -19.10
CA GLY L 71 -17.36 -17.83 -19.28
C GLY L 71 -16.03 -17.12 -19.40
N LYS L 72 -14.91 -17.84 -19.32
CA LYS L 72 -13.59 -17.19 -19.40
C LYS L 72 -12.70 -17.76 -20.55
N ALA L 73 -13.32 -18.22 -21.60
CA ALA L 73 -12.57 -18.64 -22.78
C ALA L 73 -11.84 -17.44 -23.39
N SER L 74 -10.76 -17.70 -24.12
CA SER L 74 -9.79 -16.67 -24.60
C SER L 74 -9.22 -17.22 -25.93
N ILE L 75 -8.87 -16.30 -26.83
CA ILE L 75 -8.08 -16.62 -27.99
C ILE L 75 -6.85 -15.78 -27.93
N PRO L 76 -5.64 -16.36 -27.91
CA PRO L 76 -5.37 -17.77 -27.73
C PRO L 76 -5.90 -18.36 -26.42
N GLY L 77 -6.08 -19.67 -26.37
CA GLY L 77 -6.45 -20.30 -25.12
C GLY L 77 -5.43 -20.09 -24.04
N PRO L 78 -5.70 -20.65 -22.86
CA PRO L 78 -4.82 -20.37 -21.74
C PRO L 78 -3.50 -21.05 -21.95
N LEU L 79 -2.49 -20.48 -21.33
CA LEU L 79 -1.16 -20.96 -21.41
C LEU L 79 -1.02 -22.12 -20.44
N ILE L 80 -0.56 -23.28 -20.91
CA ILE L 80 -0.33 -24.39 -20.04
C ILE L 80 1.18 -24.50 -19.96
N GLU L 81 1.68 -24.63 -18.74
CA GLU L 81 3.09 -24.67 -18.49
C GLU L 81 3.40 -25.88 -17.63
N LEU L 82 4.42 -26.65 -18.03
CA LEU L 82 4.80 -27.89 -17.34
C LEU L 82 6.28 -27.94 -17.26
N ASN L 83 6.80 -28.72 -16.29
CA ASN L 83 8.23 -29.07 -16.29
C ASN L 83 8.46 -30.52 -16.72
N GLU L 84 9.59 -30.79 -17.38
CA GLU L 84 9.82 -32.13 -17.96
C GLU L 84 9.69 -33.18 -16.87
N GLY L 85 8.83 -34.16 -17.10
CA GLY L 85 8.53 -35.21 -16.15
C GLY L 85 7.12 -35.09 -15.66
N ASP L 86 6.54 -33.89 -15.69
CA ASP L 86 5.16 -33.68 -15.27
C ASP L 86 4.23 -34.46 -16.13
N THR L 87 3.16 -34.92 -15.52
CA THR L 87 1.95 -35.39 -16.15
C THR L 87 0.81 -34.38 -15.94
N LEU L 88 -0.01 -34.17 -16.97
CA LEU L 88 -1.20 -33.33 -16.86
C LEU L 88 -2.44 -34.07 -17.33
N HIS L 89 -3.45 -34.09 -16.45
CA HIS L 89 -4.75 -34.65 -16.80
C HIS L 89 -5.65 -33.47 -17.05
N VAL L 90 -6.12 -33.40 -18.28
CA VAL L 90 -6.96 -32.30 -18.74
C VAL L 90 -8.37 -32.77 -18.83
N GLU L 91 -9.12 -32.38 -17.81
CA GLU L 91 -10.54 -32.63 -17.77
C GLU L 91 -11.21 -31.64 -18.73
N PHE L 92 -11.55 -32.13 -19.90
CA PHE L 92 -11.99 -31.30 -20.99
C PHE L 92 -13.52 -31.35 -21.14
N GLU L 93 -14.20 -30.22 -21.08
CA GLU L 93 -15.62 -30.18 -21.35
C GLU L 93 -15.99 -29.41 -22.65
N ASN L 94 -16.74 -30.07 -23.52
CA ASN L 94 -17.30 -29.47 -24.74
C ASN L 94 -18.72 -28.88 -24.58
N THR L 95 -18.85 -27.55 -24.59
CA THR L 95 -20.15 -26.89 -24.38
C THR L 95 -20.81 -26.57 -25.71
N LEU L 96 -20.11 -26.81 -26.81
CA LEU L 96 -20.65 -26.50 -28.13
C LEU L 96 -21.66 -27.54 -28.54
N ASP L 97 -22.38 -27.26 -29.61
CA ASP L 97 -23.31 -28.22 -30.18
C ASP L 97 -22.72 -29.06 -31.29
N VAL L 98 -21.40 -29.08 -31.46
CA VAL L 98 -20.77 -30.04 -32.40
C VAL L 98 -19.60 -30.62 -31.63
N PRO L 99 -19.12 -31.83 -32.06
CA PRO L 99 -17.95 -32.44 -31.46
C PRO L 99 -16.78 -31.45 -31.55
N VAL L 100 -15.94 -31.48 -30.53
CA VAL L 100 -14.66 -30.74 -30.50
C VAL L 100 -13.60 -31.65 -29.88
N SER L 101 -12.32 -31.39 -30.12
CA SER L 101 -11.26 -32.18 -29.47
C SER L 101 -10.13 -31.33 -28.99
N LEU L 102 -9.14 -31.99 -28.39
CA LEU L 102 -7.95 -31.38 -27.96
C LEU L 102 -6.76 -32.23 -28.38
N HIS L 103 -5.91 -31.65 -29.20
CA HIS L 103 -4.75 -32.34 -29.71
C HIS L 103 -3.55 -31.49 -29.35
N VAL L 104 -2.49 -32.08 -28.85
CA VAL L 104 -1.31 -31.27 -28.46
C VAL L 104 -0.10 -31.70 -29.26
N HIS L 105 0.78 -30.74 -29.54
CA HIS L 105 2.05 -31.05 -30.16
C HIS L 105 3.10 -31.30 -29.11
N GLY L 106 4.10 -32.09 -29.51
CA GLY L 106 5.37 -32.26 -28.77
C GLY L 106 5.33 -33.17 -27.55
N LEU L 107 4.19 -33.20 -26.87
CA LEU L 107 4.11 -33.94 -25.61
C LEU L 107 3.86 -35.37 -25.87
N ASP L 108 4.06 -36.16 -24.81
CA ASP L 108 3.75 -37.60 -24.91
C ASP L 108 2.26 -37.79 -24.60
N TYR L 109 1.61 -38.64 -25.35
CA TYR L 109 0.27 -39.08 -25.10
C TYR L 109 0.05 -40.39 -25.81
N GLU L 110 -0.77 -41.23 -25.20
CA GLU L 110 -1.16 -42.48 -25.84
C GLU L 110 -2.25 -42.20 -26.79
N ILE L 111 -2.49 -43.18 -27.63
CA ILE L 111 -3.40 -42.99 -28.75
C ILE L 111 -4.84 -42.58 -28.37
N SER L 112 -5.29 -43.01 -27.19
CA SER L 112 -6.57 -42.56 -26.58
C SER L 112 -6.69 -41.05 -26.27
N SER L 113 -5.56 -40.34 -26.21
CA SER L 113 -5.60 -38.89 -26.07
C SER L 113 -5.11 -38.15 -27.29
N ASP L 114 -5.29 -38.78 -28.45
CA ASP L 114 -4.87 -38.25 -29.74
C ASP L 114 -5.72 -37.02 -30.12
N GLY L 115 -6.97 -36.98 -29.67
CA GLY L 115 -7.85 -35.87 -29.95
C GLY L 115 -8.33 -35.88 -31.38
N THR L 116 -8.34 -37.06 -32.01
CA THR L 116 -8.84 -37.26 -33.38
C THR L 116 -10.12 -38.11 -33.44
N LYS L 117 -10.99 -37.80 -34.40
CA LYS L 117 -12.17 -38.57 -34.62
C LYS L 117 -11.73 -39.98 -35.02
N GLN L 118 -10.63 -40.02 -35.74
CA GLN L 118 -10.13 -41.21 -36.36
C GLN L 118 -9.79 -42.27 -35.31
N ASN L 119 -9.26 -41.85 -34.18
CA ASN L 119 -9.02 -42.69 -33.01
C ASN L 119 -10.02 -42.48 -31.90
N LYS L 120 -11.20 -42.04 -32.29
CA LYS L 120 -12.36 -41.95 -31.42
C LYS L 120 -12.09 -41.23 -30.12
N SER L 121 -11.36 -40.12 -30.14
CA SER L 121 -11.06 -39.38 -28.92
C SER L 121 -11.45 -37.88 -29.07
N HIS L 122 -12.43 -37.64 -29.89
CA HIS L 122 -13.14 -36.37 -29.92
C HIS L 122 -14.16 -36.37 -28.77
N VAL L 123 -14.76 -35.23 -28.49
CA VAL L 123 -15.77 -35.12 -27.45
C VAL L 123 -17.12 -34.68 -28.04
N GLU L 124 -18.18 -35.46 -27.78
CA GLU L 124 -19.50 -35.15 -28.27
C GLU L 124 -20.08 -33.86 -27.67
N PRO L 125 -21.06 -33.25 -28.37
CA PRO L 125 -21.67 -32.03 -27.81
C PRO L 125 -22.11 -32.28 -26.37
N GLY L 126 -21.63 -31.42 -25.45
CA GLY L 126 -21.95 -31.49 -24.03
C GLY L 126 -21.12 -32.45 -23.19
N GLY L 127 -20.26 -33.23 -23.84
CA GLY L 127 -19.57 -34.30 -23.19
C GLY L 127 -18.33 -33.80 -22.46
N THR L 128 -17.77 -34.70 -21.66
CA THR L 128 -16.53 -34.43 -20.96
C THR L 128 -15.64 -35.61 -21.24
N ARG L 129 -14.35 -35.36 -21.27
CA ARG L 129 -13.39 -36.41 -21.45
C ARG L 129 -12.08 -35.99 -20.78
N THR L 130 -11.34 -36.96 -20.24
CA THR L 130 -10.03 -36.62 -19.66
C THR L 130 -8.90 -36.95 -20.62
N TYR L 131 -8.11 -35.95 -20.98
CA TYR L 131 -6.99 -36.23 -21.85
C TYR L 131 -5.79 -36.25 -20.91
N THR L 132 -4.87 -37.16 -21.16
CA THR L 132 -3.63 -37.20 -20.42
C THR L 132 -2.41 -36.88 -21.26
N TRP L 133 -1.67 -35.85 -20.82
CA TRP L 133 -0.42 -35.49 -21.45
C TRP L 133 0.70 -35.80 -20.45
N ARG L 134 1.76 -36.39 -20.97
CA ARG L 134 2.95 -36.65 -20.19
C ARG L 134 4.14 -36.02 -20.80
N THR L 135 5.19 -35.84 -20.01
CA THR L 135 6.44 -35.29 -20.52
C THR L 135 7.54 -36.14 -19.94
N HIS L 136 8.72 -36.12 -20.56
CA HIS L 136 9.87 -36.85 -20.06
C HIS L 136 11.11 -36.03 -20.14
N GLU L 137 12.10 -36.41 -19.32
CA GLU L 137 13.41 -35.74 -19.39
C GLU L 137 14.23 -36.38 -20.50
N PRO L 138 15.26 -35.66 -20.98
CA PRO L 138 16.16 -36.27 -21.89
C PRO L 138 16.97 -37.31 -21.13
N GLY L 139 17.58 -38.25 -21.83
CA GLY L 139 18.40 -39.27 -21.15
C GLY L 139 18.96 -40.31 -22.11
N ARG L 140 20.05 -40.94 -21.73
CA ARG L 140 20.69 -41.90 -22.59
C ARG L 140 19.88 -43.18 -22.63
N ARG L 141 19.58 -43.71 -23.83
CA ARG L 141 18.93 -45.02 -23.94
C ARG L 141 19.95 -46.16 -23.73
N ALA L 142 19.45 -47.36 -23.43
CA ALA L 142 20.29 -48.55 -23.46
C ALA L 142 21.00 -48.71 -24.83
N ASP L 143 20.37 -48.41 -25.97
CA ASP L 143 21.12 -48.45 -27.25
C ASP L 143 22.26 -47.40 -27.33
N GLY L 144 22.54 -46.67 -26.22
CA GLY L 144 23.60 -45.67 -26.19
C GLY L 144 23.25 -44.36 -26.87
N THR L 145 22.06 -44.27 -27.45
CA THR L 145 21.67 -43.03 -28.13
C THR L 145 20.99 -42.09 -27.11
N TRP L 146 20.91 -40.82 -27.46
CA TRP L 146 20.33 -39.82 -26.58
C TRP L 146 18.87 -39.53 -26.90
N ARG L 147 18.00 -39.90 -25.99
CA ARG L 147 16.59 -39.62 -26.11
C ARG L 147 16.32 -38.17 -25.77
N ALA L 148 15.81 -37.45 -26.78
CA ALA L 148 15.45 -36.06 -26.64
C ALA L 148 14.31 -35.88 -25.63
N GLY L 149 14.40 -34.80 -24.88
CA GLY L 149 13.33 -34.49 -23.93
C GLY L 149 12.05 -33.93 -24.59
N SER L 150 11.03 -33.73 -23.75
CA SER L 150 9.79 -33.05 -24.07
C SER L 150 9.90 -31.55 -24.14
N ALA L 151 10.98 -30.94 -23.58
CA ALA L 151 10.97 -29.48 -23.48
C ALA L 151 10.79 -28.78 -24.82
N GLY L 152 10.03 -27.71 -24.74
CA GLY L 152 9.95 -26.74 -25.82
C GLY L 152 8.72 -25.87 -25.79
N TYR L 153 8.58 -25.12 -26.88
CA TYR L 153 7.44 -24.25 -27.16
C TYR L 153 6.50 -24.98 -28.12
N TRP L 154 5.38 -25.45 -27.60
CA TRP L 154 4.38 -26.32 -28.20
C TRP L 154 3.01 -25.63 -28.18
N HIS L 155 1.99 -26.39 -28.53
CA HIS L 155 0.65 -25.87 -28.68
C HIS L 155 -0.38 -26.96 -28.76
N TYR L 156 -1.61 -26.59 -28.46
CA TYR L 156 -2.73 -27.49 -28.54
C TYR L 156 -3.81 -26.83 -29.38
N HIS L 157 -4.66 -27.66 -29.95
CA HIS L 157 -5.73 -27.17 -30.75
C HIS L 157 -6.69 -28.23 -31.09
N ASP L 158 -7.82 -27.81 -31.67
CA ASP L 158 -8.91 -28.67 -32.04
C ASP L 158 -8.58 -29.40 -33.34
N HIS L 159 -9.12 -30.59 -33.45
CA HIS L 159 -8.88 -31.45 -34.58
C HIS L 159 -10.10 -32.00 -35.24
N VAL L 160 -11.29 -31.55 -34.82
CA VAL L 160 -12.50 -32.02 -35.37
C VAL L 160 -13.61 -31.02 -35.71
N VAL L 161 -13.49 -29.76 -35.44
CA VAL L 161 -14.51 -28.82 -35.87
C VAL L 161 -14.25 -28.48 -37.34
N GLY L 162 -15.34 -28.59 -38.07
CA GLY L 162 -15.42 -28.21 -39.48
C GLY L 162 -14.93 -29.29 -40.42
N THR L 163 -13.74 -29.81 -40.12
CA THR L 163 -13.17 -30.99 -40.80
C THR L 163 -12.46 -31.85 -39.75
N GLU L 164 -12.12 -33.05 -40.21
CA GLU L 164 -11.37 -34.02 -39.41
C GLU L 164 -9.91 -33.65 -39.14
N HIS L 165 -9.48 -32.47 -39.61
CA HIS L 165 -8.23 -31.83 -39.16
C HIS L 165 -8.43 -30.52 -38.38
N GLY L 166 -9.67 -30.27 -37.95
CA GLY L 166 -9.91 -29.11 -37.12
C GLY L 166 -9.80 -27.75 -37.82
N THR L 167 -9.92 -27.75 -39.13
CA THR L 167 -9.79 -26.50 -39.90
C THR L 167 -10.78 -25.38 -39.38
N GLY L 168 -12.01 -25.73 -39.04
CA GLY L 168 -12.99 -24.74 -38.63
C GLY L 168 -12.75 -24.34 -37.22
N GLY L 169 -12.40 -25.29 -36.36
CA GLY L 169 -12.00 -24.95 -34.96
C GLY L 169 -10.82 -24.03 -34.88
N ILE L 170 -9.75 -24.42 -35.58
CA ILE L 170 -8.56 -23.57 -35.60
C ILE L 170 -8.91 -22.15 -36.17
N ARG L 171 -9.64 -22.12 -37.28
CA ARG L 171 -9.98 -20.86 -37.91
C ARG L 171 -10.69 -19.96 -36.91
N ASN L 172 -11.55 -20.54 -36.09
CA ASN L 172 -12.35 -19.80 -35.18
C ASN L 172 -11.84 -19.59 -33.80
N GLY L 173 -10.65 -20.10 -33.50
CA GLY L 173 -9.85 -19.70 -32.33
C GLY L 173 -9.55 -20.79 -31.31
N LEU L 174 -9.86 -22.04 -31.65
CA LEU L 174 -9.51 -23.15 -30.77
C LEU L 174 -8.05 -23.58 -30.92
N TYR L 175 -7.19 -22.76 -30.34
CA TYR L 175 -5.79 -23.02 -30.22
C TYR L 175 -5.26 -22.29 -28.98
N GLY L 176 -4.17 -22.82 -28.43
CA GLY L 176 -3.48 -22.22 -27.27
C GLY L 176 -2.07 -22.75 -27.18
N PRO L 177 -1.23 -22.06 -26.37
CA PRO L 177 0.17 -22.34 -26.20
C PRO L 177 0.51 -23.29 -25.04
N VAL L 178 1.57 -24.08 -25.22
CA VAL L 178 2.10 -24.97 -24.18
C VAL L 178 3.58 -24.85 -24.10
N ILE L 179 4.07 -24.59 -22.87
CA ILE L 179 5.49 -24.45 -22.63
C ILE L 179 5.93 -25.58 -21.70
N VAL L 180 6.85 -26.43 -22.18
CA VAL L 180 7.37 -27.47 -21.30
C VAL L 180 8.81 -27.02 -21.03
N ARG L 181 9.11 -26.77 -19.75
CA ARG L 181 10.42 -26.29 -19.34
C ARG L 181 11.35 -27.44 -18.91
N ARG L 182 12.62 -27.21 -19.18
CA ARG L 182 13.69 -28.07 -18.79
C ARG L 182 14.23 -27.51 -17.46
N LYS L 183 14.61 -28.42 -16.55
CA LYS L 183 15.19 -28.04 -15.27
C LYS L 183 16.28 -27.04 -15.51
N GLY L 184 16.27 -25.92 -14.80
CA GLY L 184 17.33 -24.91 -14.98
C GLY L 184 17.04 -23.80 -15.98
N ASP L 185 16.00 -23.98 -16.84
CA ASP L 185 15.65 -22.93 -17.84
C ASP L 185 15.39 -21.57 -17.12
N VAL L 186 15.84 -20.48 -17.72
CA VAL L 186 15.58 -19.14 -17.24
C VAL L 186 14.05 -18.89 -17.29
N LEU L 187 13.45 -18.48 -16.18
CA LEU L 187 12.05 -18.04 -16.15
C LEU L 187 11.97 -16.54 -16.44
N PRO L 188 10.94 -16.10 -17.24
CA PRO L 188 10.76 -14.69 -17.63
C PRO L 188 9.91 -13.88 -16.67
N ASP L 189 9.98 -12.57 -16.79
CA ASP L 189 9.08 -11.64 -16.08
C ASP L 189 7.68 -11.71 -16.65
N ALA L 190 7.56 -12.02 -17.94
CA ALA L 190 6.25 -12.02 -18.59
C ALA L 190 6.25 -12.97 -19.78
N THR L 191 5.10 -13.51 -20.05
CA THR L 191 4.96 -14.34 -21.30
C THR L 191 3.84 -13.87 -22.18
N HIS L 192 4.13 -13.69 -23.48
CA HIS L 192 3.05 -13.23 -24.36
C HIS L 192 3.00 -14.16 -25.55
N THR L 193 1.81 -14.49 -25.97
CA THR L 193 1.65 -15.42 -27.11
C THR L 193 1.10 -14.74 -28.33
N ILE L 194 1.71 -15.02 -29.49
CA ILE L 194 1.39 -14.34 -30.74
C ILE L 194 1.19 -15.41 -31.74
N VAL L 195 -0.06 -15.52 -32.23
CA VAL L 195 -0.44 -16.58 -33.13
C VAL L 195 -0.75 -15.98 -34.44
N PHE L 196 -0.01 -16.33 -35.48
CA PHE L 196 -0.40 -15.84 -36.79
C PHE L 196 -1.39 -16.88 -37.34
N ASN L 197 -2.68 -16.56 -37.37
CA ASN L 197 -3.68 -17.53 -37.73
C ASN L 197 -4.30 -16.98 -39.01
N ASP L 198 -4.02 -17.64 -40.15
CA ASP L 198 -4.34 -17.13 -41.45
C ASP L 198 -3.76 -15.72 -41.61
N MET L 199 -4.58 -14.72 -41.95
CA MET L 199 -4.15 -13.33 -42.08
C MET L 199 -4.37 -12.49 -40.81
N THR L 200 -4.61 -13.15 -39.68
CA THR L 200 -4.93 -12.43 -38.43
C THR L 200 -3.78 -12.68 -37.44
N ILE L 201 -3.75 -11.87 -36.36
CA ILE L 201 -2.91 -12.15 -35.21
C ILE L 201 -3.87 -12.42 -34.08
N ASN L 202 -3.82 -13.62 -33.51
CA ASN L 202 -4.76 -13.97 -32.44
C ASN L 202 -6.23 -13.74 -32.76
N ASN L 203 -6.60 -13.94 -34.04
CA ASN L 203 -7.96 -13.74 -34.51
C ASN L 203 -8.50 -12.30 -34.35
N ARG L 204 -7.61 -11.33 -34.23
CA ARG L 204 -7.99 -9.97 -34.05
C ARG L 204 -8.27 -9.34 -35.40
N PRO L 205 -9.19 -8.35 -35.44
CA PRO L 205 -9.36 -7.53 -36.67
C PRO L 205 -8.04 -6.88 -37.09
N ALA L 206 -7.88 -6.72 -38.40
CA ALA L 206 -6.74 -6.03 -39.01
C ALA L 206 -6.28 -4.75 -38.27
N HIS L 207 -4.96 -4.61 -38.16
CA HIS L 207 -4.32 -3.50 -37.49
C HIS L 207 -4.93 -3.20 -36.11
N THR L 208 -5.21 -4.20 -35.27
CA THR L 208 -5.60 -3.93 -33.87
C THR L 208 -4.64 -4.64 -32.91
N GLY L 209 -3.35 -4.67 -33.28
CA GLY L 209 -2.35 -5.36 -32.50
C GLY L 209 -2.42 -6.89 -32.50
N PRO L 210 -2.22 -7.53 -31.33
CA PRO L 210 -2.17 -6.91 -30.03
C PRO L 210 -0.85 -6.20 -29.76
N ASN L 211 -0.93 -5.27 -28.83
CA ASN L 211 0.25 -4.60 -28.26
C ASN L 211 0.54 -5.18 -26.93
N PHE L 212 1.82 -5.25 -26.57
CA PHE L 212 2.30 -5.81 -25.32
C PHE L 212 3.26 -4.78 -24.75
N GLU L 213 3.28 -4.68 -23.44
CA GLU L 213 4.06 -3.63 -22.78
C GLU L 213 5.11 -4.28 -21.92
N ALA L 214 6.26 -3.64 -21.84
CA ALA L 214 7.28 -3.99 -20.88
C ALA L 214 8.07 -2.76 -20.40
N THR L 215 8.95 -2.97 -19.43
CA THR L 215 9.90 -1.92 -19.03
C THR L 215 11.24 -2.33 -19.53
N VAL L 216 12.04 -1.36 -20.00
CA VAL L 216 13.43 -1.57 -20.35
C VAL L 216 14.06 -2.49 -19.32
N GLY L 217 14.75 -3.53 -19.80
CA GLY L 217 15.35 -4.55 -18.90
C GLY L 217 14.53 -5.75 -18.50
N ASP L 218 13.22 -5.70 -18.63
CA ASP L 218 12.40 -6.90 -18.46
C ASP L 218 12.88 -8.06 -19.35
N ARG L 219 12.74 -9.25 -18.82
CA ARG L 219 12.97 -10.46 -19.55
C ARG L 219 11.58 -10.92 -20.02
N VAL L 220 11.36 -10.76 -21.32
CA VAL L 220 10.10 -10.97 -21.99
C VAL L 220 10.17 -12.23 -22.86
N GLU L 221 9.28 -13.17 -22.61
CA GLU L 221 9.14 -14.42 -23.35
C GLU L 221 8.02 -14.32 -24.36
N ILE L 222 8.34 -14.64 -25.61
CA ILE L 222 7.37 -14.64 -26.68
C ILE L 222 7.22 -16.10 -27.11
N VAL L 223 5.99 -16.55 -27.15
CA VAL L 223 5.64 -17.82 -27.75
C VAL L 223 4.95 -17.46 -29.08
N MET L 224 5.44 -18.07 -30.12
CA MET L 224 4.99 -17.75 -31.46
C MET L 224 4.45 -19.02 -32.17
N ILE L 225 3.17 -18.99 -32.52
CA ILE L 225 2.52 -20.12 -33.17
C ILE L 225 1.94 -19.64 -34.48
N THR L 226 1.94 -20.52 -35.46
CA THR L 226 1.26 -20.24 -36.72
C THR L 226 0.19 -21.29 -36.99
N HIS L 227 -0.85 -20.90 -37.70
CA HIS L 227 -1.92 -21.80 -38.04
C HIS L 227 -2.56 -21.38 -39.34
N GLY L 228 -3.27 -22.33 -39.96
CA GLY L 228 -4.05 -22.10 -41.16
C GLY L 228 -3.49 -22.50 -42.50
N GLU L 229 -3.52 -21.56 -43.45
CA GLU L 229 -3.20 -21.82 -44.89
C GLU L 229 -1.88 -21.24 -45.36
N TYR L 230 -1.39 -20.17 -44.67
CA TYR L 230 -0.32 -19.26 -45.17
C TYR L 230 1.02 -19.40 -44.43
N TYR L 231 2.08 -19.28 -45.22
CA TYR L 231 3.41 -19.08 -44.62
C TYR L 231 3.53 -17.58 -44.24
N HIS L 232 4.38 -17.31 -43.26
CA HIS L 232 4.60 -15.95 -42.72
C HIS L 232 6.08 -15.81 -42.39
N THR L 233 6.52 -14.56 -42.22
CA THR L 233 7.77 -14.31 -41.57
C THR L 233 7.57 -13.40 -40.41
N PHE L 234 7.96 -13.88 -39.22
CA PHE L 234 7.87 -13.11 -37.96
C PHE L 234 9.09 -12.19 -37.73
N HIS L 235 8.87 -10.87 -37.65
CA HIS L 235 9.92 -9.91 -37.46
C HIS L 235 9.63 -9.00 -36.26
N MET L 236 10.68 -8.65 -35.49
CA MET L 236 10.57 -7.62 -34.43
C MET L 236 11.63 -6.58 -34.66
N HIS L 237 11.23 -5.32 -34.69
CA HIS L 237 12.18 -4.22 -34.73
C HIS L 237 12.93 -4.14 -33.41
N GLY L 238 14.23 -3.84 -33.54
CA GLY L 238 15.14 -3.59 -32.40
C GLY L 238 15.51 -4.73 -31.44
N HIS L 239 15.02 -5.95 -31.71
CA HIS L 239 15.23 -7.12 -30.88
C HIS L 239 15.60 -8.30 -31.79
N ARG L 240 16.44 -9.18 -31.30
CA ARG L 240 16.85 -10.41 -32.01
C ARG L 240 16.89 -11.58 -31.04
N TRP L 241 16.95 -12.79 -31.56
CA TRP L 241 16.96 -13.96 -30.74
C TRP L 241 17.61 -15.14 -31.47
N ALA L 242 17.86 -16.18 -30.71
CA ALA L 242 18.51 -17.38 -31.21
C ALA L 242 17.44 -18.32 -31.75
N ASP L 243 17.72 -18.88 -32.93
CA ASP L 243 16.83 -19.87 -33.53
C ASP L 243 17.11 -21.28 -32.99
N ASN L 244 16.92 -21.43 -31.68
CA ASN L 244 17.07 -22.71 -30.99
C ASN L 244 15.92 -22.85 -30.02
N ARG L 245 16.03 -23.82 -29.10
CA ARG L 245 14.93 -24.09 -28.21
C ARG L 245 14.50 -22.89 -27.36
N THR L 246 15.43 -22.32 -26.64
CA THR L 246 15.12 -21.29 -25.68
C THR L 246 15.11 -19.90 -26.27
N GLY L 247 15.66 -19.75 -27.46
CA GLY L 247 15.80 -18.45 -28.06
C GLY L 247 17.01 -17.69 -27.52
N MET L 248 17.83 -18.34 -26.69
CA MET L 248 19.05 -17.72 -26.15
C MET L 248 20.23 -18.65 -26.45
N LEU L 249 21.35 -18.07 -26.84
CA LEU L 249 22.57 -18.85 -26.99
C LEU L 249 22.96 -19.35 -25.58
N THR L 250 23.45 -20.57 -25.51
CA THR L 250 23.79 -21.17 -24.22
C THR L 250 25.11 -20.66 -23.71
N GLY L 251 25.92 -20.16 -24.62
CA GLY L 251 27.26 -19.65 -24.31
C GLY L 251 27.98 -19.38 -25.62
N PRO L 252 29.31 -19.10 -25.57
CA PRO L 252 30.11 -18.73 -26.76
C PRO L 252 30.29 -19.85 -27.79
N ASP L 253 30.12 -21.09 -27.37
CA ASP L 253 30.27 -22.20 -28.29
C ASP L 253 28.92 -22.64 -28.92
N ASP L 254 27.81 -22.00 -28.54
CA ASP L 254 26.52 -22.29 -29.17
C ASP L 254 26.53 -21.86 -30.62
N PRO L 255 26.44 -22.83 -31.56
CA PRO L 255 26.39 -22.45 -32.97
C PRO L 255 25.00 -21.99 -33.50
N SER L 256 23.97 -21.98 -32.66
CA SER L 256 22.63 -21.56 -33.12
C SER L 256 22.66 -20.18 -33.76
N GLN L 257 21.91 -20.01 -34.82
CA GLN L 257 21.82 -18.73 -35.49
C GLN L 257 21.08 -17.65 -34.66
N VAL L 258 21.48 -16.42 -34.84
CA VAL L 258 20.81 -15.26 -34.28
C VAL L 258 20.12 -14.50 -35.38
N ILE L 259 18.84 -14.29 -35.17
CA ILE L 259 17.99 -13.74 -36.22
C ILE L 259 17.04 -12.65 -35.71
N ASP L 260 16.43 -11.89 -36.63
CA ASP L 260 15.30 -11.11 -36.26
C ASP L 260 14.08 -11.34 -37.16
N ASN L 261 14.14 -12.40 -37.96
CA ASN L 261 13.14 -12.65 -39.00
C ASN L 261 13.00 -14.17 -39.18
N LYS L 262 11.84 -14.73 -38.90
CA LYS L 262 11.70 -16.21 -38.84
C LYS L 262 10.53 -16.64 -39.74
N ILE L 263 10.82 -17.42 -40.77
CA ILE L 263 9.77 -18.02 -41.60
C ILE L 263 9.05 -19.09 -40.79
N CYS L 264 7.74 -19.18 -40.97
CA CYS L 264 6.93 -20.10 -40.19
C CYS L 264 5.67 -20.44 -41.00
N GLY L 265 5.11 -21.60 -40.72
CA GLY L 265 4.03 -22.14 -41.47
C GLY L 265 3.12 -22.87 -40.53
N PRO L 266 1.98 -23.32 -41.05
CA PRO L 266 0.94 -23.85 -40.14
C PRO L 266 1.42 -24.92 -39.22
N ALA L 267 1.21 -24.68 -37.92
CA ALA L 267 1.53 -25.52 -36.78
C ALA L 267 2.95 -25.45 -36.35
N ASP L 268 3.70 -24.53 -36.90
CA ASP L 268 5.00 -24.23 -36.36
C ASP L 268 4.86 -23.44 -35.04
N SER L 269 5.71 -23.79 -34.08
CA SER L 269 5.70 -23.13 -32.77
C SER L 269 7.15 -22.96 -32.38
N PHE L 270 7.51 -21.74 -31.98
CA PHE L 270 8.79 -21.43 -31.42
C PHE L 270 8.62 -20.39 -30.35
N GLY L 271 9.67 -20.20 -29.57
CA GLY L 271 9.68 -19.09 -28.63
C GLY L 271 11.06 -18.60 -28.31
N PHE L 272 11.09 -17.55 -27.50
CA PHE L 272 12.32 -16.93 -27.14
C PHE L 272 12.10 -15.95 -26.01
N GLN L 273 13.22 -15.57 -25.37
CA GLN L 273 13.22 -14.53 -24.32
C GLN L 273 14.20 -13.45 -24.77
N ILE L 274 13.75 -12.22 -24.71
CA ILE L 274 14.57 -11.09 -25.04
C ILE L 274 14.59 -10.20 -23.79
N ILE L 275 15.64 -9.41 -23.69
CA ILE L 275 15.68 -8.33 -22.75
C ILE L 275 15.15 -7.12 -23.42
N ALA L 276 14.00 -6.62 -22.93
CA ALA L 276 13.32 -5.48 -23.53
C ALA L 276 14.21 -4.24 -23.64
N GLY L 277 14.35 -3.71 -24.84
CA GLY L 277 15.12 -2.52 -25.04
C GLY L 277 16.63 -2.67 -24.97
N GLU L 278 17.13 -3.90 -24.87
CA GLU L 278 18.59 -4.12 -24.72
C GLU L 278 19.39 -3.58 -25.90
N GLY L 279 20.29 -2.65 -25.60
CA GLY L 279 21.13 -2.04 -26.58
C GLY L 279 20.41 -1.01 -27.41
N VAL L 280 19.09 -0.82 -27.19
CA VAL L 280 18.28 -0.01 -28.11
C VAL L 280 17.38 1.05 -27.41
N GLY L 281 17.06 0.83 -26.15
CA GLY L 281 16.26 1.78 -25.36
C GLY L 281 14.76 1.60 -25.52
N ALA L 282 14.04 2.52 -24.92
CA ALA L 282 12.60 2.53 -24.84
C ALA L 282 11.98 2.96 -26.16
N GLY L 283 10.71 2.60 -26.39
CA GLY L 283 10.01 3.03 -27.59
C GLY L 283 8.88 2.09 -28.01
N ALA L 284 8.14 2.51 -29.03
CA ALA L 284 7.11 1.68 -29.62
C ALA L 284 7.74 0.85 -30.74
N TRP L 285 8.25 -0.32 -30.34
CA TRP L 285 8.96 -1.23 -31.24
C TRP L 285 7.99 -2.07 -32.03
N MET L 286 7.94 -1.86 -33.31
CA MET L 286 7.03 -2.64 -34.15
C MET L 286 7.42 -4.12 -34.20
N TYR L 287 6.43 -5.00 -34.21
CA TYR L 287 6.62 -6.38 -34.72
C TYR L 287 5.56 -6.63 -35.77
N HIS L 288 5.88 -7.46 -36.76
CA HIS L 288 4.90 -7.71 -37.83
C HIS L 288 5.33 -8.89 -38.64
N CYS L 289 4.37 -9.51 -39.36
CA CYS L 289 4.73 -10.33 -40.49
C CYS L 289 5.51 -9.45 -41.52
N HIS L 290 6.59 -9.96 -42.03
CA HIS L 290 7.31 -9.24 -43.03
C HIS L 290 6.90 -9.51 -44.50
N VAL L 291 5.99 -10.45 -44.68
CA VAL L 291 5.30 -10.56 -46.02
C VAL L 291 4.61 -9.24 -46.27
N GLN L 292 5.00 -8.57 -47.37
CA GLN L 292 4.69 -7.18 -47.52
C GLN L 292 3.21 -6.86 -47.44
N SER L 293 2.39 -7.59 -48.21
CA SER L 293 0.97 -7.35 -48.20
C SER L 293 0.28 -7.70 -46.86
N HIS L 294 0.84 -8.65 -46.10
CA HIS L 294 0.25 -9.08 -44.82
C HIS L 294 0.45 -7.95 -43.79
N SER L 295 1.63 -7.36 -43.76
CA SER L 295 1.89 -6.19 -42.91
C SER L 295 0.98 -5.02 -43.37
N ASP L 296 0.86 -4.80 -44.67
CA ASP L 296 -0.05 -3.74 -45.09
C ASP L 296 -1.53 -4.01 -44.71
N MET L 297 -1.98 -5.28 -44.67
CA MET L 297 -3.37 -5.55 -44.41
C MET L 297 -3.64 -5.98 -42.99
N GLY L 298 -2.75 -5.64 -42.08
CA GLY L 298 -3.08 -5.73 -40.66
C GLY L 298 -2.24 -6.54 -39.72
N MET L 299 -1.25 -7.27 -40.22
CA MET L 299 -0.43 -8.20 -39.38
C MET L 299 0.74 -7.50 -38.74
N VAL L 300 0.40 -6.56 -37.87
CA VAL L 300 1.34 -5.68 -37.21
C VAL L 300 0.86 -5.43 -35.78
N GLY L 301 1.80 -5.24 -34.87
CA GLY L 301 1.49 -4.77 -33.50
C GLY L 301 2.74 -4.10 -32.91
N LEU L 302 2.69 -3.82 -31.60
CA LEU L 302 3.70 -2.99 -30.95
C LEU L 302 4.15 -3.66 -29.69
N PHE L 303 5.48 -3.61 -29.50
CA PHE L 303 6.09 -4.00 -28.26
C PHE L 303 6.52 -2.68 -27.61
N LEU L 304 5.71 -2.26 -26.66
CA LEU L 304 5.76 -0.93 -26.11
C LEU L 304 6.68 -1.03 -24.92
N VAL L 305 7.88 -0.52 -25.11
CA VAL L 305 8.92 -0.68 -24.10
C VAL L 305 9.06 0.68 -23.40
N LYS L 306 8.87 0.65 -22.11
CA LYS L 306 8.81 1.85 -21.28
C LYS L 306 10.12 2.07 -20.53
N LYS L 307 10.48 3.35 -20.41
CA LYS L 307 11.52 3.73 -19.46
C LYS L 307 10.98 3.40 -18.06
N PRO L 308 11.87 3.33 -17.05
CA PRO L 308 11.42 3.07 -15.65
C PRO L 308 10.32 4.02 -15.17
N ASP L 309 10.30 5.24 -15.70
CA ASP L 309 9.23 6.19 -15.33
C ASP L 309 7.88 6.00 -16.05
N GLY L 310 7.70 4.88 -16.75
CA GLY L 310 6.43 4.67 -17.50
C GLY L 310 6.32 5.33 -18.88
N THR L 311 7.33 6.07 -19.32
CA THR L 311 7.21 6.82 -20.61
C THR L 311 7.83 6.10 -21.79
N ILE L 312 7.21 6.30 -22.93
CA ILE L 312 7.66 5.74 -24.19
C ILE L 312 7.96 6.93 -25.09
N PRO L 313 9.23 7.25 -25.26
CA PRO L 313 9.50 8.45 -26.01
C PRO L 313 9.06 8.34 -27.47
N GLY L 314 8.43 9.40 -27.96
CA GLY L 314 7.99 9.43 -29.36
C GLY L 314 6.69 8.73 -29.67
N TYR L 315 6.17 7.96 -28.75
CA TYR L 315 4.95 7.20 -29.04
C TYR L 315 3.69 8.07 -29.12
N ASP L 316 3.22 8.25 -30.35
CA ASP L 316 1.98 8.96 -30.65
C ASP L 316 1.04 8.04 -31.44
N PRO L 317 0.04 7.43 -30.78
CA PRO L 317 -0.74 6.44 -31.55
C PRO L 317 -1.66 6.98 -32.67
N GLN L 318 -1.77 8.30 -32.82
CA GLN L 318 -2.37 8.83 -34.03
C GLN L 318 -1.53 8.48 -35.28
N GLU L 319 -0.20 8.34 -35.14
CA GLU L 319 0.73 8.02 -36.25
C GLU L 319 0.99 6.51 -36.48
N HIS L 320 0.46 5.66 -35.61
CA HIS L 320 0.56 4.19 -35.74
C HIS L 320 -0.71 3.59 -36.32
CU CU M . -30.46 15.44 29.47
CU CU N . -38.16 24.40 33.74
CU CU O . -16.89 4.79 36.70
CU CU O . -16.33 4.44 36.64
C1 GOL P . -17.84 16.53 44.16
O1 GOL P . -18.67 17.44 44.84
C2 GOL P . -18.34 15.14 44.52
O2 GOL P . -18.35 14.95 45.94
C3 GOL P . -17.47 14.11 43.83
O3 GOL P . -17.83 13.94 42.45
C1 GOL Q . -22.53 1.25 55.72
O1 GOL Q . -22.69 1.81 57.02
C2 GOL Q . -23.85 0.62 55.33
O2 GOL Q . -23.68 -0.75 55.10
C3 GOL Q . -24.36 1.21 54.06
O3 GOL Q . -24.60 2.55 54.35
CU CU R . -14.84 10.88 25.49
CU CU S . -13.36 2.64 34.94
CU CU T . -8.02 27.83 21.58
CU CU T . -8.09 28.50 21.18
C1 GOL U . -6.88 27.15 32.95
O1 GOL U . -8.12 26.67 32.33
C2 GOL U . -6.80 26.90 34.46
O2 GOL U . -5.51 26.57 34.97
C3 GOL U . -7.91 26.02 35.02
O3 GOL U . -7.74 25.68 36.41
C1 GOL V . -16.74 17.62 37.13
O1 GOL V . -17.35 17.08 35.89
C2 GOL V . -17.81 18.49 37.77
O2 GOL V . -18.29 19.52 36.90
C3 GOL V . -17.40 19.10 39.10
O3 GOL V . -18.58 19.17 39.94
C1 GOL W . -12.92 24.84 34.50
O1 GOL W . -12.35 23.68 35.10
C2 GOL W . -14.15 24.64 33.63
O2 GOL W . -14.60 23.26 33.66
C3 GOL W . -13.99 25.30 32.24
O3 GOL W . -14.87 24.69 31.25
C1 GOL X . 0.09 26.11 37.24
O1 GOL X . -0.63 27.16 37.85
C2 GOL X . 0.04 24.84 38.05
O2 GOL X . -1.29 24.61 38.51
C3 GOL X . 0.90 24.90 39.26
O3 GOL X . 2.22 25.28 38.88
S SO4 Y . 0.94 43.81 32.58
O1 SO4 Y . 0.35 42.54 32.05
O2 SO4 Y . 2.41 43.81 32.40
O3 SO4 Y . 0.40 45.01 31.86
O4 SO4 Y . 0.74 43.91 34.05
CU CU Z . -34.75 27.39 32.40
CU CU Z . -35.43 26.89 32.67
CU CU AA . -20.82 25.75 20.37
CU CU BA . -9.57 31.19 18.97
C1 GOL CA . -21.27 26.52 37.01
O1 GOL CA . -20.65 27.59 36.28
C2 GOL CA . -21.61 25.27 36.21
O2 GOL CA . -20.81 25.16 35.04
C3 GOL CA . -23.08 25.07 35.96
O3 GOL CA . -23.29 23.97 35.06
C1 GOL DA . -23.25 31.17 38.98
O1 GOL DA . -22.01 31.91 38.84
C2 GOL DA . -24.38 32.13 38.51
O2 GOL DA . -24.31 33.36 39.34
C3 GOL DA . -25.75 31.40 38.45
O3 GOL DA . -25.81 30.27 37.49
C1 GOL EA . -21.49 39.68 40.01
O1 GOL EA . -20.30 40.39 39.57
C2 GOL EA . -22.79 40.44 39.82
O2 GOL EA . -22.91 41.51 40.78
C3 GOL EA . -23.97 39.47 39.96
O3 GOL EA . -24.02 38.72 41.18
C1 GOL FA . -16.94 23.50 34.73
O1 GOL FA . -17.53 24.61 34.06
C2 GOL FA . -17.92 22.35 34.99
O2 GOL FA . -17.06 21.31 35.54
C3 GOL FA . -18.92 22.87 36.03
O3 GOL FA . -20.21 22.24 35.96
CU CU GA . 37.34 -12.06 25.36
CU CU HA . 26.98 -19.05 27.07
CU CU IA . 40.92 4.35 17.36
CU CU IA . 41.52 4.86 17.00
C1 GOL JA . 30.00 -13.81 10.99
O1 GOL JA . 30.43 -14.58 9.88
C2 GOL JA . 31.15 -13.31 11.91
O2 GOL JA . 32.48 -13.47 11.42
C3 GOL JA . 30.99 -13.76 13.35
O3 GOL JA . 32.11 -13.42 14.21
C1 GOL KA . 31.26 1.08 12.03
O1 GOL KA . 32.30 0.23 12.46
C2 GOL KA . 29.92 0.36 12.24
O2 GOL KA . 28.67 1.14 12.09
C3 GOL KA . 29.97 -0.82 11.26
O3 GOL KA . 28.77 -1.56 11.28
C1 GOL LA . 23.54 4.04 13.53
O1 GOL LA . 24.16 4.16 12.26
C2 GOL LA . 22.11 3.61 13.29
O2 GOL LA . 21.15 4.46 13.98
C3 GOL LA . 22.05 2.16 13.67
O3 GOL LA . 20.76 1.60 13.46
C1 GOL MA . 33.85 -10.19 11.40
O1 GOL MA . 32.61 -10.83 11.18
C2 GOL MA . 34.34 -9.99 9.99
O2 GOL MA . 35.07 -8.76 9.75
C3 GOL MA . 35.18 -11.25 9.79
O3 GOL MA . 34.68 -12.02 8.69
C1 GOL NA . 24.96 15.63 20.70
O1 GOL NA . 23.59 15.35 20.33
C2 GOL NA . 25.50 14.81 21.88
O2 GOL NA . 24.76 13.57 22.12
C3 GOL NA . 25.59 15.79 23.03
O3 GOL NA . 25.73 15.13 24.28
CU CU OA . 48.62 -5.72 14.54
CU CU PA . 44.74 6.17 15.58
CU CU QA . 47.59 -18.83 1.51
CU CU QA . 47.52 -19.60 1.41
C1 GOL RA . 32.94 -5.37 10.64
O1 GOL RA . 31.80 -5.55 11.51
C2 GOL RA . 34.13 -5.67 11.48
O2 GOL RA . 34.21 -7.07 11.46
C3 GOL RA . 35.46 -5.16 10.98
O3 GOL RA . 36.51 -5.71 11.81
C1 GOL SA . 36.86 -10.17 -0.28
O1 GOL SA . 36.49 -8.77 -0.31
C2 GOL SA . 38.21 -10.29 -1.05
O2 GOL SA . 37.97 -10.02 -2.42
C3 GOL SA . 38.89 -11.67 -1.06
O3 GOL SA . 39.21 -12.19 0.28
C1 GOL TA . 60.29 -27.13 3.61
O1 GOL TA . 59.24 -27.57 2.78
C2 GOL TA . 61.18 -28.28 4.08
O2 GOL TA . 61.78 -29.05 3.02
C3 GOL TA . 62.20 -27.79 5.10
O3 GOL TA . 62.39 -26.38 5.21
C1 GOL UA . 68.29 -19.55 4.24
O1 GOL UA . 69.43 -20.32 4.58
C2 GOL UA . 67.48 -20.26 3.16
O2 GOL UA . 66.09 -19.89 3.10
C3 GOL UA . 67.98 -19.85 1.84
O3 GOL UA . 69.34 -20.08 1.72
C1 GOL VA . 38.74 -4.16 -8.34
O1 GOL VA . 37.89 -4.06 -9.46
C2 GOL VA . 37.91 -4.94 -7.41
O2 GOL VA . 37.64 -4.14 -6.26
C3 GOL VA . 38.58 -6.29 -7.23
O3 GOL VA . 37.54 -7.24 -7.43
C1 GOL WA . 49.62 -8.95 -16.25
O1 GOL WA . 48.25 -8.71 -16.57
C2 GOL WA . 49.89 -8.83 -14.74
O2 GOL WA . 49.66 -7.52 -14.11
C3 GOL WA . 51.36 -9.30 -14.57
O3 GOL WA . 52.19 -8.37 -13.87
CU CU XA . 28.19 -21.02 23.02
CU CU XA . 27.75 -20.69 23.76
CU CU YA . 44.29 -21.92 13.72
CU CU ZA . 47.80 -23.39 1.69
C1 GOL AB . 26.21 -17.14 10.11
O1 GOL AB . 26.06 -17.19 8.72
C2 GOL AB . 25.06 -17.87 10.75
O2 GOL AB . 24.44 -18.92 9.95
C3 GOL AB . 25.42 -18.41 12.11
O3 GOL AB . 26.33 -17.66 12.93
C1 GOL BB . 36.00 -11.14 5.09
O1 GOL BB . 36.17 -9.79 4.70
C2 GOL BB . 37.05 -11.52 6.11
O2 GOL BB . 36.72 -10.97 7.39
C3 GOL BB . 37.21 -13.05 6.19
O3 GOL BB . 38.18 -13.38 7.20
C1 GOL CB . 20.59 -24.08 5.19
O1 GOL CB . 20.53 -23.82 3.81
C2 GOL CB . 21.80 -23.31 5.65
O2 GOL CB . 22.19 -22.34 4.64
C3 GOL CB . 21.50 -22.65 6.99
O3 GOL CB . 20.37 -21.80 6.86
S SO4 DB . 7.57 -16.82 18.39
O1 SO4 DB . 7.10 -17.17 17.02
O2 SO4 DB . 9.05 -17.05 18.42
O3 SO4 DB . 6.92 -17.64 19.45
O4 SO4 DB . 7.23 -15.38 18.66
CU CU EB . -31.30 24.05 4.03
CU CU FB . -43.95 24.02 3.63
CU CU GB . -16.70 22.35 -8.47
CU CU GB . -17.37 22.54 -8.40
C1 GOL HB . -26.74 13.85 -7.03
O1 GOL HB . -26.25 14.24 -5.71
C2 GOL HB . -28.19 14.25 -7.26
O2 GOL HB . -29.04 13.67 -6.25
C3 GOL HB . -28.57 13.73 -8.67
O3 GOL HB . -29.83 14.26 -9.11
C1 GOL IB . -26.55 17.59 -13.76
O1 GOL IB . -26.13 17.58 -12.38
C2 GOL IB . -28.09 17.57 -13.97
O2 GOL IB . -28.30 17.80 -15.35
C3 GOL IB . -28.65 16.20 -13.59
O3 GOL IB . -30.07 16.13 -13.60
C1 GOL JB . -35.38 13.25 -3.02
O1 GOL JB . -34.60 13.85 -1.96
C2 GOL JB . -34.78 11.91 -3.54
O2 GOL JB . -33.78 11.31 -2.73
C3 GOL JB . -35.87 10.99 -4.16
O3 GOL JB . -36.07 9.64 -3.79
C1 GOL KB . -31.31 9.71 -8.73
O1 GOL KB . -30.67 9.84 -10.01
C2 GOL KB . -32.16 8.41 -8.53
O2 GOL KB . -31.48 7.23 -7.94
C3 GOL KB . -33.31 8.85 -7.60
O3 GOL KB . -34.21 9.77 -8.25
C1 GOL LB . -30.61 11.84 -3.82
O1 GOL LB . -31.82 11.89 -4.63
C2 GOL LB . -29.64 10.75 -4.21
O2 GOL LB . -28.95 10.98 -5.47
C3 GOL LB . -30.47 9.45 -4.30
O3 GOL LB . -31.04 9.23 -3.01
S SO4 MB . -33.12 12.01 -21.11
O1 SO4 MB . -32.95 10.89 -22.09
O2 SO4 MB . -31.82 12.40 -20.47
O3 SO4 MB . -34.02 11.54 -20.04
O4 SO4 MB . -33.71 13.19 -21.79
CU CU NB . -17.05 15.39 2.50
CU CU OB . -13.13 21.14 -7.94
CU CU PB . -24.09 -1.82 6.77
C1 GOL QB . -28.72 5.92 -4.71
O1 GOL QB . -27.65 6.06 -5.68
C2 GOL QB . -28.32 6.58 -3.39
O2 GOL QB . -28.55 7.97 -3.53
C3 GOL QB . -29.06 6.05 -2.18
O3 GOL QB . -28.80 6.89 -1.01
C1 GOL RB . -25.88 -0.45 -4.72
O1 GOL RB . -26.27 0.51 -3.75
C2 GOL RB . -26.21 -0.16 -6.19
O2 GOL RB . -25.30 -0.83 -7.15
C3 GOL RB . -26.50 1.33 -6.40
O3 GOL RB . -26.62 1.69 -7.75
CU CU SB . -43.56 19.94 4.14
CU CU TB . -30.01 8.89 11.19
CU CU UB . -26.42 -3.09 9.91
C1 GOL VB . -40.99 9.48 -4.95
O1 GOL VB . -40.68 8.11 -5.19
C2 GOL VB . -42.12 9.56 -3.91
O2 GOL VB . -43.29 8.82 -4.33
C3 GOL VB . -42.51 11.02 -3.61
O3 GOL VB . -41.47 11.69 -2.86
C1 GOL WB . -45.58 30.88 17.32
O1 GOL WB . -45.58 29.62 17.97
C2 GOL WB . -46.71 30.80 16.29
O2 GOL WB . -47.29 32.11 16.06
C3 GOL WB . -46.03 30.16 15.07
O3 GOL WB . -46.95 29.71 14.07
C1 GOL XB . -54.45 16.43 -17.44
O1 GOL XB . -53.99 17.51 -18.27
C2 GOL XB . -54.55 15.12 -18.21
O2 GOL XB . -53.95 15.24 -19.53
C3 GOL XB . -53.91 14.00 -17.36
O3 GOL XB . -54.41 13.90 -16.01
CU CU YB . 1.07 -29.21 -47.69
CU CU ZB . -3.06 -33.59 -36.66
CU CU AC . 16.94 -30.31 -57.38
CU CU AC . 17.27 -29.83 -57.82
C1 GOL BC . 10.40 -25.96 -38.33
O1 GOL BC . 9.35 -25.63 -39.26
C2 GOL BC . 10.97 -24.68 -37.74
O2 GOL BC . 11.48 -23.79 -38.75
C3 GOL BC . 12.10 -25.03 -36.77
O3 GOL BC . 12.32 -23.92 -35.89
C1 GOL CC . 20.15 -32.36 -46.50
O1 GOL CC . 19.35 -31.23 -46.86
C2 GOL CC . 20.62 -32.49 -45.05
O2 GOL CC . 20.89 -33.88 -44.69
C3 GOL CC . 19.83 -31.64 -44.02
O3 GOL CC . 19.65 -32.25 -42.74
C1 GOL DC . 18.14 -24.24 -39.39
O1 GOL DC . 18.79 -25.49 -39.80
C2 GOL DC . 18.12 -23.97 -37.87
O2 GOL DC . 18.33 -22.52 -37.64
C3 GOL DC . 16.73 -24.38 -37.30
O3 GOL DC . 16.56 -25.71 -36.79
C1 GOL EC . 14.21 -22.98 -42.37
O1 GOL EC . 15.60 -23.45 -42.45
C2 GOL EC . 13.67 -22.89 -40.94
O2 GOL EC . 14.22 -21.76 -40.20
C3 GOL EC . 13.97 -24.21 -40.20
O3 GOL EC . 13.00 -25.24 -40.45
S SO4 FC . -2.47 -46.07 -69.18
O1 SO4 FC . -3.00 -47.17 -70.03
O2 SO4 FC . -1.07 -46.34 -68.74
O3 SO4 FC . -2.47 -44.86 -70.03
O4 SO4 FC . -3.29 -45.86 -67.96
CU CU GC . 11.27 -18.62 -55.91
CU CU HC . 18.62 -27.55 -60.61
CU CU IC . 12.45 -5.22 -42.47
C1 GOL JC . 16.43 -25.65 -45.40
O1 GOL JC . 15.36 -25.28 -46.32
C2 GOL JC . 15.89 -26.66 -44.38
O2 GOL JC . 14.86 -26.02 -43.62
C3 GOL JC . 16.93 -27.06 -43.40
O3 GOL JC . 16.60 -28.24 -42.61
C1 GOL KC . 20.82 -13.24 -39.85
O1 GOL KC . 19.51 -13.52 -40.38
C2 GOL KC . 21.81 -14.32 -40.30
O2 GOL KC . 23.14 -13.91 -39.89
C3 GOL KC . 21.42 -15.69 -39.75
O3 GOL KC . 22.37 -16.73 -40.05
C1 GOL LC . 17.04 -18.87 -40.50
O1 GOL LC . 18.17 -19.17 -41.35
C2 GOL LC . 15.77 -18.71 -41.32
O2 GOL LC . 15.20 -20.02 -41.67
C3 GOL LC . 14.73 -17.95 -40.48
O3 GOL LC . 13.54 -17.67 -41.23
C1 GOL MC . 31.05 -14.80 -42.20
O1 GOL MC . 32.34 -15.46 -42.01
C2 GOL MC . 30.67 -13.71 -41.17
O2 GOL MC . 31.60 -12.63 -41.28
C3 GOL MC . 29.22 -13.18 -41.28
O3 GOL MC . 28.69 -12.61 -40.03
CU CU NC . -1.41 -29.53 -34.94
CU CU NC . -1.71 -30.35 -35.08
CU CU OC . 2.12 -13.10 -42.96
CU CU PC . 9.55 -3.23 -40.27
C1 GOL QC . 11.34 -25.83 -31.04
O1 GOL QC . 12.26 -24.74 -30.88
C2 GOL QC . 10.01 -25.74 -30.27
O2 GOL QC . 10.30 -25.96 -28.87
C3 GOL QC . 9.04 -26.83 -30.76
O3 GOL QC . 8.57 -26.70 -32.16
#